data_7DXG
#
_entry.id   7DXG
#
loop_
_entity.id
_entity.type
_entity.pdbx_description
1 polymer 'Short transient receptor potential channel 6'
2 non-polymer 'ZINC ION'
3 non-polymer 'CALCIUM ION'
4 non-polymer 'CHOLESTEROL HEMISUCCINATE'
5 non-polymer 4-[[(1R,2R)-2-[(3R)-3-azanylpiperidin-1-yl]-2,3-dihydro-1H-inden-1-yl]oxy]-3-chloranyl-benzenecarbonitrile
6 non-polymer '(2S)-3-(hexadecanoyloxy)-2-[(9Z)-octadec-9-enoyloxy]propyl 2-(trimethylammonio)ethyl phosphate'
7 non-polymer '[(2S)-2-[(E)-octadec-10-enoyl]oxy-3-oxidanyl-propyl] octadec-10-enoate'
#
_entity_poly.entity_id   1
_entity_poly.type   'polypeptide(L)'
_entity_poly.pdbx_seq_one_letter_code
;MSQSPAFGPRRGSSPRGAAGAAARRNESQDYLLMDSELGEDGCPQAPLPCYGYYPCFRGSDNRLAHRRQTVLREKGRRLA
NRGPAYMFSDRSTSLSIEEERFLDAAEYGNIPVVRKMLEECHSLNVNCVDYMGQNALQLAVANEHLEITELLLKKENLSR
VGDALLLAISKGYVRIVEAILSHPAFAEGKRLATSPSQSELQQDDFYAYDEDGTRFSHDVTPIILAAHCQEYEIVHTLLR
KGARIERPHDYFCKCNDCNQKQKHDSFSHSRSRINAYKGLASPAYLSLSSEDPVMTALELSNELAVLANIEKEFKNDYKK
LSMQCKDFVVGLLDLCRNTEEVEAILNGDVETLQSGDHGRPNLSRLKLAIKYEVKKFVAHPNCQQQLLSIWYENLSGLRQ
QTMAVKFLVVLAVAIGLPFLALIYWFAPCSKMGKIMRGPFMKFVAHAASFTIFLGLLVMNAADRFEGTKLLPNETSTDNA
KQLFRMKTSCFSWMEMLIISWVIGMIWAECKEIWTQGPKEYLFELWNMLDFGMLAIFAASFIARFMAFWHASKAQSIIDA
NDTLKDLTKVTLGDNVKYYNLARIKWDPSDPQIISEGLYAIAVVLSFSRIAYILPANESFGPLQISLGRTVKDIFKFMVI
FIMVFVAFMIGMFNLYSYYIGAKQNEAFTTVEESFKTLFWAIFGLSEVKSVVINYNHKFIENIGYVLYGVYNVTMVIVLL
NMLIAMINSSFQEIEDDADVEWKFARAKLWFSYFEEGRTLPVPFNLVPSPKSLFYLLLKLKKWISELFQGHKKGFQEDAE
MNKINEEKKLGILGSHEDLSKLSLDKKQVGHNKQPSIRSSEDFHLNSFNNPPRQYQKIMKRLIKRYVLQAQIDKESDEVN
EGELKEIKQDISSLRYELLEEKSQNTEDLAELIRELGEKLSMEPNQEETNR
;
_entity_poly.pdbx_strand_id   A,B,C,D
#
loop_
_chem_comp.id
_chem_comp.type
_chem_comp.name
_chem_comp.formula
98R non-polymer '[(2S)-2-[(E)-octadec-10-enoyl]oxy-3-oxidanyl-propyl] octadec-10-enoate' 'C39 H72 O5'
CA non-polymer 'CALCIUM ION' 'Ca 2'
HOR non-polymer 4-[[(1R,2R)-2-[(3R)-3-azanylpiperidin-1-yl]-2,3-dihydro-1H-inden-1-yl]oxy]-3-chloranyl-benzenecarbonitrile 'C21 H22 Cl N3 O'
POV non-polymer '(2S)-3-(hexadecanoyloxy)-2-[(9Z)-octadec-9-enoyloxy]propyl 2-(trimethylammonio)ethyl phosphate' 'C42 H82 N O8 P'
Y01 non-polymer 'CHOLESTEROL HEMISUCCINATE' 'C31 H50 O4'
ZN non-polymer 'ZINC ION' 'Zn 2'
#
# COMPACT_ATOMS: atom_id res chain seq x y z
N LEU A 95 15.45 51.52 2.25
CA LEU A 95 14.74 52.12 1.13
C LEU A 95 14.41 53.59 1.41
N SER A 96 13.46 54.11 0.63
CA SER A 96 12.98 55.48 0.78
C SER A 96 11.48 55.47 0.94
N ILE A 97 10.95 56.51 1.59
CA ILE A 97 9.50 56.58 1.83
C ILE A 97 8.74 56.61 0.51
N GLU A 98 9.21 57.45 -0.42
CA GLU A 98 8.57 57.53 -1.73
C GLU A 98 8.68 56.19 -2.48
N GLU A 99 9.88 55.62 -2.49
CA GLU A 99 10.09 54.36 -3.18
C GLU A 99 9.34 53.21 -2.51
N GLU A 100 9.31 53.20 -1.17
CA GLU A 100 8.58 52.15 -0.48
C GLU A 100 7.09 52.24 -0.76
N ARG A 101 6.55 53.46 -0.77
CA ARG A 101 5.14 53.64 -1.10
C ARG A 101 4.87 53.21 -2.54
N PHE A 102 5.78 53.53 -3.46
CA PHE A 102 5.59 53.14 -4.86
C PHE A 102 5.61 51.61 -5.01
N LEU A 103 6.55 50.94 -4.35
CA LEU A 103 6.61 49.48 -4.44
C LEU A 103 5.40 48.84 -3.79
N ASP A 104 4.94 49.37 -2.65
CA ASP A 104 3.76 48.83 -2.00
C ASP A 104 2.52 48.99 -2.88
N ALA A 105 2.39 50.16 -3.53
CA ALA A 105 1.24 50.38 -4.40
C ALA A 105 1.30 49.50 -5.64
N ALA A 106 2.50 49.31 -6.20
CA ALA A 106 2.61 48.47 -7.39
C ALA A 106 2.41 47.00 -7.07
N GLU A 107 2.74 46.58 -5.85
CA GLU A 107 2.57 45.17 -5.49
C GLU A 107 1.12 44.82 -5.27
N TYR A 108 0.35 45.71 -4.62
CA TYR A 108 -1.00 45.41 -4.18
C TYR A 108 -2.07 46.02 -5.09
N GLY A 109 -1.74 46.25 -6.35
CA GLY A 109 -2.75 46.65 -7.31
C GLY A 109 -3.33 48.03 -7.11
N ASN A 110 -2.62 48.92 -6.41
CA ASN A 110 -3.09 50.29 -6.20
C ASN A 110 -2.81 51.09 -7.46
N ILE A 111 -3.66 50.85 -8.46
CA ILE A 111 -3.45 51.47 -9.78
C ILE A 111 -3.49 53.01 -9.72
N PRO A 112 -4.46 53.65 -9.05
CA PRO A 112 -4.45 55.12 -9.05
C PRO A 112 -3.20 55.72 -8.47
N VAL A 113 -2.67 55.13 -7.39
CA VAL A 113 -1.50 55.71 -6.74
C VAL A 113 -0.26 55.55 -7.61
N VAL A 114 -0.08 54.38 -8.23
CA VAL A 114 1.09 54.20 -9.10
C VAL A 114 0.97 55.10 -10.33
N ARG A 115 -0.23 55.28 -10.86
CA ARG A 115 -0.40 56.18 -12.00
C ARG A 115 -0.06 57.62 -11.61
N LYS A 116 -0.54 58.08 -10.45
CA LYS A 116 -0.24 59.42 -10.00
C LYS A 116 1.25 59.62 -9.77
N MET A 117 1.91 58.62 -9.17
CA MET A 117 3.35 58.74 -8.91
C MET A 117 4.15 58.74 -10.21
N LEU A 118 3.75 57.91 -11.17
CA LEU A 118 4.42 57.92 -12.47
C LEU A 118 4.25 59.26 -13.17
N GLU A 119 3.10 59.91 -13.00
CA GLU A 119 2.84 61.15 -13.72
C GLU A 119 3.19 62.41 -12.93
N GLU A 120 3.63 62.30 -11.68
CA GLU A 120 3.79 63.50 -10.87
C GLU A 120 5.07 63.59 -10.04
N CYS A 121 5.91 62.56 -9.97
CA CYS A 121 7.04 62.61 -9.05
C CYS A 121 8.29 63.22 -9.69
N HIS A 122 8.72 62.69 -10.84
CA HIS A 122 9.87 63.14 -11.61
C HIS A 122 11.20 62.90 -10.89
N SER A 123 11.17 62.39 -9.66
CA SER A 123 12.38 62.02 -8.91
C SER A 123 12.42 60.55 -8.53
N LEU A 124 11.26 59.94 -8.27
CA LEU A 124 11.20 58.51 -8.02
C LEU A 124 11.66 57.75 -9.26
N ASN A 125 12.61 56.82 -9.07
CA ASN A 125 13.08 55.99 -10.16
C ASN A 125 12.25 54.70 -10.21
N VAL A 126 11.82 54.32 -11.42
CA VAL A 126 10.96 53.17 -11.56
C VAL A 126 11.69 51.87 -11.24
N ASN A 127 13.02 51.89 -11.22
CA ASN A 127 13.83 50.69 -11.04
C ASN A 127 14.16 50.40 -9.58
N CYS A 128 13.55 51.11 -8.64
CA CYS A 128 13.78 50.82 -7.23
C CYS A 128 13.28 49.42 -6.89
N VAL A 129 14.03 48.71 -6.06
CA VAL A 129 13.73 47.33 -5.74
C VAL A 129 13.45 47.20 -4.24
N ASP A 130 12.71 46.15 -3.90
CA ASP A 130 12.33 45.86 -2.52
C ASP A 130 13.37 44.97 -1.86
N TYR A 131 13.01 44.38 -0.71
CA TYR A 131 13.94 43.55 0.04
C TYR A 131 14.44 42.36 -0.77
N MET A 132 13.68 41.92 -1.76
CA MET A 132 14.03 40.77 -2.58
C MET A 132 14.58 41.16 -3.94
N GLY A 133 14.88 42.44 -4.15
CA GLY A 133 15.40 42.89 -5.43
C GLY A 133 14.42 42.80 -6.58
N GLN A 134 13.14 43.06 -6.32
CA GLN A 134 12.10 43.05 -7.33
C GLN A 134 11.58 44.48 -7.49
N ASN A 135 11.69 45.03 -8.69
CA ASN A 135 11.23 46.40 -8.92
C ASN A 135 9.72 46.41 -9.10
N ALA A 136 9.18 47.55 -9.53
CA ALA A 136 7.73 47.67 -9.67
C ALA A 136 7.18 46.71 -10.71
N LEU A 137 7.87 46.55 -11.84
CA LEU A 137 7.38 45.69 -12.91
C LEU A 137 7.30 44.24 -12.47
N GLN A 138 8.33 43.75 -11.78
CA GLN A 138 8.34 42.35 -11.35
C GLN A 138 7.27 42.09 -10.30
N LEU A 139 7.05 43.05 -9.40
CA LEU A 139 5.98 42.91 -8.41
C LEU A 139 4.61 42.91 -9.09
N ALA A 140 4.40 43.81 -10.05
CA ALA A 140 3.13 43.86 -10.76
C ALA A 140 2.85 42.58 -11.53
N VAL A 141 3.88 42.05 -12.19
CA VAL A 141 3.72 40.80 -12.94
C VAL A 141 3.48 39.63 -11.99
N ALA A 142 4.19 39.60 -10.87
CA ALA A 142 4.08 38.46 -9.96
C ALA A 142 2.68 38.35 -9.36
N ASN A 143 2.02 39.48 -9.13
CA ASN A 143 0.68 39.48 -8.57
C ASN A 143 -0.41 39.57 -9.62
N GLU A 144 -0.04 39.53 -10.91
CA GLU A 144 -1.00 39.59 -12.03
C GLU A 144 -1.83 40.86 -11.97
N HIS A 145 -1.13 42.00 -12.05
CA HIS A 145 -1.76 43.31 -12.12
C HIS A 145 -1.56 43.82 -13.54
N LEU A 146 -2.48 43.48 -14.43
CA LEU A 146 -2.36 43.84 -15.84
C LEU A 146 -2.41 45.36 -16.03
N GLU A 147 -3.30 46.03 -15.30
CA GLU A 147 -3.44 47.48 -15.47
C GLU A 147 -2.18 48.21 -15.03
N ILE A 148 -1.58 47.80 -13.91
CA ILE A 148 -0.31 48.39 -13.49
C ILE A 148 0.81 47.99 -14.45
N THR A 149 0.76 46.75 -14.95
CA THR A 149 1.80 46.29 -15.86
C THR A 149 1.85 47.14 -17.13
N GLU A 150 0.70 47.46 -17.71
CA GLU A 150 0.68 48.27 -18.93
C GLU A 150 1.19 49.69 -18.65
N LEU A 151 0.77 50.28 -17.52
CA LEU A 151 1.25 51.60 -17.15
C LEU A 151 2.76 51.63 -17.01
N LEU A 152 3.32 50.61 -16.34
CA LEU A 152 4.77 50.54 -16.21
C LEU A 152 5.44 50.33 -17.56
N LEU A 153 4.87 49.48 -18.41
CA LEU A 153 5.48 49.20 -19.71
C LEU A 153 5.50 50.42 -20.60
N LYS A 154 4.56 51.34 -20.41
CA LYS A 154 4.62 52.59 -21.18
C LYS A 154 5.82 53.45 -20.80
N LYS A 155 6.48 53.19 -19.67
CA LYS A 155 7.71 53.89 -19.33
C LYS A 155 8.87 53.41 -20.19
N GLU A 156 9.83 54.31 -20.42
CA GLU A 156 10.93 54.04 -21.35
C GLU A 156 12.12 53.38 -20.67
N ASN A 157 12.50 53.85 -19.47
CA ASN A 157 13.67 53.36 -18.77
C ASN A 157 13.35 52.21 -17.81
N LEU A 158 12.33 51.43 -18.10
CA LEU A 158 11.92 50.34 -17.23
C LEU A 158 12.85 49.14 -17.44
N SER A 159 13.56 48.75 -16.38
CA SER A 159 14.45 47.60 -16.45
C SER A 159 13.70 46.32 -16.10
N ARG A 160 14.39 45.19 -16.27
CA ARG A 160 13.86 43.86 -15.94
C ARG A 160 12.61 43.55 -16.75
N VAL A 161 12.52 44.07 -17.97
CA VAL A 161 11.36 43.79 -18.81
C VAL A 161 11.41 42.36 -19.35
N GLY A 162 12.58 41.90 -19.79
CA GLY A 162 12.69 40.53 -20.26
C GLY A 162 12.47 39.52 -19.16
N ASP A 163 13.02 39.79 -17.96
CA ASP A 163 12.75 38.94 -16.82
C ASP A 163 11.28 38.97 -16.45
N ALA A 164 10.63 40.13 -16.61
CA ALA A 164 9.20 40.21 -16.37
C ALA A 164 8.43 39.33 -17.34
N LEU A 165 8.84 39.31 -18.61
CA LEU A 165 8.21 38.40 -19.55
C LEU A 165 8.41 36.95 -19.14
N LEU A 166 9.61 36.60 -18.70
CA LEU A 166 9.87 35.21 -18.28
C LEU A 166 9.02 34.84 -17.07
N LEU A 167 8.93 35.74 -16.10
CA LEU A 167 8.10 35.48 -14.91
C LEU A 167 6.62 35.37 -15.27
N ALA A 168 6.14 36.23 -16.17
CA ALA A 168 4.75 36.16 -16.60
C ALA A 168 4.47 34.84 -17.32
N ILE A 169 5.42 34.40 -18.16
CA ILE A 169 5.25 33.13 -18.85
C ILE A 169 5.20 31.97 -17.87
N SER A 170 6.09 31.97 -16.87
CA SER A 170 6.16 30.85 -15.94
C SER A 170 4.92 30.73 -15.06
N LYS A 171 4.17 31.81 -14.88
CA LYS A 171 2.97 31.80 -14.04
C LYS A 171 1.68 31.68 -14.83
N GLY A 172 1.76 31.56 -16.15
CA GLY A 172 0.56 31.63 -16.99
C GLY A 172 0.33 33.06 -17.49
N TYR A 173 -0.69 33.72 -16.94
CA TYR A 173 -0.92 35.15 -17.10
C TYR A 173 -0.83 35.57 -18.58
N VAL A 174 -1.78 35.04 -19.37
CA VAL A 174 -1.74 35.23 -20.81
C VAL A 174 -1.82 36.71 -21.17
N ARG A 175 -2.72 37.45 -20.53
CA ARG A 175 -2.90 38.86 -20.85
C ARG A 175 -1.63 39.66 -20.58
N ILE A 176 -1.00 39.42 -19.43
CA ILE A 176 0.24 40.12 -19.10
C ILE A 176 1.36 39.71 -20.06
N VAL A 177 1.39 38.43 -20.45
CA VAL A 177 2.42 37.98 -21.39
C VAL A 177 2.27 38.72 -22.72
N GLU A 178 1.05 38.83 -23.22
CA GLU A 178 0.82 39.55 -24.47
C GLU A 178 1.17 41.03 -24.32
N ALA A 179 0.81 41.63 -23.17
CA ALA A 179 1.15 43.03 -22.94
C ALA A 179 2.64 43.26 -22.94
N ILE A 180 3.41 42.36 -22.32
CA ILE A 180 4.86 42.50 -22.31
C ILE A 180 5.43 42.24 -23.70
N LEU A 181 4.85 41.30 -24.45
CA LEU A 181 5.30 41.09 -25.83
C LEU A 181 5.04 42.31 -26.68
N SER A 182 4.07 43.15 -26.31
CA SER A 182 3.84 44.41 -27.00
C SER A 182 4.99 45.41 -26.80
N HIS A 183 5.89 45.16 -25.86
CA HIS A 183 7.00 46.07 -25.60
C HIS A 183 7.92 46.14 -26.82
N PRO A 184 8.52 47.31 -27.09
CA PRO A 184 9.39 47.42 -28.27
C PRO A 184 10.62 46.54 -28.22
N ALA A 185 11.06 46.09 -27.04
CA ALA A 185 12.22 45.22 -26.97
C ALA A 185 11.98 43.86 -27.62
N PHE A 186 10.73 43.43 -27.72
CA PHE A 186 10.38 42.17 -28.35
C PHE A 186 9.83 42.35 -29.77
N ALA A 187 10.16 43.46 -30.42
CA ALA A 187 9.74 43.67 -31.79
C ALA A 187 10.42 42.65 -32.69
N GLU A 188 9.61 41.88 -33.42
CA GLU A 188 10.04 40.90 -34.41
C GLU A 188 10.69 39.66 -33.76
N GLY A 189 10.91 39.69 -32.45
CA GLY A 189 11.43 38.53 -31.78
C GLY A 189 12.68 38.74 -30.94
N LYS A 190 12.63 38.23 -29.70
CA LYS A 190 13.77 38.12 -28.81
C LYS A 190 13.80 36.74 -28.15
N ARG A 191 13.17 35.76 -28.79
CA ARG A 191 12.90 34.45 -28.20
C ARG A 191 13.81 33.36 -28.73
N LEU A 192 14.84 33.70 -29.50
CA LEU A 192 15.75 32.71 -30.07
C LEU A 192 16.56 32.03 -28.97
N ASP A 204 22.18 38.89 -24.25
CA ASP A 204 22.98 38.93 -23.03
C ASP A 204 22.32 39.79 -21.98
N ASP A 205 22.21 39.25 -20.75
CA ASP A 205 21.78 39.97 -19.56
C ASP A 205 20.38 40.55 -19.71
N PHE A 206 19.71 40.27 -20.83
CA PHE A 206 18.38 40.80 -21.06
C PHE A 206 17.36 40.16 -20.12
N TYR A 207 17.58 38.91 -19.73
CA TYR A 207 16.66 38.17 -18.87
C TYR A 207 17.16 38.09 -17.43
N ALA A 208 18.12 38.93 -17.05
CA ALA A 208 18.59 38.96 -15.67
C ALA A 208 17.55 39.59 -14.76
N TYR A 209 17.29 38.95 -13.62
CA TYR A 209 16.31 39.44 -12.67
C TYR A 209 16.94 40.22 -11.52
N ASP A 210 18.26 40.37 -11.50
CA ASP A 210 18.95 41.20 -10.54
C ASP A 210 20.29 41.59 -11.15
N GLU A 211 21.18 42.16 -10.33
CA GLU A 211 22.48 42.57 -10.85
C GLU A 211 23.30 41.36 -11.28
N ASP A 212 23.25 40.28 -10.52
CA ASP A 212 24.03 39.07 -10.79
C ASP A 212 23.09 37.87 -10.81
N GLY A 213 22.82 37.35 -12.00
CA GLY A 213 22.05 36.13 -12.16
C GLY A 213 20.75 36.36 -12.91
N THR A 214 20.15 35.25 -13.30
CA THR A 214 18.85 35.21 -13.97
C THR A 214 17.91 34.30 -13.20
N ARG A 215 16.61 34.56 -13.31
CA ARG A 215 15.64 33.81 -12.53
C ARG A 215 15.65 32.33 -12.88
N PHE A 216 15.69 32.01 -14.18
CA PHE A 216 15.74 30.64 -14.66
C PHE A 216 17.12 30.34 -15.22
N SER A 217 17.31 29.11 -15.69
CA SER A 217 18.56 28.74 -16.33
C SER A 217 18.80 29.64 -17.53
N HIS A 218 20.06 30.06 -17.70
CA HIS A 218 20.36 31.08 -18.71
C HIS A 218 20.00 30.62 -20.12
N ASP A 219 19.94 29.31 -20.36
CA ASP A 219 19.60 28.79 -21.68
C ASP A 219 18.10 28.72 -21.93
N VAL A 220 17.28 28.95 -20.91
CA VAL A 220 15.83 28.83 -21.03
C VAL A 220 15.30 30.14 -21.61
N THR A 221 14.96 30.11 -22.89
CA THR A 221 14.35 31.24 -23.58
C THR A 221 12.85 31.24 -23.35
N PRO A 222 12.14 32.31 -23.74
CA PRO A 222 10.68 32.31 -23.53
C PRO A 222 9.96 31.13 -24.17
N ILE A 223 10.37 30.69 -25.35
CA ILE A 223 9.68 29.56 -25.99
C ILE A 223 9.93 28.27 -25.22
N ILE A 224 11.16 28.09 -24.71
CA ILE A 224 11.45 26.90 -23.92
C ILE A 224 10.69 26.93 -22.61
N LEU A 225 10.63 28.09 -21.96
CA LEU A 225 9.92 28.20 -20.68
C LEU A 225 8.42 27.96 -20.88
N ALA A 226 7.85 28.52 -21.95
CA ALA A 226 6.43 28.31 -22.22
C ALA A 226 6.13 26.84 -22.52
N ALA A 227 7.04 26.16 -23.21
CA ALA A 227 6.87 24.74 -23.46
C ALA A 227 6.97 23.93 -22.16
N HIS A 228 7.88 24.32 -21.25
CA HIS A 228 8.02 23.60 -19.99
C HIS A 228 6.73 23.64 -19.18
N CYS A 229 6.09 24.81 -19.10
CA CYS A 229 4.85 24.97 -18.36
C CYS A 229 3.64 24.52 -19.16
N GLN A 230 3.84 24.08 -20.40
CA GLN A 230 2.79 23.71 -21.35
C GLN A 230 1.61 24.67 -21.29
N GLU A 231 1.93 25.94 -21.52
CA GLU A 231 0.91 26.98 -21.69
C GLU A 231 0.57 27.02 -23.17
N TYR A 232 -0.57 26.42 -23.55
CA TYR A 232 -0.90 26.29 -24.96
C TYR A 232 -1.14 27.64 -25.61
N GLU A 233 -1.74 28.58 -24.88
CA GLU A 233 -1.97 29.91 -25.43
C GLU A 233 -0.66 30.65 -25.67
N ILE A 234 0.26 30.60 -24.70
CA ILE A 234 1.52 31.31 -24.83
C ILE A 234 2.41 30.64 -25.88
N VAL A 235 2.45 29.31 -25.89
CA VAL A 235 3.25 28.60 -26.88
C VAL A 235 2.75 28.92 -28.29
N HIS A 236 1.43 28.94 -28.48
CA HIS A 236 0.88 29.29 -29.78
C HIS A 236 1.26 30.71 -30.18
N THR A 237 1.26 31.64 -29.22
CA THR A 237 1.65 33.01 -29.50
C THR A 237 3.11 33.11 -29.90
N LEU A 238 3.99 32.47 -29.13
CA LEU A 238 5.43 32.54 -29.41
C LEU A 238 5.77 31.83 -30.72
N LEU A 239 5.13 30.69 -30.99
CA LEU A 239 5.38 29.98 -32.25
C LEU A 239 4.96 30.84 -33.43
N ARG A 240 3.85 31.56 -33.30
CA ARG A 240 3.38 32.43 -34.38
C ARG A 240 4.37 33.55 -34.69
N LYS A 241 5.20 33.93 -33.71
CA LYS A 241 6.19 34.98 -33.92
C LYS A 241 7.56 34.44 -34.31
N GLY A 242 7.69 33.12 -34.52
CA GLY A 242 8.92 32.54 -35.00
C GLY A 242 9.79 31.89 -33.93
N ALA A 243 9.32 31.83 -32.69
CA ALA A 243 10.10 31.18 -31.64
C ALA A 243 10.16 29.68 -31.87
N ARG A 244 11.37 29.12 -31.80
CA ARG A 244 11.56 27.69 -32.00
C ARG A 244 12.60 27.18 -31.02
N ILE A 245 12.45 25.93 -30.60
CA ILE A 245 13.44 25.26 -29.76
C ILE A 245 14.49 24.65 -30.66
N GLU A 246 15.75 24.72 -30.23
CA GLU A 246 16.89 24.66 -31.13
C GLU A 246 17.33 23.25 -31.52
N ARG A 247 16.71 22.19 -30.98
CA ARG A 247 17.06 20.82 -31.37
C ARG A 247 18.53 20.55 -31.13
N PRO A 248 18.95 20.35 -29.88
CA PRO A 248 20.39 20.28 -29.58
C PRO A 248 21.08 19.15 -30.33
N HIS A 249 22.37 19.36 -30.61
CA HIS A 249 23.15 18.46 -31.43
C HIS A 249 23.35 17.12 -30.72
N ASP A 250 24.06 16.21 -31.39
CA ASP A 250 24.33 14.90 -30.85
C ASP A 250 25.19 14.99 -29.60
N TYR A 251 25.07 13.97 -28.74
CA TYR A 251 25.85 13.95 -27.51
C TYR A 251 27.35 13.92 -27.78
N PHE A 252 27.77 13.14 -28.78
CA PHE A 252 29.17 13.02 -29.14
C PHE A 252 29.57 13.96 -30.28
N CYS A 253 28.83 15.05 -30.46
CA CYS A 253 29.18 16.02 -31.50
C CYS A 253 30.49 16.72 -31.13
N LYS A 254 31.41 16.77 -32.09
CA LYS A 254 32.76 17.30 -31.85
C LYS A 254 32.98 18.63 -32.56
N CYS A 255 31.92 19.34 -32.92
CA CYS A 255 32.08 20.62 -33.60
C CYS A 255 32.60 21.67 -32.63
N ASN A 256 32.95 22.84 -33.19
CA ASN A 256 33.57 23.89 -32.40
C ASN A 256 32.63 24.45 -31.34
N ASP A 257 31.37 24.70 -31.73
CA ASP A 257 30.43 25.34 -30.81
C ASP A 257 30.16 24.45 -29.59
N CYS A 258 29.92 23.16 -29.82
CA CYS A 258 29.74 22.24 -28.71
C CYS A 258 31.01 22.14 -27.86
N ASN A 259 32.17 22.06 -28.52
CA ASN A 259 33.43 21.91 -27.80
C ASN A 259 33.68 23.11 -26.88
N GLN A 260 33.36 24.31 -27.35
CA GLN A 260 33.53 25.50 -26.51
C GLN A 260 32.66 25.43 -25.27
N LYS A 261 31.42 24.95 -25.42
CA LYS A 261 30.52 24.84 -24.27
C LYS A 261 31.01 23.79 -23.28
N GLN A 262 31.60 22.69 -23.78
CA GLN A 262 32.12 21.66 -22.89
C GLN A 262 33.26 22.20 -22.04
N LYS A 263 34.16 22.99 -22.64
CA LYS A 263 35.30 23.50 -21.90
C LYS A 263 34.89 24.60 -20.92
N HIS A 264 33.99 25.49 -21.34
CA HIS A 264 33.57 26.58 -20.47
C HIS A 264 32.88 26.06 -19.21
N ASP A 265 31.87 25.20 -19.40
CA ASP A 265 31.17 24.60 -18.27
C ASP A 265 30.45 23.36 -18.78
N SER A 266 30.91 22.18 -18.37
CA SER A 266 30.21 20.95 -18.74
C SER A 266 28.93 20.76 -17.95
N PHE A 267 28.91 21.24 -16.70
CA PHE A 267 27.70 21.11 -15.88
C PHE A 267 26.54 21.91 -16.45
N SER A 268 26.81 23.14 -16.91
CA SER A 268 25.74 23.95 -17.49
C SER A 268 25.37 23.49 -18.89
N HIS A 269 26.33 22.96 -19.65
CA HIS A 269 26.03 22.50 -21.00
C HIS A 269 25.09 21.29 -20.98
N SER A 270 25.32 20.36 -20.06
CA SER A 270 24.43 19.20 -19.96
C SER A 270 23.05 19.62 -19.46
N ARG A 271 22.99 20.58 -18.55
CA ARG A 271 21.69 21.08 -18.09
C ARG A 271 20.97 21.86 -19.18
N SER A 272 21.72 22.49 -20.09
CA SER A 272 21.08 23.16 -21.22
C SER A 272 20.51 22.16 -22.21
N ARG A 273 21.16 21.01 -22.37
CA ARG A 273 20.65 19.98 -23.27
C ARG A 273 19.35 19.38 -22.74
N ILE A 274 19.29 19.09 -21.44
CA ILE A 274 18.08 18.49 -20.88
C ILE A 274 16.94 19.50 -20.85
N ASN A 275 17.24 20.79 -20.69
CA ASN A 275 16.20 21.81 -20.74
C ASN A 275 15.58 21.90 -22.13
N ALA A 276 16.40 21.84 -23.18
CA ALA A 276 15.87 21.89 -24.53
C ALA A 276 14.99 20.68 -24.83
N TYR A 277 15.41 19.49 -24.38
CA TYR A 277 14.61 18.30 -24.62
C TYR A 277 13.33 18.31 -23.80
N LYS A 278 13.36 18.87 -22.59
CA LYS A 278 12.14 19.02 -21.82
C LYS A 278 11.15 19.95 -22.49
N GLY A 279 11.62 20.87 -23.33
CA GLY A 279 10.74 21.73 -24.09
C GLY A 279 10.20 21.05 -25.35
N LEU A 280 11.08 20.37 -26.08
CA LEU A 280 10.65 19.67 -27.29
C LEU A 280 9.65 18.56 -26.95
N ALA A 281 9.88 17.83 -25.87
CA ALA A 281 9.05 16.68 -25.51
C ALA A 281 7.72 17.05 -24.89
N SER A 282 7.50 18.32 -24.57
CA SER A 282 6.23 18.70 -23.94
C SER A 282 5.09 18.59 -24.95
N PRO A 283 3.90 18.17 -24.51
CA PRO A 283 2.78 18.06 -25.45
C PRO A 283 2.39 19.38 -26.09
N ALA A 284 2.56 20.50 -25.38
CA ALA A 284 2.18 21.80 -25.92
C ALA A 284 3.01 22.14 -27.15
N TYR A 285 4.32 21.87 -27.11
CA TYR A 285 5.16 22.17 -28.25
C TYR A 285 4.99 21.13 -29.35
N LEU A 286 4.79 19.86 -28.99
CA LEU A 286 4.66 18.81 -29.99
C LEU A 286 3.45 19.02 -30.89
N SER A 287 2.31 19.37 -30.29
CA SER A 287 1.07 19.46 -31.07
C SER A 287 1.00 20.74 -31.90
N LEU A 288 1.66 21.81 -31.47
CA LEU A 288 1.50 23.10 -32.12
C LEU A 288 2.62 23.45 -33.09
N SER A 289 3.75 22.76 -33.05
CA SER A 289 4.90 23.15 -33.86
C SER A 289 5.01 22.37 -35.16
N SER A 290 4.61 21.11 -35.19
CA SER A 290 4.81 20.24 -36.34
C SER A 290 3.48 19.83 -36.95
N GLU A 291 3.50 19.54 -38.25
CA GLU A 291 2.29 19.14 -38.94
C GLU A 291 1.88 17.71 -38.58
N ASP A 292 2.83 16.87 -38.19
CA ASP A 292 2.57 15.47 -37.88
C ASP A 292 3.08 15.19 -36.48
N PRO A 293 2.33 15.62 -35.45
CA PRO A 293 2.79 15.40 -34.07
C PRO A 293 2.95 13.94 -33.71
N VAL A 294 2.12 13.06 -34.26
CA VAL A 294 2.25 11.63 -33.95
C VAL A 294 3.55 11.09 -34.51
N MET A 295 3.93 11.50 -35.72
CA MET A 295 5.20 11.07 -36.28
C MET A 295 6.38 11.67 -35.50
N THR A 296 6.28 12.95 -35.14
CA THR A 296 7.36 13.59 -34.39
C THR A 296 7.50 12.99 -33.00
N ALA A 297 6.38 12.72 -32.33
CA ALA A 297 6.44 12.18 -30.97
C ALA A 297 7.11 10.80 -30.95
N LEU A 298 6.81 9.97 -31.95
CA LEU A 298 7.43 8.65 -32.02
C LEU A 298 8.95 8.78 -32.19
N GLU A 299 9.38 9.62 -33.12
CA GLU A 299 10.81 9.77 -33.39
C GLU A 299 11.54 10.40 -32.22
N LEU A 300 10.94 11.42 -31.59
CA LEU A 300 11.56 12.03 -30.42
C LEU A 300 11.55 11.06 -29.23
N SER A 301 10.52 10.23 -29.11
CA SER A 301 10.51 9.23 -28.05
C SER A 301 11.66 8.26 -28.20
N ASN A 302 11.94 7.82 -29.43
CA ASN A 302 13.09 6.95 -29.67
C ASN A 302 14.40 7.66 -29.36
N GLU A 303 14.53 8.92 -29.79
CA GLU A 303 15.79 9.64 -29.58
C GLU A 303 16.08 9.82 -28.10
N LEU A 304 15.06 10.17 -27.31
CA LEU A 304 15.26 10.33 -25.87
C LEU A 304 15.54 8.99 -25.20
N ALA A 305 14.94 7.91 -25.70
CA ALA A 305 15.24 6.59 -25.16
C ALA A 305 16.70 6.21 -25.42
N VAL A 306 17.23 6.56 -26.60
CA VAL A 306 18.62 6.31 -26.90
C VAL A 306 19.53 7.12 -25.98
N LEU A 307 19.21 8.40 -25.79
CA LEU A 307 20.03 9.27 -24.97
C LEU A 307 20.00 8.89 -23.50
N ALA A 308 18.96 8.19 -23.05
CA ALA A 308 18.93 7.71 -21.67
C ALA A 308 20.04 6.69 -21.43
N ASN A 309 20.31 5.84 -22.42
CA ASN A 309 21.40 4.88 -22.29
C ASN A 309 22.76 5.54 -22.42
N ILE A 310 22.88 6.51 -23.33
CA ILE A 310 24.16 7.17 -23.55
C ILE A 310 24.52 8.05 -22.37
N GLU A 311 23.57 8.84 -21.86
CA GLU A 311 23.79 9.72 -20.72
C GLU A 311 23.31 9.00 -19.46
N LYS A 312 24.26 8.42 -18.72
CA LYS A 312 23.90 7.75 -17.47
C LYS A 312 23.51 8.76 -16.39
N GLU A 313 24.11 9.95 -16.40
CA GLU A 313 23.80 10.95 -15.39
C GLU A 313 22.36 11.42 -15.49
N PHE A 314 21.87 11.66 -16.71
CA PHE A 314 20.52 12.12 -16.95
C PHE A 314 19.61 11.00 -17.47
N LYS A 315 19.88 9.75 -17.09
CA LYS A 315 19.08 8.64 -17.56
C LYS A 315 17.63 8.75 -17.10
N ASN A 316 17.42 9.13 -15.84
CA ASN A 316 16.07 9.26 -15.33
C ASN A 316 15.31 10.39 -16.04
N ASP A 317 16.00 11.49 -16.33
CA ASP A 317 15.36 12.61 -17.01
C ASP A 317 14.94 12.22 -18.43
N TYR A 318 15.86 11.61 -19.19
CA TYR A 318 15.55 11.26 -20.57
C TYR A 318 14.51 10.15 -20.66
N LYS A 319 14.52 9.20 -19.72
CA LYS A 319 13.45 8.20 -19.68
C LYS A 319 12.11 8.87 -19.36
N LYS A 320 12.13 9.88 -18.49
CA LYS A 320 10.90 10.59 -18.18
C LYS A 320 10.38 11.37 -19.38
N LEU A 321 11.29 11.97 -20.16
CA LEU A 321 10.86 12.75 -21.32
C LEU A 321 10.38 11.85 -22.45
N SER A 322 11.04 10.72 -22.68
CA SER A 322 10.56 9.79 -23.70
C SER A 322 9.21 9.21 -23.33
N MET A 323 8.93 9.09 -22.03
CA MET A 323 7.62 8.65 -21.59
C MET A 323 6.56 9.71 -21.88
N GLN A 324 6.94 10.99 -21.83
CA GLN A 324 6.00 12.05 -22.20
C GLN A 324 5.59 11.95 -23.66
N CYS A 325 6.55 11.69 -24.55
CA CYS A 325 6.21 11.54 -25.96
C CYS A 325 5.32 10.34 -26.20
N LYS A 326 5.58 9.24 -25.48
CA LYS A 326 4.69 8.09 -25.56
C LYS A 326 3.29 8.43 -25.04
N ASP A 327 3.23 9.19 -23.93
CA ASP A 327 1.94 9.58 -23.38
C ASP A 327 1.17 10.47 -24.34
N PHE A 328 1.87 11.39 -25.02
CA PHE A 328 1.20 12.27 -25.97
C PHE A 328 0.59 11.49 -27.12
N VAL A 329 1.35 10.55 -27.69
CA VAL A 329 0.86 9.79 -28.84
C VAL A 329 -0.31 8.90 -28.44
N VAL A 330 -0.24 8.30 -27.25
CA VAL A 330 -1.37 7.49 -26.76
C VAL A 330 -2.59 8.37 -26.53
N GLY A 331 -2.40 9.52 -25.87
CA GLY A 331 -3.51 10.42 -25.65
C GLY A 331 -4.11 10.96 -26.93
N LEU A 332 -3.27 11.18 -27.95
CA LEU A 332 -3.77 11.60 -29.25
C LEU A 332 -4.62 10.52 -29.89
N LEU A 333 -4.22 9.24 -29.74
CA LEU A 333 -5.01 8.13 -30.26
C LEU A 333 -6.30 7.93 -29.46
N ASP A 334 -6.29 8.31 -28.18
CA ASP A 334 -7.46 8.10 -27.33
C ASP A 334 -8.62 9.01 -27.71
N LEU A 335 -8.38 10.09 -28.43
CA LEU A 335 -9.42 11.04 -28.79
C LEU A 335 -10.16 10.69 -30.07
N CYS A 336 -9.71 9.68 -30.81
CA CYS A 336 -10.33 9.33 -32.07
C CYS A 336 -11.75 8.79 -31.85
N ARG A 337 -12.66 9.19 -32.74
CA ARG A 337 -14.07 8.87 -32.59
C ARG A 337 -14.65 8.00 -33.70
N ASN A 338 -14.00 7.93 -34.86
CA ASN A 338 -14.47 7.12 -35.97
C ASN A 338 -13.30 6.47 -36.66
N THR A 339 -13.59 5.49 -37.51
CA THR A 339 -12.54 4.69 -38.12
C THR A 339 -11.59 5.52 -38.97
N GLU A 340 -12.07 6.62 -39.55
CA GLU A 340 -11.20 7.45 -40.37
C GLU A 340 -10.13 8.15 -39.53
N GLU A 341 -10.51 8.66 -38.35
CA GLU A 341 -9.52 9.27 -37.47
C GLU A 341 -8.60 8.23 -36.85
N VAL A 342 -9.12 7.04 -36.56
CA VAL A 342 -8.29 5.97 -36.01
C VAL A 342 -7.21 5.57 -37.00
N GLU A 343 -7.58 5.44 -38.27
CA GLU A 343 -6.58 5.09 -39.30
C GLU A 343 -5.56 6.20 -39.50
N ALA A 344 -5.97 7.47 -39.34
CA ALA A 344 -5.03 8.57 -39.49
C ALA A 344 -3.96 8.54 -38.40
N ILE A 345 -4.31 8.11 -37.20
CA ILE A 345 -3.33 8.03 -36.12
C ILE A 345 -2.52 6.73 -36.23
N LEU A 346 -3.20 5.60 -36.49
CA LEU A 346 -2.52 4.31 -36.49
C LEU A 346 -1.67 4.13 -37.75
N ASN A 347 -2.28 4.30 -38.92
CA ASN A 347 -1.59 4.00 -40.17
C ASN A 347 -0.81 5.20 -40.71
N GLY A 348 -1.37 6.40 -40.62
CA GLY A 348 -0.72 7.58 -41.15
C GLY A 348 -1.49 8.17 -42.31
N ASP A 349 -0.77 8.72 -43.30
CA ASP A 349 -1.40 9.34 -44.46
C ASP A 349 -1.64 8.25 -45.50
N VAL A 350 -2.83 7.63 -45.43
CA VAL A 350 -3.13 6.47 -46.27
C VAL A 350 -3.08 6.83 -47.74
N GLU A 351 -3.31 8.10 -48.09
CA GLU A 351 -3.24 8.51 -49.49
C GLU A 351 -1.83 8.36 -50.04
N THR A 352 -0.83 8.81 -49.30
CA THR A 352 0.55 8.73 -49.76
C THR A 352 1.26 7.45 -49.29
N LEU A 353 0.66 6.68 -48.39
CA LEU A 353 1.22 5.38 -48.05
C LEU A 353 1.12 4.45 -49.24
N GLN A 354 2.02 3.45 -49.28
CA GLN A 354 2.06 2.58 -50.45
C GLN A 354 0.82 1.71 -50.50
N SER A 355 0.73 0.75 -49.58
CA SER A 355 -0.48 0.02 -49.20
C SER A 355 -0.04 -1.04 -48.20
N GLY A 356 -1.03 -1.69 -47.59
CA GLY A 356 -0.79 -2.93 -46.89
C GLY A 356 -0.96 -4.11 -47.83
N ASP A 357 -0.23 -5.18 -47.54
CA ASP A 357 -0.24 -6.34 -48.42
C ASP A 357 -1.59 -7.04 -48.36
N HIS A 358 -2.17 -7.31 -49.53
CA HIS A 358 -3.45 -8.00 -49.66
C HIS A 358 -4.57 -7.28 -48.90
N GLY A 359 -4.65 -5.96 -49.10
CA GLY A 359 -5.75 -5.19 -48.58
C GLY A 359 -5.68 -4.80 -47.11
N ARG A 360 -4.52 -4.95 -46.48
CA ARG A 360 -4.36 -4.59 -45.09
C ARG A 360 -4.00 -3.12 -44.94
N PRO A 361 -4.19 -2.54 -43.75
CA PRO A 361 -4.03 -1.08 -43.59
C PRO A 361 -2.61 -0.63 -43.26
N ASN A 362 -1.65 -1.02 -44.10
CA ASN A 362 -0.32 -0.39 -44.18
C ASN A 362 0.31 -0.19 -42.80
N LEU A 363 0.69 -1.31 -42.18
CA LEU A 363 1.09 -1.35 -40.78
C LEU A 363 2.47 -0.76 -40.52
N SER A 364 2.99 0.03 -41.46
CA SER A 364 4.34 0.56 -41.33
C SER A 364 4.50 1.41 -40.06
N ARG A 365 3.53 2.27 -39.75
CA ARG A 365 3.65 3.08 -38.54
C ARG A 365 3.48 2.24 -37.29
N LEU A 366 2.61 1.22 -37.34
CA LEU A 366 2.46 0.33 -36.21
C LEU A 366 3.71 -0.50 -35.97
N LYS A 367 4.40 -0.89 -37.04
CA LYS A 367 5.68 -1.58 -36.88
C LYS A 367 6.71 -0.69 -36.24
N LEU A 368 6.74 0.59 -36.62
CA LEU A 368 7.67 1.53 -35.98
C LEU A 368 7.35 1.71 -34.51
N ALA A 369 6.06 1.75 -34.16
CA ALA A 369 5.67 1.89 -32.75
C ALA A 369 6.08 0.67 -31.95
N ILE A 370 5.99 -0.52 -32.54
CA ILE A 370 6.42 -1.73 -31.84
C ILE A 370 7.92 -1.72 -31.61
N LYS A 371 8.69 -1.25 -32.60
CA LYS A 371 10.14 -1.17 -32.43
C LYS A 371 10.52 -0.21 -31.30
N TYR A 372 9.80 0.90 -31.19
CA TYR A 372 10.10 1.91 -30.18
C TYR A 372 9.45 1.62 -28.83
N GLU A 373 8.76 0.49 -28.71
CA GLU A 373 8.22 0.03 -27.42
C GLU A 373 7.31 1.07 -26.78
N VAL A 374 6.37 1.60 -27.55
CA VAL A 374 5.42 2.55 -27.00
C VAL A 374 4.53 1.87 -25.97
N LYS A 375 4.11 0.63 -26.24
CA LYS A 375 3.57 -0.30 -25.25
C LYS A 375 2.17 0.09 -24.79
N LYS A 376 1.71 1.28 -25.15
CA LYS A 376 0.40 1.74 -24.72
C LYS A 376 -0.37 2.25 -25.92
N PHE A 377 0.38 2.72 -26.93
CA PHE A 377 -0.22 3.02 -28.22
C PHE A 377 -0.60 1.75 -28.95
N VAL A 378 0.26 0.73 -28.89
CA VAL A 378 -0.04 -0.56 -29.50
C VAL A 378 -1.11 -1.29 -28.68
N ALA A 379 -1.04 -1.20 -27.36
CA ALA A 379 -1.98 -1.90 -26.50
C ALA A 379 -3.32 -1.18 -26.36
N HIS A 380 -3.49 -0.03 -27.00
CA HIS A 380 -4.73 0.72 -26.89
C HIS A 380 -5.89 -0.04 -27.56
N PRO A 381 -7.10 0.05 -27.00
CA PRO A 381 -8.24 -0.64 -27.63
C PRO A 381 -8.49 -0.23 -29.07
N ASN A 382 -8.25 1.03 -29.43
CA ASN A 382 -8.41 1.45 -30.82
C ASN A 382 -7.41 0.75 -31.72
N CYS A 383 -6.17 0.58 -31.25
CA CYS A 383 -5.15 -0.12 -32.03
C CYS A 383 -5.37 -1.63 -32.01
N GLN A 384 -5.79 -2.17 -30.88
CA GLN A 384 -6.05 -3.61 -30.79
C GLN A 384 -7.17 -4.04 -31.72
N GLN A 385 -8.15 -3.16 -31.93
CA GLN A 385 -9.26 -3.49 -32.83
C GLN A 385 -8.77 -3.68 -34.27
N GLN A 386 -7.88 -2.80 -34.73
CA GLN A 386 -7.38 -2.90 -36.10
C GLN A 386 -6.54 -4.16 -36.29
N LEU A 387 -5.70 -4.50 -35.31
CA LEU A 387 -4.86 -5.68 -35.43
C LEU A 387 -5.68 -6.97 -35.34
N LEU A 388 -6.73 -6.97 -34.52
CA LEU A 388 -7.59 -8.14 -34.44
C LEU A 388 -8.29 -8.41 -35.77
N SER A 389 -8.74 -7.35 -36.45
CA SER A 389 -9.34 -7.53 -37.77
C SER A 389 -8.34 -8.11 -38.76
N ILE A 390 -7.08 -7.69 -38.66
CA ILE A 390 -6.04 -8.26 -39.50
C ILE A 390 -5.74 -9.69 -39.08
N TRP A 391 -5.75 -9.97 -37.78
CA TRP A 391 -5.46 -11.30 -37.27
C TRP A 391 -6.45 -12.32 -37.83
N TYR A 392 -7.73 -12.16 -37.53
CA TYR A 392 -8.79 -12.99 -38.12
C TYR A 392 -9.15 -12.41 -39.49
N GLU A 393 -8.20 -12.55 -40.42
CA GLU A 393 -8.32 -11.86 -41.71
C GLU A 393 -9.52 -12.37 -42.51
N ASN A 394 -9.52 -13.66 -42.83
CA ASN A 394 -10.60 -14.27 -43.60
C ASN A 394 -11.45 -15.22 -42.77
N LEU A 395 -11.29 -15.23 -41.45
CA LEU A 395 -12.07 -16.09 -40.56
C LEU A 395 -12.91 -15.18 -39.67
N SER A 396 -14.07 -14.78 -40.19
CA SER A 396 -14.96 -13.90 -39.43
C SER A 396 -15.66 -14.66 -38.32
N GLY A 397 -16.12 -15.88 -38.61
CA GLY A 397 -16.90 -16.63 -37.63
C GLY A 397 -16.08 -17.14 -36.46
N LEU A 398 -14.78 -17.36 -36.67
CA LEU A 398 -13.95 -17.93 -35.62
C LEU A 398 -13.58 -16.94 -34.53
N ARG A 399 -13.75 -15.64 -34.77
CA ARG A 399 -13.46 -14.66 -33.73
C ARG A 399 -14.40 -14.81 -32.54
N GLN A 400 -15.69 -15.01 -32.80
CA GLN A 400 -16.68 -15.05 -31.73
C GLN A 400 -16.70 -16.37 -30.98
N GLN A 401 -16.11 -17.43 -31.54
CA GLN A 401 -16.15 -18.73 -30.89
C GLN A 401 -15.33 -18.73 -29.60
N THR A 402 -15.77 -19.53 -28.64
CA THR A 402 -15.09 -19.61 -27.36
C THR A 402 -13.75 -20.33 -27.51
N MET A 403 -12.97 -20.32 -26.42
CA MET A 403 -11.64 -20.91 -26.46
C MET A 403 -11.70 -22.43 -26.66
N ALA A 404 -12.75 -23.08 -26.15
CA ALA A 404 -12.88 -24.53 -26.34
C ALA A 404 -13.01 -24.88 -27.81
N VAL A 405 -13.79 -24.10 -28.56
CA VAL A 405 -13.92 -24.34 -30.00
C VAL A 405 -12.58 -24.16 -30.70
N LYS A 406 -11.84 -23.11 -30.32
CA LYS A 406 -10.54 -22.87 -30.93
C LYS A 406 -9.56 -23.99 -30.62
N PHE A 407 -9.65 -24.56 -29.41
CA PHE A 407 -8.82 -25.73 -29.09
C PHE A 407 -9.17 -26.91 -29.98
N LEU A 408 -10.45 -27.13 -30.23
CA LEU A 408 -10.86 -28.21 -31.13
C LEU A 408 -10.43 -27.92 -32.56
N VAL A 409 -10.41 -26.66 -32.97
CA VAL A 409 -9.92 -26.31 -34.30
C VAL A 409 -8.46 -26.68 -34.45
N VAL A 410 -7.65 -26.43 -33.41
CA VAL A 410 -6.23 -26.79 -33.45
C VAL A 410 -6.08 -28.29 -33.57
N LEU A 411 -6.86 -29.06 -32.80
CA LEU A 411 -6.80 -30.51 -32.91
C LEU A 411 -7.29 -30.98 -34.28
N ALA A 412 -8.35 -30.37 -34.80
CA ALA A 412 -8.85 -30.74 -36.13
C ALA A 412 -7.81 -30.42 -37.20
N VAL A 413 -7.14 -29.28 -37.09
CA VAL A 413 -6.07 -28.94 -38.03
C VAL A 413 -4.91 -29.90 -37.87
N ALA A 414 -4.60 -30.31 -36.63
CA ALA A 414 -3.51 -31.25 -36.39
C ALA A 414 -3.75 -32.58 -37.08
N ILE A 415 -4.99 -33.10 -37.00
CA ILE A 415 -5.31 -34.36 -37.65
C ILE A 415 -5.29 -34.20 -39.17
N GLY A 416 -5.86 -33.10 -39.67
CA GLY A 416 -5.94 -32.88 -41.10
C GLY A 416 -4.78 -32.08 -41.65
N LEU A 417 -3.68 -32.02 -40.91
CA LEU A 417 -2.53 -31.23 -41.34
C LEU A 417 -1.96 -31.69 -42.67
N PRO A 418 -1.75 -32.99 -42.94
CA PRO A 418 -1.29 -33.37 -44.28
C PRO A 418 -2.24 -32.96 -45.39
N PHE A 419 -3.55 -33.00 -45.14
CA PHE A 419 -4.51 -32.59 -46.16
C PHE A 419 -4.41 -31.10 -46.46
N LEU A 420 -4.22 -30.27 -45.42
CA LEU A 420 -4.07 -28.84 -45.64
C LEU A 420 -2.80 -28.53 -46.43
N ALA A 421 -1.71 -29.24 -46.13
CA ALA A 421 -0.48 -29.06 -46.91
C ALA A 421 -0.69 -29.49 -48.36
N LEU A 422 -1.44 -30.57 -48.57
CA LEU A 422 -1.74 -31.02 -49.93
C LEU A 422 -2.56 -29.98 -50.68
N ILE A 423 -3.52 -29.35 -50.00
CA ILE A 423 -4.33 -28.31 -50.63
C ILE A 423 -3.47 -27.13 -51.03
N TYR A 424 -2.52 -26.74 -50.17
CA TYR A 424 -1.69 -25.57 -50.44
C TYR A 424 -0.84 -25.77 -51.69
N TRP A 425 -0.27 -26.97 -51.87
CA TRP A 425 0.53 -27.22 -53.06
C TRP A 425 -0.34 -27.21 -54.31
N PHE A 426 -1.44 -27.95 -54.30
CA PHE A 426 -2.25 -28.11 -55.51
C PHE A 426 -2.98 -26.81 -55.87
N ALA A 427 -3.62 -26.18 -54.88
CA ALA A 427 -4.47 -25.01 -55.11
C ALA A 427 -4.06 -23.88 -54.17
N PRO A 428 -2.98 -23.17 -54.50
CA PRO A 428 -2.61 -22.01 -53.66
C PRO A 428 -3.62 -20.88 -53.76
N CYS A 429 -4.11 -20.57 -54.96
CA CYS A 429 -5.15 -19.55 -55.15
C CYS A 429 -6.50 -20.25 -55.13
N SER A 430 -7.09 -20.34 -53.94
CA SER A 430 -8.35 -21.04 -53.76
C SER A 430 -9.02 -20.52 -52.50
N LYS A 431 -10.20 -21.07 -52.19
CA LYS A 431 -10.89 -20.72 -50.96
C LYS A 431 -10.08 -21.13 -49.74
N MET A 432 -9.57 -22.36 -49.74
CA MET A 432 -8.76 -22.83 -48.61
C MET A 432 -7.39 -22.17 -48.62
N GLY A 433 -6.80 -21.96 -49.80
CA GLY A 433 -5.51 -21.30 -49.86
C GLY A 433 -5.57 -19.88 -49.34
N LYS A 434 -6.65 -19.16 -49.64
CA LYS A 434 -6.83 -17.82 -49.09
C LYS A 434 -6.99 -17.85 -47.58
N ILE A 435 -7.75 -18.82 -47.07
CA ILE A 435 -7.96 -18.92 -45.63
C ILE A 435 -6.67 -19.30 -44.92
N MET A 436 -5.92 -20.26 -45.46
CA MET A 436 -4.70 -20.72 -44.81
C MET A 436 -3.66 -19.62 -44.71
N ARG A 437 -3.59 -18.72 -45.68
CA ARG A 437 -2.61 -17.64 -45.64
C ARG A 437 -2.95 -16.58 -44.60
N GLY A 438 -4.14 -16.62 -44.01
CA GLY A 438 -4.50 -15.71 -42.95
C GLY A 438 -3.60 -15.87 -41.75
N PRO A 439 -3.28 -14.76 -41.07
CA PRO A 439 -2.34 -14.84 -39.94
C PRO A 439 -2.79 -15.78 -38.84
N PHE A 440 -4.09 -15.85 -38.56
CA PHE A 440 -4.56 -16.73 -37.50
C PHE A 440 -4.44 -18.20 -37.91
N MET A 441 -4.67 -18.50 -39.19
CA MET A 441 -4.54 -19.88 -39.66
C MET A 441 -3.08 -20.33 -39.66
N LYS A 442 -2.14 -19.43 -39.94
CA LYS A 442 -0.73 -19.77 -39.79
C LYS A 442 -0.41 -20.13 -38.34
N PHE A 443 -0.97 -19.37 -37.40
CA PHE A 443 -0.75 -19.66 -35.99
C PHE A 443 -1.33 -21.02 -35.61
N VAL A 444 -2.53 -21.32 -36.08
CA VAL A 444 -3.13 -22.61 -35.79
C VAL A 444 -2.34 -23.74 -36.45
N ALA A 445 -1.90 -23.53 -37.69
CA ALA A 445 -1.13 -24.56 -38.38
C ALA A 445 0.19 -24.86 -37.67
N HIS A 446 0.89 -23.81 -37.22
CA HIS A 446 2.16 -24.03 -36.53
C HIS A 446 1.94 -24.56 -35.11
N ALA A 447 0.89 -24.10 -34.44
CA ALA A 447 0.56 -24.66 -33.13
C ALA A 447 0.12 -26.12 -33.25
N ALA A 448 -0.60 -26.46 -34.31
CA ALA A 448 -0.99 -27.85 -34.53
C ALA A 448 0.21 -28.71 -34.87
N SER A 449 1.20 -28.17 -35.60
CA SER A 449 2.42 -28.92 -35.84
C SER A 449 3.18 -29.18 -34.56
N PHE A 450 3.21 -28.19 -33.66
CA PHE A 450 3.92 -28.37 -32.39
C PHE A 450 3.24 -29.44 -31.53
N THR A 451 1.90 -29.47 -31.52
CA THR A 451 1.21 -30.46 -30.71
C THR A 451 1.43 -31.88 -31.24
N ILE A 452 1.65 -32.02 -32.55
CA ILE A 452 1.96 -33.32 -33.11
C ILE A 452 3.35 -33.77 -32.68
N PHE A 453 4.32 -32.84 -32.68
CA PHE A 453 5.67 -33.17 -32.26
C PHE A 453 5.70 -33.59 -30.80
N LEU A 454 4.94 -32.89 -29.95
CA LEU A 454 4.81 -33.33 -28.55
C LEU A 454 4.16 -34.69 -28.47
N GLY A 455 3.12 -34.93 -29.29
CA GLY A 455 2.49 -36.23 -29.30
C GLY A 455 3.42 -37.34 -29.74
N LEU A 456 4.26 -37.06 -30.73
CA LEU A 456 5.24 -38.06 -31.17
C LEU A 456 6.24 -38.39 -30.07
N LEU A 457 6.69 -37.37 -29.34
CA LEU A 457 7.64 -37.60 -28.26
C LEU A 457 7.03 -38.44 -27.15
N VAL A 458 5.77 -38.18 -26.82
CA VAL A 458 5.09 -39.00 -25.80
C VAL A 458 4.91 -40.42 -26.29
N MET A 459 4.37 -40.59 -27.49
CA MET A 459 4.05 -41.92 -28.00
C MET A 459 5.28 -42.69 -28.46
N ASN A 460 6.45 -42.05 -28.54
CA ASN A 460 7.66 -42.78 -28.89
C ASN A 460 8.01 -43.82 -27.83
N ALA A 461 7.81 -43.47 -26.55
CA ALA A 461 8.05 -44.39 -25.44
C ALA A 461 6.77 -45.06 -24.96
N ALA A 462 5.78 -45.21 -25.84
CA ALA A 462 4.51 -45.80 -25.43
C ALA A 462 4.64 -47.28 -25.11
N ASP A 463 5.63 -47.95 -25.69
CA ASP A 463 5.80 -49.39 -25.45
C ASP A 463 6.12 -49.67 -23.98
N ARG A 464 6.94 -48.83 -23.36
CA ARG A 464 7.36 -49.04 -21.98
C ARG A 464 6.63 -48.11 -21.01
N PHE A 465 5.44 -47.64 -21.36
CA PHE A 465 4.66 -46.82 -20.44
C PHE A 465 4.32 -47.58 -19.17
N GLU A 466 3.75 -48.78 -19.31
CA GLU A 466 3.45 -49.60 -18.15
C GLU A 466 4.71 -50.24 -17.58
N GLY A 467 5.65 -50.60 -18.45
CA GLY A 467 6.90 -51.22 -18.04
C GLY A 467 7.63 -51.82 -19.23
N THR A 468 8.91 -52.14 -19.05
CA THR A 468 9.71 -52.67 -20.14
C THR A 468 9.38 -54.14 -20.39
N LEU A 483 22.59 -60.54 -33.63
CA LEU A 483 23.21 -59.85 -32.50
C LEU A 483 22.18 -59.06 -31.71
N PHE A 484 22.39 -58.96 -30.39
CA PHE A 484 21.43 -58.27 -29.53
C PHE A 484 21.37 -56.78 -29.85
N ARG A 485 22.53 -56.14 -30.01
CA ARG A 485 22.55 -54.70 -30.27
C ARG A 485 22.05 -54.32 -31.65
N MET A 486 21.94 -55.28 -32.57
CA MET A 486 21.37 -54.99 -33.88
C MET A 486 19.89 -54.61 -33.76
N LYS A 487 19.14 -55.32 -32.92
CA LYS A 487 17.73 -55.01 -32.74
C LYS A 487 17.52 -53.62 -32.13
N THR A 488 18.34 -53.28 -31.12
CA THR A 488 18.14 -52.02 -30.40
C THR A 488 18.48 -50.80 -31.26
N SER A 489 19.40 -50.96 -32.22
CA SER A 489 19.92 -49.81 -32.95
C SER A 489 18.92 -49.26 -33.98
N CYS A 490 18.02 -50.08 -34.49
CA CYS A 490 17.16 -49.67 -35.58
C CYS A 490 16.17 -48.58 -35.14
N PHE A 491 15.71 -47.81 -36.12
CA PHE A 491 14.76 -46.72 -35.90
C PHE A 491 13.36 -47.20 -36.20
N SER A 492 12.43 -46.94 -35.29
CA SER A 492 11.03 -47.27 -35.53
C SER A 492 10.37 -46.17 -36.37
N TRP A 493 9.13 -46.42 -36.78
CA TRP A 493 8.41 -45.43 -37.58
C TRP A 493 8.11 -44.18 -36.78
N MET A 494 7.91 -44.31 -35.46
CA MET A 494 7.79 -43.14 -34.61
C MET A 494 9.10 -42.35 -34.61
N GLU A 495 10.23 -43.05 -34.55
CA GLU A 495 11.53 -42.39 -34.58
C GLU A 495 11.76 -41.68 -35.91
N MET A 496 11.30 -42.28 -37.01
CA MET A 496 11.48 -41.66 -38.32
C MET A 496 10.75 -40.33 -38.40
N LEU A 497 9.52 -40.27 -37.88
CA LEU A 497 8.77 -39.01 -37.90
C LEU A 497 9.44 -37.96 -37.03
N ILE A 498 9.96 -38.36 -35.87
CA ILE A 498 10.63 -37.42 -34.97
C ILE A 498 11.87 -36.83 -35.65
N ILE A 499 12.64 -37.67 -36.36
CA ILE A 499 13.81 -37.17 -37.08
C ILE A 499 13.39 -36.19 -38.15
N SER A 500 12.31 -36.49 -38.87
CA SER A 500 11.82 -35.59 -39.91
C SER A 500 11.39 -34.25 -39.32
N TRP A 501 10.71 -34.27 -38.17
CA TRP A 501 10.31 -33.03 -37.51
C TRP A 501 11.52 -32.21 -37.08
N VAL A 502 12.55 -32.87 -36.53
CA VAL A 502 13.73 -32.16 -36.08
C VAL A 502 14.46 -31.53 -37.26
N ILE A 503 14.55 -32.25 -38.38
CA ILE A 503 15.16 -31.69 -39.58
C ILE A 503 14.39 -30.46 -40.05
N GLY A 504 13.06 -30.54 -40.05
CA GLY A 504 12.27 -29.37 -40.40
C GLY A 504 12.48 -28.21 -39.45
N MET A 505 12.62 -28.50 -38.16
CA MET A 505 12.91 -27.45 -37.19
C MET A 505 14.27 -26.81 -37.44
N ILE A 506 15.27 -27.63 -37.79
CA ILE A 506 16.60 -27.09 -38.06
C ILE A 506 16.57 -26.19 -39.29
N TRP A 507 15.86 -26.62 -40.34
CA TRP A 507 15.75 -25.79 -41.53
C TRP A 507 15.00 -24.49 -41.24
N ALA A 508 13.96 -24.56 -40.40
CA ALA A 508 13.24 -23.35 -40.01
C ALA A 508 14.15 -22.39 -39.26
N GLU A 509 15.00 -22.92 -38.38
CA GLU A 509 15.98 -22.07 -37.69
C GLU A 509 17.00 -21.48 -38.65
N CYS A 510 17.43 -22.26 -39.65
CA CYS A 510 18.38 -21.75 -40.62
C CYS A 510 17.79 -20.61 -41.44
N LYS A 511 16.54 -20.75 -41.86
CA LYS A 511 15.88 -19.66 -42.57
C LYS A 511 15.70 -18.44 -41.67
N GLU A 512 15.38 -18.68 -40.39
CA GLU A 512 15.28 -17.58 -39.44
C GLU A 512 16.61 -16.86 -39.29
N ILE A 513 17.70 -17.63 -39.16
CA ILE A 513 19.02 -17.01 -39.00
C ILE A 513 19.46 -16.34 -40.31
N TRP A 514 18.95 -16.82 -41.45
CA TRP A 514 19.35 -16.24 -42.73
C TRP A 514 18.69 -14.89 -42.96
N THR A 515 17.40 -14.76 -42.65
CA THR A 515 16.69 -13.52 -42.87
C THR A 515 16.86 -12.53 -41.72
N GLN A 516 16.81 -13.01 -40.46
CA GLN A 516 16.96 -12.12 -39.33
C GLN A 516 18.39 -11.60 -39.20
N GLY A 517 19.37 -12.37 -39.67
CA GLY A 517 20.76 -12.00 -39.53
C GLY A 517 21.36 -12.59 -38.28
N PRO A 518 22.63 -13.02 -38.37
CA PRO A 518 23.27 -13.65 -37.20
C PRO A 518 23.32 -12.76 -35.98
N LYS A 519 23.54 -11.45 -36.15
CA LYS A 519 23.59 -10.54 -35.01
C LYS A 519 22.23 -10.41 -34.33
N GLU A 520 21.18 -10.15 -35.11
CA GLU A 520 19.85 -9.96 -34.54
C GLU A 520 19.34 -11.26 -33.92
N TYR A 521 19.56 -12.39 -34.59
CA TYR A 521 19.12 -13.67 -34.06
C TYR A 521 19.82 -14.02 -32.76
N LEU A 522 21.14 -13.79 -32.70
CA LEU A 522 21.91 -14.15 -31.51
C LEU A 522 21.56 -13.27 -30.31
N PHE A 523 21.11 -12.04 -30.56
CA PHE A 523 20.84 -11.13 -29.45
C PHE A 523 19.71 -11.63 -28.57
N GLU A 524 18.68 -12.23 -29.15
CA GLU A 524 17.58 -12.76 -28.36
C GLU A 524 18.01 -14.04 -27.66
N LEU A 525 17.91 -14.05 -26.33
CA LEU A 525 18.43 -15.18 -25.56
C LEU A 525 17.56 -16.42 -25.71
N TRP A 526 16.26 -16.26 -25.91
CA TRP A 526 15.39 -17.43 -26.03
C TRP A 526 15.67 -18.22 -27.31
N ASN A 527 16.15 -17.53 -28.35
CA ASN A 527 16.53 -18.24 -29.57
C ASN A 527 17.74 -19.15 -29.34
N MET A 528 18.61 -18.78 -28.41
CA MET A 528 19.72 -19.66 -28.05
C MET A 528 19.22 -20.93 -27.39
N LEU A 529 18.20 -20.83 -26.54
CA LEU A 529 17.60 -22.02 -25.95
C LEU A 529 16.95 -22.88 -27.02
N ASP A 530 16.27 -22.26 -27.99
CA ASP A 530 15.65 -23.02 -29.06
C ASP A 530 16.69 -23.61 -30.02
N PHE A 531 17.82 -22.93 -30.20
CA PHE A 531 18.91 -23.50 -30.99
C PHE A 531 19.59 -24.64 -30.25
N GLY A 532 19.69 -24.56 -28.92
CA GLY A 532 20.33 -25.61 -28.16
C GLY A 532 19.56 -26.92 -28.19
N MET A 533 18.24 -26.86 -28.07
CA MET A 533 17.43 -28.07 -28.06
C MET A 533 17.48 -28.80 -29.40
N LEU A 534 17.56 -28.06 -30.51
CA LEU A 534 17.70 -28.70 -31.81
C LEU A 534 19.09 -29.28 -32.00
N ALA A 535 20.11 -28.64 -31.44
CA ALA A 535 21.46 -29.20 -31.49
C ALA A 535 21.54 -30.50 -30.71
N ILE A 536 20.91 -30.55 -29.54
CA ILE A 536 20.92 -31.78 -28.73
C ILE A 536 20.11 -32.87 -29.41
N PHE A 537 18.98 -32.50 -30.04
CA PHE A 537 18.19 -33.49 -30.78
C PHE A 537 18.99 -34.07 -31.94
N ALA A 538 19.74 -33.22 -32.65
CA ALA A 538 20.64 -33.72 -33.67
C ALA A 538 21.78 -34.53 -33.06
N ALA A 539 22.27 -34.10 -31.89
CA ALA A 539 23.33 -34.83 -31.21
C ALA A 539 22.87 -36.23 -30.82
N SER A 540 21.65 -36.35 -30.33
CA SER A 540 21.13 -37.65 -29.92
C SER A 540 21.02 -38.62 -31.09
N PHE A 541 20.56 -38.13 -32.24
CA PHE A 541 20.31 -39.01 -33.37
C PHE A 541 21.60 -39.42 -34.09
N ILE A 542 22.61 -38.56 -34.11
CA ILE A 542 23.90 -38.95 -34.70
C ILE A 542 24.58 -40.00 -33.83
N ALA A 543 24.51 -39.83 -32.51
CA ALA A 543 25.05 -40.86 -31.62
C ALA A 543 24.30 -42.17 -31.77
N ARG A 544 22.98 -42.10 -31.95
CA ARG A 544 22.21 -43.30 -32.21
C ARG A 544 22.62 -43.96 -33.53
N PHE A 545 22.87 -43.14 -34.56
CA PHE A 545 23.29 -43.70 -35.84
C PHE A 545 24.68 -44.31 -35.77
N MET A 546 25.58 -43.73 -34.97
CA MET A 546 26.90 -44.33 -34.81
C MET A 546 26.80 -45.71 -34.18
N ALA A 547 25.94 -45.86 -33.17
CA ALA A 547 25.70 -47.19 -32.61
C ALA A 547 25.05 -48.12 -33.63
N PHE A 548 24.20 -47.58 -34.50
CA PHE A 548 23.59 -48.39 -35.54
C PHE A 548 24.61 -48.86 -36.56
N TRP A 549 25.53 -47.98 -36.97
CA TRP A 549 26.52 -48.35 -37.97
C TRP A 549 27.55 -49.32 -37.40
N HIS A 550 27.95 -49.14 -36.15
CA HIS A 550 28.89 -50.06 -35.52
C HIS A 550 28.30 -51.46 -35.41
N ALA A 551 27.03 -51.56 -35.01
CA ALA A 551 26.36 -52.86 -35.01
C ALA A 551 26.16 -53.38 -36.42
N SER A 552 26.00 -52.49 -37.38
CA SER A 552 25.85 -52.91 -38.78
C SER A 552 27.11 -53.62 -39.27
N LYS A 553 28.28 -53.10 -38.94
CA LYS A 553 29.53 -53.76 -39.30
C LYS A 553 29.65 -55.11 -38.61
N ALA A 554 29.27 -55.18 -37.33
CA ALA A 554 29.36 -56.44 -36.59
C ALA A 554 28.45 -57.50 -37.18
N GLN A 555 27.21 -57.13 -37.55
CA GLN A 555 26.30 -58.10 -38.14
C GLN A 555 26.73 -58.49 -39.56
N SER A 556 27.30 -57.54 -40.31
CA SER A 556 27.75 -57.84 -41.66
C SER A 556 28.89 -58.85 -41.66
N ILE A 557 29.72 -58.86 -40.61
CA ILE A 557 30.80 -59.83 -40.52
C ILE A 557 30.24 -61.24 -40.42
N ILE A 558 29.23 -61.44 -39.59
CA ILE A 558 28.63 -62.76 -39.41
C ILE A 558 27.40 -62.90 -40.32
N ASP A 574 36.95 -61.75 -30.24
CA ASP A 574 36.71 -61.25 -31.58
C ASP A 574 36.07 -59.86 -31.57
N ASN A 575 36.08 -59.19 -32.72
CA ASN A 575 35.51 -57.86 -32.81
C ASN A 575 34.00 -57.87 -32.68
N VAL A 576 33.34 -58.93 -33.16
CA VAL A 576 31.89 -59.04 -33.10
C VAL A 576 31.39 -59.36 -31.69
N LYS A 577 32.29 -59.73 -30.78
CA LYS A 577 31.88 -60.17 -29.46
C LYS A 577 31.19 -59.05 -28.67
N TYR A 578 31.69 -57.82 -28.79
CA TYR A 578 31.18 -56.74 -27.97
C TYR A 578 29.70 -56.46 -28.22
N TYR A 579 29.27 -56.54 -29.48
CA TYR A 579 27.92 -56.13 -29.84
C TYR A 579 26.87 -57.20 -29.59
N ASN A 580 27.25 -58.35 -29.05
CA ASN A 580 26.29 -59.35 -28.59
C ASN A 580 25.97 -59.20 -27.10
N LEU A 581 26.68 -58.34 -26.39
CA LEU A 581 26.54 -58.24 -24.94
C LEU A 581 25.23 -57.57 -24.55
N ALA A 582 24.77 -57.87 -23.34
CA ALA A 582 23.57 -57.26 -22.79
C ALA A 582 23.91 -55.87 -22.24
N ARG A 583 22.88 -55.17 -21.76
CA ARG A 583 23.05 -53.78 -21.34
C ARG A 583 23.98 -53.63 -20.15
N ILE A 584 24.07 -54.67 -19.30
CA ILE A 584 24.89 -54.56 -18.10
C ILE A 584 26.36 -54.40 -18.44
N LYS A 585 26.79 -54.95 -19.58
CA LYS A 585 28.20 -54.96 -19.95
C LYS A 585 28.57 -53.89 -20.96
N TRP A 586 27.68 -52.93 -21.22
CA TRP A 586 27.98 -51.88 -22.19
C TRP A 586 29.08 -50.96 -21.68
N ASP A 587 29.84 -50.40 -22.61
CA ASP A 587 30.86 -49.43 -22.27
C ASP A 587 30.21 -48.16 -21.73
N PRO A 588 30.81 -47.51 -20.72
CA PRO A 588 30.22 -46.28 -20.19
C PRO A 588 30.06 -45.18 -21.25
N SER A 589 30.91 -45.15 -22.27
CA SER A 589 30.82 -44.17 -23.34
C SER A 589 30.22 -44.76 -24.62
N ASP A 590 29.32 -45.73 -24.47
CA ASP A 590 28.64 -46.31 -25.61
C ASP A 590 27.79 -45.24 -26.31
N PRO A 591 27.85 -45.11 -27.63
CA PRO A 591 26.98 -44.14 -28.31
C PRO A 591 25.51 -44.35 -28.04
N GLN A 592 25.08 -45.59 -27.80
CA GLN A 592 23.69 -45.83 -27.40
C GLN A 592 23.37 -45.14 -26.08
N ILE A 593 24.29 -45.22 -25.12
CA ILE A 593 24.07 -44.56 -23.83
C ILE A 593 24.06 -43.04 -23.99
N ILE A 594 24.99 -42.51 -24.80
CA ILE A 594 25.03 -41.07 -25.04
C ILE A 594 23.76 -40.61 -25.75
N SER A 595 23.26 -41.43 -26.68
CA SER A 595 22.03 -41.08 -27.39
C SER A 595 20.85 -40.98 -26.43
N GLU A 596 20.71 -41.91 -25.50
CA GLU A 596 19.58 -41.85 -24.58
C GLU A 596 19.72 -40.74 -23.57
N GLY A 597 20.94 -40.47 -23.13
CA GLY A 597 21.13 -39.36 -22.21
C GLY A 597 20.81 -38.01 -22.82
N LEU A 598 21.26 -37.78 -24.06
CA LEU A 598 20.99 -36.51 -24.72
C LEU A 598 19.51 -36.38 -25.11
N TYR A 599 18.90 -37.48 -25.56
CA TYR A 599 17.50 -37.42 -25.98
C TYR A 599 16.59 -37.04 -24.82
N ALA A 600 16.93 -37.45 -23.60
CA ALA A 600 16.14 -37.05 -22.44
C ALA A 600 16.19 -35.55 -22.22
N ILE A 601 17.37 -34.95 -22.39
CA ILE A 601 17.49 -33.50 -22.25
C ILE A 601 16.71 -32.79 -23.35
N ALA A 602 16.80 -33.29 -24.59
CA ALA A 602 16.13 -32.65 -25.70
C ALA A 602 14.61 -32.64 -25.53
N VAL A 603 14.05 -33.75 -25.03
CA VAL A 603 12.60 -33.82 -24.82
C VAL A 603 12.16 -32.79 -23.78
N VAL A 604 12.94 -32.64 -22.70
CA VAL A 604 12.61 -31.63 -21.70
C VAL A 604 12.68 -30.24 -22.29
N LEU A 605 13.72 -29.96 -23.09
CA LEU A 605 13.86 -28.65 -23.70
C LEU A 605 12.80 -28.39 -24.77
N SER A 606 12.39 -29.43 -25.50
CA SER A 606 11.42 -29.23 -26.57
C SER A 606 10.07 -28.79 -26.03
N PHE A 607 9.74 -29.16 -24.80
CA PHE A 607 8.50 -28.72 -24.18
C PHE A 607 8.49 -27.23 -23.88
N SER A 608 9.64 -26.55 -23.98
CA SER A 608 9.73 -25.13 -23.71
C SER A 608 9.34 -24.27 -24.91
N ARG A 609 9.00 -24.87 -26.05
CA ARG A 609 8.52 -24.12 -27.20
C ARG A 609 7.07 -23.68 -27.04
N ILE A 610 6.41 -24.03 -25.94
CA ILE A 610 5.08 -23.50 -25.66
C ILE A 610 5.12 -22.00 -25.43
N ALA A 611 6.31 -21.45 -25.11
CA ALA A 611 6.42 -20.01 -24.91
C ALA A 611 6.16 -19.23 -26.20
N TYR A 612 6.17 -19.87 -27.36
CA TYR A 612 5.79 -19.24 -28.60
C TYR A 612 4.30 -19.28 -28.88
N ILE A 613 3.54 -20.06 -28.10
CA ILE A 613 2.11 -20.19 -28.30
C ILE A 613 1.32 -19.59 -27.14
N LEU A 614 1.87 -19.60 -25.93
CA LEU A 614 1.14 -19.07 -24.77
C LEU A 614 0.77 -17.59 -24.88
N PRO A 615 1.60 -16.68 -25.39
CA PRO A 615 1.21 -15.26 -25.42
C PRO A 615 -0.08 -14.99 -26.18
N ALA A 616 -0.47 -15.85 -27.12
CA ALA A 616 -1.69 -15.62 -27.86
C ALA A 616 -2.92 -15.65 -26.96
N ASN A 617 -2.98 -16.62 -26.03
CA ASN A 617 -4.14 -16.73 -25.17
C ASN A 617 -4.18 -15.60 -24.15
N GLU A 618 -5.37 -15.10 -23.87
CA GLU A 618 -5.52 -13.96 -22.98
C GLU A 618 -5.46 -14.35 -21.50
N SER A 619 -5.60 -15.62 -21.17
CA SER A 619 -5.49 -16.09 -19.79
C SER A 619 -4.12 -16.66 -19.47
N PHE A 620 -3.41 -17.21 -20.46
CA PHE A 620 -2.08 -17.73 -20.25
C PHE A 620 -0.99 -16.73 -20.57
N GLY A 621 -1.27 -15.73 -21.39
CA GLY A 621 -0.30 -14.72 -21.74
C GLY A 621 0.21 -13.91 -20.56
N PRO A 622 -0.69 -13.39 -19.72
CA PRO A 622 -0.23 -12.67 -18.53
C PRO A 622 0.60 -13.51 -17.59
N LEU A 623 0.29 -14.81 -17.48
CA LEU A 623 1.06 -15.68 -16.59
C LEU A 623 2.50 -15.84 -17.07
N GLN A 624 2.70 -15.99 -18.38
CA GLN A 624 4.05 -16.07 -18.92
C GLN A 624 4.81 -14.77 -18.71
N ILE A 625 4.15 -13.63 -18.91
CA ILE A 625 4.81 -12.33 -18.70
C ILE A 625 5.21 -12.18 -17.24
N SER A 626 4.33 -12.56 -16.31
CA SER A 626 4.66 -12.49 -14.89
C SER A 626 5.79 -13.47 -14.55
N LEU A 627 5.79 -14.66 -15.15
CA LEU A 627 6.83 -15.63 -14.87
C LEU A 627 8.19 -15.14 -15.35
N GLY A 628 8.24 -14.46 -16.50
CA GLY A 628 9.50 -13.92 -16.97
C GLY A 628 10.09 -12.88 -16.03
N ARG A 629 9.24 -12.03 -15.46
CA ARG A 629 9.72 -11.04 -14.51
C ARG A 629 10.30 -11.70 -13.26
N THR A 630 9.65 -12.78 -12.79
CA THR A 630 10.15 -13.48 -11.62
C THR A 630 11.52 -14.07 -11.86
N VAL A 631 11.73 -14.68 -13.04
CA VAL A 631 13.02 -15.29 -13.34
C VAL A 631 14.11 -14.24 -13.40
N LYS A 632 13.84 -13.09 -14.01
CA LYS A 632 14.84 -12.04 -14.11
C LYS A 632 15.23 -11.53 -12.73
N ASP A 633 14.26 -11.36 -11.82
CA ASP A 633 14.57 -10.93 -10.47
C ASP A 633 15.40 -11.97 -9.73
N ILE A 634 15.05 -13.25 -9.87
CA ILE A 634 15.81 -14.31 -9.20
C ILE A 634 17.24 -14.34 -9.69
N PHE A 635 17.44 -14.11 -11.00
CA PHE A 635 18.79 -14.09 -11.55
C PHE A 635 19.63 -12.97 -10.94
N LYS A 636 19.00 -11.85 -10.57
CA LYS A 636 19.71 -10.77 -9.91
C LYS A 636 20.28 -11.21 -8.56
N PHE A 637 19.48 -11.96 -7.78
CA PHE A 637 19.92 -12.42 -6.47
C PHE A 637 20.80 -13.66 -6.53
N MET A 638 20.96 -14.28 -7.70
CA MET A 638 21.81 -15.46 -7.81
C MET A 638 23.29 -15.13 -7.64
N VAL A 639 23.68 -13.86 -7.79
CA VAL A 639 25.08 -13.50 -7.61
C VAL A 639 25.50 -13.67 -6.15
N ILE A 640 24.69 -13.15 -5.22
CA ILE A 640 24.98 -13.34 -3.80
C ILE A 640 24.85 -14.81 -3.43
N PHE A 641 23.85 -15.50 -3.98
CA PHE A 641 23.65 -16.91 -3.69
C PHE A 641 24.84 -17.74 -4.14
N ILE A 642 25.39 -17.42 -5.32
CA ILE A 642 26.57 -18.14 -5.81
C ILE A 642 27.77 -17.89 -4.91
N MET A 643 27.98 -16.65 -4.48
CA MET A 643 29.15 -16.33 -3.66
C MET A 643 29.12 -17.10 -2.34
N VAL A 644 27.96 -17.18 -1.70
CA VAL A 644 27.84 -17.96 -0.46
C VAL A 644 27.99 -19.44 -0.74
N PHE A 645 27.43 -19.91 -1.86
CA PHE A 645 27.51 -21.32 -2.19
C PHE A 645 28.95 -21.77 -2.40
N VAL A 646 29.70 -21.01 -3.19
CA VAL A 646 31.10 -21.36 -3.46
C VAL A 646 31.94 -21.25 -2.21
N ALA A 647 31.60 -20.32 -1.31
CA ALA A 647 32.37 -20.15 -0.08
C ALA A 647 32.36 -21.40 0.77
N PHE A 648 31.17 -21.96 1.02
CA PHE A 648 31.08 -23.16 1.84
C PHE A 648 31.51 -24.41 1.07
N MET A 649 31.31 -24.42 -0.24
CA MET A 649 31.68 -25.59 -1.03
C MET A 649 33.17 -25.85 -0.96
N ILE A 650 33.98 -24.80 -1.08
CA ILE A 650 35.42 -24.95 -0.95
C ILE A 650 35.81 -25.20 0.50
N GLY A 651 35.14 -24.52 1.43
CA GLY A 651 35.46 -24.70 2.84
C GLY A 651 35.15 -26.11 3.33
N MET A 652 33.97 -26.62 2.99
CA MET A 652 33.61 -27.98 3.40
C MET A 652 34.51 -29.00 2.72
N PHE A 653 34.83 -28.79 1.44
CA PHE A 653 35.69 -29.73 0.73
C PHE A 653 37.09 -29.79 1.35
N ASN A 654 37.64 -28.63 1.73
CA ASN A 654 38.94 -28.62 2.38
C ASN A 654 38.92 -29.36 3.72
N LEU A 655 37.78 -29.35 4.40
CA LEU A 655 37.68 -30.01 5.69
C LEU A 655 37.65 -31.53 5.54
N TYR A 656 36.87 -32.03 4.59
CA TYR A 656 36.60 -33.46 4.47
C TYR A 656 37.33 -34.13 3.31
N SER A 657 38.26 -33.44 2.66
CA SER A 657 38.96 -34.06 1.54
C SER A 657 39.85 -35.20 1.99
N TYR A 658 40.41 -35.11 3.20
CA TYR A 658 41.33 -36.15 3.68
C TYR A 658 40.58 -37.39 4.15
N TYR A 659 39.37 -37.26 4.65
CA TYR A 659 38.58 -38.39 5.11
C TYR A 659 37.68 -38.91 3.98
N ILE A 660 38.34 -39.34 2.90
CA ILE A 660 37.61 -39.80 1.72
C ILE A 660 36.88 -41.10 2.02
N GLY A 661 37.52 -42.04 2.71
CA GLY A 661 36.89 -43.31 3.02
C GLY A 661 36.37 -43.40 4.44
N ALA A 662 36.67 -42.40 5.26
CA ALA A 662 36.28 -42.44 6.66
C ALA A 662 34.81 -42.12 6.87
N LYS A 663 34.23 -41.25 6.04
CA LYS A 663 32.88 -40.77 6.27
C LYS A 663 31.85 -41.87 6.02
N GLN A 664 30.68 -41.72 6.64
CA GLN A 664 29.60 -42.67 6.45
C GLN A 664 29.10 -42.69 5.01
N ASN A 665 28.93 -41.51 4.42
CA ASN A 665 28.53 -41.38 3.02
C ASN A 665 29.43 -40.36 2.34
N GLU A 666 29.69 -40.59 1.05
CA GLU A 666 30.54 -39.68 0.29
C GLU A 666 29.83 -38.34 0.13
N ALA A 667 30.30 -37.34 0.86
CA ALA A 667 29.73 -36.00 0.80
C ALA A 667 30.78 -35.03 1.33
N PHE A 668 31.01 -33.94 0.58
CA PHE A 668 32.10 -33.00 0.81
C PHE A 668 33.47 -33.64 0.63
N THR A 669 33.53 -34.84 0.04
CA THR A 669 34.81 -35.50 -0.16
C THR A 669 35.55 -34.96 -1.38
N THR A 670 34.86 -34.85 -2.50
CA THR A 670 35.38 -34.23 -3.71
C THR A 670 34.63 -32.94 -4.00
N VAL A 671 35.17 -32.14 -4.91
CA VAL A 671 34.52 -30.88 -5.27
C VAL A 671 33.16 -31.14 -5.91
N GLU A 672 33.09 -32.14 -6.80
CA GLU A 672 31.80 -32.50 -7.38
C GLU A 672 30.85 -33.00 -6.31
N GLU A 673 31.34 -33.82 -5.38
CA GLU A 673 30.48 -34.34 -4.32
C GLU A 673 30.09 -33.25 -3.33
N SER A 674 30.99 -32.31 -3.05
CA SER A 674 30.66 -31.20 -2.16
C SER A 674 29.62 -30.29 -2.80
N PHE A 675 29.74 -30.03 -4.10
CA PHE A 675 28.73 -29.23 -4.79
C PHE A 675 27.37 -29.92 -4.77
N LYS A 676 27.36 -31.24 -5.01
CA LYS A 676 26.09 -31.97 -5.03
C LYS A 676 25.43 -31.96 -3.65
N THR A 677 26.21 -32.15 -2.60
CA THR A 677 25.63 -32.17 -1.26
C THR A 677 25.06 -30.81 -0.87
N LEU A 678 25.80 -29.73 -1.14
CA LEU A 678 25.34 -28.41 -0.75
C LEU A 678 24.16 -27.94 -1.60
N PHE A 679 24.12 -28.32 -2.87
CA PHE A 679 23.00 -27.93 -3.71
C PHE A 679 21.70 -28.57 -3.21
N TRP A 680 21.74 -29.88 -2.96
CA TRP A 680 20.53 -30.57 -2.50
C TRP A 680 20.18 -30.20 -1.07
N ALA A 681 21.13 -29.66 -0.31
CA ALA A 681 20.81 -29.17 1.03
C ALA A 681 19.84 -28.00 0.99
N ILE A 682 19.76 -27.30 -0.16
CA ILE A 682 18.82 -26.20 -0.30
C ILE A 682 17.38 -26.71 -0.17
N PHE A 683 17.07 -27.83 -0.82
CA PHE A 683 15.74 -28.40 -0.81
C PHE A 683 15.53 -29.39 0.34
N GLY A 684 16.39 -29.34 1.36
CA GLY A 684 16.24 -30.23 2.50
C GLY A 684 16.44 -31.69 2.18
N LEU A 685 17.06 -32.01 1.05
CA LEU A 685 17.24 -33.38 0.62
C LEU A 685 18.61 -33.94 0.95
N SER A 686 19.40 -33.22 1.74
CA SER A 686 20.71 -33.69 2.21
C SER A 686 20.63 -33.96 3.70
N GLU A 687 21.03 -35.17 4.11
CA GLU A 687 20.97 -35.56 5.50
C GLU A 687 22.05 -34.86 6.31
N VAL A 688 21.88 -34.89 7.63
CA VAL A 688 22.90 -34.35 8.53
C VAL A 688 24.04 -35.33 8.74
N LYS A 689 23.83 -36.61 8.45
CA LYS A 689 24.89 -37.60 8.64
C LYS A 689 26.01 -37.47 7.62
N SER A 690 25.84 -36.63 6.60
CA SER A 690 26.93 -36.32 5.69
C SER A 690 28.06 -35.58 6.38
N VAL A 691 27.83 -35.07 7.59
CA VAL A 691 28.89 -34.42 8.37
C VAL A 691 29.64 -35.43 9.24
N VAL A 692 29.01 -36.55 9.59
CA VAL A 692 29.58 -37.47 10.58
C VAL A 692 30.72 -38.27 9.96
N ILE A 693 31.77 -38.51 10.76
CA ILE A 693 32.92 -39.30 10.38
C ILE A 693 32.97 -40.54 11.27
N ASN A 694 33.52 -41.64 10.74
CA ASN A 694 33.66 -42.86 11.51
C ASN A 694 34.81 -42.79 12.51
N TYR A 695 35.82 -41.97 12.24
CA TYR A 695 37.00 -41.92 13.09
C TYR A 695 36.67 -41.24 14.43
N ASN A 696 37.68 -41.21 15.30
CA ASN A 696 37.55 -40.60 16.62
C ASN A 696 37.77 -39.09 16.59
N HIS A 697 38.13 -38.52 15.45
CA HIS A 697 38.46 -37.09 15.35
C HIS A 697 37.17 -36.29 15.41
N LYS A 698 36.68 -36.07 16.64
CA LYS A 698 35.46 -35.31 16.84
C LYS A 698 35.67 -33.80 16.67
N PHE A 699 36.92 -33.33 16.64
CA PHE A 699 37.16 -31.92 16.39
C PHE A 699 36.73 -31.55 14.97
N ILE A 700 37.16 -32.33 13.98
CA ILE A 700 36.81 -32.03 12.60
C ILE A 700 35.31 -32.25 12.36
N GLU A 701 34.73 -33.27 12.99
CA GLU A 701 33.30 -33.49 12.85
C GLU A 701 32.50 -32.32 13.41
N ASN A 702 32.93 -31.77 14.55
CA ASN A 702 32.24 -30.62 15.12
C ASN A 702 32.43 -29.37 14.28
N ILE A 703 33.59 -29.23 13.63
CA ILE A 703 33.77 -28.14 12.67
C ILE A 703 32.79 -28.30 11.52
N GLY A 704 32.59 -29.54 11.05
CA GLY A 704 31.65 -29.77 9.98
C GLY A 704 30.22 -29.45 10.36
N TYR A 705 29.84 -29.78 11.60
CA TYR A 705 28.49 -29.46 12.07
C TYR A 705 28.25 -27.97 12.09
N VAL A 706 29.23 -27.19 12.56
CA VAL A 706 29.08 -25.74 12.62
C VAL A 706 28.98 -25.15 11.21
N LEU A 707 29.91 -25.53 10.33
CA LEU A 707 29.91 -24.97 8.98
C LEU A 707 28.65 -25.36 8.21
N TYR A 708 28.22 -26.61 8.34
CA TYR A 708 26.98 -27.03 7.69
C TYR A 708 25.79 -26.32 8.30
N GLY A 709 25.77 -26.14 9.61
CA GLY A 709 24.69 -25.40 10.24
C GLY A 709 24.69 -23.93 9.87
N VAL A 710 25.88 -23.31 9.82
CA VAL A 710 25.98 -21.92 9.41
C VAL A 710 25.56 -21.75 7.96
N TYR A 711 25.86 -22.76 7.12
CA TYR A 711 25.45 -22.71 5.72
C TYR A 711 23.94 -22.63 5.59
N ASN A 712 23.21 -23.45 6.34
CA ASN A 712 21.76 -23.45 6.26
C ASN A 712 21.17 -22.15 6.77
N VAL A 713 21.71 -21.62 7.87
CA VAL A 713 21.24 -20.34 8.39
C VAL A 713 21.49 -19.23 7.38
N THR A 714 22.68 -19.22 6.78
CA THR A 714 22.98 -18.21 5.77
C THR A 714 22.07 -18.34 4.55
N MET A 715 21.80 -19.57 4.13
CA MET A 715 20.96 -19.76 2.95
C MET A 715 19.52 -19.34 3.20
N VAL A 716 18.96 -19.68 4.36
CA VAL A 716 17.59 -19.27 4.65
C VAL A 716 17.51 -17.76 4.83
N ILE A 717 18.60 -17.13 5.28
CA ILE A 717 18.63 -15.68 5.36
C ILE A 717 18.66 -15.06 3.96
N VAL A 718 19.49 -15.61 3.08
CA VAL A 718 19.58 -15.09 1.72
C VAL A 718 18.27 -15.33 0.97
N LEU A 719 17.67 -16.52 1.14
CA LEU A 719 16.40 -16.80 0.49
C LEU A 719 15.29 -15.92 1.06
N LEU A 720 15.33 -15.64 2.37
CA LEU A 720 14.36 -14.73 2.97
C LEU A 720 14.51 -13.33 2.43
N ASN A 721 15.75 -12.86 2.26
CA ASN A 721 15.98 -11.54 1.71
C ASN A 721 15.51 -11.45 0.26
N MET A 722 15.74 -12.50 -0.53
CA MET A 722 15.25 -12.52 -1.91
C MET A 722 13.73 -12.49 -1.95
N LEU A 723 13.07 -13.28 -1.09
CA LEU A 723 11.62 -13.34 -1.10
C LEU A 723 10.99 -11.99 -0.76
N ILE A 724 11.52 -11.32 0.26
CA ILE A 724 10.95 -10.03 0.67
C ILE A 724 11.19 -8.98 -0.40
N ALA A 725 12.39 -8.96 -0.99
CA ALA A 725 12.70 -7.96 -2.00
C ALA A 725 11.88 -8.16 -3.27
N MET A 726 11.57 -9.41 -3.61
CA MET A 726 10.73 -9.66 -4.78
C MET A 726 9.28 -9.26 -4.54
N ILE A 727 8.79 -9.40 -3.30
CA ILE A 727 7.46 -8.92 -2.97
C ILE A 727 7.39 -7.41 -3.14
N ASN A 728 8.44 -6.70 -2.69
CA ASN A 728 8.49 -5.25 -2.88
C ASN A 728 8.47 -4.90 -4.37
N SER A 729 9.28 -5.60 -5.17
CA SER A 729 9.37 -5.30 -6.59
C SER A 729 8.01 -5.42 -7.28
N SER A 730 7.19 -6.39 -6.83
CA SER A 730 5.87 -6.56 -7.42
C SER A 730 4.97 -5.38 -7.08
N PHE A 731 5.04 -4.87 -5.85
CA PHE A 731 4.17 -3.76 -5.44
C PHE A 731 4.66 -2.41 -5.93
N GLN A 732 5.95 -2.27 -6.21
CA GLN A 732 6.47 -0.98 -6.71
C GLN A 732 6.20 -0.84 -8.20
N ASP A 737 0.50 -2.36 -14.70
CA ASP A 737 0.89 -2.23 -16.09
C ASP A 737 0.97 -3.60 -16.76
N ALA A 738 0.60 -4.64 -16.02
CA ALA A 738 0.71 -6.00 -16.53
C ALA A 738 -0.18 -6.22 -17.74
N ASP A 739 -1.37 -5.63 -17.74
CA ASP A 739 -2.28 -5.77 -18.87
C ASP A 739 -1.67 -5.15 -20.13
N VAL A 740 -1.03 -3.99 -19.99
CA VAL A 740 -0.39 -3.36 -21.14
C VAL A 740 0.82 -4.17 -21.59
N GLU A 741 1.56 -4.76 -20.64
CA GLU A 741 2.75 -5.53 -21.01
C GLU A 741 2.38 -6.77 -21.81
N TRP A 742 1.32 -7.48 -21.40
CA TRP A 742 0.91 -8.67 -22.15
C TRP A 742 0.40 -8.31 -23.54
N LYS A 743 -0.44 -7.27 -23.64
CA LYS A 743 -1.02 -6.91 -24.93
C LYS A 743 0.06 -6.50 -25.93
N PHE A 744 1.15 -5.92 -25.45
CA PHE A 744 2.26 -5.62 -26.35
C PHE A 744 2.96 -6.89 -26.79
N ALA A 745 3.11 -7.86 -25.89
CA ALA A 745 3.72 -9.14 -26.25
C ALA A 745 2.84 -9.90 -27.24
N ARG A 746 1.53 -9.88 -27.03
CA ARG A 746 0.62 -10.52 -27.97
C ARG A 746 0.67 -9.83 -29.33
N ALA A 747 0.74 -8.50 -29.34
CA ALA A 747 0.82 -7.76 -30.60
C ALA A 747 2.11 -8.07 -31.34
N LYS A 748 3.24 -8.19 -30.61
CA LYS A 748 4.48 -8.61 -31.25
C LYS A 748 4.36 -10.02 -31.81
N LEU A 749 3.61 -10.89 -31.13
CA LEU A 749 3.35 -12.22 -31.66
C LEU A 749 2.55 -12.15 -32.96
N TRP A 750 1.54 -11.28 -33.01
CA TRP A 750 0.71 -11.17 -34.21
C TRP A 750 1.53 -10.73 -35.41
N PHE A 751 2.39 -9.73 -35.24
CA PHE A 751 3.16 -9.20 -36.35
C PHE A 751 4.14 -10.21 -36.92
N SER A 752 4.44 -11.28 -36.17
CA SER A 752 5.24 -12.37 -36.73
C SER A 752 4.52 -13.05 -37.87
N TYR A 753 3.22 -13.27 -37.73
CA TYR A 753 2.42 -13.96 -38.73
C TYR A 753 1.83 -13.03 -39.78
N PHE A 754 1.94 -11.72 -39.60
CA PHE A 754 1.37 -10.79 -40.57
C PHE A 754 2.09 -10.87 -41.90
N GLU A 755 3.41 -11.06 -41.88
CA GLU A 755 4.17 -11.19 -43.11
C GLU A 755 3.69 -12.39 -43.91
N GLU A 756 3.85 -12.29 -45.24
CA GLU A 756 3.45 -13.42 -46.09
C GLU A 756 4.25 -14.67 -45.75
N GLY A 757 5.56 -14.52 -45.57
CA GLY A 757 6.44 -15.53 -44.99
C GLY A 757 6.17 -16.97 -45.37
N ARG A 758 6.02 -17.82 -44.35
CA ARG A 758 5.83 -19.25 -44.53
C ARG A 758 4.43 -19.66 -44.09
N THR A 759 3.75 -20.44 -44.91
CA THR A 759 2.42 -20.92 -44.61
C THR A 759 2.40 -22.36 -44.11
N LEU A 760 3.26 -23.22 -44.64
CA LEU A 760 3.23 -24.61 -44.20
C LEU A 760 4.11 -24.81 -42.97
N PRO A 761 3.67 -25.67 -42.05
CA PRO A 761 4.37 -25.82 -40.78
C PRO A 761 5.70 -26.54 -40.86
N VAL A 762 6.26 -26.86 -39.69
CA VAL A 762 7.63 -27.38 -39.62
C VAL A 762 7.84 -28.65 -40.45
N PRO A 763 7.02 -29.69 -40.33
CA PRO A 763 7.32 -30.92 -41.10
C PRO A 763 7.27 -30.72 -42.61
N PHE A 764 6.49 -29.76 -43.09
CA PHE A 764 6.22 -29.64 -44.52
C PHE A 764 6.96 -28.49 -45.19
N ASN A 765 7.75 -27.70 -44.46
CA ASN A 765 8.50 -26.66 -45.12
C ASN A 765 9.79 -27.17 -45.75
N LEU A 766 10.13 -28.45 -45.53
CA LEU A 766 11.30 -29.02 -46.19
C LEU A 766 11.05 -29.22 -47.69
N VAL A 767 9.89 -29.76 -48.04
CA VAL A 767 9.60 -30.10 -49.44
C VAL A 767 9.30 -28.82 -50.22
N PRO A 768 9.93 -28.60 -51.38
CA PRO A 768 9.67 -27.44 -52.23
C PRO A 768 8.46 -27.64 -53.13
N ARG A 853 -5.99 15.80 -49.54
CA ARG A 853 -5.38 16.23 -48.29
C ARG A 853 -6.28 15.95 -47.10
N GLN A 854 -6.99 14.83 -47.14
CA GLN A 854 -7.84 14.44 -46.02
C GLN A 854 -7.03 14.17 -44.76
N TYR A 855 -5.79 13.70 -44.91
CA TYR A 855 -4.96 13.45 -43.74
C TYR A 855 -4.59 14.74 -43.01
N GLN A 856 -4.27 15.79 -43.76
CA GLN A 856 -3.98 17.07 -43.12
C GLN A 856 -5.22 17.64 -42.43
N LYS A 857 -6.39 17.45 -43.04
CA LYS A 857 -7.62 17.91 -42.43
C LYS A 857 -7.92 17.16 -41.13
N ILE A 858 -7.71 15.84 -41.13
CA ILE A 858 -7.99 15.05 -39.94
C ILE A 858 -6.99 15.36 -38.83
N MET A 859 -5.72 15.55 -39.18
CA MET A 859 -4.72 15.88 -38.18
C MET A 859 -5.03 17.23 -37.53
N LYS A 860 -5.43 18.22 -38.32
CA LYS A 860 -5.84 19.50 -37.75
C LYS A 860 -7.05 19.32 -36.83
N ARG A 861 -8.01 18.49 -37.23
CA ARG A 861 -9.17 18.24 -36.39
C ARG A 861 -8.77 17.59 -35.07
N LEU A 862 -7.86 16.61 -35.12
CA LEU A 862 -7.46 15.91 -33.90
C LEU A 862 -6.51 16.74 -33.04
N ILE A 863 -5.66 17.55 -33.66
CA ILE A 863 -4.76 18.41 -32.87
C ILE A 863 -5.57 19.42 -32.07
N LYS A 864 -6.55 20.06 -32.72
CA LYS A 864 -7.40 21.01 -32.01
C LYS A 864 -8.16 20.33 -30.88
N ARG A 865 -8.69 19.14 -31.13
CA ARG A 865 -9.38 18.38 -30.09
C ARG A 865 -8.44 18.01 -28.96
N TYR A 866 -7.15 17.76 -29.27
CA TYR A 866 -6.19 17.48 -28.21
C TYR A 866 -5.93 18.70 -27.36
N VAL A 867 -5.81 19.88 -27.99
CA VAL A 867 -5.54 21.11 -27.25
C VAL A 867 -6.70 21.42 -26.31
N LEU A 868 -7.94 21.30 -26.80
CA LEU A 868 -9.09 21.56 -25.95
C LEU A 868 -9.15 20.58 -24.77
N GLN A 869 -8.92 19.30 -25.04
CA GLN A 869 -8.97 18.32 -23.96
C GLN A 869 -7.81 18.51 -22.98
N ALA A 870 -6.64 18.89 -23.49
CA ALA A 870 -5.51 19.14 -22.61
C ALA A 870 -5.79 20.30 -21.67
N GLN A 871 -6.43 21.36 -22.17
CA GLN A 871 -6.79 22.49 -21.32
C GLN A 871 -7.87 22.12 -20.32
N ILE A 872 -8.81 21.25 -20.71
CA ILE A 872 -9.83 20.78 -19.77
C ILE A 872 -9.19 20.01 -18.64
N ASP A 873 -8.23 19.13 -18.95
CA ASP A 873 -7.56 18.36 -17.91
C ASP A 873 -6.74 19.25 -16.99
N LYS A 874 -6.13 20.30 -17.53
CA LYS A 874 -5.43 21.27 -16.69
C LYS A 874 -6.41 22.00 -15.78
N GLU A 875 -7.59 22.33 -16.29
CA GLU A 875 -8.63 22.90 -15.44
C GLU A 875 -9.17 21.90 -14.42
N SER A 876 -8.92 20.61 -14.60
CA SER A 876 -9.40 19.66 -13.60
C SER A 876 -8.45 19.49 -12.42
N ASP A 877 -7.32 20.19 -12.45
CA ASP A 877 -6.34 20.13 -11.38
C ASP A 877 -6.81 20.91 -10.16
N GLU A 878 -6.44 20.45 -8.98
CA GLU A 878 -6.82 21.11 -7.73
C GLU A 878 -6.20 22.50 -7.59
N VAL A 879 -6.97 23.42 -7.02
CA VAL A 879 -6.50 24.79 -6.82
C VAL A 879 -5.44 24.84 -5.73
N ASN A 880 -4.41 25.67 -5.93
CA ASN A 880 -3.34 25.80 -4.98
C ASN A 880 -3.37 27.16 -4.30
N GLU A 881 -2.37 27.44 -3.48
CA GLU A 881 -2.29 28.69 -2.72
C GLU A 881 -1.91 29.89 -3.58
N GLY A 882 -1.20 29.64 -4.67
CA GLY A 882 -0.73 30.63 -5.59
C GLY A 882 -1.86 31.15 -6.44
N GLU A 883 -2.70 30.26 -6.92
CA GLU A 883 -3.86 30.62 -7.71
C GLU A 883 -4.89 31.39 -6.94
N LEU A 884 -5.11 31.03 -5.69
CA LEU A 884 -6.11 31.70 -4.88
C LEU A 884 -5.65 33.08 -4.51
N LYS A 885 -4.35 33.27 -4.42
CA LYS A 885 -3.75 34.56 -4.14
C LYS A 885 -3.90 35.49 -5.33
N GLU A 886 -3.79 34.97 -6.53
CA GLU A 886 -3.96 35.79 -7.71
C GLU A 886 -5.39 36.27 -7.73
N ILE A 887 -6.29 35.44 -7.23
CA ILE A 887 -7.69 35.87 -7.14
C ILE A 887 -7.91 36.90 -6.05
N LYS A 888 -7.20 36.74 -4.95
CA LYS A 888 -7.23 37.67 -3.83
C LYS A 888 -6.68 39.02 -4.20
N GLN A 889 -5.66 39.03 -5.06
CA GLN A 889 -5.03 40.26 -5.52
C GLN A 889 -5.93 41.00 -6.47
N ASP A 890 -6.81 40.28 -7.16
CA ASP A 890 -7.78 40.87 -8.06
C ASP A 890 -8.76 41.68 -7.25
N ILE A 891 -9.23 41.12 -6.13
CA ILE A 891 -10.16 41.81 -5.26
C ILE A 891 -9.52 43.03 -4.65
N SER A 892 -8.24 42.90 -4.30
CA SER A 892 -7.46 43.98 -3.73
C SER A 892 -7.27 45.14 -4.68
N SER A 893 -7.11 44.85 -5.97
CA SER A 893 -6.90 45.93 -6.91
C SER A 893 -8.22 46.57 -7.24
N LEU A 894 -9.27 45.77 -7.31
CA LEU A 894 -10.62 46.29 -7.56
C LEU A 894 -11.04 47.24 -6.46
N ARG A 895 -10.66 46.95 -5.21
CA ARG A 895 -10.99 47.84 -4.10
C ARG A 895 -10.34 49.21 -4.28
N TYR A 896 -9.06 49.24 -4.66
CA TYR A 896 -8.38 50.51 -4.85
C TYR A 896 -8.97 51.28 -6.02
N GLU A 897 -9.33 50.58 -7.10
CA GLU A 897 -9.90 51.26 -8.26
C GLU A 897 -11.26 51.87 -7.94
N LEU A 898 -12.12 51.13 -7.22
CA LEU A 898 -13.47 51.61 -6.97
C LEU A 898 -13.49 52.72 -5.93
N LEU A 899 -12.68 52.59 -4.87
CA LEU A 899 -12.67 53.60 -3.82
C LEU A 899 -12.13 54.93 -4.34
N GLU A 900 -11.04 54.89 -5.11
CA GLU A 900 -10.54 56.11 -5.74
C GLU A 900 -11.54 56.66 -6.75
N GLU A 901 -12.18 55.78 -7.52
CA GLU A 901 -13.12 56.23 -8.54
C GLU A 901 -14.25 57.04 -7.93
N LYS A 902 -14.93 56.48 -6.93
CA LYS A 902 -16.05 57.18 -6.30
C LYS A 902 -15.59 58.43 -5.56
N SER A 903 -14.42 58.38 -4.94
CA SER A 903 -13.86 59.56 -4.28
C SER A 903 -13.58 60.66 -5.30
N GLN A 904 -13.02 60.29 -6.46
CA GLN A 904 -12.80 61.26 -7.53
C GLN A 904 -14.12 61.78 -8.07
N ASN A 905 -15.14 60.91 -8.15
CA ASN A 905 -16.43 61.34 -8.70
C ASN A 905 -17.04 62.46 -7.86
N THR A 906 -16.97 62.34 -6.53
CA THR A 906 -17.53 63.37 -5.66
C THR A 906 -16.66 64.61 -5.58
N GLU A 907 -15.34 64.47 -5.65
CA GLU A 907 -14.46 65.62 -5.57
C GLU A 907 -14.68 66.57 -6.75
N ASP A 908 -14.72 66.01 -7.96
CA ASP A 908 -15.03 66.83 -9.14
C ASP A 908 -16.44 67.38 -9.06
N LEU A 909 -17.38 66.56 -8.56
CA LEU A 909 -18.77 66.98 -8.45
C LEU A 909 -18.94 68.12 -7.45
N ALA A 910 -18.39 67.95 -6.24
CA ALA A 910 -18.54 68.97 -5.21
C ALA A 910 -17.84 70.26 -5.60
N GLU A 911 -16.76 70.17 -6.40
CA GLU A 911 -16.13 71.37 -6.91
C GLU A 911 -17.06 72.13 -7.84
N LEU A 912 -17.80 71.40 -8.69
CA LEU A 912 -18.77 72.04 -9.57
C LEU A 912 -19.89 72.70 -8.78
N ILE A 913 -20.38 72.02 -7.73
CA ILE A 913 -21.41 72.60 -6.88
C ILE A 913 -20.85 73.79 -6.11
N ARG A 914 -19.57 73.73 -5.72
CA ARG A 914 -18.94 74.87 -5.07
C ARG A 914 -18.90 76.07 -6.00
N GLU A 915 -18.62 75.85 -7.29
CA GLU A 915 -18.72 76.92 -8.27
C GLU A 915 -20.15 77.42 -8.39
N LEU A 916 -21.13 76.50 -8.34
CA LEU A 916 -22.53 76.90 -8.37
C LEU A 916 -22.89 77.74 -7.16
N GLY A 917 -22.39 77.36 -5.97
CA GLY A 917 -22.65 78.15 -4.79
C GLY A 917 -22.03 79.53 -4.86
N GLU A 918 -20.84 79.63 -5.45
CA GLU A 918 -20.20 80.93 -5.63
C GLU A 918 -21.02 81.80 -6.57
N LYS A 919 -21.55 81.21 -7.65
CA LYS A 919 -22.39 81.97 -8.57
C LYS A 919 -23.67 82.43 -7.89
N LEU A 920 -24.27 81.58 -7.05
CA LEU A 920 -25.50 81.88 -6.34
C LEU A 920 -26.63 82.28 -7.28
N LEU B 95 -44.84 26.95 -12.72
CA LEU B 95 -44.77 28.11 -11.83
C LEU B 95 -45.46 29.33 -12.46
N SER B 96 -45.15 30.50 -11.91
CA SER B 96 -45.65 31.77 -12.41
C SER B 96 -44.49 32.70 -12.69
N ILE B 97 -44.70 33.64 -13.61
CA ILE B 97 -43.63 34.58 -13.98
C ILE B 97 -43.19 35.40 -12.77
N GLU B 98 -44.15 35.92 -12.03
CA GLU B 98 -43.84 36.70 -10.82
C GLU B 98 -43.13 35.82 -9.79
N GLU B 99 -43.67 34.63 -9.55
CA GLU B 99 -43.08 33.73 -8.56
C GLU B 99 -41.71 33.23 -9.01
N GLU B 100 -41.57 32.93 -10.31
CA GLU B 100 -40.27 32.48 -10.81
C GLU B 100 -39.22 33.58 -10.69
N ARG B 101 -39.60 34.81 -11.01
CA ARG B 101 -38.68 35.94 -10.84
C ARG B 101 -38.32 36.13 -9.37
N PHE B 102 -39.30 35.99 -8.47
CA PHE B 102 -39.02 36.14 -7.04
C PHE B 102 -38.06 35.06 -6.54
N LEU B 103 -38.28 33.81 -6.94
CA LEU B 103 -37.39 32.73 -6.52
C LEU B 103 -36.00 32.89 -7.10
N ASP B 104 -35.90 33.31 -8.37
CA ASP B 104 -34.60 33.54 -8.97
C ASP B 104 -33.84 34.66 -8.27
N ALA B 105 -34.55 35.74 -7.93
CA ALA B 105 -33.90 36.85 -7.23
C ALA B 105 -33.48 36.45 -5.82
N ALA B 106 -34.31 35.68 -5.12
CA ALA B 106 -33.96 35.26 -3.77
C ALA B 106 -32.83 34.25 -3.76
N GLU B 107 -32.71 33.44 -4.82
CA GLU B 107 -31.64 32.45 -4.85
C GLU B 107 -30.29 33.08 -5.12
N TYR B 108 -30.23 34.07 -6.01
CA TYR B 108 -28.97 34.63 -6.50
C TYR B 108 -28.63 35.97 -5.85
N GLY B 109 -29.14 36.22 -4.65
CA GLY B 109 -28.72 37.38 -3.89
C GLY B 109 -29.15 38.72 -4.46
N ASN B 110 -30.20 38.74 -5.28
CA ASN B 110 -30.71 39.99 -5.85
C ASN B 110 -31.55 40.68 -4.78
N ILE B 111 -30.84 41.29 -3.82
CA ILE B 111 -31.51 41.91 -2.68
C ILE B 111 -32.47 43.03 -3.08
N PRO B 112 -32.09 43.98 -3.96
CA PRO B 112 -33.05 45.05 -4.30
C PRO B 112 -34.34 44.54 -4.91
N VAL B 113 -34.27 43.51 -5.76
CA VAL B 113 -35.47 43.03 -6.43
C VAL B 113 -36.38 42.31 -5.44
N VAL B 114 -35.82 41.49 -4.55
CA VAL B 114 -36.66 40.80 -3.57
C VAL B 114 -37.26 41.82 -2.60
N ARG B 115 -36.51 42.85 -2.22
CA ARG B 115 -37.07 43.87 -1.35
C ARG B 115 -38.22 44.61 -2.02
N LYS B 116 -38.05 44.99 -3.29
CA LYS B 116 -39.11 45.67 -4.01
C LYS B 116 -40.35 44.79 -4.15
N MET B 117 -40.15 43.50 -4.45
CA MET B 117 -41.29 42.60 -4.60
C MET B 117 -42.01 42.38 -3.28
N LEU B 118 -41.25 42.26 -2.18
CA LEU B 118 -41.88 42.13 -0.87
C LEU B 118 -42.68 43.37 -0.51
N GLU B 119 -42.21 44.55 -0.92
CA GLU B 119 -42.87 45.79 -0.54
C GLU B 119 -43.89 46.29 -1.57
N GLU B 120 -44.04 45.64 -2.72
CA GLU B 120 -44.88 46.22 -3.76
C GLU B 120 -45.84 45.27 -4.47
N CYS B 121 -45.79 43.97 -4.23
CA CYS B 121 -46.61 43.05 -5.04
C CYS B 121 -48.00 42.84 -4.45
N HIS B 122 -48.08 42.44 -3.19
CA HIS B 122 -49.31 42.21 -2.44
C HIS B 122 -50.10 41.00 -2.96
N SER B 123 -49.64 40.37 -4.05
CA SER B 123 -50.26 39.15 -4.57
C SER B 123 -49.30 37.96 -4.61
N LEU B 124 -48.01 38.21 -4.81
CA LEU B 124 -47.02 37.15 -4.73
C LEU B 124 -46.98 36.59 -3.31
N ASN B 125 -47.09 35.26 -3.20
CA ASN B 125 -46.99 34.58 -1.91
C ASN B 125 -45.54 34.20 -1.64
N VAL B 126 -45.07 34.49 -0.43
CA VAL B 126 -43.69 34.23 -0.09
C VAL B 126 -43.37 32.74 -0.05
N ASN B 127 -44.39 31.89 0.06
CA ASN B 127 -44.21 30.46 0.23
C ASN B 127 -44.16 29.70 -1.10
N CYS B 128 -44.07 30.39 -2.22
CA CYS B 128 -43.93 29.71 -3.50
C CYS B 128 -42.62 28.94 -3.56
N VAL B 129 -42.66 27.74 -4.14
CA VAL B 129 -41.51 26.86 -4.16
C VAL B 129 -41.08 26.60 -5.59
N ASP B 130 -39.81 26.24 -5.75
CA ASP B 130 -39.22 25.96 -7.06
C ASP B 130 -39.37 24.48 -7.40
N TYR B 131 -38.62 24.02 -8.41
CA TYR B 131 -38.73 22.64 -8.86
C TYR B 131 -38.41 21.64 -7.77
N MET B 132 -37.63 22.04 -6.76
CA MET B 132 -37.22 21.17 -5.68
C MET B 132 -38.01 21.41 -4.40
N GLY B 133 -39.08 22.19 -4.47
CA GLY B 133 -39.88 22.48 -3.28
C GLY B 133 -39.18 23.31 -2.24
N GLN B 134 -38.35 24.27 -2.66
CA GLN B 134 -37.64 25.17 -1.76
C GLN B 134 -38.18 26.58 -1.98
N ASN B 135 -38.73 27.19 -0.94
CA ASN B 135 -39.29 28.53 -1.07
C ASN B 135 -38.16 29.55 -1.03
N ALA B 136 -38.53 30.84 -0.91
CA ALA B 136 -37.52 31.89 -0.94
C ALA B 136 -36.57 31.78 0.25
N LEU B 137 -37.09 31.48 1.43
CA LEU B 137 -36.25 31.43 2.62
C LEU B 137 -35.21 30.32 2.53
N GLN B 138 -35.62 29.13 2.07
CA GLN B 138 -34.69 28.01 1.97
C GLN B 138 -33.62 28.27 0.91
N LEU B 139 -33.99 28.91 -0.20
CA LEU B 139 -33.01 29.27 -1.20
C LEU B 139 -32.03 30.31 -0.67
N ALA B 140 -32.53 31.33 0.04
CA ALA B 140 -31.65 32.35 0.59
C ALA B 140 -30.69 31.77 1.62
N VAL B 141 -31.19 30.87 2.47
CA VAL B 141 -30.32 30.24 3.47
C VAL B 141 -29.30 29.33 2.80
N ALA B 142 -29.72 28.58 1.79
CA ALA B 142 -28.82 27.62 1.15
C ALA B 142 -27.64 28.31 0.48
N ASN B 143 -27.85 29.51 -0.06
CA ASN B 143 -26.78 30.24 -0.73
C ASN B 143 -26.10 31.26 0.19
N GLU B 144 -26.46 31.29 1.47
CA GLU B 144 -25.87 32.19 2.45
C GLU B 144 -26.07 33.66 2.04
N HIS B 145 -27.34 34.05 1.90
CA HIS B 145 -27.73 35.42 1.63
C HIS B 145 -28.33 35.99 2.91
N LEU B 146 -27.48 36.55 3.76
CA LEU B 146 -27.94 37.05 5.05
C LEU B 146 -28.89 38.22 4.88
N GLU B 147 -28.59 39.13 3.95
CA GLU B 147 -29.42 40.30 3.76
C GLU B 147 -30.82 39.93 3.27
N ILE B 148 -30.91 38.98 2.34
CA ILE B 148 -32.22 38.49 1.90
C ILE B 148 -32.89 37.70 3.02
N THR B 149 -32.10 36.95 3.80
CA THR B 149 -32.67 36.15 4.88
C THR B 149 -33.37 37.03 5.90
N GLU B 150 -32.74 38.13 6.30
CA GLU B 150 -33.37 39.02 7.28
C GLU B 150 -34.64 39.66 6.73
N LEU B 151 -34.61 40.10 5.47
CA LEU B 151 -35.79 40.67 4.86
C LEU B 151 -36.94 39.68 4.84
N LEU B 152 -36.66 38.42 4.47
CA LEU B 152 -37.70 37.40 4.48
C LEU B 152 -38.19 37.13 5.90
N LEU B 153 -37.27 37.07 6.87
CA LEU B 153 -37.67 36.76 8.24
C LEU B 153 -38.55 37.85 8.83
N LYS B 154 -38.42 39.09 8.35
CA LYS B 154 -39.34 40.12 8.82
C LYS B 154 -40.78 39.89 8.36
N LYS B 155 -41.01 39.02 7.38
CA LYS B 155 -42.36 38.66 6.99
C LYS B 155 -43.00 37.76 8.04
N GLU B 156 -44.33 37.84 8.14
CA GLU B 156 -45.07 37.15 9.19
C GLU B 156 -45.49 35.74 8.79
N ASN B 157 -45.97 35.56 7.55
CA ASN B 157 -46.49 34.28 7.08
C ASN B 157 -45.42 33.44 6.39
N LEU B 158 -44.16 33.59 6.77
CA LEU B 158 -43.08 32.86 6.14
C LEU B 158 -43.02 31.44 6.70
N SER B 159 -43.22 30.46 5.83
CA SER B 159 -43.15 29.06 6.22
C SER B 159 -41.73 28.53 6.12
N ARG B 160 -41.54 27.30 6.60
CA ARG B 160 -40.25 26.60 6.55
C ARG B 160 -39.16 27.37 7.29
N VAL B 161 -39.54 28.09 8.35
CA VAL B 161 -38.55 28.83 9.14
C VAL B 161 -37.71 27.88 9.98
N GLY B 162 -38.33 26.90 10.63
CA GLY B 162 -37.58 25.93 11.40
C GLY B 162 -36.66 25.08 10.54
N ASP B 163 -37.16 24.65 9.38
CA ASP B 163 -36.30 23.95 8.44
C ASP B 163 -35.17 24.84 7.94
N ALA B 164 -35.44 26.14 7.77
CA ALA B 164 -34.39 27.06 7.39
C ALA B 164 -33.32 27.14 8.48
N LEU B 165 -33.72 27.15 9.75
CA LEU B 165 -32.74 27.11 10.83
C LEU B 165 -31.92 25.84 10.76
N LEU B 166 -32.56 24.70 10.53
CA LEU B 166 -31.83 23.43 10.46
C LEU B 166 -30.84 23.43 9.30
N LEU B 167 -31.26 23.92 8.14
CA LEU B 167 -30.37 23.99 6.99
C LEU B 167 -29.21 24.95 7.23
N ALA B 168 -29.47 26.10 7.85
CA ALA B 168 -28.41 27.04 8.17
C ALA B 168 -27.41 26.43 9.15
N ILE B 169 -27.92 25.70 10.14
CA ILE B 169 -27.03 25.04 11.09
C ILE B 169 -26.15 24.00 10.40
N SER B 170 -26.75 23.20 9.52
CA SER B 170 -26.00 22.12 8.88
C SER B 170 -24.90 22.64 7.94
N LYS B 171 -25.01 23.86 7.45
CA LYS B 171 -24.03 24.43 6.54
C LYS B 171 -23.04 25.36 7.22
N GLY B 172 -23.12 25.52 8.53
CA GLY B 172 -22.35 26.55 9.23
C GLY B 172 -23.14 27.86 9.36
N TYR B 173 -22.74 28.87 8.59
CA TYR B 173 -23.51 30.10 8.41
C TYR B 173 -23.97 30.67 9.75
N VAL B 174 -22.98 31.09 10.55
CA VAL B 174 -23.26 31.54 11.91
C VAL B 174 -24.19 32.75 11.91
N ARG B 175 -23.93 33.72 11.03
CA ARG B 175 -24.73 34.94 11.02
C ARG B 175 -26.19 34.63 10.68
N ILE B 176 -26.41 33.77 9.68
CA ILE B 176 -27.78 33.42 9.30
C ILE B 176 -28.44 32.62 10.41
N VAL B 177 -27.67 31.76 11.10
CA VAL B 177 -28.25 30.98 12.20
C VAL B 177 -28.72 31.91 13.30
N GLU B 178 -27.90 32.91 13.66
CA GLU B 178 -28.31 33.87 14.68
C GLU B 178 -29.52 34.68 14.22
N ALA B 179 -29.53 35.08 12.95
CA ALA B 179 -30.67 35.84 12.42
C ALA B 179 -31.96 35.03 12.50
N ILE B 180 -31.90 33.74 12.17
CA ILE B 180 -33.09 32.89 12.26
C ILE B 180 -33.48 32.67 13.71
N LEU B 181 -32.50 32.53 14.61
CA LEU B 181 -32.81 32.40 16.02
C LEU B 181 -33.49 33.66 16.55
N SER B 182 -33.26 34.80 15.91
CA SER B 182 -33.96 36.02 16.28
C SER B 182 -35.45 35.97 15.96
N HIS B 183 -35.90 34.98 15.18
CA HIS B 183 -37.30 34.87 14.81
C HIS B 183 -38.15 34.61 16.05
N PRO B 184 -39.38 35.14 16.10
CA PRO B 184 -40.22 34.92 17.28
C PRO B 184 -40.58 33.47 17.56
N ALA B 185 -40.51 32.60 16.55
CA ALA B 185 -40.83 31.18 16.77
C ALA B 185 -39.83 30.51 17.70
N PHE B 186 -38.60 31.03 17.79
CA PHE B 186 -37.58 30.48 18.66
C PHE B 186 -37.40 31.29 19.95
N ALA B 187 -38.43 32.03 20.35
CA ALA B 187 -38.36 32.78 21.60
C ALA B 187 -38.30 31.80 22.77
N GLU B 188 -37.24 31.93 23.58
CA GLU B 188 -37.02 31.16 24.80
C GLU B 188 -36.67 29.71 24.52
N GLY B 189 -36.73 29.29 23.26
CA GLY B 189 -36.32 27.94 22.92
C GLY B 189 -37.33 27.10 22.16
N LYS B 190 -36.86 26.47 21.08
CA LYS B 190 -37.57 25.45 20.33
C LYS B 190 -36.65 24.28 20.01
N ARG B 191 -35.59 24.12 20.80
CA ARG B 191 -34.49 23.20 20.52
C ARG B 191 -34.51 21.94 21.36
N LEU B 192 -35.59 21.71 22.12
CA LEU B 192 -35.69 20.53 22.96
C LEU B 192 -35.76 19.26 22.13
N ASP B 204 -44.05 19.52 16.47
CA ASP B 204 -44.58 18.74 15.35
C ASP B 204 -44.54 19.56 14.06
N ASP B 205 -44.01 18.96 13.00
CA ASP B 205 -44.04 19.48 11.63
C ASP B 205 -43.37 20.85 11.52
N PHE B 206 -42.78 21.33 12.61
CA PHE B 206 -42.13 22.63 12.59
C PHE B 206 -40.86 22.60 11.75
N TYR B 207 -40.18 21.46 11.69
CA TYR B 207 -38.95 21.33 10.94
C TYR B 207 -39.14 20.61 9.61
N ALA B 208 -40.37 20.52 9.12
CA ALA B 208 -40.64 19.91 7.83
C ALA B 208 -40.17 20.83 6.70
N TYR B 209 -39.47 20.28 5.73
CA TYR B 209 -38.96 21.05 4.60
C TYR B 209 -39.84 20.95 3.36
N ASP B 210 -40.93 20.19 3.43
CA ASP B 210 -41.91 20.13 2.36
C ASP B 210 -43.23 19.70 2.98
N GLU B 211 -44.21 19.35 2.14
CA GLU B 211 -45.50 18.92 2.65
C GLU B 211 -45.38 17.61 3.42
N ASP B 212 -44.57 16.67 2.92
CA ASP B 212 -44.41 15.36 3.53
C ASP B 212 -42.92 15.09 3.74
N GLY B 213 -42.48 15.17 4.99
CA GLY B 213 -41.13 14.82 5.37
C GLY B 213 -40.35 16.00 5.92
N THR B 214 -39.21 15.66 6.53
CA THR B 214 -38.26 16.63 7.05
C THR B 214 -36.89 16.40 6.45
N ARG B 215 -36.08 17.46 6.38
CA ARG B 215 -34.79 17.35 5.71
C ARG B 215 -33.88 16.36 6.40
N PHE B 216 -33.82 16.40 7.72
CA PHE B 216 -33.01 15.48 8.51
C PHE B 216 -33.91 14.50 9.25
N SER B 217 -33.30 13.59 10.00
CA SER B 217 -34.06 12.66 10.80
C SER B 217 -34.92 13.44 11.79
N HIS B 218 -36.16 12.97 11.97
CA HIS B 218 -37.14 13.74 12.73
C HIS B 218 -36.69 13.96 14.18
N ASP B 219 -35.83 13.11 14.71
CA ASP B 219 -35.35 13.26 16.08
C ASP B 219 -34.18 14.24 16.20
N VAL B 220 -33.62 14.70 15.09
CA VAL B 220 -32.44 15.57 15.11
C VAL B 220 -32.94 17.01 15.33
N THR B 221 -32.78 17.50 16.55
CA THR B 221 -33.11 18.86 16.90
C THR B 221 -31.94 19.78 16.56
N PRO B 222 -32.13 21.11 16.63
CA PRO B 222 -31.02 22.01 16.30
C PRO B 222 -29.76 21.76 17.11
N ILE B 223 -29.89 21.44 18.40
CA ILE B 223 -28.70 21.22 19.21
C ILE B 223 -27.98 19.94 18.79
N ILE B 224 -28.75 18.90 18.44
CA ILE B 224 -28.14 17.66 17.98
C ILE B 224 -27.46 17.88 16.63
N LEU B 225 -28.12 18.61 15.73
CA LEU B 225 -27.53 18.86 14.42
C LEU B 225 -26.27 19.70 14.53
N ALA B 226 -26.28 20.71 15.39
CA ALA B 226 -25.10 21.55 15.57
C ALA B 226 -23.95 20.75 16.17
N ALA B 227 -24.25 19.82 17.08
CA ALA B 227 -23.23 18.94 17.63
C ALA B 227 -22.67 18.00 16.56
N HIS B 228 -23.52 17.48 15.68
CA HIS B 228 -23.06 16.58 14.63
C HIS B 228 -22.04 17.26 13.73
N CYS B 229 -22.31 18.49 13.32
CA CYS B 229 -21.40 19.24 12.47
C CYS B 229 -20.26 19.89 13.24
N GLN B 230 -20.24 19.72 14.56
CA GLN B 230 -19.29 20.34 15.47
C GLN B 230 -19.01 21.80 15.09
N GLU B 231 -20.08 22.58 15.05
CA GLU B 231 -20.01 24.03 14.89
C GLU B 231 -19.90 24.62 16.29
N TYR B 232 -18.68 24.99 16.69
CA TYR B 232 -18.47 25.45 18.06
C TYR B 232 -19.22 26.73 18.36
N GLU B 233 -19.31 27.63 17.38
CA GLU B 233 -20.04 28.88 17.60
C GLU B 233 -21.54 28.63 17.76
N ILE B 234 -22.11 27.77 16.92
CA ILE B 234 -23.54 27.50 16.99
C ILE B 234 -23.87 26.69 18.23
N VAL B 235 -23.04 25.69 18.55
CA VAL B 235 -23.27 24.89 19.75
C VAL B 235 -23.23 25.77 21.00
N HIS B 236 -22.26 26.68 21.07
CA HIS B 236 -22.18 27.59 22.20
C HIS B 236 -23.42 28.46 22.29
N THR B 237 -23.94 28.92 21.14
CA THR B 237 -25.15 29.74 21.14
C THR B 237 -26.34 28.95 21.63
N LEU B 238 -26.53 27.74 21.10
CA LEU B 238 -27.69 26.93 21.48
C LEU B 238 -27.60 26.49 22.94
N LEU B 239 -26.41 26.13 23.41
CA LEU B 239 -26.25 25.75 24.81
C LEU B 239 -26.58 26.91 25.74
N ARG B 240 -26.20 28.13 25.34
CA ARG B 240 -26.50 29.31 26.14
C ARG B 240 -28.00 29.56 26.27
N LYS B 241 -28.79 29.07 25.32
CA LYS B 241 -30.24 29.24 25.36
C LYS B 241 -30.95 28.05 25.98
N GLY B 242 -30.22 27.07 26.50
CA GLY B 242 -30.82 25.95 27.19
C GLY B 242 -30.96 24.67 26.39
N ALA B 243 -30.46 24.64 25.16
CA ALA B 243 -30.55 23.42 24.35
C ALA B 243 -29.64 22.34 24.93
N ARG B 244 -30.18 21.14 25.10
CA ARG B 244 -29.42 20.02 25.63
C ARG B 244 -29.80 18.76 24.89
N ILE B 245 -28.84 17.85 24.76
CA ILE B 245 -29.08 16.53 24.18
C ILE B 245 -29.57 15.62 25.29
N GLU B 246 -30.53 14.75 24.96
CA GLU B 246 -31.43 14.18 25.95
C GLU B 246 -30.88 12.96 26.69
N ARG B 247 -29.68 12.47 26.36
CA ARG B 247 -29.10 11.34 27.08
C ARG B 247 -30.02 10.12 27.04
N PRO B 248 -30.10 9.42 25.91
CA PRO B 248 -31.11 8.36 25.76
C PRO B 248 -30.98 7.27 26.80
N HIS B 249 -32.12 6.67 27.14
CA HIS B 249 -32.19 5.68 28.21
C HIS B 249 -31.41 4.42 27.85
N ASP B 250 -31.43 3.46 28.78
CA ASP B 250 -30.73 2.20 28.57
C ASP B 250 -31.34 1.43 27.41
N TYR B 251 -30.52 0.56 26.81
CA TYR B 251 -30.98 -0.24 25.68
C TYR B 251 -32.12 -1.17 26.08
N PHE B 252 -32.03 -1.77 27.27
CA PHE B 252 -33.04 -2.69 27.76
C PHE B 252 -34.04 -2.00 28.68
N CYS B 253 -34.21 -0.69 28.55
CA CYS B 253 -35.19 0.02 29.36
C CYS B 253 -36.59 -0.39 28.96
N LYS B 254 -37.42 -0.73 29.95
CA LYS B 254 -38.76 -1.26 29.72
C LYS B 254 -39.85 -0.29 30.11
N CYS B 255 -39.54 1.00 30.20
CA CYS B 255 -40.54 1.98 30.58
C CYS B 255 -41.54 2.20 29.45
N ASN B 256 -42.60 2.94 29.75
CA ASN B 256 -43.69 3.12 28.80
C ASN B 256 -43.24 3.90 27.56
N ASP B 257 -42.48 4.98 27.77
CA ASP B 257 -42.10 5.83 26.65
C ASP B 257 -41.22 5.09 25.65
N CYS B 258 -40.23 4.36 26.15
CA CYS B 258 -39.40 3.54 25.27
C CYS B 258 -40.22 2.46 24.59
N ASN B 259 -41.11 1.80 25.33
CA ASN B 259 -41.91 0.72 24.78
C ASN B 259 -42.78 1.21 23.64
N GLN B 260 -43.36 2.41 23.79
CA GLN B 260 -44.18 2.96 22.72
C GLN B 260 -43.38 3.20 21.45
N LYS B 261 -42.14 3.68 21.60
CA LYS B 261 -41.29 3.92 20.44
C LYS B 261 -40.89 2.60 19.77
N GLN B 262 -40.67 1.55 20.55
CA GLN B 262 -40.32 0.26 19.97
C GLN B 262 -41.47 -0.28 19.12
N LYS B 263 -42.71 -0.16 19.60
CA LYS B 263 -43.84 -0.70 18.86
C LYS B 263 -44.15 0.14 17.62
N HIS B 264 -44.09 1.47 17.74
CA HIS B 264 -44.40 2.33 16.61
C HIS B 264 -43.42 2.10 15.47
N ASP B 265 -42.12 2.19 15.74
CA ASP B 265 -41.10 1.93 14.73
C ASP B 265 -39.80 1.62 15.44
N SER B 266 -39.35 0.36 15.36
CA SER B 266 -38.06 0.01 15.95
C SER B 266 -36.91 0.53 15.11
N PHE B 267 -37.08 0.61 13.79
CA PHE B 267 -36.02 1.09 12.92
C PHE B 267 -35.71 2.56 13.19
N SER B 268 -36.74 3.38 13.37
CA SER B 268 -36.50 4.80 13.66
C SER B 268 -36.04 5.02 15.10
N HIS B 269 -36.50 4.20 16.03
CA HIS B 269 -36.08 4.37 17.42
C HIS B 269 -34.59 4.09 17.60
N SER B 270 -34.09 3.04 16.95
CA SER B 270 -32.65 2.76 17.03
C SER B 270 -31.84 3.84 16.34
N ARG B 271 -32.33 4.37 15.22
CA ARG B 271 -31.62 5.46 14.55
C ARG B 271 -31.68 6.75 15.36
N SER B 272 -32.74 6.94 16.17
CA SER B 272 -32.78 8.10 17.05
C SER B 272 -31.79 7.96 18.19
N ARG B 273 -31.55 6.74 18.67
CA ARG B 273 -30.57 6.54 19.73
C ARG B 273 -29.16 6.82 19.24
N ILE B 274 -28.81 6.35 18.05
CA ILE B 274 -27.46 6.56 17.54
C ILE B 274 -27.25 8.03 17.18
N ASN B 275 -28.30 8.73 16.75
CA ASN B 275 -28.17 10.15 16.48
C ASN B 275 -27.88 10.95 17.75
N ALA B 276 -28.55 10.61 18.85
CA ALA B 276 -28.30 11.31 20.11
C ALA B 276 -26.87 11.06 20.60
N TYR B 277 -26.39 9.82 20.48
CA TYR B 277 -25.03 9.52 20.91
C TYR B 277 -24.00 10.18 20.01
N LYS B 278 -24.28 10.28 18.71
CA LYS B 278 -23.38 11.00 17.82
C LYS B 278 -23.28 12.48 18.16
N GLY B 279 -24.31 13.03 18.81
CA GLY B 279 -24.26 14.40 19.27
C GLY B 279 -23.53 14.55 20.60
N LEU B 280 -23.82 13.65 21.55
CA LEU B 280 -23.14 13.69 22.84
C LEU B 280 -21.64 13.47 22.68
N ALA B 281 -21.25 12.53 21.82
CA ALA B 281 -19.85 12.14 21.67
C ALA B 281 -19.03 13.14 20.86
N SER B 282 -19.65 14.13 20.24
CA SER B 282 -18.88 15.08 19.44
C SER B 282 -18.03 15.96 20.34
N PRO B 283 -16.82 16.34 19.91
CA PRO B 283 -15.98 17.20 20.75
C PRO B 283 -16.60 18.56 21.03
N ALA B 284 -17.39 19.10 20.09
CA ALA B 284 -17.98 20.41 20.29
C ALA B 284 -18.94 20.40 21.48
N TYR B 285 -19.75 19.36 21.61
CA TYR B 285 -20.69 19.28 22.73
C TYR B 285 -19.98 18.90 24.02
N LEU B 286 -18.97 18.03 23.94
CA LEU B 286 -18.28 17.57 25.14
C LEU B 286 -17.58 18.72 25.85
N SER B 287 -16.88 19.57 25.10
CA SER B 287 -16.07 20.61 25.73
C SER B 287 -16.92 21.78 26.23
N LEU B 288 -18.07 22.03 25.62
CA LEU B 288 -18.84 23.23 25.94
C LEU B 288 -20.00 22.99 26.90
N SER B 289 -20.41 21.73 27.11
CA SER B 289 -21.60 21.46 27.91
C SER B 289 -21.30 21.12 29.37
N SER B 290 -20.17 20.47 29.64
CA SER B 290 -19.87 19.97 30.97
C SER B 290 -18.65 20.68 31.54
N GLU B 291 -18.59 20.75 32.87
CA GLU B 291 -17.47 21.40 33.54
C GLU B 291 -16.21 20.55 33.49
N ASP B 292 -16.35 19.24 33.38
CA ASP B 292 -15.21 18.30 33.38
C ASP B 292 -15.30 17.46 32.12
N PRO B 293 -14.92 18.02 30.96
CA PRO B 293 -15.01 17.25 29.72
C PRO B 293 -14.15 16.00 29.72
N VAL B 294 -13.00 16.01 30.39
CA VAL B 294 -12.15 14.83 30.42
C VAL B 294 -12.83 13.71 31.21
N MET B 295 -13.49 14.05 32.32
CA MET B 295 -14.23 13.04 33.06
C MET B 295 -15.44 12.53 32.27
N THR B 296 -16.16 13.44 31.62
CA THR B 296 -17.33 13.04 30.84
C THR B 296 -16.93 12.20 29.64
N ALA B 297 -15.85 12.57 28.96
CA ALA B 297 -15.43 11.83 27.77
C ALA B 297 -15.03 10.40 28.13
N LEU B 298 -14.36 10.21 29.26
CA LEU B 298 -13.99 8.85 29.69
C LEU B 298 -15.23 8.01 29.95
N GLU B 299 -16.19 8.56 30.70
CA GLU B 299 -17.39 7.81 31.05
C GLU B 299 -18.25 7.53 29.83
N LEU B 300 -18.40 8.50 28.94
CA LEU B 300 -19.16 8.27 27.71
C LEU B 300 -18.43 7.31 26.78
N SER B 301 -17.10 7.34 26.76
CA SER B 301 -16.35 6.38 25.97
C SER B 301 -16.61 4.95 26.44
N ASN B 302 -16.65 4.75 27.75
CA ASN B 302 -16.97 3.43 28.28
C ASN B 302 -18.40 3.02 27.94
N GLU B 303 -19.35 3.95 28.08
CA GLU B 303 -20.74 3.62 27.81
C GLU B 303 -20.96 3.22 26.36
N LEU B 304 -20.34 3.95 25.43
CA LEU B 304 -20.47 3.59 24.01
C LEU B 304 -19.76 2.29 23.69
N ALA B 305 -18.65 2.00 24.38
CA ALA B 305 -17.98 0.72 24.19
C ALA B 305 -18.86 -0.43 24.65
N VAL B 306 -19.59 -0.25 25.76
CA VAL B 306 -20.51 -1.27 26.23
C VAL B 306 -21.64 -1.47 25.22
N LEU B 307 -22.21 -0.37 24.72
CA LEU B 307 -23.33 -0.46 23.80
C LEU B 307 -22.93 -1.06 22.46
N ALA B 308 -21.65 -1.00 22.09
CA ALA B 308 -21.21 -1.64 20.86
C ALA B 308 -21.36 -3.15 20.96
N ASN B 309 -21.10 -3.73 22.14
CA ASN B 309 -21.30 -5.16 22.33
C ASN B 309 -22.77 -5.52 22.42
N ILE B 310 -23.56 -4.68 23.09
CA ILE B 310 -24.98 -4.98 23.26
C ILE B 310 -25.73 -4.85 21.94
N GLU B 311 -25.46 -3.77 21.19
CA GLU B 311 -26.10 -3.55 19.89
C GLU B 311 -25.17 -4.05 18.80
N LYS B 312 -25.44 -5.26 18.30
CA LYS B 312 -24.64 -5.79 17.21
C LYS B 312 -24.89 -5.06 15.90
N GLU B 313 -26.12 -4.58 15.69
CA GLU B 313 -26.45 -3.88 14.45
C GLU B 313 -25.66 -2.58 14.32
N PHE B 314 -25.56 -1.82 15.40
CA PHE B 314 -24.85 -0.55 15.41
C PHE B 314 -23.48 -0.66 16.09
N LYS B 315 -22.85 -1.84 16.03
CA LYS B 315 -21.56 -2.02 16.68
C LYS B 315 -20.50 -1.10 16.08
N ASN B 316 -20.47 -0.98 14.76
CA ASN B 316 -19.49 -0.12 14.11
C ASN B 316 -19.70 1.34 14.48
N ASP B 317 -20.97 1.77 14.56
CA ASP B 317 -21.26 3.15 14.91
C ASP B 317 -20.81 3.47 16.34
N TYR B 318 -21.18 2.60 17.29
CA TYR B 318 -20.84 2.87 18.69
C TYR B 318 -19.35 2.75 18.95
N LYS B 319 -18.66 1.84 18.25
CA LYS B 319 -17.20 1.80 18.35
C LYS B 319 -16.59 3.08 17.77
N LYS B 320 -17.18 3.59 16.70
CA LYS B 320 -16.68 4.84 16.12
C LYS B 320 -16.89 6.02 17.06
N LEU B 321 -18.03 6.04 17.76
CA LEU B 321 -18.31 7.15 18.66
C LEU B 321 -17.46 7.08 19.93
N SER B 322 -17.25 5.87 20.47
CA SER B 322 -16.38 5.75 21.63
C SER B 322 -14.95 6.11 21.28
N MET B 323 -14.54 5.89 20.03
CA MET B 323 -13.22 6.33 19.59
C MET B 323 -13.14 7.86 19.54
N GLN B 324 -14.25 8.53 19.23
CA GLN B 324 -14.26 10.00 19.25
C GLN B 324 -14.01 10.53 20.66
N CYS B 325 -14.64 9.92 21.67
CA CYS B 325 -14.41 10.35 23.04
C CYS B 325 -12.98 10.10 23.47
N LYS B 326 -12.39 8.98 23.06
CA LYS B 326 -10.99 8.74 23.32
C LYS B 326 -10.11 9.77 22.61
N ASP B 327 -10.45 10.10 21.36
CA ASP B 327 -9.68 11.10 20.62
C ASP B 327 -9.76 12.47 21.28
N PHE B 328 -10.94 12.84 21.79
CA PHE B 328 -11.09 14.13 22.45
C PHE B 328 -10.21 14.21 23.69
N VAL B 329 -10.24 13.18 24.53
CA VAL B 329 -9.48 13.21 25.77
C VAL B 329 -7.97 13.22 25.49
N VAL B 330 -7.53 12.47 24.48
CA VAL B 330 -6.12 12.50 24.09
C VAL B 330 -5.73 13.86 23.56
N GLY B 331 -6.57 14.43 22.69
CA GLY B 331 -6.29 15.76 22.16
C GLY B 331 -6.29 16.82 23.23
N LEU B 332 -7.16 16.68 24.23
CA LEU B 332 -7.16 17.61 25.35
C LEU B 332 -5.87 17.51 26.16
N LEU B 333 -5.35 16.30 26.33
CA LEU B 333 -4.07 16.13 27.02
C LEU B 333 -2.90 16.62 26.19
N ASP B 334 -3.04 16.60 24.86
CA ASP B 334 -1.94 17.01 23.99
C ASP B 334 -1.68 18.51 24.04
N LEU B 335 -2.62 19.31 24.51
CA LEU B 335 -2.48 20.75 24.55
C LEU B 335 -1.80 21.27 25.81
N CYS B 336 -1.55 20.41 26.79
CA CYS B 336 -0.97 20.86 28.04
C CYS B 336 0.47 21.33 27.83
N ARG B 337 0.83 22.41 28.52
CA ARG B 337 2.12 23.06 28.33
C ARG B 337 3.02 23.05 29.56
N ASN B 338 2.47 22.84 30.76
CA ASN B 338 3.27 22.83 31.97
C ASN B 338 2.73 21.74 32.90
N THR B 339 3.51 21.42 33.93
CA THR B 339 3.18 20.29 34.79
C THR B 339 1.86 20.48 35.50
N GLU B 340 1.45 21.73 35.77
CA GLU B 340 0.19 21.95 36.45
C GLU B 340 -1.00 21.57 35.56
N GLU B 341 -0.94 21.92 34.27
CA GLU B 341 -2.02 21.53 33.36
C GLU B 341 -1.98 20.03 33.09
N VAL B 342 -0.79 19.44 33.03
CA VAL B 342 -0.69 18.00 32.81
C VAL B 342 -1.33 17.23 33.96
N GLU B 343 -1.07 17.66 35.19
CA GLU B 343 -1.69 17.01 36.35
C GLU B 343 -3.20 17.21 36.38
N ALA B 344 -3.70 18.35 35.90
CA ALA B 344 -5.13 18.57 35.87
C ALA B 344 -5.84 17.62 34.92
N ILE B 345 -5.18 17.25 33.81
CA ILE B 345 -5.78 16.30 32.88
C ILE B 345 -5.56 14.87 33.35
N LEU B 346 -4.34 14.54 33.80
CA LEU B 346 -4.03 13.17 34.15
C LEU B 346 -4.65 12.77 35.49
N ASN B 347 -4.41 13.57 36.54
CA ASN B 347 -4.85 13.20 37.88
C ASN B 347 -6.26 13.67 38.19
N GLY B 348 -6.60 14.89 37.78
CA GLY B 348 -7.90 15.45 38.08
C GLY B 348 -7.80 16.65 39.01
N ASP B 349 -8.79 16.81 39.89
CA ASP B 349 -8.81 17.94 40.82
C ASP B 349 -8.01 17.53 42.06
N VAL B 350 -6.70 17.83 42.03
CA VAL B 350 -5.80 17.39 43.08
C VAL B 350 -6.20 17.95 44.44
N GLU B 351 -6.88 19.11 44.46
CA GLU B 351 -7.30 19.69 45.73
C GLU B 351 -8.34 18.80 46.42
N THR B 352 -9.31 18.29 45.69
CA THR B 352 -10.35 17.44 46.27
C THR B 352 -10.03 15.96 46.17
N LEU B 353 -8.99 15.57 45.43
CA LEU B 353 -8.55 14.19 45.44
C LEU B 353 -7.97 13.84 46.80
N GLN B 354 -8.02 12.56 47.15
CA GLN B 354 -7.59 12.17 48.49
C GLN B 354 -6.08 12.34 48.63
N SER B 355 -5.31 11.49 47.95
CA SER B 355 -3.90 11.66 47.64
C SER B 355 -3.45 10.37 46.96
N GLY B 356 -2.22 10.39 46.43
CA GLY B 356 -1.55 9.17 46.06
C GLY B 356 -0.74 8.64 47.22
N ASP B 357 -0.57 7.32 47.25
CA ASP B 357 0.11 6.69 48.37
C ASP B 357 1.59 7.05 48.36
N HIS B 358 2.10 7.49 49.50
CA HIS B 358 3.51 7.85 49.68
C HIS B 358 3.96 8.92 48.68
N GLY B 359 3.15 9.98 48.56
CA GLY B 359 3.53 11.13 47.78
C GLY B 359 3.35 11.03 46.28
N ARG B 360 2.63 10.03 45.80
CA ARG B 360 2.39 9.86 44.39
C ARG B 360 1.18 10.67 43.93
N PRO B 361 1.05 10.94 42.63
CA PRO B 361 -0.01 11.87 42.15
C PRO B 361 -1.34 11.19 41.84
N ASN B 362 -1.89 10.49 42.84
CA ASN B 362 -3.31 10.09 42.89
C ASN B 362 -3.80 9.52 41.55
N LEU B 363 -3.32 8.31 41.25
CA LEU B 363 -3.48 7.71 39.93
C LEU B 363 -4.88 7.18 39.67
N SER B 364 -5.86 7.64 40.44
CA SER B 364 -7.23 7.12 40.30
C SER B 364 -7.78 7.33 38.90
N ARG B 365 -7.57 8.52 38.31
CA ARG B 365 -8.08 8.76 36.96
C ARG B 365 -7.30 7.96 35.93
N LEU B 366 -5.99 7.80 36.14
CA LEU B 366 -5.20 6.99 35.23
C LEU B 366 -5.59 5.53 35.29
N LYS B 367 -5.95 5.04 36.49
CA LYS B 367 -6.46 3.68 36.61
C LYS B 367 -7.78 3.50 35.86
N LEU B 368 -8.65 4.51 35.94
CA LEU B 368 -9.91 4.44 35.19
C LEU B 368 -9.65 4.45 33.68
N ALA B 369 -8.67 5.23 33.23
CA ALA B 369 -8.35 5.25 31.80
C ALA B 369 -7.79 3.92 31.34
N ILE B 370 -7.01 3.23 32.18
CA ILE B 370 -6.49 1.92 31.82
C ILE B 370 -7.62 0.91 31.72
N LYS B 371 -8.59 0.97 32.63
CA LYS B 371 -9.72 0.06 32.58
C LYS B 371 -10.53 0.25 31.30
N TYR B 372 -10.70 1.50 30.87
CA TYR B 372 -11.50 1.80 29.69
C TYR B 372 -10.70 1.70 28.39
N GLU B 373 -9.43 1.31 28.47
CA GLU B 373 -8.61 1.02 27.28
C GLU B 373 -8.55 2.21 26.34
N VAL B 374 -8.23 3.38 26.89
CA VAL B 374 -8.09 4.56 26.05
C VAL B 374 -6.88 4.41 25.13
N LYS B 375 -5.78 3.83 25.65
CA LYS B 375 -4.69 3.30 24.85
C LYS B 375 -3.84 4.38 24.19
N LYS B 376 -4.29 5.62 24.23
CA LYS B 376 -3.56 6.71 23.59
C LYS B 376 -3.41 7.85 24.58
N PHE B 377 -4.37 7.94 25.50
CA PHE B 377 -4.22 8.84 26.64
C PHE B 377 -3.17 8.33 27.61
N VAL B 378 -3.16 7.02 27.86
CA VAL B 378 -2.14 6.41 28.71
C VAL B 378 -0.80 6.38 28.00
N ALA B 379 -0.79 6.09 26.71
CA ALA B 379 0.45 6.00 25.94
C ALA B 379 1.01 7.35 25.53
N HIS B 380 0.34 8.45 25.88
CA HIS B 380 0.81 9.77 25.49
C HIS B 380 2.11 10.13 26.21
N PRO B 381 3.02 10.84 25.55
CA PRO B 381 4.28 11.23 26.22
C PRO B 381 4.08 12.01 27.50
N ASN B 382 3.05 12.86 27.58
CA ASN B 382 2.78 13.59 28.82
C ASN B 382 2.40 12.64 29.94
N CYS B 383 1.61 11.61 29.62
CA CYS B 383 1.22 10.62 30.63
C CYS B 383 2.36 9.67 30.94
N GLN B 384 3.14 9.27 29.93
CA GLN B 384 4.27 8.37 30.15
C GLN B 384 5.31 9.00 31.06
N GLN B 385 5.47 10.33 30.98
CA GLN B 385 6.44 11.01 31.83
C GLN B 385 6.07 10.90 33.31
N GLN B 386 4.79 11.05 33.63
CA GLN B 386 4.36 10.97 35.03
C GLN B 386 4.52 9.55 35.57
N LEU B 387 4.19 8.55 34.77
CA LEU B 387 4.30 7.17 35.23
C LEU B 387 5.75 6.75 35.37
N LEU B 388 6.63 7.24 34.49
CA LEU B 388 8.05 6.93 34.60
C LEU B 388 8.64 7.49 35.90
N SER B 389 8.23 8.70 36.27
CA SER B 389 8.69 9.27 37.54
C SER B 389 8.22 8.43 38.72
N ILE B 390 7.00 7.89 38.63
CA ILE B 390 6.51 6.99 39.67
C ILE B 390 7.25 5.66 39.62
N TRP B 391 7.54 5.17 38.42
CA TRP B 391 8.23 3.90 38.26
C TRP B 391 9.60 3.92 38.95
N TYR B 392 10.48 4.81 38.51
CA TYR B 392 11.77 5.01 39.19
C TYR B 392 11.56 5.99 40.34
N GLU B 393 10.84 5.49 41.36
CA GLU B 393 10.38 6.36 42.44
C GLU B 393 11.55 6.94 43.24
N ASN B 394 12.36 6.08 43.83
CA ASN B 394 13.50 6.53 44.63
C ASN B 394 14.83 6.19 43.97
N LEU B 395 14.83 5.77 42.72
CA LEU B 395 16.05 5.44 41.98
C LEU B 395 16.18 6.44 40.84
N SER B 396 16.75 7.60 41.15
CA SER B 396 16.92 8.64 40.13
C SER B 396 18.05 8.29 39.16
N GLY B 397 19.16 7.77 39.69
CA GLY B 397 20.32 7.50 38.85
C GLY B 397 20.13 6.34 37.90
N LEU B 398 19.27 5.38 38.26
CA LEU B 398 19.10 4.18 37.45
C LEU B 398 18.27 4.42 36.20
N ARG B 399 17.54 5.54 36.12
CA ARG B 399 16.77 5.82 34.90
C ARG B 399 17.68 6.04 33.71
N GLN B 400 18.77 6.79 33.89
CA GLN B 400 19.64 7.15 32.78
C GLN B 400 20.57 6.03 32.36
N GLN B 401 20.76 5.01 33.19
CA GLN B 401 21.69 3.93 32.86
C GLN B 401 21.18 3.11 31.69
N THR B 402 22.11 2.59 30.90
CA THR B 402 21.76 1.80 29.74
C THR B 402 21.20 0.44 30.17
N MET B 403 20.69 -0.30 29.17
CA MET B 403 20.07 -1.59 29.46
C MET B 403 21.08 -2.61 29.99
N ALA B 404 22.33 -2.52 29.56
CA ALA B 404 23.35 -3.44 30.07
C ALA B 404 23.55 -3.27 31.56
N VAL B 405 23.57 -2.02 32.05
CA VAL B 405 23.70 -1.78 33.48
C VAL B 405 22.51 -2.36 34.24
N LYS B 406 21.30 -2.17 33.69
CA LYS B 406 20.10 -2.70 34.34
C LYS B 406 20.12 -4.22 34.38
N PHE B 407 20.66 -4.85 33.33
CA PHE B 407 20.82 -6.30 33.35
C PHE B 407 21.77 -6.74 34.46
N LEU B 408 22.86 -6.01 34.64
CA LEU B 408 23.79 -6.32 35.73
C LEU B 408 23.15 -6.07 37.10
N VAL B 409 22.28 -5.06 37.19
CA VAL B 409 21.58 -4.81 38.44
C VAL B 409 20.70 -6.01 38.80
N VAL B 410 20.00 -6.57 37.81
CA VAL B 410 19.16 -7.74 38.05
C VAL B 410 20.01 -8.92 38.54
N LEU B 411 21.16 -9.14 37.90
CA LEU B 411 22.05 -10.21 38.35
C LEU B 411 22.60 -9.93 39.73
N ALA B 412 22.97 -8.67 40.00
CA ALA B 412 23.47 -8.31 41.33
C ALA B 412 22.38 -8.51 42.40
N VAL B 413 21.14 -8.14 42.08
CA VAL B 413 20.04 -8.36 43.00
C VAL B 413 19.79 -9.85 43.17
N ALA B 414 19.94 -10.63 42.09
CA ALA B 414 19.73 -12.07 42.16
C ALA B 414 20.73 -12.72 43.12
N ILE B 415 22.00 -12.33 43.05
CA ILE B 415 22.99 -12.88 43.94
C ILE B 415 22.75 -12.42 45.38
N GLY B 416 22.43 -11.15 45.57
CA GLY B 416 22.23 -10.61 46.90
C GLY B 416 20.78 -10.64 47.35
N LEU B 417 19.97 -11.48 46.71
CA LEU B 417 18.55 -11.55 47.04
C LEU B 417 18.30 -11.95 48.49
N PRO B 418 18.97 -12.97 49.06
CA PRO B 418 18.74 -13.24 50.50
C PRO B 418 19.10 -12.06 51.39
N PHE B 419 20.14 -11.31 51.05
CA PHE B 419 20.52 -10.15 51.85
C PHE B 419 19.44 -9.07 51.82
N LEU B 420 18.86 -8.83 50.64
CA LEU B 420 17.80 -7.83 50.53
C LEU B 420 16.57 -8.25 51.33
N ALA B 421 16.22 -9.54 51.30
CA ALA B 421 15.11 -10.02 52.12
C ALA B 421 15.43 -9.86 53.60
N LEU B 422 16.67 -10.12 53.99
CA LEU B 422 17.07 -9.93 55.39
C LEU B 422 16.96 -8.48 55.80
N ILE B 423 17.33 -7.55 54.92
CA ILE B 423 17.22 -6.13 55.21
C ILE B 423 15.77 -5.73 55.42
N TYR B 424 14.88 -6.27 54.57
CA TYR B 424 13.47 -5.88 54.64
C TYR B 424 12.84 -6.29 55.97
N TRP B 425 13.17 -7.49 56.46
CA TRP B 425 12.63 -7.92 57.74
C TRP B 425 13.16 -7.07 58.88
N PHE B 426 14.48 -6.88 58.95
CA PHE B 426 15.09 -6.19 60.08
C PHE B 426 14.78 -4.71 60.06
N ALA B 427 14.94 -4.06 58.91
CA ALA B 427 14.81 -2.61 58.79
C ALA B 427 13.85 -2.27 57.66
N PRO B 428 12.54 -2.37 57.91
CA PRO B 428 11.59 -1.95 56.86
C PRO B 428 11.61 -0.46 56.61
N CYS B 429 11.69 0.35 57.65
CA CYS B 429 11.79 1.81 57.52
C CYS B 429 13.27 2.17 57.54
N SER B 430 13.88 2.22 56.36
CA SER B 430 15.31 2.48 56.24
C SER B 430 15.58 3.00 54.84
N LYS B 431 16.86 3.29 54.57
CA LYS B 431 17.26 3.71 53.23
C LYS B 431 17.02 2.61 52.22
N MET B 432 17.43 1.38 52.54
CA MET B 432 17.21 0.26 51.63
C MET B 432 15.75 -0.15 51.59
N GLY B 433 15.06 -0.10 52.74
CA GLY B 433 13.65 -0.44 52.77
C GLY B 433 12.82 0.51 51.92
N LYS B 434 13.15 1.80 51.96
CA LYS B 434 12.47 2.76 51.10
C LYS B 434 12.74 2.50 49.63
N ILE B 435 13.98 2.16 49.29
CA ILE B 435 14.33 1.89 47.89
C ILE B 435 13.66 0.62 47.40
N MET B 436 13.66 -0.43 48.22
CA MET B 436 13.10 -1.71 47.81
C MET B 436 11.61 -1.61 47.53
N ARG B 437 10.89 -0.78 48.29
CA ARG B 437 9.45 -0.63 48.08
C ARG B 437 9.11 0.12 46.79
N GLY B 438 10.09 0.73 46.13
CA GLY B 438 9.87 1.38 44.87
C GLY B 438 9.39 0.40 43.81
N PRO B 439 8.49 0.84 42.93
CA PRO B 439 7.92 -0.08 41.93
C PRO B 439 8.97 -0.73 41.04
N PHE B 440 10.02 0.00 40.66
CA PHE B 440 11.04 -0.59 39.81
C PHE B 440 11.86 -1.63 40.56
N MET B 441 12.12 -1.41 41.85
CA MET B 441 12.87 -2.39 42.62
C MET B 441 12.07 -3.66 42.86
N LYS B 442 10.74 -3.55 43.01
CA LYS B 442 9.91 -4.75 43.05
C LYS B 442 10.02 -5.54 41.77
N PHE B 443 10.03 -4.84 40.63
CA PHE B 443 10.18 -5.53 39.35
C PHE B 443 11.52 -6.22 39.24
N VAL B 444 12.59 -5.56 39.67
CA VAL B 444 13.91 -6.18 39.63
C VAL B 444 13.99 -7.36 40.60
N ALA B 445 13.40 -7.20 41.79
CA ALA B 445 13.42 -8.29 42.77
C ALA B 445 12.68 -9.52 42.26
N HIS B 446 11.51 -9.33 41.64
CA HIS B 446 10.76 -10.46 41.13
C HIS B 446 11.38 -11.02 39.85
N ALA B 447 11.95 -10.17 39.00
CA ALA B 447 12.67 -10.67 37.83
C ALA B 447 13.94 -11.42 38.25
N ALA B 448 14.61 -10.96 39.30
CA ALA B 448 15.78 -11.66 39.81
C ALA B 448 15.40 -12.99 40.44
N SER B 449 14.24 -13.06 41.09
CA SER B 449 13.78 -14.35 41.61
C SER B 449 13.48 -15.32 40.49
N PHE B 450 12.90 -14.83 39.40
CA PHE B 450 12.59 -15.70 38.26
C PHE B 450 13.86 -16.24 37.62
N THR B 451 14.90 -15.40 37.51
CA THR B 451 16.14 -15.87 36.88
C THR B 451 16.84 -16.90 37.75
N ILE B 452 16.65 -16.85 39.06
CA ILE B 452 17.21 -17.88 39.94
C ILE B 452 16.47 -19.19 39.74
N PHE B 453 15.14 -19.14 39.61
CA PHE B 453 14.37 -20.36 39.39
C PHE B 453 14.74 -21.01 38.07
N LEU B 454 14.95 -20.21 37.02
CA LEU B 454 15.44 -20.77 35.77
C LEU B 454 16.83 -21.36 35.94
N GLY B 455 17.69 -20.67 36.71
CA GLY B 455 19.02 -21.20 36.96
C GLY B 455 18.99 -22.51 37.73
N LEU B 456 18.09 -22.63 38.70
CA LEU B 456 17.95 -23.88 39.44
C LEU B 456 17.50 -25.02 38.52
N LEU B 457 16.56 -24.75 37.62
CA LEU B 457 16.09 -25.78 36.71
C LEU B 457 17.20 -26.25 35.78
N VAL B 458 18.01 -25.32 35.28
CA VAL B 458 19.14 -25.71 34.43
C VAL B 458 20.15 -26.53 35.21
N MET B 459 20.57 -26.01 36.37
CA MET B 459 21.62 -26.65 37.14
C MET B 459 21.15 -27.90 37.87
N ASN B 460 19.84 -28.17 37.90
CA ASN B 460 19.36 -29.41 38.52
C ASN B 460 19.86 -30.63 37.76
N ALA B 461 19.90 -30.54 36.43
CA ALA B 461 20.40 -31.62 35.58
C ALA B 461 21.85 -31.39 35.15
N ALA B 462 22.63 -30.66 35.97
CA ALA B 462 24.00 -30.36 35.59
C ALA B 462 24.89 -31.59 35.63
N ASP B 463 24.53 -32.60 36.43
CA ASP B 463 25.35 -33.79 36.54
C ASP B 463 25.42 -34.55 35.21
N ARG B 464 24.31 -34.61 34.48
CA ARG B 464 24.23 -35.35 33.23
C ARG B 464 24.28 -34.44 32.01
N PHE B 465 24.84 -33.24 32.14
CA PHE B 465 24.98 -32.35 30.99
C PHE B 465 25.84 -32.99 29.91
N GLU B 466 27.04 -33.45 30.27
CA GLU B 466 27.90 -34.13 29.31
C GLU B 466 27.40 -35.53 29.01
N GLY B 467 26.85 -36.20 30.03
CA GLY B 467 26.34 -37.55 29.88
C GLY B 467 26.07 -38.19 31.23
N THR B 468 25.32 -39.29 31.24
CA THR B 468 24.97 -39.95 32.49
C THR B 468 26.15 -40.74 33.04
N LEU B 483 19.13 -50.89 48.48
CA LEU B 483 18.31 -51.04 47.29
C LEU B 483 18.64 -49.98 46.25
N PHE B 484 18.54 -50.36 44.97
CA PHE B 484 18.89 -49.44 43.89
C PHE B 484 17.95 -48.23 43.85
N ARG B 485 16.64 -48.47 43.96
CA ARG B 485 15.68 -47.39 43.87
C ARG B 485 15.69 -46.47 45.09
N MET B 486 16.31 -46.89 46.20
CA MET B 486 16.44 -46.00 47.35
C MET B 486 17.32 -44.80 47.01
N LYS B 487 18.42 -45.02 46.30
CA LYS B 487 19.32 -43.93 45.93
C LYS B 487 18.62 -42.93 45.00
N THR B 488 17.87 -43.43 44.01
CA THR B 488 17.26 -42.57 43.02
C THR B 488 16.15 -41.70 43.60
N SER B 489 15.48 -42.18 44.63
CA SER B 489 14.27 -41.51 45.13
C SER B 489 14.57 -40.24 45.90
N CYS B 490 15.76 -40.12 46.51
CA CYS B 490 16.04 -39.02 47.41
C CYS B 490 16.14 -37.69 46.64
N PHE B 491 15.88 -36.60 47.37
CA PHE B 491 15.92 -35.25 46.82
C PHE B 491 17.28 -34.63 47.11
N SER B 492 17.90 -34.05 46.08
CA SER B 492 19.15 -33.32 46.27
C SER B 492 18.86 -31.91 46.78
N TRP B 493 19.93 -31.19 47.12
CA TRP B 493 19.76 -29.82 47.62
C TRP B 493 19.26 -28.90 46.52
N MET B 494 19.61 -29.16 45.26
CA MET B 494 19.00 -28.44 44.15
C MET B 494 17.51 -28.71 44.08
N GLU B 495 17.11 -29.97 44.28
CA GLU B 495 15.69 -30.32 44.28
C GLU B 495 14.94 -29.65 45.42
N MET B 496 15.59 -29.52 46.58
CA MET B 496 14.93 -28.90 47.72
C MET B 496 14.61 -27.43 47.44
N LEU B 497 15.56 -26.71 46.82
CA LEU B 497 15.31 -25.32 46.47
C LEU B 497 14.20 -25.18 45.44
N ILE B 498 14.16 -26.08 44.46
CA ILE B 498 13.12 -26.03 43.44
C ILE B 498 11.75 -26.25 44.06
N ILE B 499 11.65 -27.19 45.00
CA ILE B 499 10.38 -27.42 45.69
C ILE B 499 9.96 -26.18 46.47
N SER B 500 10.92 -25.54 47.14
CA SER B 500 10.62 -24.32 47.90
C SER B 500 10.13 -23.21 46.98
N TRP B 501 10.76 -23.06 45.81
CA TRP B 501 10.32 -22.05 44.85
C TRP B 501 8.91 -22.34 44.35
N VAL B 502 8.60 -23.61 44.06
CA VAL B 502 7.28 -23.96 43.57
C VAL B 502 6.22 -23.69 44.62
N ILE B 503 6.52 -24.02 45.89
CA ILE B 503 5.58 -23.73 46.97
C ILE B 503 5.33 -22.24 47.07
N GLY B 504 6.40 -21.43 46.98
CA GLY B 504 6.22 -19.99 46.98
C GLY B 504 5.38 -19.50 45.81
N MET B 505 5.58 -20.10 44.63
CA MET B 505 4.76 -19.73 43.47
C MET B 505 3.30 -20.10 43.69
N ILE B 506 3.04 -21.26 44.30
CA ILE B 506 1.66 -21.67 44.57
C ILE B 506 0.99 -20.72 45.55
N TRP B 507 1.71 -20.33 46.60
CA TRP B 507 1.16 -19.38 47.56
C TRP B 507 0.92 -18.01 46.90
N ALA B 508 1.82 -17.59 46.02
CA ALA B 508 1.62 -16.33 45.31
C ALA B 508 0.38 -16.40 44.43
N GLU B 509 0.14 -17.54 43.77
CA GLU B 509 -1.09 -17.70 43.00
C GLU B 509 -2.32 -17.71 43.88
N CYS B 510 -2.23 -18.33 45.06
CA CYS B 510 -3.36 -18.35 45.97
C CYS B 510 -3.72 -16.95 46.45
N LYS B 511 -2.72 -16.14 46.79
CA LYS B 511 -2.99 -14.75 47.16
C LYS B 511 -3.56 -13.97 46.00
N GLU B 512 -3.06 -14.22 44.78
CA GLU B 512 -3.62 -13.58 43.60
C GLU B 512 -5.08 -13.96 43.40
N ILE B 513 -5.40 -15.24 43.54
CA ILE B 513 -6.78 -15.68 43.36
C ILE B 513 -7.65 -15.18 44.51
N TRP B 514 -7.06 -14.94 45.69
CA TRP B 514 -7.86 -14.49 46.83
C TRP B 514 -8.25 -13.02 46.68
N THR B 515 -7.32 -12.17 46.23
CA THR B 515 -7.61 -10.75 46.10
C THR B 515 -8.27 -10.41 44.77
N GLN B 516 -7.82 -11.02 43.67
CA GLN B 516 -8.41 -10.73 42.38
C GLN B 516 -9.82 -11.29 42.26
N GLY B 517 -10.10 -12.39 42.96
CA GLY B 517 -11.38 -13.04 42.87
C GLY B 517 -11.36 -14.16 41.84
N PRO B 518 -12.04 -15.26 42.14
CA PRO B 518 -12.02 -16.41 41.21
C PRO B 518 -12.52 -16.06 39.81
N LYS B 519 -13.55 -15.21 39.70
CA LYS B 519 -14.08 -14.85 38.40
C LYS B 519 -13.07 -14.05 37.59
N GLU B 520 -12.52 -12.98 38.20
CA GLU B 520 -11.58 -12.13 37.49
C GLU B 520 -10.30 -12.89 37.14
N TYR B 521 -9.79 -13.69 38.07
CA TYR B 521 -8.58 -14.46 37.81
C TYR B 521 -8.78 -15.47 36.70
N LEU B 522 -9.92 -16.17 36.70
CA LEU B 522 -10.17 -17.20 35.69
C LEU B 522 -10.37 -16.62 34.30
N PHE B 523 -10.84 -15.37 34.21
CA PHE B 523 -11.14 -14.79 32.91
C PHE B 523 -9.88 -14.62 32.06
N GLU B 524 -8.76 -14.26 32.69
CA GLU B 524 -7.52 -14.11 31.95
C GLU B 524 -6.96 -15.48 31.60
N LEU B 525 -6.76 -15.73 30.30
CA LEU B 525 -6.35 -17.06 29.85
C LEU B 525 -4.91 -17.37 30.21
N TRP B 526 -4.04 -16.36 30.27
CA TRP B 526 -2.63 -16.63 30.57
C TRP B 526 -2.46 -17.09 32.02
N ASN B 527 -3.34 -16.67 32.92
CA ASN B 527 -3.28 -17.15 34.29
C ASN B 527 -3.59 -18.63 34.39
N MET B 528 -4.41 -19.14 33.46
CA MET B 528 -4.65 -20.59 33.42
C MET B 528 -3.39 -21.35 33.03
N LEU B 529 -2.62 -20.80 32.09
CA LEU B 529 -1.34 -21.41 31.74
C LEU B 529 -0.38 -21.38 32.93
N ASP B 530 -0.35 -20.27 33.67
CA ASP B 530 0.52 -20.17 34.83
C ASP B 530 0.03 -21.05 35.98
N PHE B 531 -1.28 -21.24 36.08
CA PHE B 531 -1.81 -22.19 37.07
C PHE B 531 -1.51 -23.62 36.68
N GLY B 532 -1.54 -23.92 35.39
CA GLY B 532 -1.27 -25.28 34.95
C GLY B 532 0.15 -25.74 35.21
N MET B 533 1.13 -24.86 34.96
CA MET B 533 2.53 -25.23 35.16
C MET B 533 2.85 -25.47 36.63
N LEU B 534 2.21 -24.73 37.54
CA LEU B 534 2.41 -24.99 38.96
C LEU B 534 1.71 -26.27 39.41
N ALA B 535 0.56 -26.59 38.81
CA ALA B 535 -0.09 -27.86 39.11
C ALA B 535 0.76 -29.04 38.65
N ILE B 536 1.37 -28.94 37.47
CA ILE B 536 2.22 -30.01 36.97
C ILE B 536 3.49 -30.13 37.81
N PHE B 537 4.04 -29.00 38.24
CA PHE B 537 5.22 -29.03 39.12
C PHE B 537 4.89 -29.70 40.44
N ALA B 538 3.71 -29.40 41.00
CA ALA B 538 3.26 -30.12 42.19
C ALA B 538 2.97 -31.58 41.88
N ALA B 539 2.43 -31.85 40.68
CA ALA B 539 2.15 -33.22 40.28
C ALA B 539 3.44 -34.04 40.18
N SER B 540 4.49 -33.44 39.64
CA SER B 540 5.76 -34.16 39.49
C SER B 540 6.36 -34.52 40.84
N PHE B 541 6.29 -33.60 41.80
CA PHE B 541 6.95 -33.83 43.09
C PHE B 541 6.19 -34.78 43.98
N ILE B 542 4.86 -34.80 43.89
CA ILE B 542 4.09 -35.79 44.67
C ILE B 542 4.32 -37.19 44.13
N ALA B 543 4.38 -37.33 42.80
CA ALA B 543 4.70 -38.63 42.21
C ALA B 543 6.11 -39.06 42.60
N ARG B 544 7.06 -38.12 42.65
CA ARG B 544 8.40 -38.44 43.11
C ARG B 544 8.39 -38.87 44.57
N PHE B 545 7.59 -38.21 45.41
CA PHE B 545 7.52 -38.58 46.81
C PHE B 545 6.87 -39.94 47.00
N MET B 546 5.88 -40.28 46.17
CA MET B 546 5.28 -41.61 46.26
C MET B 546 6.30 -42.70 45.96
N ALA B 547 7.14 -42.49 44.95
CA ALA B 547 8.23 -43.43 44.69
C ALA B 547 9.23 -43.44 45.84
N PHE B 548 9.45 -42.29 46.48
CA PHE B 548 10.35 -42.26 47.63
C PHE B 548 9.78 -43.03 48.81
N TRP B 549 8.49 -42.89 49.08
CA TRP B 549 7.90 -43.57 50.22
C TRP B 549 7.79 -45.07 49.99
N HIS B 550 7.48 -45.48 48.76
CA HIS B 550 7.42 -46.90 48.45
C HIS B 550 8.77 -47.57 48.61
N ALA B 551 9.84 -46.91 48.14
CA ALA B 551 11.18 -47.42 48.38
C ALA B 551 11.56 -47.35 49.85
N SER B 552 11.02 -46.37 50.57
CA SER B 552 11.28 -46.26 52.00
C SER B 552 10.75 -47.47 52.75
N LYS B 553 9.54 -47.93 52.40
CA LYS B 553 9.00 -49.14 53.01
C LYS B 553 9.84 -50.36 52.67
N ALA B 554 10.29 -50.46 51.42
CA ALA B 554 11.10 -51.60 51.00
C ALA B 554 12.42 -51.65 51.74
N GLN B 555 13.08 -50.50 51.90
CA GLN B 555 14.35 -50.47 52.62
C GLN B 555 14.16 -50.71 54.12
N SER B 556 13.04 -50.22 54.68
CA SER B 556 12.78 -50.42 56.10
C SER B 556 12.57 -51.88 56.43
N ILE B 557 12.04 -52.66 55.48
CA ILE B 557 11.85 -54.10 55.72
C ILE B 557 13.20 -54.79 55.89
N ILE B 558 14.17 -54.46 55.04
CA ILE B 558 15.49 -55.07 55.13
C ILE B 558 16.43 -54.18 55.92
N ASP B 574 9.33 -61.83 46.71
CA ASP B 574 9.07 -61.01 47.89
C ASP B 574 8.65 -59.59 47.49
N ASN B 575 8.11 -58.85 48.45
CA ASN B 575 7.67 -57.48 48.19
C ASN B 575 8.84 -56.55 47.93
N VAL B 576 9.98 -56.77 48.59
CA VAL B 576 11.16 -55.93 48.43
C VAL B 576 11.87 -56.17 47.10
N LYS B 577 11.50 -57.23 46.37
CA LYS B 577 12.21 -57.59 45.16
C LYS B 577 12.08 -56.51 44.08
N TYR B 578 10.89 -55.91 43.96
CA TYR B 578 10.64 -54.98 42.86
C TYR B 578 11.57 -53.77 42.92
N TYR B 579 11.84 -53.26 44.12
CA TYR B 579 12.56 -52.01 44.26
C TYR B 579 14.07 -52.15 44.17
N ASN B 580 14.58 -53.37 43.95
CA ASN B 580 15.98 -53.57 43.64
C ASN B 580 16.27 -53.60 42.14
N LEU B 581 15.23 -53.60 41.31
CA LEU B 581 15.39 -53.77 39.86
C LEU B 581 15.99 -52.52 39.23
N ALA B 582 16.64 -52.73 38.09
CA ALA B 582 17.20 -51.63 37.30
C ALA B 582 16.10 -50.97 36.48
N ARG B 583 16.47 -49.90 35.76
CA ARG B 583 15.47 -49.10 35.07
C ARG B 583 14.78 -49.86 33.94
N ILE B 584 15.44 -50.87 33.37
CA ILE B 584 14.86 -51.60 32.25
C ILE B 584 13.61 -52.35 32.67
N LYS B 585 13.54 -52.77 33.94
CA LYS B 585 12.45 -53.61 34.43
C LYS B 585 11.39 -52.82 35.19
N TRP B 586 11.42 -51.50 35.14
CA TRP B 586 10.43 -50.70 35.87
C TRP B 586 9.05 -50.87 35.26
N ASP B 587 8.03 -50.74 36.10
CA ASP B 587 6.66 -50.78 35.63
C ASP B 587 6.37 -49.56 34.75
N PRO B 588 5.58 -49.70 33.68
CA PRO B 588 5.28 -48.54 32.85
C PRO B 588 4.60 -47.40 33.59
N SER B 589 3.84 -47.70 34.64
CA SER B 589 3.19 -46.67 35.46
C SER B 589 3.92 -46.42 36.77
N ASP B 590 5.25 -46.57 36.78
CA ASP B 590 6.03 -46.29 37.97
C ASP B 590 5.92 -44.81 38.31
N PRO B 591 5.68 -44.46 39.57
CA PRO B 591 5.66 -43.03 39.93
C PRO B 591 6.93 -42.29 39.59
N GLN B 592 8.08 -42.97 39.61
CA GLN B 592 9.32 -42.34 39.15
C GLN B 592 9.23 -41.93 37.69
N ILE B 593 8.67 -42.81 36.85
CA ILE B 593 8.51 -42.49 35.43
C ILE B 593 7.53 -41.34 35.25
N ILE B 594 6.42 -41.37 35.99
CA ILE B 594 5.43 -40.28 35.89
C ILE B 594 6.04 -38.97 36.36
N SER B 595 6.87 -39.03 37.40
CA SER B 595 7.52 -37.81 37.91
C SER B 595 8.42 -37.19 36.85
N GLU B 596 9.21 -37.99 36.16
CA GLU B 596 10.10 -37.43 35.16
C GLU B 596 9.37 -36.95 33.93
N GLY B 597 8.30 -37.64 33.55
CA GLY B 597 7.53 -37.18 32.41
C GLY B 597 6.85 -35.85 32.67
N LEU B 598 6.25 -35.69 33.86
CA LEU B 598 5.57 -34.43 34.18
C LEU B 598 6.58 -33.30 34.40
N TYR B 599 7.70 -33.59 35.04
CA TYR B 599 8.70 -32.55 35.30
C TYR B 599 9.25 -31.95 34.02
N ALA B 600 9.35 -32.75 32.95
CA ALA B 600 9.80 -32.22 31.67
C ALA B 600 8.81 -31.20 31.12
N ILE B 601 7.51 -31.50 31.24
CA ILE B 601 6.49 -30.55 30.79
C ILE B 601 6.53 -29.27 31.62
N ALA B 602 6.68 -29.42 32.95
CA ALA B 602 6.67 -28.25 33.83
C ALA B 602 7.83 -27.31 33.52
N VAL B 603 9.02 -27.86 33.24
CA VAL B 603 10.18 -27.02 32.93
C VAL B 603 9.93 -26.23 31.65
N VAL B 604 9.35 -26.88 30.63
CA VAL B 604 9.03 -26.17 29.40
C VAL B 604 8.03 -25.06 29.66
N LEU B 605 6.99 -25.34 30.46
CA LEU B 605 5.98 -24.33 30.76
C LEU B 605 6.53 -23.22 31.66
N SER B 606 7.44 -23.54 32.57
CA SER B 606 7.96 -22.52 33.48
C SER B 606 8.74 -21.44 32.74
N PHE B 607 9.34 -21.79 31.59
CA PHE B 607 10.04 -20.81 30.78
C PHE B 607 9.11 -19.79 30.14
N SER B 608 7.79 -20.03 30.20
CA SER B 608 6.82 -19.10 29.62
C SER B 608 6.46 -17.96 30.54
N ARG B 609 7.02 -17.91 31.75
CA ARG B 609 6.80 -16.79 32.65
C ARG B 609 7.62 -15.56 32.28
N ILE B 610 8.45 -15.65 31.23
CA ILE B 610 9.14 -14.47 30.72
C ILE B 610 8.16 -13.46 30.15
N ALA B 611 6.92 -13.89 29.83
CA ALA B 611 5.92 -12.97 29.32
C ALA B 611 5.50 -11.93 30.35
N TYR B 612 5.82 -12.15 31.62
CA TYR B 612 5.58 -11.14 32.66
C TYR B 612 6.72 -10.16 32.81
N ILE B 613 7.87 -10.41 32.16
CA ILE B 613 9.01 -9.52 32.26
C ILE B 613 9.33 -8.84 30.92
N LEU B 614 9.03 -9.48 29.81
CA LEU B 614 9.33 -8.89 28.50
C LEU B 614 8.65 -7.56 28.23
N PRO B 615 7.38 -7.32 28.59
CA PRO B 615 6.76 -6.03 28.25
C PRO B 615 7.49 -4.82 28.82
N ALA B 616 8.26 -4.97 29.90
CA ALA B 616 8.98 -3.84 30.46
C ALA B 616 10.02 -3.29 29.48
N ASN B 617 10.76 -4.15 28.81
CA ASN B 617 11.79 -3.70 27.89
C ASN B 617 11.17 -3.08 26.65
N GLU B 618 11.78 -2.01 26.14
CA GLU B 618 11.23 -1.29 25.00
C GLU B 618 11.55 -1.95 23.67
N SER B 619 12.52 -2.87 23.64
CA SER B 619 12.86 -3.59 22.41
C SER B 619 12.22 -4.97 22.36
N PHE B 620 11.95 -5.59 23.51
CA PHE B 620 11.30 -6.89 23.54
C PHE B 620 9.79 -6.79 23.70
N GLY B 621 9.29 -5.69 24.24
CA GLY B 621 7.87 -5.49 24.44
C GLY B 621 7.07 -5.52 23.15
N PRO B 622 7.48 -4.74 22.14
CA PRO B 622 6.77 -4.79 20.85
C PRO B 622 6.77 -6.17 20.21
N LEU B 623 7.85 -6.94 20.38
CA LEU B 623 7.90 -8.27 19.78
C LEU B 623 6.88 -9.20 20.41
N GLN B 624 6.71 -9.13 21.73
CA GLN B 624 5.68 -9.94 22.39
C GLN B 624 4.30 -9.54 21.95
N ILE B 625 4.04 -8.24 21.82
CA ILE B 625 2.72 -7.78 21.38
C ILE B 625 2.43 -8.26 19.97
N SER B 626 3.43 -8.17 19.08
CA SER B 626 3.26 -8.68 17.72
C SER B 626 3.06 -10.18 17.71
N LEU B 627 3.78 -10.91 18.56
CA LEU B 627 3.65 -12.36 18.61
C LEU B 627 2.26 -12.77 19.06
N GLY B 628 1.69 -12.05 20.02
CA GLY B 628 0.34 -12.36 20.48
C GLY B 628 -0.70 -12.20 19.38
N ARG B 629 -0.55 -11.16 18.55
CA ARG B 629 -1.48 -10.97 17.44
C ARG B 629 -1.38 -12.11 16.44
N THR B 630 -0.15 -12.58 16.17
CA THR B 630 0.03 -13.68 15.23
C THR B 630 -0.65 -14.95 15.74
N VAL B 631 -0.53 -15.26 17.03
CA VAL B 631 -1.13 -16.46 17.57
C VAL B 631 -2.65 -16.40 17.48
N LYS B 632 -3.23 -15.24 17.79
CA LYS B 632 -4.67 -15.10 17.72
C LYS B 632 -5.19 -15.30 16.30
N ASP B 633 -4.48 -14.76 15.31
CA ASP B 633 -4.87 -14.96 13.92
C ASP B 633 -4.77 -16.42 13.52
N ILE B 634 -3.69 -17.10 13.92
CA ILE B 634 -3.52 -18.51 13.57
C ILE B 634 -4.63 -19.34 14.19
N PHE B 635 -5.04 -19.00 15.41
CA PHE B 635 -6.13 -19.73 16.05
C PHE B 635 -7.44 -19.60 15.28
N LYS B 636 -7.64 -18.47 14.60
CA LYS B 636 -8.84 -18.31 13.78
C LYS B 636 -8.85 -19.30 12.63
N PHE B 637 -7.70 -19.51 11.98
CA PHE B 637 -7.62 -20.43 10.86
C PHE B 637 -7.50 -21.88 11.27
N MET B 638 -7.31 -22.16 12.56
CA MET B 638 -7.21 -23.54 13.02
C MET B 638 -8.52 -24.30 12.89
N VAL B 639 -9.64 -23.60 12.78
CA VAL B 639 -10.93 -24.28 12.64
C VAL B 639 -11.01 -25.02 11.32
N ILE B 640 -10.66 -24.34 10.22
CA ILE B 640 -10.63 -24.99 8.92
C ILE B 640 -9.55 -26.05 8.87
N PHE B 641 -8.40 -25.77 9.49
CA PHE B 641 -7.31 -26.74 9.50
C PHE B 641 -7.72 -28.01 10.25
N ILE B 642 -8.45 -27.87 11.36
CA ILE B 642 -8.91 -29.04 12.10
C ILE B 642 -9.90 -29.85 11.27
N MET B 643 -10.82 -29.17 10.58
CA MET B 643 -11.84 -29.88 9.82
C MET B 643 -11.21 -30.73 8.71
N VAL B 644 -10.22 -30.18 8.01
CA VAL B 644 -9.53 -30.96 6.98
C VAL B 644 -8.71 -32.07 7.62
N PHE B 645 -8.07 -31.79 8.75
CA PHE B 645 -7.24 -32.79 9.41
C PHE B 645 -8.07 -34.00 9.83
N VAL B 646 -9.20 -33.75 10.49
CA VAL B 646 -10.05 -34.85 10.95
C VAL B 646 -10.66 -35.60 9.78
N ALA B 647 -10.92 -34.91 8.67
CA ALA B 647 -11.52 -35.56 7.51
C ALA B 647 -10.62 -36.67 6.97
N PHE B 648 -9.33 -36.36 6.75
CA PHE B 648 -8.41 -37.36 6.23
C PHE B 648 -8.00 -38.37 7.30
N MET B 649 -7.96 -37.94 8.57
CA MET B 649 -7.55 -38.86 9.63
C MET B 649 -8.51 -40.03 9.74
N ILE B 650 -9.81 -39.76 9.70
CA ILE B 650 -10.80 -40.83 9.73
C ILE B 650 -10.80 -41.59 8.40
N GLY B 651 -10.65 -40.88 7.28
CA GLY B 651 -10.66 -41.55 5.99
C GLY B 651 -9.47 -42.48 5.82
N MET B 652 -8.27 -42.01 6.16
CA MET B 652 -7.09 -42.86 6.06
C MET B 652 -7.16 -44.04 7.03
N PHE B 653 -7.65 -43.79 8.24
CA PHE B 653 -7.76 -44.87 9.22
C PHE B 653 -8.73 -45.96 8.75
N ASN B 654 -9.86 -45.56 8.16
CA ASN B 654 -10.80 -46.55 7.64
C ASN B 654 -10.19 -47.37 6.51
N LEU B 655 -9.27 -46.79 5.75
CA LEU B 655 -8.66 -47.50 4.64
C LEU B 655 -7.66 -48.55 5.13
N TYR B 656 -6.84 -48.19 6.12
CA TYR B 656 -5.72 -49.03 6.54
C TYR B 656 -5.94 -49.72 7.87
N SER B 657 -7.15 -49.67 8.43
CA SER B 657 -7.38 -50.32 9.71
C SER B 657 -7.27 -51.83 9.61
N TYR B 658 -7.65 -52.40 8.48
CA TYR B 658 -7.63 -53.86 8.31
C TYR B 658 -6.22 -54.39 8.10
N TYR B 659 -5.34 -53.62 7.47
CA TYR B 659 -3.97 -54.04 7.22
C TYR B 659 -3.06 -53.58 8.35
N ILE B 660 -3.37 -54.07 9.56
CA ILE B 660 -2.62 -53.66 10.74
C ILE B 660 -1.19 -54.20 10.69
N GLY B 661 -1.02 -55.45 10.29
CA GLY B 661 0.31 -56.04 10.23
C GLY B 661 0.89 -56.11 8.83
N ALA B 662 0.07 -55.76 7.83
CA ALA B 662 0.52 -55.85 6.44
C ALA B 662 1.45 -54.72 6.04
N LYS B 663 1.25 -53.53 6.60
CA LYS B 663 1.99 -52.35 6.15
C LYS B 663 3.46 -52.43 6.56
N GLN B 664 4.30 -51.70 5.82
CA GLN B 664 5.72 -51.66 6.12
C GLN B 664 5.99 -51.01 7.48
N ASN B 665 5.30 -49.91 7.78
CA ASN B 665 5.39 -49.24 9.06
C ASN B 665 4.00 -48.92 9.57
N GLU B 666 3.84 -48.96 10.89
CA GLU B 666 2.54 -48.67 11.49
C GLU B 666 2.20 -47.20 11.28
N ALA B 667 1.25 -46.94 10.37
CA ALA B 667 0.82 -45.59 10.08
C ALA B 667 -0.56 -45.68 9.43
N PHE B 668 -1.50 -44.88 9.93
CA PHE B 668 -2.92 -44.94 9.58
C PHE B 668 -3.56 -46.25 10.02
N THR B 669 -2.89 -47.03 10.87
CA THR B 669 -3.43 -48.30 11.33
C THR B 669 -4.46 -48.09 12.45
N THR B 670 -4.09 -47.31 13.46
CA THR B 670 -5.00 -46.92 14.53
C THR B 670 -5.29 -45.43 14.45
N VAL B 671 -6.29 -44.99 15.20
CA VAL B 671 -6.64 -43.57 15.19
C VAL B 671 -5.51 -42.74 15.76
N GLU B 672 -4.89 -43.20 16.84
CA GLU B 672 -3.73 -42.50 17.38
C GLU B 672 -2.58 -42.49 16.37
N GLU B 673 -2.35 -43.62 15.70
CA GLU B 673 -1.26 -43.69 14.72
C GLU B 673 -1.59 -42.87 13.48
N SER B 674 -2.86 -42.84 13.08
CA SER B 674 -3.25 -42.02 11.93
C SER B 674 -3.10 -40.53 12.24
N PHE B 675 -3.47 -40.12 13.45
CA PHE B 675 -3.29 -38.73 13.85
C PHE B 675 -1.80 -38.36 13.88
N LYS B 676 -0.97 -39.25 14.42
CA LYS B 676 0.46 -38.97 14.48
C LYS B 676 1.08 -38.84 13.10
N THR B 677 0.71 -39.73 12.18
CA THR B 677 1.27 -39.68 10.83
C THR B 677 0.86 -38.41 10.10
N LEU B 678 -0.43 -38.05 10.19
CA LEU B 678 -0.90 -36.87 9.46
C LEU B 678 -0.38 -35.58 10.07
N PHE B 679 -0.22 -35.53 11.39
CA PHE B 679 0.32 -34.33 12.01
C PHE B 679 1.75 -34.08 11.57
N TRP B 680 2.60 -35.11 11.63
CA TRP B 680 3.99 -34.93 11.24
C TRP B 680 4.14 -34.76 9.73
N ALA B 681 3.15 -35.16 8.95
CA ALA B 681 3.19 -34.90 7.51
C ALA B 681 3.15 -33.42 7.20
N ILE B 682 2.67 -32.59 8.14
CA ILE B 682 2.66 -31.15 7.95
C ILE B 682 4.08 -30.62 7.82
N PHE B 683 4.99 -31.09 8.67
CA PHE B 683 6.37 -30.64 8.67
C PHE B 683 7.26 -31.49 7.77
N GLY B 684 6.67 -32.24 6.85
CA GLY B 684 7.46 -33.06 5.94
C GLY B 684 8.22 -34.18 6.60
N LEU B 685 7.86 -34.55 7.83
CA LEU B 685 8.57 -35.56 8.58
C LEU B 685 7.93 -36.94 8.49
N SER B 686 6.92 -37.10 7.64
CA SER B 686 6.29 -38.40 7.40
C SER B 686 6.64 -38.89 6.01
N GLU B 687 7.16 -40.12 5.94
CA GLU B 687 7.58 -40.69 4.66
C GLU B 687 6.38 -41.06 3.81
N VAL B 688 6.64 -41.28 2.52
CA VAL B 688 5.59 -41.75 1.62
C VAL B 688 5.38 -43.26 1.74
N LYS B 689 6.34 -43.98 2.30
CA LYS B 689 6.20 -45.43 2.43
C LYS B 689 5.18 -45.82 3.49
N SER B 690 4.67 -44.86 4.27
CA SER B 690 3.56 -45.13 5.17
C SER B 690 2.28 -45.49 4.42
N VAL B 691 2.24 -45.25 3.13
CA VAL B 691 1.09 -45.64 2.30
C VAL B 691 1.24 -47.06 1.76
N VAL B 692 2.47 -47.55 1.62
CA VAL B 692 2.73 -48.81 0.93
C VAL B 692 2.32 -49.99 1.81
N ILE B 693 1.75 -51.03 1.18
CA ILE B 693 1.36 -52.26 1.83
C ILE B 693 2.19 -53.40 1.25
N ASN B 694 2.44 -54.43 2.08
CA ASN B 694 3.20 -55.58 1.61
C ASN B 694 2.37 -56.50 0.73
N TYR B 695 1.05 -56.51 0.90
CA TYR B 695 0.20 -57.43 0.15
C TYR B 695 0.11 -57.03 -1.32
N ASN B 696 -0.59 -57.86 -2.09
CA ASN B 696 -0.77 -57.64 -3.52
C ASN B 696 -1.91 -56.67 -3.83
N HIS B 697 -2.65 -56.22 -2.82
CA HIS B 697 -3.83 -55.38 -3.02
C HIS B 697 -3.37 -53.96 -3.38
N LYS B 698 -3.04 -53.78 -4.66
CA LYS B 698 -2.59 -52.48 -5.14
C LYS B 698 -3.74 -51.48 -5.30
N PHE B 699 -4.99 -51.95 -5.28
CA PHE B 699 -6.11 -51.02 -5.33
C PHE B 699 -6.14 -50.14 -4.08
N ILE B 700 -6.05 -50.76 -2.90
CA ILE B 700 -6.09 -50.00 -1.66
C ILE B 700 -4.84 -49.13 -1.51
N GLU B 701 -3.69 -49.65 -1.93
CA GLU B 701 -2.47 -48.85 -1.88
C GLU B 701 -2.57 -47.61 -2.76
N ASN B 702 -3.15 -47.75 -3.95
CA ASN B 702 -3.32 -46.59 -4.83
C ASN B 702 -4.36 -45.62 -4.28
N ILE B 703 -5.38 -46.11 -3.59
CA ILE B 703 -6.30 -45.21 -2.89
C ILE B 703 -5.55 -44.43 -1.82
N GLY B 704 -4.64 -45.10 -1.10
CA GLY B 704 -3.87 -44.41 -0.08
C GLY B 704 -2.96 -43.34 -0.66
N TYR B 705 -2.36 -43.63 -1.82
CA TYR B 705 -1.50 -42.63 -2.46
C TYR B 705 -2.28 -41.38 -2.84
N VAL B 706 -3.49 -41.57 -3.38
CA VAL B 706 -4.31 -40.43 -3.79
C VAL B 706 -4.73 -39.61 -2.57
N LEU B 707 -5.27 -40.29 -1.54
CA LEU B 707 -5.74 -39.57 -0.37
C LEU B 707 -4.61 -38.86 0.36
N TYR B 708 -3.46 -39.52 0.48
CA TYR B 708 -2.30 -38.88 1.09
C TYR B 708 -1.81 -37.72 0.24
N GLY B 709 -1.80 -37.89 -1.08
CA GLY B 709 -1.40 -36.80 -1.95
C GLY B 709 -2.39 -35.64 -1.93
N VAL B 710 -3.69 -35.95 -1.92
CA VAL B 710 -4.71 -34.91 -1.83
C VAL B 710 -4.62 -34.18 -0.50
N TYR B 711 -4.27 -34.91 0.57
CA TYR B 711 -4.11 -34.29 1.88
C TYR B 711 -3.03 -33.23 1.87
N ASN B 712 -1.88 -33.52 1.25
CA ASN B 712 -0.79 -32.56 1.21
C ASN B 712 -1.13 -31.35 0.36
N VAL B 713 -1.79 -31.58 -0.78
CA VAL B 713 -2.22 -30.46 -1.62
C VAL B 713 -3.21 -29.58 -0.87
N THR B 714 -4.17 -30.20 -0.18
CA THR B 714 -5.14 -29.43 0.58
C THR B 714 -4.48 -28.66 1.72
N MET B 715 -3.51 -29.28 2.39
CA MET B 715 -2.85 -28.60 3.51
C MET B 715 -2.01 -27.42 3.03
N VAL B 716 -1.26 -27.57 1.94
CA VAL B 716 -0.47 -26.46 1.45
C VAL B 716 -1.37 -25.35 0.91
N ILE B 717 -2.56 -25.70 0.43
CA ILE B 717 -3.52 -24.68 0.01
C ILE B 717 -4.06 -23.93 1.23
N VAL B 718 -4.41 -24.66 2.29
CA VAL B 718 -4.93 -24.02 3.50
C VAL B 718 -3.85 -23.19 4.17
N LEU B 719 -2.61 -23.71 4.23
CA LEU B 719 -1.52 -22.93 4.80
C LEU B 719 -1.20 -21.71 3.95
N LEU B 720 -1.30 -21.83 2.63
CA LEU B 720 -1.10 -20.68 1.75
C LEU B 720 -2.17 -19.63 1.97
N ASN B 721 -3.42 -20.06 2.12
CA ASN B 721 -4.51 -19.12 2.38
C ASN B 721 -4.33 -18.41 3.72
N MET B 722 -3.89 -19.15 4.74
CA MET B 722 -3.63 -18.53 6.04
C MET B 722 -2.49 -17.51 5.96
N LEU B 723 -1.42 -17.86 5.24
CA LEU B 723 -0.27 -16.96 5.14
C LEU B 723 -0.64 -15.65 4.45
N ILE B 724 -1.39 -15.74 3.35
CA ILE B 724 -1.75 -14.53 2.61
C ILE B 724 -2.71 -13.67 3.43
N ALA B 725 -3.69 -14.30 4.09
CA ALA B 725 -4.66 -13.54 4.87
C ALA B 725 -4.01 -12.86 6.08
N MET B 726 -2.99 -13.49 6.66
CA MET B 726 -2.30 -12.86 7.78
C MET B 726 -1.43 -11.69 7.33
N ILE B 727 -0.87 -11.76 6.12
CA ILE B 727 -0.15 -10.63 5.58
C ILE B 727 -1.08 -9.44 5.38
N ASN B 728 -2.29 -9.70 4.87
CA ASN B 728 -3.29 -8.64 4.74
C ASN B 728 -3.63 -8.03 6.09
N SER B 729 -3.85 -8.88 7.09
CA SER B 729 -4.24 -8.39 8.41
C SER B 729 -3.19 -7.46 8.99
N SER B 730 -1.91 -7.72 8.72
CA SER B 730 -0.85 -6.85 9.20
C SER B 730 -0.90 -5.49 8.53
N PHE B 731 -1.17 -5.45 7.22
CA PHE B 731 -1.19 -4.19 6.49
C PHE B 731 -2.48 -3.40 6.71
N GLN B 732 -3.58 -4.06 7.06
CA GLN B 732 -4.85 -3.36 7.29
C GLN B 732 -4.87 -2.74 8.68
N ASP B 737 -0.11 1.34 14.83
CA ASP B 737 -0.62 1.51 16.18
C ASP B 737 0.15 0.62 17.15
N ALA B 738 1.17 -0.07 16.64
CA ALA B 738 1.91 -1.02 17.47
C ALA B 738 2.63 -0.32 18.62
N ASP B 739 3.15 0.88 18.37
CA ASP B 739 3.83 1.62 19.43
C ASP B 739 2.86 1.97 20.55
N VAL B 740 1.64 2.37 20.21
CA VAL B 740 0.64 2.67 21.23
C VAL B 740 0.21 1.40 21.96
N GLU B 741 0.11 0.28 21.24
CA GLU B 741 -0.31 -0.96 21.87
C GLU B 741 0.69 -1.45 22.91
N TRP B 742 1.99 -1.37 22.59
CA TRP B 742 3.00 -1.80 23.55
C TRP B 742 3.04 -0.88 24.76
N LYS B 743 3.00 0.44 24.54
CA LYS B 743 3.09 1.37 25.67
C LYS B 743 1.92 1.21 26.63
N PHE B 744 0.76 0.82 26.13
CA PHE B 744 -0.35 0.52 27.03
C PHE B 744 -0.10 -0.75 27.81
N ALA B 745 0.49 -1.77 27.17
CA ALA B 745 0.82 -3.01 27.86
C ALA B 745 1.90 -2.76 28.92
N ARG B 746 2.91 -1.96 28.60
CA ARG B 746 3.92 -1.61 29.59
C ARG B 746 3.32 -0.83 30.75
N ALA B 747 2.41 0.09 30.46
CA ALA B 747 1.76 0.87 31.51
C ALA B 747 0.90 -0.02 32.42
N LYS B 748 0.22 -0.99 31.83
CA LYS B 748 -0.52 -1.96 32.66
C LYS B 748 0.43 -2.78 33.52
N LEU B 749 1.62 -3.08 32.99
CA LEU B 749 2.64 -3.75 33.79
C LEU B 749 3.08 -2.89 34.97
N TRP B 750 3.29 -1.60 34.73
CA TRP B 750 3.74 -0.71 35.79
C TRP B 750 2.72 -0.64 36.92
N PHE B 751 1.44 -0.51 36.59
CA PHE B 751 0.42 -0.36 37.63
C PHE B 751 0.29 -1.61 38.50
N SER B 752 0.82 -2.75 38.04
CA SER B 752 0.86 -3.92 38.89
C SER B 752 1.75 -3.70 40.11
N TYR B 753 2.89 -3.05 39.91
CA TYR B 753 3.86 -2.80 40.97
C TYR B 753 3.61 -1.50 41.72
N PHE B 754 2.69 -0.65 41.25
CA PHE B 754 2.44 0.61 41.93
C PHE B 754 1.83 0.40 43.30
N GLU B 755 0.96 -0.61 43.43
CA GLU B 755 0.36 -0.91 44.72
C GLU B 755 1.42 -1.28 45.73
N GLU B 756 1.14 -1.01 47.00
CA GLU B 756 2.09 -1.38 48.06
C GLU B 756 2.32 -2.88 48.09
N GLY B 757 1.24 -3.66 48.00
CA GLY B 757 1.29 -5.09 47.74
C GLY B 757 2.39 -5.89 48.41
N ARG B 758 3.14 -6.63 47.61
CA ARG B 758 4.19 -7.52 48.10
C ARG B 758 5.56 -7.01 47.64
N THR B 759 6.50 -6.95 48.57
CA THR B 759 7.86 -6.51 48.27
C THR B 759 8.85 -7.65 48.11
N LEU B 760 8.70 -8.71 48.90
CA LEU B 760 9.66 -9.80 48.80
C LEU B 760 9.23 -10.80 47.72
N PRO B 761 10.19 -11.35 46.99
CA PRO B 761 9.87 -12.21 45.84
C PRO B 761 9.32 -13.58 46.21
N VAL B 762 9.20 -14.44 45.19
CA VAL B 762 8.51 -15.72 45.36
C VAL B 762 9.10 -16.59 46.47
N PRO B 763 10.40 -16.85 46.54
CA PRO B 763 10.90 -17.75 47.58
C PRO B 763 10.68 -17.23 48.99
N PHE B 764 10.62 -15.92 49.19
CA PHE B 764 10.61 -15.33 50.51
C PHE B 764 9.26 -14.80 50.96
N ASN B 765 8.21 -14.92 50.14
CA ASN B 765 6.89 -14.49 50.60
C ASN B 765 6.20 -15.56 51.44
N LEU B 766 6.79 -16.75 51.57
CA LEU B 766 6.22 -17.78 52.43
C LEU B 766 6.41 -17.41 53.90
N VAL B 767 7.61 -16.98 54.27
CA VAL B 767 7.92 -16.72 55.68
C VAL B 767 7.26 -15.41 56.11
N PRO B 768 6.54 -15.39 57.24
CA PRO B 768 5.91 -14.18 57.78
C PRO B 768 6.88 -13.34 58.60
N ARG B 853 -9.95 26.77 43.86
CA ARG B 853 -10.58 26.40 42.61
C ARG B 853 -9.62 26.51 41.43
N GLN B 854 -8.35 26.16 41.67
CA GLN B 854 -7.37 26.18 40.60
C GLN B 854 -7.70 25.15 39.52
N TYR B 855 -8.35 24.06 39.89
CA TYR B 855 -8.71 23.05 38.88
C TYR B 855 -9.76 23.59 37.91
N GLN B 856 -10.75 24.33 38.41
CA GLN B 856 -11.75 24.92 37.53
C GLN B 856 -11.11 25.97 36.63
N LYS B 857 -10.15 26.73 37.16
CA LYS B 857 -9.45 27.72 36.35
C LYS B 857 -8.64 27.07 35.24
N ILE B 858 -7.95 25.97 35.55
CA ILE B 858 -7.12 25.30 34.55
C ILE B 858 -7.98 24.63 33.50
N MET B 859 -9.10 24.03 33.92
CA MET B 859 -9.99 23.40 32.94
C MET B 859 -10.56 24.42 31.97
N LYS B 860 -10.97 25.58 32.48
CA LYS B 860 -11.44 26.65 31.59
C LYS B 860 -10.33 27.09 30.64
N ARG B 861 -9.10 27.20 31.13
CA ARG B 861 -7.98 27.57 30.28
C ARG B 861 -7.74 26.54 29.19
N LEU B 862 -7.81 25.25 29.53
CA LEU B 862 -7.56 24.20 28.55
C LEU B 862 -8.73 23.99 27.61
N ILE B 863 -9.96 24.17 28.10
CA ILE B 863 -11.13 24.04 27.21
C ILE B 863 -11.10 25.11 26.13
N LYS B 864 -10.82 26.35 26.53
CA LYS B 864 -10.74 27.43 25.55
C LYS B 864 -9.62 27.16 24.54
N ARG B 865 -8.48 26.70 25.03
CA ARG B 865 -7.38 26.36 24.13
C ARG B 865 -7.75 25.22 23.19
N TYR B 866 -8.59 24.29 23.66
CA TYR B 866 -9.04 23.22 22.80
C TYR B 866 -9.97 23.74 21.71
N VAL B 867 -10.87 24.65 22.06
CA VAL B 867 -11.79 25.21 21.07
C VAL B 867 -11.04 25.97 19.99
N LEU B 868 -10.07 26.78 20.38
CA LEU B 868 -9.29 27.53 19.40
C LEU B 868 -8.51 26.60 18.49
N GLN B 869 -7.88 25.57 19.05
CA GLN B 869 -7.11 24.64 18.23
C GLN B 869 -8.03 23.80 17.35
N ALA B 870 -9.21 23.44 17.85
CA ALA B 870 -10.15 22.69 17.03
C ALA B 870 -10.61 23.50 15.83
N GLN B 871 -10.85 24.79 16.01
CA GLN B 871 -11.23 25.65 14.90
C GLN B 871 -10.09 25.86 13.92
N ILE B 872 -8.85 25.92 14.42
CA ILE B 872 -7.69 26.03 13.54
C ILE B 872 -7.57 24.79 12.66
N ASP B 873 -7.76 23.61 13.26
CA ASP B 873 -7.69 22.37 12.48
C ASP B 873 -8.81 22.28 11.45
N LYS B 874 -10.00 22.77 11.80
CA LYS B 874 -11.08 22.83 10.81
C LYS B 874 -10.73 23.77 9.67
N GLU B 875 -10.09 24.89 9.99
CA GLU B 875 -9.59 25.79 8.95
C GLU B 875 -8.45 25.17 8.14
N SER B 876 -7.83 24.12 8.63
CA SER B 876 -6.76 23.51 7.85
C SER B 876 -7.27 22.50 6.82
N ASP B 877 -8.59 22.29 6.80
CA ASP B 877 -9.19 21.36 5.85
C ASP B 877 -9.24 21.96 4.45
N GLU B 878 -9.13 21.10 3.44
CA GLU B 878 -9.15 21.54 2.05
C GLU B 878 -10.50 22.12 1.64
N VAL B 879 -10.47 23.15 0.81
CA VAL B 879 -11.69 23.81 0.35
C VAL B 879 -12.43 22.90 -0.63
N ASN B 880 -13.76 22.89 -0.54
CA ASN B 880 -14.59 22.07 -1.40
C ASN B 880 -15.38 22.92 -2.38
N GLU B 881 -16.25 22.29 -3.16
CA GLU B 881 -17.05 22.97 -4.17
C GLU B 881 -18.19 23.80 -3.58
N GLY B 882 -18.66 23.40 -2.41
CA GLY B 882 -19.73 24.04 -1.70
C GLY B 882 -19.30 25.34 -1.09
N GLU B 883 -18.12 25.34 -0.50
CA GLU B 883 -17.55 26.54 0.10
C GLU B 883 -17.19 27.59 -0.93
N LEU B 884 -16.69 27.17 -2.07
CA LEU B 884 -16.29 28.12 -3.09
C LEU B 884 -17.50 28.74 -3.73
N LYS B 885 -18.59 28.02 -3.75
CA LYS B 885 -19.87 28.51 -4.26
C LYS B 885 -20.45 29.55 -3.35
N GLU B 886 -20.30 29.38 -2.05
CA GLU B 886 -20.81 30.37 -1.10
C GLU B 886 -20.04 31.64 -1.33
N ILE B 887 -18.77 31.51 -1.69
CA ILE B 887 -17.98 32.70 -2.01
C ILE B 887 -18.40 33.34 -3.31
N LYS B 888 -18.73 32.52 -4.29
CA LYS B 888 -19.21 32.95 -5.59
C LYS B 888 -20.53 33.66 -5.49
N GLN B 889 -21.39 33.21 -4.57
CA GLN B 889 -22.69 33.80 -4.36
C GLN B 889 -22.57 35.14 -3.68
N ASP B 890 -21.51 35.34 -2.93
CA ASP B 890 -21.22 36.61 -2.28
C ASP B 890 -20.94 37.64 -3.33
N ILE B 891 -20.13 37.28 -4.32
CA ILE B 891 -19.79 38.19 -5.41
C ILE B 891 -21.03 38.51 -6.22
N SER B 892 -21.86 37.51 -6.43
CA SER B 892 -23.11 37.66 -7.16
C SER B 892 -24.08 38.60 -6.48
N SER B 893 -24.13 38.59 -5.15
CA SER B 893 -25.07 39.46 -4.48
C SER B 893 -24.51 40.85 -4.42
N LEU B 894 -23.20 40.96 -4.25
CA LEU B 894 -22.54 42.26 -4.26
C LEU B 894 -22.74 42.98 -5.58
N ARG B 895 -22.74 42.23 -6.68
CA ARG B 895 -22.96 42.84 -7.99
C ARG B 895 -24.35 43.45 -8.08
N TYR B 896 -25.37 42.74 -7.60
CA TYR B 896 -26.73 43.27 -7.64
C TYR B 896 -26.88 44.48 -6.74
N GLU B 897 -26.25 44.45 -5.57
CA GLU B 897 -26.35 45.59 -4.65
C GLU B 897 -25.69 46.83 -5.22
N LEU B 898 -24.50 46.68 -5.81
CA LEU B 898 -23.76 47.85 -6.29
C LEU B 898 -24.39 48.43 -7.55
N LEU B 899 -24.81 47.56 -8.49
CA LEU B 899 -25.39 48.05 -9.73
C LEU B 899 -26.70 48.79 -9.49
N GLU B 900 -27.56 48.24 -8.63
CA GLU B 900 -28.78 48.95 -8.27
C GLU B 900 -28.47 50.22 -7.51
N GLU B 901 -27.48 50.17 -6.61
CA GLU B 901 -27.15 51.34 -5.80
C GLU B 901 -26.77 52.52 -6.67
N LYS B 902 -25.81 52.33 -7.58
CA LYS B 902 -25.36 53.41 -8.44
C LYS B 902 -26.46 53.85 -9.40
N SER B 903 -27.25 52.91 -9.91
CA SER B 903 -28.38 53.26 -10.76
C SER B 903 -29.40 54.11 -10.00
N GLN B 904 -29.67 53.75 -8.75
CA GLN B 904 -30.56 54.56 -7.91
C GLN B 904 -29.94 55.92 -7.62
N ASN B 905 -28.62 55.96 -7.43
CA ASN B 905 -27.96 57.23 -7.12
C ASN B 905 -28.15 58.25 -8.23
N THR B 906 -28.02 57.81 -9.49
CA THR B 906 -28.17 58.72 -10.62
C THR B 906 -29.63 59.05 -10.91
N GLU B 907 -30.54 58.10 -10.68
CA GLU B 907 -31.96 58.35 -10.96
C GLU B 907 -32.51 59.45 -10.05
N ASP B 908 -32.22 59.36 -8.75
CA ASP B 908 -32.62 60.42 -7.82
C ASP B 908 -31.88 61.72 -8.15
N LEU B 909 -30.62 61.61 -8.53
CA LEU B 909 -29.82 62.79 -8.85
C LEU B 909 -30.34 63.50 -10.10
N ALA B 910 -30.55 62.74 -11.18
CA ALA B 910 -31.00 63.34 -12.43
C ALA B 910 -32.40 63.92 -12.29
N GLU B 911 -33.23 63.34 -11.40
CA GLU B 911 -34.53 63.92 -11.12
C GLU B 911 -34.39 65.29 -10.48
N LEU B 912 -33.43 65.44 -9.56
CA LEU B 912 -33.19 66.73 -8.93
C LEU B 912 -32.68 67.75 -9.95
N ILE B 913 -31.80 67.33 -10.84
CA ILE B 913 -31.32 68.22 -11.90
C ILE B 913 -32.45 68.55 -12.86
N ARG B 914 -33.33 67.59 -13.12
CA ARG B 914 -34.50 67.86 -13.96
C ARG B 914 -35.38 68.93 -13.33
N GLU B 915 -35.56 68.87 -12.01
CA GLU B 915 -36.27 69.95 -11.31
C GLU B 915 -35.51 71.26 -11.44
N LEU B 916 -34.18 71.21 -11.35
CA LEU B 916 -33.38 72.41 -11.54
C LEU B 916 -33.54 72.98 -12.94
N GLY B 917 -33.58 72.11 -13.96
CA GLY B 917 -33.78 72.57 -15.31
C GLY B 917 -35.16 73.20 -15.51
N GLU B 918 -36.17 72.63 -14.86
CA GLU B 918 -37.51 73.21 -14.92
C GLU B 918 -37.54 74.59 -14.28
N LYS B 919 -36.85 74.75 -13.15
CA LYS B 919 -36.77 76.06 -12.50
C LYS B 919 -36.04 77.07 -13.37
N LEU B 920 -34.97 76.64 -14.04
CA LEU B 920 -34.17 77.49 -14.91
C LEU B 920 -33.65 78.72 -14.19
N LEU C 95 -23.17 40.37 27.05
CA LEU C 95 -22.53 41.55 26.49
C LEU C 95 -23.46 42.75 26.51
N SER C 96 -23.13 43.76 25.70
CA SER C 96 -23.94 44.97 25.56
C SER C 96 -24.25 45.18 24.08
N ILE C 97 -25.35 45.88 23.82
CA ILE C 97 -25.77 46.11 22.44
C ILE C 97 -24.71 46.91 21.70
N GLU C 98 -24.21 47.97 22.31
CA GLU C 98 -23.15 48.77 21.70
C GLU C 98 -21.89 47.94 21.48
N GLU C 99 -21.47 47.21 22.52
CA GLU C 99 -20.26 46.41 22.42
C GLU C 99 -20.44 45.25 21.43
N GLU C 100 -21.62 44.62 21.42
CA GLU C 100 -21.87 43.55 20.48
C GLU C 100 -21.84 44.05 19.04
N ARG C 101 -22.44 45.22 18.80
CA ARG C 101 -22.38 45.81 17.47
C ARG C 101 -20.95 46.15 17.08
N PHE C 102 -20.17 46.68 18.03
CA PHE C 102 -18.78 47.01 17.73
C PHE C 102 -17.97 45.78 17.39
N LEU C 103 -18.13 44.70 18.16
CA LEU C 103 -17.40 43.47 17.87
C LEU C 103 -17.82 42.86 16.56
N ASP C 104 -19.13 42.88 16.27
CA ASP C 104 -19.60 42.34 14.99
C ASP C 104 -19.04 43.14 13.82
N ALA C 105 -19.02 44.47 13.94
CA ALA C 105 -18.49 45.29 12.86
C ALA C 105 -16.98 45.10 12.70
N ALA C 106 -16.25 44.96 13.81
CA ALA C 106 -14.80 44.76 13.71
C ALA C 106 -14.47 43.38 13.17
N GLU C 107 -15.31 42.39 13.42
CA GLU C 107 -15.02 41.04 12.94
C GLU C 107 -15.24 40.92 11.44
N TYR C 108 -16.31 41.54 10.92
CA TYR C 108 -16.73 41.35 9.54
C TYR C 108 -16.33 42.51 8.62
N GLY C 109 -15.27 43.23 8.97
CA GLY C 109 -14.72 44.22 8.07
C GLY C 109 -15.58 45.44 7.83
N ASN C 110 -16.52 45.73 8.74
CA ASN C 110 -17.37 46.90 8.61
C ASN C 110 -16.58 48.13 9.04
N ILE C 111 -15.68 48.56 8.16
CA ILE C 111 -14.77 49.67 8.47
C ILE C 111 -15.51 50.96 8.80
N PRO C 112 -16.50 51.41 8.01
CA PRO C 112 -17.18 52.68 8.36
C PRO C 112 -17.81 52.68 9.74
N VAL C 113 -18.43 51.57 10.13
CA VAL C 113 -19.13 51.52 11.42
C VAL C 113 -18.13 51.54 12.57
N VAL C 114 -17.03 50.80 12.46
CA VAL C 114 -16.04 50.80 13.53
C VAL C 114 -15.38 52.17 13.62
N ARG C 115 -15.13 52.81 12.48
CA ARG C 115 -14.55 54.15 12.52
C ARG C 115 -15.49 55.15 13.19
N LYS C 116 -16.78 55.10 12.83
CA LYS C 116 -17.75 56.00 13.44
C LYS C 116 -17.85 55.76 14.95
N MET C 117 -17.87 54.49 15.37
CA MET C 117 -17.97 54.19 16.79
C MET C 117 -16.72 54.61 17.55
N LEU C 118 -15.54 54.44 16.95
CA LEU C 118 -14.32 54.91 17.60
C LEU C 118 -14.32 56.42 17.73
N GLU C 119 -14.89 57.13 16.77
CA GLU C 119 -14.85 58.59 16.78
C GLU C 119 -16.07 59.25 17.43
N GLU C 120 -17.07 58.47 17.85
CA GLU C 120 -18.31 59.11 18.30
C GLU C 120 -18.93 58.56 19.58
N CYS C 121 -18.43 57.46 20.15
CA CYS C 121 -19.12 56.85 21.29
C CYS C 121 -18.69 57.43 22.62
N HIS C 122 -17.38 57.41 22.91
CA HIS C 122 -16.76 57.93 24.12
C HIS C 122 -17.13 57.13 25.36
N SER C 123 -17.99 56.12 25.24
CA SER C 123 -18.34 55.23 26.34
C SER C 123 -18.02 53.77 26.04
N LEU C 124 -18.11 53.35 24.77
CA LEU C 124 -17.70 52.00 24.40
C LEU C 124 -16.21 51.83 24.64
N ASN C 125 -15.85 50.75 25.34
CA ASN C 125 -14.44 50.44 25.60
C ASN C 125 -13.93 49.53 24.49
N VAL C 126 -12.75 49.85 23.96
CA VAL C 126 -12.20 49.09 22.86
C VAL C 126 -11.83 47.67 23.27
N ASN C 127 -11.69 47.41 24.57
CA ASN C 127 -11.21 46.13 25.07
C ASN C 127 -12.33 45.14 25.36
N CYS C 128 -13.56 45.43 24.94
CA CYS C 128 -14.65 44.49 25.12
C CYS C 128 -14.40 43.23 24.31
N VAL C 129 -14.72 42.07 24.89
CA VAL C 129 -14.42 40.79 24.28
C VAL C 129 -15.72 40.04 24.00
N ASP C 130 -15.64 39.13 23.04
CA ASP C 130 -16.79 38.32 22.62
C ASP C 130 -16.85 37.03 23.44
N TYR C 131 -17.64 36.07 22.97
CA TYR C 131 -17.82 34.81 23.70
C TYR C 131 -16.52 34.06 23.89
N MET C 132 -15.52 34.29 23.03
CA MET C 132 -14.25 33.61 23.09
C MET C 132 -13.15 34.46 23.70
N GLY C 133 -13.51 35.60 24.29
CA GLY C 133 -12.50 36.49 24.88
C GLY C 133 -11.57 37.13 23.89
N GLN C 134 -12.07 37.49 22.71
CA GLN C 134 -11.28 38.16 21.67
C GLN C 134 -11.85 39.56 21.49
N ASN C 135 -11.03 40.58 21.72
CA ASN C 135 -11.50 41.96 21.60
C ASN C 135 -11.51 42.35 20.12
N ALA C 136 -11.71 43.65 19.85
CA ALA C 136 -11.81 44.10 18.46
C ALA C 136 -10.53 43.86 17.69
N LEU C 137 -9.38 44.11 18.32
CA LEU C 137 -8.11 43.97 17.61
C LEU C 137 -7.85 42.51 17.21
N GLN C 138 -8.11 41.57 18.12
CA GLN C 138 -7.87 40.16 17.79
C GLN C 138 -8.82 39.66 16.72
N LEU C 139 -10.08 40.12 16.74
CA LEU C 139 -11.01 39.76 15.67
C LEU C 139 -10.58 40.35 14.33
N ALA C 140 -10.14 41.61 14.33
CA ALA C 140 -9.71 42.24 13.08
C ALA C 140 -8.48 41.55 12.52
N VAL C 141 -7.53 41.19 13.37
CA VAL C 141 -6.33 40.49 12.91
C VAL C 141 -6.67 39.09 12.43
N ALA C 142 -7.57 38.38 13.13
CA ALA C 142 -7.89 37.01 12.77
C ALA C 142 -8.52 36.92 11.39
N ASN C 143 -9.32 37.92 11.01
CA ASN C 143 -9.98 37.93 9.72
C ASN C 143 -9.21 38.71 8.66
N GLU C 144 -8.02 39.20 8.99
CA GLU C 144 -7.17 39.95 8.07
C GLU C 144 -7.89 41.20 7.55
N HIS C 145 -8.25 42.07 8.49
CA HIS C 145 -8.85 43.37 8.20
C HIS C 145 -7.79 44.43 8.49
N LEU C 146 -6.96 44.72 7.48
CA LEU C 146 -5.87 45.67 7.68
C LEU C 146 -6.37 47.06 7.97
N GLU C 147 -7.42 47.49 7.27
CA GLU C 147 -7.94 48.84 7.47
C GLU C 147 -8.51 49.03 8.87
N ILE C 148 -9.23 48.03 9.37
CA ILE C 148 -9.72 48.10 10.75
C ILE C 148 -8.56 47.97 11.73
N THR C 149 -7.56 47.15 11.39
CA THR C 149 -6.42 46.97 12.28
C THR C 149 -5.68 48.27 12.52
N GLU C 150 -5.44 49.04 11.45
CA GLU C 150 -4.74 50.31 11.62
C GLU C 150 -5.56 51.31 12.43
N LEU C 151 -6.87 51.38 12.18
CA LEU C 151 -7.73 52.26 12.97
C LEU C 151 -7.69 51.91 14.44
N LEU C 152 -7.75 50.62 14.77
CA LEU C 152 -7.66 50.20 16.16
C LEU C 152 -6.30 50.51 16.75
N LEU C 153 -5.22 50.28 15.97
CA LEU C 153 -3.88 50.51 16.48
C LEU C 153 -3.63 51.99 16.77
N LYS C 154 -4.32 52.88 16.07
CA LYS C 154 -4.19 54.29 16.42
C LYS C 154 -4.77 54.63 17.78
N LYS C 155 -5.58 53.75 18.38
CA LYS C 155 -6.04 53.96 19.75
C LYS C 155 -4.91 53.72 20.74
N GLU C 156 -4.99 54.40 21.89
CA GLU C 156 -3.93 54.38 22.88
C GLU C 156 -4.09 53.25 23.90
N ASN C 157 -5.31 53.03 24.39
CA ASN C 157 -5.58 52.05 25.43
C ASN C 157 -5.95 50.68 24.87
N LEU C 158 -5.45 50.33 23.68
CA LEU C 158 -5.80 49.06 23.05
C LEU C 158 -4.96 47.95 23.66
N SER C 159 -5.64 46.99 24.28
CA SER C 159 -4.96 45.84 24.88
C SER C 159 -4.79 44.72 23.86
N ARG C 160 -4.06 43.69 24.27
CA ARG C 160 -3.81 42.50 23.45
C ARG C 160 -3.10 42.84 22.14
N VAL C 161 -2.27 43.89 22.16
CA VAL C 161 -1.54 44.27 20.95
C VAL C 161 -0.41 43.27 20.66
N GLY C 162 0.33 42.85 21.69
CA GLY C 162 1.37 41.85 21.47
C GLY C 162 0.81 40.51 21.04
N ASP C 163 -0.29 40.09 21.65
CA ASP C 163 -0.96 38.88 21.20
C ASP C 163 -1.49 39.03 19.78
N ALA C 164 -1.95 40.23 19.43
CA ALA C 164 -2.37 40.47 18.05
C ALA C 164 -1.21 40.30 17.09
N LEU C 165 -0.02 40.80 17.47
CA LEU C 165 1.16 40.58 16.63
C LEU C 165 1.45 39.10 16.48
N LEU C 166 1.37 38.34 17.58
CA LEU C 166 1.65 36.91 17.52
C LEU C 166 0.64 36.19 16.62
N LEU C 167 -0.64 36.53 16.75
CA LEU C 167 -1.67 35.93 15.92
C LEU C 167 -1.48 36.30 14.44
N ALA C 168 -1.14 37.55 14.15
CA ALA C 168 -0.88 37.96 12.78
C ALA C 168 0.31 37.21 12.19
N ILE C 169 1.36 37.04 12.99
CA ILE C 169 2.53 36.29 12.53
C ILE C 169 2.16 34.85 12.23
N SER C 170 1.39 34.21 13.12
CA SER C 170 1.07 32.80 12.93
C SER C 170 0.20 32.54 11.71
N LYS C 171 -0.54 33.53 11.23
CA LYS C 171 -1.42 33.37 10.08
C LYS C 171 -0.82 33.88 8.78
N GLY C 172 0.41 34.37 8.81
CA GLY C 172 0.98 35.07 7.65
C GLY C 172 0.75 36.58 7.74
N TYR C 173 -0.16 37.10 6.91
CA TYR C 173 -0.67 38.46 7.03
C TYR C 173 0.46 39.48 7.18
N VAL C 174 1.28 39.58 6.13
CA VAL C 174 2.48 40.41 6.20
C VAL C 174 2.12 41.87 6.45
N ARG C 175 1.11 42.39 5.75
CA ARG C 175 0.74 43.79 5.91
C ARG C 175 0.31 44.10 7.33
N ILE C 176 -0.53 43.23 7.91
CA ILE C 176 -0.98 43.45 9.28
C ILE C 176 0.18 43.31 10.25
N VAL C 177 1.10 42.38 9.99
CA VAL C 177 2.26 42.22 10.87
C VAL C 177 3.10 43.50 10.88
N GLU C 178 3.34 44.08 9.70
CA GLU C 178 4.09 45.33 9.63
C GLU C 178 3.34 46.46 10.32
N ALA C 179 2.01 46.52 10.13
CA ALA C 179 1.22 47.56 10.78
C ALA C 179 1.30 47.46 12.30
N ILE C 180 1.24 46.24 12.83
CA ILE C 180 1.35 46.06 14.27
C ILE C 180 2.77 46.38 14.75
N LEU C 181 3.78 46.02 13.96
CA LEU C 181 5.15 46.38 14.32
C LEU C 181 5.33 47.90 14.34
N SER C 182 4.50 48.64 13.60
CA SER C 182 4.53 50.09 13.67
C SER C 182 4.05 50.64 15.01
N HIS C 183 3.43 49.79 15.84
CA HIS C 183 2.93 50.24 17.13
C HIS C 183 4.09 50.69 18.03
N PRO C 184 3.88 51.70 18.88
CA PRO C 184 4.98 52.17 19.74
C PRO C 184 5.49 51.14 20.73
N ALA C 185 4.69 50.12 21.07
CA ALA C 185 5.15 49.10 22.00
C ALA C 185 6.31 48.28 21.43
N PHE C 186 6.44 48.21 20.11
CA PHE C 186 7.52 47.47 19.47
C PHE C 186 8.63 48.39 18.97
N ALA C 187 8.75 49.59 19.53
CA ALA C 187 9.82 50.50 19.15
C ALA C 187 11.17 49.89 19.56
N GLU C 188 12.06 49.72 18.58
CA GLU C 188 13.43 49.24 18.76
C GLU C 188 13.48 47.76 19.11
N GLY C 189 12.32 47.14 19.35
CA GLY C 189 12.32 45.71 19.61
C GLY C 189 11.62 45.26 20.87
N LYS C 190 10.76 44.25 20.73
CA LYS C 190 10.14 43.52 21.83
C LYS C 190 10.18 42.02 21.54
N ARG C 191 11.11 41.59 20.69
CA ARG C 191 11.14 40.23 20.14
C ARG C 191 12.21 39.35 20.76
N LEU C 192 12.87 39.81 21.83
CA LEU C 192 13.92 39.03 22.47
C LEU C 192 13.35 37.78 23.12
N ASP C 204 6.79 40.40 30.25
CA ASP C 204 5.79 39.70 31.06
C ASP C 204 4.38 40.09 30.63
N ASP C 205 3.53 39.08 30.43
CA ASP C 205 2.09 39.23 30.18
C ASP C 205 1.79 40.08 28.95
N PHE C 206 2.83 40.49 28.23
CA PHE C 206 2.64 41.32 27.04
C PHE C 206 1.97 40.53 25.92
N TYR C 207 2.22 39.23 25.85
CA TYR C 207 1.66 38.38 24.80
C TYR C 207 0.49 37.55 25.29
N ALA C 208 -0.11 37.90 26.41
CA ALA C 208 -1.28 37.20 26.91
C ALA C 208 -2.50 37.52 26.05
N TYR C 209 -3.25 36.50 25.67
CA TYR C 209 -4.44 36.67 24.85
C TYR C 209 -5.73 36.70 25.65
N ASP C 210 -5.65 36.54 26.97
CA ASP C 210 -6.80 36.68 27.85
C ASP C 210 -6.26 37.04 29.24
N GLU C 211 -7.14 36.98 30.25
CA GLU C 211 -6.71 37.30 31.60
C GLU C 211 -5.68 36.30 32.11
N ASP C 212 -5.88 35.01 31.82
CA ASP C 212 -5.01 33.95 32.29
C ASP C 212 -4.57 33.10 31.10
N GLY C 213 -3.31 33.26 30.70
CA GLY C 213 -2.71 32.44 29.67
C GLY C 213 -2.31 33.25 28.44
N THR C 214 -1.53 32.58 27.60
CA THR C 214 -1.09 33.12 26.31
C THR C 214 -1.48 32.16 25.20
N ARG C 215 -1.65 32.70 23.99
CA ARG C 215 -2.12 31.88 22.88
C ARG C 215 -1.15 30.77 22.55
N PHE C 216 0.15 31.08 22.49
CA PHE C 216 1.19 30.11 22.21
C PHE C 216 2.00 29.84 23.48
N SER C 217 2.98 28.96 23.37
CA SER C 217 3.86 28.68 24.49
C SER C 217 4.55 29.97 24.92
N HIS C 218 4.67 30.16 26.23
CA HIS C 218 5.15 31.44 26.74
C HIS C 218 6.56 31.77 26.27
N ASP C 219 7.35 30.77 25.90
CA ASP C 219 8.71 31.00 25.43
C ASP C 219 8.78 31.36 23.95
N VAL C 220 7.67 31.24 23.22
CA VAL C 220 7.66 31.48 21.78
C VAL C 220 7.53 32.99 21.56
N THR C 221 8.63 33.62 21.20
CA THR C 221 8.66 35.03 20.88
C THR C 221 8.29 35.23 19.41
N PRO C 222 8.06 36.47 18.96
CA PRO C 222 7.70 36.67 17.54
C PRO C 222 8.70 36.09 16.56
N ILE C 223 10.00 36.17 16.84
CA ILE C 223 10.98 35.64 15.90
C ILE C 223 10.90 34.12 15.86
N ILE C 224 10.68 33.48 17.01
CA ILE C 224 10.56 32.02 17.03
C ILE C 224 9.28 31.59 16.31
N LEU C 225 8.18 32.31 16.55
CA LEU C 225 6.93 31.96 15.89
C LEU C 225 7.01 32.14 14.37
N ALA C 226 7.65 33.22 13.93
CA ALA C 226 7.81 33.46 12.50
C ALA C 226 8.69 32.39 11.86
N ALA C 227 9.72 31.94 12.59
CA ALA C 227 10.56 30.85 12.08
C ALA C 227 9.78 29.53 12.01
N HIS C 228 8.91 29.28 12.99
CA HIS C 228 8.13 28.04 12.98
C HIS C 228 7.24 27.96 11.75
N CYS C 229 6.57 29.05 11.41
CA CYS C 229 5.70 29.09 10.25
C CYS C 229 6.46 29.33 8.95
N GLN C 230 7.77 29.47 9.03
CA GLN C 230 8.65 29.80 7.91
C GLN C 230 8.02 30.84 6.98
N GLU C 231 7.70 31.98 7.58
CA GLU C 231 7.26 33.16 6.83
C GLU C 231 8.52 33.95 6.48
N TYR C 232 8.98 33.83 5.25
CA TYR C 232 10.26 34.44 4.86
C TYR C 232 10.20 35.96 4.93
N GLU C 233 9.05 36.55 4.58
CA GLU C 233 8.93 38.00 4.66
C GLU C 233 8.96 38.49 6.10
N ILE C 234 8.24 37.81 6.99
CA ILE C 234 8.19 38.23 8.39
C ILE C 234 9.52 37.97 9.08
N VAL C 235 10.13 36.81 8.81
CA VAL C 235 11.43 36.50 9.40
C VAL C 235 12.46 37.53 8.97
N HIS C 236 12.47 37.90 7.69
CA HIS C 236 13.40 38.91 7.22
C HIS C 236 13.16 40.25 7.91
N THR C 237 11.89 40.60 8.14
CA THR C 237 11.59 41.85 8.83
C THR C 237 12.07 41.83 10.28
N LEU C 238 11.78 40.74 10.99
CA LEU C 238 12.17 40.64 12.40
C LEU C 238 13.68 40.57 12.55
N LEU C 239 14.36 39.82 11.66
CA LEU C 239 15.82 39.75 11.72
C LEU C 239 16.45 41.12 11.49
N ARG C 240 15.86 41.91 10.58
CA ARG C 240 16.37 43.25 10.31
C ARG C 240 16.26 44.17 11.52
N LYS C 241 15.34 43.89 12.44
CA LYS C 241 15.16 44.68 13.64
C LYS C 241 15.92 44.12 14.84
N GLY C 242 16.70 43.06 14.65
CA GLY C 242 17.54 42.52 15.71
C GLY C 242 17.00 41.29 16.42
N ALA C 243 15.87 40.76 15.98
CA ALA C 243 15.31 39.57 16.60
C ALA C 243 16.20 38.36 16.30
N ARG C 244 16.54 37.60 17.34
CA ARG C 244 17.37 36.42 17.19
C ARG C 244 16.85 35.32 18.10
N ILE C 245 17.02 34.08 17.67
CA ILE C 245 16.70 32.91 18.49
C ILE C 245 17.90 32.60 19.36
N GLU C 246 17.64 32.20 20.61
CA GLU C 246 18.61 32.34 21.69
C GLU C 246 19.63 31.22 21.78
N ARG C 247 19.55 30.18 20.94
CA ARG C 247 20.55 29.11 20.96
C ARG C 247 20.64 28.46 22.33
N PRO C 248 19.67 27.63 22.71
CA PRO C 248 19.61 27.13 24.10
C PRO C 248 20.86 26.38 24.49
N HIS C 249 21.17 26.44 25.79
CA HIS C 249 22.40 25.87 26.33
C HIS C 249 22.39 24.35 26.22
N ASP C 250 23.49 23.75 26.69
CA ASP C 250 23.62 22.29 26.65
C ASP C 250 22.57 21.63 27.53
N TYR C 251 22.26 20.37 27.20
CA TYR C 251 21.27 19.63 27.96
C TYR C 251 21.70 19.44 29.40
N PHE C 252 22.99 19.14 29.62
CA PHE C 252 23.53 18.92 30.95
C PHE C 252 24.17 20.18 31.54
N CYS C 253 23.75 21.35 31.07
CA CYS C 253 24.28 22.59 31.62
C CYS C 253 23.80 22.78 33.06
N LYS C 254 24.74 23.07 33.96
CA LYS C 254 24.46 23.16 35.39
C LYS C 254 24.51 24.58 35.91
N CYS C 255 24.38 25.58 35.04
CA CYS C 255 24.44 26.96 35.48
C CYS C 255 23.16 27.33 36.24
N ASN C 256 23.19 28.52 36.85
CA ASN C 256 22.09 28.93 37.71
C ASN C 256 20.79 29.13 36.94
N ASP C 257 20.87 29.76 35.77
CA ASP C 257 19.65 30.07 35.02
C ASP C 257 18.94 28.81 34.56
N CYS C 258 19.69 27.84 34.03
CA CYS C 258 19.10 26.56 33.66
C CYS C 258 18.54 25.84 34.88
N ASN C 259 19.30 25.84 35.98
CA ASN C 259 18.88 25.13 37.18
C ASN C 259 17.57 25.68 37.72
N GLN C 260 17.40 27.01 37.68
CA GLN C 260 16.15 27.60 38.13
C GLN C 260 14.97 27.16 37.29
N LYS C 261 15.17 27.05 35.97
CA LYS C 261 14.09 26.61 35.09
C LYS C 261 13.75 25.14 35.33
N GLN C 262 14.75 24.31 35.64
CA GLN C 262 14.49 22.90 35.92
C GLN C 262 13.62 22.75 37.17
N LYS C 263 13.92 23.52 38.22
CA LYS C 263 13.17 23.39 39.46
C LYS C 263 11.76 23.97 39.33
N HIS C 264 11.62 25.12 38.66
CA HIS C 264 10.31 25.74 38.52
C HIS C 264 9.35 24.83 37.74
N ASP C 265 9.77 24.39 36.56
CA ASP C 265 8.96 23.48 35.76
C ASP C 265 9.88 22.79 34.76
N SER C 266 10.10 21.49 34.94
CA SER C 266 10.90 20.74 33.97
C SER C 266 10.12 20.48 32.69
N PHE C 267 8.79 20.32 32.80
CA PHE C 267 7.99 20.06 31.61
C PHE C 267 7.99 21.25 30.66
N SER C 268 7.88 22.46 31.20
CA SER C 268 7.91 23.65 30.34
C SER C 268 9.31 23.97 29.84
N HIS C 269 10.33 23.68 30.65
CA HIS C 269 11.70 23.97 30.22
C HIS C 269 12.11 23.10 29.03
N SER C 270 11.74 21.81 29.05
CA SER C 270 12.06 20.95 27.92
C SER C 270 11.26 21.35 26.68
N ARG C 271 10.01 21.78 26.85
CA ARG C 271 9.23 22.25 25.72
C ARG C 271 9.76 23.58 25.18
N SER C 272 10.37 24.40 26.04
CA SER C 272 11.00 25.62 25.56
C SER C 272 12.25 25.33 24.76
N ARG C 273 12.99 24.28 25.13
CA ARG C 273 14.18 23.91 24.37
C ARG C 273 13.82 23.41 22.98
N ILE C 274 12.80 22.57 22.87
CA ILE C 274 12.43 22.03 21.57
C ILE C 274 11.81 23.12 20.69
N ASN C 275 11.12 24.10 21.29
CA ASN C 275 10.59 25.20 20.52
C ASN C 275 11.70 26.06 19.91
N ALA C 276 12.76 26.32 20.68
CA ALA C 276 13.87 27.11 20.15
C ALA C 276 14.57 26.37 19.01
N TYR C 277 14.76 25.05 19.15
CA TYR C 277 15.41 24.29 18.09
C TYR C 277 14.52 24.18 16.86
N LYS C 278 13.20 24.09 17.04
CA LYS C 278 12.30 24.10 15.90
C LYS C 278 12.36 25.42 15.13
N GLY C 279 12.75 26.50 15.80
CA GLY C 279 12.93 27.77 15.13
C GLY C 279 14.28 27.88 14.43
N LEU C 280 15.35 27.46 15.12
CA LEU C 280 16.67 27.49 14.51
C LEU C 280 16.75 26.59 13.29
N ALA C 281 16.14 25.40 13.36
CA ALA C 281 16.25 24.41 12.30
C ALA C 281 15.36 24.71 11.10
N SER C 282 14.48 25.71 11.18
CA SER C 282 13.61 25.99 10.05
C SER C 282 14.41 26.59 8.90
N PRO C 283 14.07 26.27 7.65
CA PRO C 283 14.81 26.83 6.51
C PRO C 283 14.74 28.35 6.44
N ALA C 284 13.63 28.95 6.87
CA ALA C 284 13.49 30.39 6.80
C ALA C 284 14.53 31.09 7.67
N TYR C 285 14.76 30.58 8.87
CA TYR C 285 15.75 31.19 9.75
C TYR C 285 17.17 30.85 9.32
N LEU C 286 17.39 29.62 8.83
CA LEU C 286 18.73 29.20 8.46
C LEU C 286 19.28 30.04 7.31
N SER C 287 18.46 30.29 6.29
CA SER C 287 18.95 30.98 5.10
C SER C 287 19.12 32.48 5.31
N LEU C 288 18.33 33.07 6.21
CA LEU C 288 18.32 34.53 6.34
C LEU C 288 19.15 35.06 7.49
N SER C 289 19.56 34.22 8.44
CA SER C 289 20.25 34.70 9.63
C SER C 289 21.76 34.60 9.55
N SER C 290 22.30 33.60 8.85
CA SER C 290 23.73 33.34 8.83
C SER C 290 24.29 33.54 7.43
N GLU C 291 25.58 33.89 7.37
CA GLU C 291 26.23 34.10 6.08
C GLU C 291 26.50 32.79 5.36
N ASP C 292 26.63 31.69 6.10
CA ASP C 292 26.96 30.38 5.52
C ASP C 292 25.90 29.40 5.97
N PRO C 293 24.71 29.44 5.36
CA PRO C 293 23.64 28.52 5.77
C PRO C 293 23.99 27.06 5.59
N VAL C 294 24.78 26.71 4.58
CA VAL C 294 25.16 25.32 4.37
C VAL C 294 26.06 24.84 5.50
N MET C 295 26.99 25.69 5.95
CA MET C 295 27.83 25.31 7.08
C MET C 295 27.01 25.25 8.37
N THR C 296 26.11 26.20 8.58
CA THR C 296 25.29 26.19 9.80
C THR C 296 24.34 25.01 9.81
N ALA C 297 23.73 24.68 8.67
CA ALA C 297 22.78 23.58 8.62
C ALA C 297 23.45 22.25 8.95
N LEU C 298 24.68 22.05 8.45
CA LEU C 298 25.41 20.82 8.75
C LEU C 298 25.68 20.71 10.25
N GLU C 299 26.18 21.78 10.86
CA GLU C 299 26.53 21.75 12.27
C GLU C 299 25.29 21.60 13.15
N LEU C 300 24.21 22.31 12.81
CA LEU C 300 22.98 22.16 13.57
C LEU C 300 22.35 20.79 13.36
N SER C 301 22.49 20.22 12.16
CA SER C 301 22.00 18.86 11.93
C SER C 301 22.71 17.86 12.83
N ASN C 302 24.02 18.01 12.98
CA ASN C 302 24.77 17.14 13.89
C ASN C 302 24.34 17.34 15.34
N GLU C 303 24.17 18.60 15.75
CA GLU C 303 23.81 18.88 17.14
C GLU C 303 22.46 18.29 17.49
N LEU C 304 21.48 18.43 16.59
CA LEU C 304 20.16 17.85 16.85
C LEU C 304 20.19 16.33 16.82
N ALA C 305 21.04 15.75 15.98
CA ALA C 305 21.20 14.29 15.97
C ALA C 305 21.77 13.80 17.29
N VAL C 306 22.72 14.55 17.87
CA VAL C 306 23.28 14.18 19.17
C VAL C 306 22.20 14.28 20.25
N LEU C 307 21.42 15.37 20.24
CA LEU C 307 20.41 15.57 21.26
C LEU C 307 19.27 14.56 21.16
N ALA C 308 19.06 13.96 19.99
CA ALA C 308 18.05 12.92 19.87
C ALA C 308 18.42 11.71 20.72
N ASN C 309 19.72 11.37 20.77
CA ASN C 309 20.17 10.27 21.60
C ASN C 309 20.15 10.64 23.08
N ILE C 310 20.53 11.87 23.40
CA ILE C 310 20.59 12.28 24.80
C ILE C 310 19.19 12.43 25.38
N GLU C 311 18.27 13.06 24.64
CA GLU C 311 16.89 13.24 25.08
C GLU C 311 16.04 12.14 24.46
N LYS C 312 15.76 11.10 25.26
CA LYS C 312 14.91 10.02 24.78
C LYS C 312 13.46 10.46 24.65
N GLU C 313 13.01 11.38 25.51
CA GLU C 313 11.62 11.84 25.46
C GLU C 313 11.33 12.58 24.16
N PHE C 314 12.24 13.45 23.73
CA PHE C 314 12.09 14.23 22.51
C PHE C 314 12.93 13.68 21.36
N LYS C 315 13.19 12.37 21.35
CA LYS C 315 14.01 11.78 20.29
C LYS C 315 13.38 11.96 18.92
N ASN C 316 12.06 11.75 18.82
CA ASN C 316 11.39 11.89 17.54
C ASN C 316 11.42 13.34 17.06
N ASP C 317 11.27 14.30 17.98
CA ASP C 317 11.29 15.71 17.61
C ASP C 317 12.68 16.10 17.09
N TYR C 318 13.73 15.75 17.83
CA TYR C 318 15.08 16.15 17.42
C TYR C 318 15.54 15.44 16.16
N LYS C 319 15.12 14.18 15.96
CA LYS C 319 15.40 13.52 14.69
C LYS C 319 14.66 14.21 13.55
N LYS C 320 13.44 14.68 13.81
CA LYS C 320 12.69 15.39 12.79
C LYS C 320 13.35 16.72 12.44
N LEU C 321 13.88 17.42 13.45
CA LEU C 321 14.50 18.71 13.20
C LEU C 321 15.85 18.56 12.50
N SER C 322 16.64 17.55 12.88
CA SER C 322 17.90 17.33 12.19
C SER C 322 17.67 16.91 10.74
N MET C 323 16.54 16.26 10.47
CA MET C 323 16.19 15.95 9.09
C MET C 323 15.84 17.21 8.31
N GLN C 324 15.27 18.22 8.97
CA GLN C 324 15.00 19.49 8.30
C GLN C 324 16.30 20.17 7.86
N CYS C 325 17.32 20.16 8.71
CA CYS C 325 18.60 20.75 8.33
C CYS C 325 19.24 19.99 7.18
N LYS C 326 19.13 18.67 7.19
CA LYS C 326 19.60 17.89 6.05
C LYS C 326 18.81 18.22 4.78
N ASP C 327 17.49 18.38 4.91
CA ASP C 327 16.67 18.71 3.75
C ASP C 327 17.02 20.08 3.20
N PHE C 328 17.30 21.05 4.08
CA PHE C 328 17.67 22.39 3.62
C PHE C 328 18.97 22.36 2.83
N VAL C 329 19.99 21.67 3.34
CA VAL C 329 21.28 21.64 2.68
C VAL C 329 21.19 20.91 1.34
N VAL C 330 20.40 19.83 1.28
CA VAL C 330 20.19 19.13 0.00
C VAL C 330 19.46 20.02 -0.98
N GLY C 331 18.39 20.68 -0.51
CA GLY C 331 17.65 21.58 -1.38
C GLY C 331 18.47 22.75 -1.86
N LEU C 332 19.37 23.24 -1.01
CA LEU C 332 20.28 24.31 -1.42
C LEU C 332 21.23 23.84 -2.50
N LEU C 333 21.71 22.60 -2.41
CA LEU C 333 22.57 22.04 -3.45
C LEU C 333 21.79 21.75 -4.73
N ASP C 334 20.49 21.48 -4.62
CA ASP C 334 19.70 21.14 -5.79
C ASP C 334 19.48 22.33 -6.71
N LEU C 335 19.67 23.55 -6.24
CA LEU C 335 19.43 24.74 -7.04
C LEU C 335 20.64 25.18 -7.86
N CYS C 336 21.80 24.55 -7.67
CA CYS C 336 22.99 24.97 -8.37
C CYS C 336 22.87 24.69 -9.86
N ARG C 337 23.37 25.62 -10.67
CA ARG C 337 23.21 25.55 -12.12
C ARG C 337 24.52 25.43 -12.90
N ASN C 338 25.66 25.79 -12.30
CA ASN C 338 26.93 25.69 -12.97
C ASN C 338 27.98 25.22 -11.99
N THR C 339 29.15 24.83 -12.51
CA THR C 339 30.17 24.21 -11.68
C THR C 339 30.66 25.13 -10.58
N GLU C 340 30.62 26.44 -10.80
CA GLU C 340 31.09 27.36 -9.78
C GLU C 340 30.16 27.35 -8.56
N GLU C 341 28.85 27.32 -8.79
CA GLU C 341 27.90 27.26 -7.67
C GLU C 341 27.94 25.89 -7.01
N VAL C 342 28.15 24.83 -7.79
CA VAL C 342 28.24 23.48 -7.22
C VAL C 342 29.43 23.38 -6.28
N GLU C 343 30.57 23.93 -6.69
CA GLU C 343 31.75 23.91 -5.82
C GLU C 343 31.56 24.76 -4.57
N ALA C 344 30.80 25.85 -4.67
CA ALA C 344 30.55 26.69 -3.50
C ALA C 344 29.73 25.95 -2.45
N ILE C 345 28.81 25.09 -2.88
CA ILE C 345 28.02 24.32 -1.92
C ILE C 345 28.79 23.09 -1.44
N LEU C 346 29.44 22.38 -2.37
CA LEU C 346 30.10 21.12 -2.00
C LEU C 346 31.40 21.38 -1.25
N ASN C 347 32.29 22.19 -1.81
CA ASN C 347 33.62 22.38 -1.23
C ASN C 347 33.65 23.50 -0.20
N GLY C 348 32.97 24.61 -0.46
CA GLY C 348 33.00 25.74 0.43
C GLY C 348 33.66 26.94 -0.20
N ASP C 349 34.37 27.73 0.61
CA ASP C 349 35.05 28.93 0.13
C ASP C 349 36.43 28.52 -0.38
N VAL C 350 36.51 28.18 -1.67
CA VAL C 350 37.73 27.64 -2.25
C VAL C 350 38.88 28.62 -2.14
N GLU C 351 38.59 29.92 -2.07
CA GLU C 351 39.66 30.91 -1.93
C GLU C 351 40.38 30.77 -0.61
N THR C 352 39.65 30.60 0.48
CA THR C 352 40.25 30.46 1.80
C THR C 352 40.50 29.01 2.21
N LEU C 353 39.98 28.05 1.45
CA LEU C 353 40.33 26.65 1.70
C LEU C 353 41.78 26.41 1.37
N GLN C 354 42.37 25.40 2.01
CA GLN C 354 43.80 25.18 1.83
C GLN C 354 44.09 24.69 0.42
N SER C 355 43.69 23.46 0.12
CA SER C 355 43.53 22.90 -1.21
C SER C 355 43.17 21.43 -1.03
N GLY C 356 42.81 20.78 -2.13
CA GLY C 356 42.76 19.34 -2.17
C GLY C 356 44.10 18.78 -2.62
N ASP C 357 44.41 17.58 -2.16
CA ASP C 357 45.71 17.00 -2.45
C ASP C 357 45.81 16.63 -3.93
N HIS C 358 46.89 17.06 -4.57
CA HIS C 358 47.17 16.78 -5.98
C HIS C 358 46.03 17.27 -6.89
N GLY C 359 45.62 18.51 -6.66
CA GLY C 359 44.67 19.17 -7.55
C GLY C 359 43.21 18.80 -7.36
N ARG C 360 42.86 18.16 -6.25
CA ARG C 360 41.48 17.77 -6.00
C ARG C 360 40.74 18.92 -5.31
N PRO C 361 39.40 18.91 -5.34
CA PRO C 361 38.62 20.06 -4.84
C PRO C 361 38.30 20.00 -3.35
N ASN C 362 39.34 19.87 -2.52
CA ASN C 362 39.29 20.19 -1.08
C ASN C 362 38.05 19.60 -0.40
N LEU C 363 38.05 18.27 -0.28
CA LEU C 363 36.87 17.51 0.12
C LEU C 363 36.55 17.62 1.61
N SER C 364 37.09 18.63 2.28
CA SER C 364 36.90 18.76 3.72
C SER C 364 35.42 18.86 4.09
N ARG C 365 34.64 19.66 3.35
CA ARG C 365 33.22 19.79 3.67
C ARG C 365 32.47 18.51 3.33
N LEU C 366 32.86 17.83 2.25
CA LEU C 366 32.24 16.56 1.91
C LEU C 366 32.54 15.49 2.94
N LYS C 367 33.75 15.51 3.50
CA LYS C 367 34.08 14.58 4.59
C LYS C 367 33.23 14.85 5.81
N LEU C 368 33.00 16.13 6.13
CA LEU C 368 32.13 16.46 7.27
C LEU C 368 30.70 16.00 7.01
N ALA C 369 30.22 16.13 5.78
CA ALA C 369 28.87 15.67 5.46
C ALA C 369 28.75 14.16 5.58
N ILE C 370 29.80 13.43 5.21
CA ILE C 370 29.77 11.97 5.36
C ILE C 370 29.74 11.58 6.82
N LYS C 371 30.50 12.28 7.66
CA LYS C 371 30.49 11.99 9.09
C LYS C 371 29.11 12.21 9.70
N TYR C 372 28.43 13.26 9.26
CA TYR C 372 27.12 13.61 9.81
C TYR C 372 25.97 12.86 9.13
N GLU C 373 26.28 11.97 8.19
CA GLU C 373 25.28 11.09 7.58
C GLU C 373 24.14 11.86 6.95
N VAL C 374 24.48 12.86 6.14
CA VAL C 374 23.44 13.63 5.45
C VAL C 374 22.72 12.74 4.44
N LYS C 375 23.48 11.87 3.75
CA LYS C 375 22.94 10.73 3.01
C LYS C 375 22.19 11.13 1.75
N LYS C 376 21.92 12.42 1.57
CA LYS C 376 21.17 12.87 0.41
C LYS C 376 21.92 14.02 -0.24
N PHE C 377 22.68 14.74 0.59
CA PHE C 377 23.63 15.72 0.05
C PHE C 377 24.80 15.04 -0.62
N VAL C 378 25.31 13.96 -0.02
CA VAL C 378 26.37 13.19 -0.63
C VAL C 378 25.86 12.38 -1.82
N ALA C 379 24.66 11.84 -1.71
CA ALA C 379 24.08 11.02 -2.78
C ALA C 379 23.48 11.85 -3.92
N HIS C 380 23.52 13.17 -3.82
CA HIS C 380 22.93 14.01 -4.85
C HIS C 380 23.73 13.90 -6.16
N PRO C 381 23.05 13.97 -7.31
CA PRO C 381 23.78 13.88 -8.59
C PRO C 381 24.84 14.96 -8.76
N ASN C 382 24.62 16.16 -8.23
CA ASN C 382 25.65 17.20 -8.32
C ASN C 382 26.88 16.80 -7.52
N CYS C 383 26.69 16.20 -6.34
CA CYS C 383 27.81 15.76 -5.53
C CYS C 383 28.45 14.49 -6.09
N GLN C 384 27.64 13.58 -6.61
CA GLN C 384 28.16 12.34 -7.19
C GLN C 384 29.05 12.64 -8.40
N GLN C 385 28.73 13.68 -9.15
CA GLN C 385 29.53 14.03 -10.32
C GLN C 385 30.95 14.45 -9.91
N GLN C 386 31.07 15.24 -8.85
CA GLN C 386 32.40 15.67 -8.41
C GLN C 386 33.23 14.51 -7.89
N LEU C 387 32.61 13.61 -7.13
CA LEU C 387 33.35 12.47 -6.59
C LEU C 387 33.75 11.49 -7.69
N LEU C 388 32.90 11.31 -8.69
CA LEU C 388 33.24 10.43 -9.81
C LEU C 388 34.46 10.96 -10.57
N SER C 389 34.53 12.27 -10.77
CA SER C 389 35.70 12.85 -11.42
C SER C 389 36.96 12.62 -10.59
N ILE C 390 36.84 12.68 -9.27
CA ILE C 390 37.97 12.36 -8.40
C ILE C 390 38.28 10.88 -8.44
N TRP C 391 37.24 10.04 -8.49
CA TRP C 391 37.42 8.59 -8.51
C TRP C 391 38.25 8.16 -9.72
N TYR C 392 37.76 8.42 -10.93
CA TYR C 392 38.53 8.19 -12.15
C TYR C 392 39.43 9.39 -12.39
N GLU C 393 40.44 9.52 -11.52
CA GLU C 393 41.26 10.73 -11.49
C GLU C 393 42.06 10.89 -12.78
N ASN C 394 42.91 9.92 -13.10
CA ASN C 394 43.73 9.98 -14.30
C ASN C 394 43.32 8.95 -15.34
N LEU C 395 42.18 8.29 -15.15
CA LEU C 395 41.67 7.29 -16.10
C LEU C 395 40.38 7.84 -16.70
N SER C 396 40.53 8.66 -17.74
CA SER C 396 39.35 9.23 -18.38
C SER C 396 38.62 8.21 -19.23
N GLY C 397 39.37 7.38 -19.97
CA GLY C 397 38.74 6.44 -20.88
C GLY C 397 38.03 5.29 -20.19
N LEU C 398 38.46 4.93 -18.98
CA LEU C 398 37.89 3.79 -18.29
C LEU C 398 36.53 4.07 -17.68
N ARG C 399 36.14 5.34 -17.55
CA ARG C 399 34.82 5.65 -17.02
C ARG C 399 33.72 5.16 -17.95
N GLN C 400 33.88 5.35 -19.26
CA GLN C 400 32.82 5.02 -20.21
C GLN C 400 32.75 3.54 -20.53
N GLN C 401 33.79 2.76 -20.21
CA GLN C 401 33.79 1.35 -20.54
C GLN C 401 32.76 0.59 -19.72
N THR C 402 32.21 -0.46 -20.32
CA THR C 402 31.19 -1.26 -19.66
C THR C 402 31.81 -2.07 -18.52
N MET C 403 30.94 -2.72 -17.75
CA MET C 403 31.40 -3.48 -16.60
C MET C 403 32.24 -4.69 -17.01
N ALA C 404 31.95 -5.27 -18.17
CA ALA C 404 32.75 -6.41 -18.64
C ALA C 404 34.20 -6.01 -18.87
N VAL C 405 34.42 -4.83 -19.46
CA VAL C 405 35.78 -4.35 -19.66
C VAL C 405 36.48 -4.14 -18.32
N LYS C 406 35.77 -3.55 -17.35
CA LYS C 406 36.37 -3.33 -16.04
C LYS C 406 36.71 -4.63 -15.35
N PHE C 407 35.88 -5.67 -15.55
CA PHE C 407 36.21 -6.99 -15.01
C PHE C 407 37.48 -7.53 -15.64
N LEU C 408 37.66 -7.34 -16.95
CA LEU C 408 38.88 -7.78 -17.60
C LEU C 408 40.08 -6.96 -17.14
N VAL C 409 39.87 -5.68 -16.83
CA VAL C 409 40.96 -4.86 -16.30
C VAL C 409 41.44 -5.40 -14.96
N VAL C 410 40.50 -5.82 -14.11
CA VAL C 410 40.87 -6.40 -12.82
C VAL C 410 41.67 -7.67 -13.01
N LEU C 411 41.24 -8.54 -13.93
CA LEU C 411 41.99 -9.75 -14.22
C LEU C 411 43.35 -9.43 -14.83
N ALA C 412 43.41 -8.45 -15.73
CA ALA C 412 44.70 -8.04 -16.31
C ALA C 412 45.63 -7.49 -15.24
N VAL C 413 45.10 -6.68 -14.32
CA VAL C 413 45.91 -6.18 -13.23
C VAL C 413 46.34 -7.32 -12.31
N ALA C 414 45.46 -8.30 -12.11
CA ALA C 414 45.80 -9.43 -11.24
C ALA C 414 46.99 -10.21 -11.81
N ILE C 415 46.99 -10.45 -13.12
CA ILE C 415 48.09 -11.18 -13.74
C ILE C 415 49.36 -10.34 -13.72
N GLY C 416 49.25 -9.05 -14.01
CA GLY C 416 50.41 -8.18 -14.06
C GLY C 416 50.68 -7.46 -12.76
N LEU C 417 50.12 -7.98 -11.66
CA LEU C 417 50.30 -7.32 -10.36
C LEU C 417 51.76 -7.22 -9.93
N PRO C 418 52.59 -8.26 -10.05
CA PRO C 418 54.01 -8.07 -9.71
C PRO C 418 54.70 -7.00 -10.55
N PHE C 419 54.33 -6.88 -11.83
CA PHE C 419 54.94 -5.87 -12.69
C PHE C 419 54.55 -4.46 -12.24
N LEU C 420 53.28 -4.27 -11.84
CA LEU C 420 52.85 -2.96 -11.37
C LEU C 420 53.57 -2.58 -10.08
N ALA C 421 53.75 -3.54 -9.18
CA ALA C 421 54.51 -3.28 -7.96
C ALA C 421 55.95 -2.94 -8.28
N LEU C 422 56.54 -3.63 -9.26
CA LEU C 422 57.90 -3.32 -9.68
C LEU C 422 58.01 -1.91 -10.24
N ILE C 423 57.01 -1.49 -11.02
CA ILE C 423 56.99 -0.14 -11.58
C ILE C 423 56.93 0.90 -10.47
N TYR C 424 56.11 0.64 -9.44
CA TYR C 424 55.93 1.62 -8.37
C TYR C 424 57.23 1.86 -7.60
N TRP C 425 57.99 0.79 -7.34
CA TRP C 425 59.27 0.95 -6.64
C TRP C 425 60.26 1.71 -7.49
N PHE C 426 60.45 1.29 -8.74
CA PHE C 426 61.49 1.88 -9.58
C PHE C 426 61.13 3.31 -10.00
N ALA C 427 59.91 3.53 -10.46
CA ALA C 427 59.48 4.81 -11.02
C ALA C 427 58.20 5.27 -10.34
N PRO C 428 58.30 5.82 -9.12
CA PRO C 428 57.09 6.36 -8.49
C PRO C 428 56.54 7.58 -9.20
N CYS C 429 57.41 8.50 -9.63
CA CYS C 429 56.99 9.68 -10.40
C CYS C 429 57.13 9.34 -11.89
N SER C 430 56.04 8.83 -12.46
CA SER C 430 56.04 8.39 -13.85
C SER C 430 54.61 8.39 -14.36
N LYS C 431 54.44 8.01 -15.62
CA LYS C 431 53.11 7.88 -16.19
C LYS C 431 52.31 6.80 -15.49
N MET C 432 52.93 5.62 -15.28
CA MET C 432 52.23 4.55 -14.58
C MET C 432 52.10 4.84 -13.09
N GLY C 433 53.13 5.45 -12.49
CA GLY C 433 53.05 5.80 -11.08
C GLY C 433 51.94 6.79 -10.80
N LYS C 434 51.76 7.76 -11.69
CA LYS C 434 50.65 8.71 -11.54
C LYS C 434 49.30 8.01 -11.68
N ILE C 435 49.19 7.08 -12.64
CA ILE C 435 47.92 6.38 -12.84
C ILE C 435 47.63 5.47 -11.66
N MET C 436 48.64 4.74 -11.17
CA MET C 436 48.41 3.80 -10.08
C MET C 436 47.94 4.48 -8.81
N ARG C 437 48.43 5.70 -8.55
CA ARG C 437 48.02 6.43 -7.34
C ARG C 437 46.58 6.92 -7.41
N GLY C 438 45.93 6.86 -8.57
CA GLY C 438 44.54 7.23 -8.69
C GLY C 438 43.66 6.34 -7.83
N PRO C 439 42.60 6.93 -7.25
CA PRO C 439 41.75 6.14 -6.34
C PRO C 439 41.14 4.91 -6.98
N PHE C 440 40.76 4.99 -8.26
CA PHE C 440 40.16 3.83 -8.90
C PHE C 440 41.20 2.73 -9.13
N MET C 441 42.44 3.11 -9.45
CA MET C 441 43.49 2.11 -9.64
C MET C 441 43.87 1.43 -8.34
N LYS C 442 43.83 2.15 -7.22
CA LYS C 442 44.02 1.50 -5.92
C LYS C 442 42.93 0.46 -5.68
N PHE C 443 41.68 0.79 -6.02
CA PHE C 443 40.60 -0.17 -5.85
C PHE C 443 40.79 -1.39 -6.73
N VAL C 444 41.20 -1.19 -7.98
CA VAL C 444 41.46 -2.32 -8.87
C VAL C 444 42.64 -3.15 -8.36
N ALA C 445 43.69 -2.49 -7.90
CA ALA C 445 44.86 -3.21 -7.40
C ALA C 445 44.53 -4.06 -6.18
N HIS C 446 43.74 -3.50 -5.24
CA HIS C 446 43.38 -4.27 -4.06
C HIS C 446 42.34 -5.33 -4.37
N ALA C 447 41.40 -5.05 -5.29
CA ALA C 447 40.46 -6.07 -5.70
C ALA C 447 41.15 -7.19 -6.47
N ALA C 448 42.17 -6.84 -7.27
CA ALA C 448 42.94 -7.86 -7.97
C ALA C 448 43.78 -8.70 -7.01
N SER C 449 44.28 -8.09 -5.94
CA SER C 449 44.99 -8.86 -4.93
C SER C 449 44.05 -9.84 -4.23
N PHE C 450 42.83 -9.40 -3.95
CA PHE C 450 41.86 -10.29 -3.29
C PHE C 450 41.49 -11.47 -4.18
N THR C 451 41.35 -11.23 -5.49
CA THR C 451 40.99 -12.33 -6.38
C THR C 451 42.12 -13.34 -6.52
N ILE C 452 43.36 -12.91 -6.35
CA ILE C 452 44.48 -13.84 -6.36
C ILE C 452 44.47 -14.69 -5.10
N PHE C 453 44.17 -14.08 -3.95
CA PHE C 453 44.10 -14.84 -2.70
C PHE C 453 42.99 -15.88 -2.75
N LEU C 454 41.84 -15.53 -3.31
CA LEU C 454 40.79 -16.52 -3.52
C LEU C 454 41.25 -17.60 -4.48
N GLY C 455 41.96 -17.22 -5.54
CA GLY C 455 42.47 -18.22 -6.46
C GLY C 455 43.47 -19.16 -5.83
N LEU C 456 44.33 -18.62 -4.95
CA LEU C 456 45.29 -19.47 -4.25
C LEU C 456 44.58 -20.47 -3.34
N LEU C 457 43.52 -20.02 -2.64
CA LEU C 457 42.79 -20.91 -1.75
C LEU C 457 42.10 -22.03 -2.53
N VAL C 458 41.54 -21.71 -3.70
CA VAL C 458 40.92 -22.75 -4.53
C VAL C 458 41.98 -23.72 -5.03
N MET C 459 43.05 -23.19 -5.62
CA MET C 459 44.06 -24.04 -6.24
C MET C 459 44.96 -24.74 -5.24
N ASN C 460 44.87 -24.39 -3.95
CA ASN C 460 45.66 -25.09 -2.95
C ASN C 460 45.23 -26.55 -2.83
N ALA C 461 43.92 -26.80 -2.93
CA ALA C 461 43.38 -28.15 -2.89
C ALA C 461 43.09 -28.71 -4.29
N ALA C 462 43.82 -28.23 -5.30
CA ALA C 462 43.57 -28.67 -6.66
C ALA C 462 43.96 -30.12 -6.88
N ASP C 463 44.89 -30.64 -6.09
CA ASP C 463 45.34 -32.02 -6.25
C ASP C 463 44.22 -33.01 -5.99
N ARG C 464 43.38 -32.73 -4.98
CA ARG C 464 42.30 -33.63 -4.59
C ARG C 464 40.93 -33.15 -5.07
N PHE C 465 40.89 -32.33 -6.12
CA PHE C 465 39.61 -31.90 -6.69
C PHE C 465 38.78 -33.08 -7.16
N GLU C 466 39.38 -33.94 -8.00
CA GLU C 466 38.68 -35.12 -8.48
C GLU C 466 38.62 -36.18 -7.38
N GLY C 467 39.67 -36.28 -6.57
CA GLY C 467 39.73 -37.26 -5.50
C GLY C 467 41.13 -37.37 -4.94
N THR C 468 41.27 -37.99 -3.76
CA THR C 468 42.59 -38.10 -3.13
C THR C 468 43.41 -39.18 -3.80
N LEU C 483 59.61 -41.21 7.36
CA LEU C 483 58.38 -41.26 8.13
C LEU C 483 57.19 -40.74 7.33
N PHE C 484 56.01 -41.31 7.58
CA PHE C 484 54.83 -40.93 6.82
C PHE C 484 54.44 -39.47 7.11
N ARG C 485 54.44 -39.07 8.37
CA ARG C 485 54.01 -37.72 8.73
C ARG C 485 55.01 -36.66 8.30
N MET C 486 56.24 -37.04 7.97
CA MET C 486 57.20 -36.06 7.45
C MET C 486 56.75 -35.49 6.12
N LYS C 487 56.23 -36.34 5.23
CA LYS C 487 55.76 -35.87 3.93
C LYS C 487 54.57 -34.93 4.07
N THR C 488 53.63 -35.26 4.95
CA THR C 488 52.40 -34.46 5.07
C THR C 488 52.67 -33.09 5.67
N SER C 489 53.69 -32.96 6.51
CA SER C 489 53.89 -31.73 7.27
C SER C 489 54.42 -30.58 6.42
N CYS C 490 55.13 -30.87 5.34
CA CYS C 490 55.82 -29.84 4.57
C CYS C 490 54.83 -28.91 3.87
N PHE C 491 55.29 -27.69 3.60
CA PHE C 491 54.50 -26.67 2.93
C PHE C 491 54.81 -26.66 1.45
N SER C 492 53.77 -26.68 0.61
CA SER C 492 53.95 -26.56 -0.82
C SER C 492 54.13 -25.11 -1.22
N TRP C 493 54.46 -24.87 -2.50
CA TRP C 493 54.64 -23.51 -2.98
C TRP C 493 53.33 -22.73 -2.96
N MET C 494 52.21 -23.42 -3.18
CA MET C 494 50.91 -22.79 -2.99
C MET C 494 50.71 -22.37 -1.54
N GLU C 495 51.11 -23.22 -0.60
CA GLU C 495 51.00 -22.89 0.82
C GLU C 495 51.89 -21.72 1.19
N MET C 496 53.07 -21.63 0.58
CA MET C 496 53.98 -20.52 0.88
C MET C 496 53.37 -19.18 0.47
N LEU C 497 52.73 -19.13 -0.70
CA LEU C 497 52.10 -17.88 -1.14
C LEU C 497 50.92 -17.51 -0.23
N ILE C 498 50.15 -18.51 0.21
CA ILE C 498 49.02 -18.23 1.10
C ILE C 498 49.50 -17.66 2.42
N ILE C 499 50.59 -18.22 2.96
CA ILE C 499 51.15 -17.69 4.21
C ILE C 499 51.62 -16.25 4.01
N SER C 500 52.26 -15.96 2.87
CA SER C 500 52.71 -14.61 2.59
C SER C 500 51.53 -13.64 2.50
N TRP C 501 50.45 -14.06 1.84
CA TRP C 501 49.26 -13.21 1.75
C TRP C 501 48.67 -12.95 3.14
N VAL C 502 48.60 -13.97 3.98
CA VAL C 502 48.02 -13.80 5.32
C VAL C 502 48.88 -12.86 6.15
N ILE C 503 50.20 -12.98 6.05
CA ILE C 503 51.08 -12.06 6.76
C ILE C 503 50.85 -10.62 6.29
N GLY C 504 50.73 -10.43 4.98
CA GLY C 504 50.42 -9.10 4.46
C GLY C 504 49.08 -8.58 4.96
N MET C 505 48.08 -9.46 5.05
CA MET C 505 46.79 -9.05 5.59
C MET C 505 46.90 -8.66 7.06
N ILE C 506 47.69 -9.41 7.84
CA ILE C 506 47.86 -9.08 9.25
C ILE C 506 48.54 -7.74 9.41
N TRP C 507 49.57 -7.47 8.61
CA TRP C 507 50.25 -6.17 8.67
C TRP C 507 49.31 -5.05 8.25
N ALA C 508 48.47 -5.29 7.24
CA ALA C 508 47.51 -4.28 6.83
C ALA C 508 46.52 -3.98 7.94
N GLU C 509 46.08 -5.01 8.67
CA GLU C 509 45.21 -4.80 9.82
C GLU C 509 45.92 -4.04 10.92
N CYS C 510 47.21 -4.35 11.15
CA CYS C 510 47.95 -3.64 12.19
C CYS C 510 48.09 -2.16 11.87
N LYS C 511 48.38 -1.83 10.60
CA LYS C 511 48.44 -0.43 10.21
C LYS C 511 47.08 0.23 10.33
N GLU C 512 46.01 -0.49 9.99
CA GLU C 512 44.67 0.04 10.16
C GLU C 512 44.37 0.32 11.63
N ILE C 513 44.72 -0.62 12.51
CA ILE C 513 44.47 -0.41 13.94
C ILE C 513 45.38 0.68 14.50
N TRP C 514 46.55 0.89 13.88
CA TRP C 514 47.47 1.90 14.38
C TRP C 514 46.99 3.31 14.05
N THR C 515 46.50 3.53 12.83
CA THR C 515 46.05 4.85 12.42
C THR C 515 44.61 5.13 12.83
N GLN C 516 43.72 4.15 12.69
CA GLN C 516 42.33 4.36 13.06
C GLN C 516 42.16 4.48 14.58
N GLY C 517 43.02 3.83 15.35
CA GLY C 517 42.91 3.80 16.78
C GLY C 517 42.14 2.59 17.26
N PRO C 518 42.56 2.02 18.39
CA PRO C 518 41.88 0.80 18.88
C PRO C 518 40.40 1.00 19.15
N LYS C 519 40.00 2.16 19.66
CA LYS C 519 38.59 2.41 19.95
C LYS C 519 37.77 2.48 18.67
N GLU C 520 38.22 3.28 17.70
CA GLU C 520 37.47 3.43 16.46
C GLU C 520 37.43 2.13 15.67
N TYR C 521 38.56 1.42 15.61
CA TYR C 521 38.62 0.16 14.87
C TYR C 521 37.70 -0.89 15.51
N LEU C 522 37.71 -0.99 16.85
CA LEU C 522 36.91 -2.00 17.52
C LEU C 522 35.42 -1.73 17.41
N PHE C 523 35.01 -0.46 17.25
CA PHE C 523 33.60 -0.13 17.22
C PHE C 523 32.90 -0.74 16.02
N GLU C 524 33.57 -0.79 14.87
CA GLU C 524 32.97 -1.39 13.69
C GLU C 524 32.97 -2.91 13.83
N LEU C 525 31.79 -3.51 13.73
CA LEU C 525 31.67 -4.94 14.00
C LEU C 525 32.26 -5.78 12.86
N TRP C 526 32.20 -5.28 11.62
CA TRP C 526 32.73 -6.06 10.51
C TRP C 526 34.24 -6.21 10.58
N ASN C 527 34.93 -5.24 11.19
CA ASN C 527 36.37 -5.36 11.37
C ASN C 527 36.72 -6.48 12.34
N MET C 528 35.83 -6.77 13.29
CA MET C 528 36.04 -7.92 14.17
C MET C 528 35.96 -9.22 13.40
N LEU C 529 35.04 -9.32 12.44
CA LEU C 529 34.97 -10.50 11.59
C LEU C 529 36.24 -10.63 10.75
N ASP C 530 36.74 -9.51 10.22
CA ASP C 530 37.95 -9.55 9.42
C ASP C 530 39.18 -9.81 10.28
N PHE C 531 39.18 -9.37 11.53
CA PHE C 531 40.25 -9.71 12.44
C PHE C 531 40.20 -11.19 12.84
N GLY C 532 39.00 -11.74 12.98
CA GLY C 532 38.87 -13.13 13.37
C GLY C 532 39.39 -14.10 12.32
N MET C 533 39.10 -13.83 11.05
CA MET C 533 39.54 -14.73 9.99
C MET C 533 41.05 -14.73 9.84
N LEU C 534 41.71 -13.61 10.08
CA LEU C 534 43.16 -13.58 10.04
C LEU C 534 43.76 -14.27 11.26
N ALA C 535 43.10 -14.18 12.41
CA ALA C 535 43.57 -14.91 13.59
C ALA C 535 43.46 -16.42 13.37
N ILE C 536 42.37 -16.89 12.76
CA ILE C 536 42.21 -18.30 12.51
C ILE C 536 43.20 -18.77 11.44
N PHE C 537 43.45 -17.95 10.43
CA PHE C 537 44.46 -18.30 9.43
C PHE C 537 45.84 -18.42 10.05
N ALA C 538 46.18 -17.51 10.95
CA ALA C 538 47.43 -17.65 11.71
C ALA C 538 47.38 -18.86 12.63
N ALA C 539 46.21 -19.12 13.23
CA ALA C 539 46.06 -20.28 14.10
C ALA C 539 46.27 -21.58 13.34
N SER C 540 45.76 -21.66 12.11
CA SER C 540 45.91 -22.89 11.33
C SER C 540 47.37 -23.15 10.98
N PHE C 541 48.11 -22.10 10.62
CA PHE C 541 49.49 -22.29 10.16
C PHE C 541 50.46 -22.56 11.31
N ILE C 542 50.22 -22.01 12.49
CA ILE C 542 51.06 -22.33 13.63
C ILE C 542 50.85 -23.78 14.06
N ALA C 543 49.60 -24.23 14.07
CA ALA C 543 49.32 -25.64 14.37
C ALA C 543 49.96 -26.55 13.32
N ARG C 544 49.92 -26.15 12.06
CA ARG C 544 50.60 -26.92 11.01
C ARG C 544 52.11 -26.95 11.25
N PHE C 545 52.69 -25.81 11.66
CA PHE C 545 54.13 -25.78 11.92
C PHE C 545 54.51 -26.63 13.13
N MET C 546 53.64 -26.67 14.15
CA MET C 546 53.92 -27.52 15.30
C MET C 546 53.98 -28.99 14.89
N ALA C 547 53.05 -29.43 14.04
CA ALA C 547 53.12 -30.78 13.51
C ALA C 547 54.36 -30.97 12.65
N PHE C 548 54.78 -29.93 11.93
CA PHE C 548 56.00 -30.03 11.12
C PHE C 548 57.24 -30.18 12.00
N TRP C 549 57.31 -29.40 13.10
CA TRP C 549 58.48 -29.46 13.96
C TRP C 549 58.54 -30.78 14.74
N HIS C 550 57.39 -31.27 15.18
CA HIS C 550 57.37 -32.55 15.90
C HIS C 550 57.82 -33.69 15.00
N ALA C 551 57.35 -33.71 13.75
CA ALA C 551 57.85 -34.70 12.80
C ALA C 551 59.31 -34.45 12.45
N SER C 552 59.76 -33.19 12.48
CA SER C 552 61.16 -32.90 12.22
C SER C 552 62.07 -33.52 13.28
N LYS C 553 61.67 -33.46 14.54
CA LYS C 553 62.45 -34.12 15.59
C LYS C 553 62.46 -35.63 15.40
N ALA C 554 61.30 -36.20 15.03
CA ALA C 554 61.23 -37.65 14.85
C ALA C 554 62.12 -38.12 13.70
N GLN C 555 62.12 -37.37 12.59
CA GLN C 555 62.98 -37.75 11.46
C GLN C 555 64.44 -37.52 11.77
N SER C 556 64.76 -36.47 12.54
CA SER C 556 66.15 -36.19 12.87
C SER C 556 66.74 -37.28 13.76
N ILE C 557 65.91 -37.95 14.56
CA ILE C 557 66.40 -39.05 15.40
C ILE C 557 66.87 -40.21 14.53
N ILE C 558 66.10 -40.56 13.51
CA ILE C 558 66.46 -41.65 12.62
C ILE C 558 67.18 -41.12 11.38
N ASP C 574 58.88 -46.68 21.09
CA ASP C 574 59.83 -45.58 20.95
C ASP C 574 59.11 -44.28 20.65
N ASN C 575 59.84 -43.17 20.80
CA ASN C 575 59.25 -41.85 20.56
C ASN C 575 58.95 -41.63 19.08
N VAL C 576 59.79 -42.18 18.20
CA VAL C 576 59.59 -42.01 16.76
C VAL C 576 58.44 -42.84 16.22
N LYS C 577 57.90 -43.76 17.02
CA LYS C 577 56.87 -44.68 16.54
C LYS C 577 55.60 -43.95 16.14
N TYR C 578 55.22 -42.92 16.91
CA TYR C 578 53.93 -42.26 16.69
C TYR C 578 53.86 -41.62 15.31
N TYR C 579 54.95 -41.02 14.84
CA TYR C 579 54.93 -40.22 13.63
C TYR C 579 55.05 -41.05 12.36
N ASN C 580 55.14 -42.38 12.48
CA ASN C 580 55.05 -43.26 11.32
C ASN C 580 53.64 -43.76 11.06
N LEU C 581 52.70 -43.49 11.97
CA LEU C 581 51.36 -44.04 11.87
C LEU C 581 50.57 -43.38 10.75
N ALA C 582 49.56 -44.11 10.26
CA ALA C 582 48.66 -43.59 9.25
C ALA C 582 47.58 -42.72 9.90
N ARG C 583 46.72 -42.13 9.07
CA ARG C 583 45.76 -41.16 9.57
C ARG C 583 44.74 -41.77 10.51
N ILE C 584 44.47 -43.07 10.38
CA ILE C 584 43.45 -43.70 11.22
C ILE C 584 43.87 -43.69 12.68
N LYS C 585 45.17 -43.72 12.96
CA LYS C 585 45.67 -43.85 14.32
C LYS C 585 46.13 -42.52 14.91
N TRP C 586 45.82 -41.40 14.27
CA TRP C 586 46.25 -40.11 14.79
C TRP C 586 45.52 -39.78 16.09
N ASP C 587 46.20 -39.00 16.93
CA ASP C 587 45.57 -38.53 18.17
C ASP C 587 44.45 -37.55 17.84
N PRO C 588 43.35 -37.58 18.59
CA PRO C 588 42.25 -36.63 18.31
C PRO C 588 42.67 -35.18 18.38
N SER C 589 43.67 -34.84 19.21
CA SER C 589 44.17 -33.48 19.33
C SER C 589 45.49 -33.29 18.58
N ASP C 590 45.68 -34.01 17.49
CA ASP C 590 46.88 -33.84 16.67
C ASP C 590 46.91 -32.43 16.09
N PRO C 591 48.04 -31.72 16.16
CA PRO C 591 48.10 -30.39 15.53
C PRO C 591 47.77 -30.40 14.05
N GLN C 592 48.07 -31.49 13.34
CA GLN C 592 47.65 -31.61 11.95
C GLN C 592 46.13 -31.56 11.82
N ILE C 593 45.42 -32.26 12.71
CA ILE C 593 43.97 -32.25 12.67
C ILE C 593 43.43 -30.86 13.02
N ILE C 594 44.01 -30.21 14.03
CA ILE C 594 43.59 -28.87 14.40
C ILE C 594 43.86 -27.90 13.25
N SER C 595 44.98 -28.06 12.55
CA SER C 595 45.31 -27.20 11.44
C SER C 595 44.27 -27.30 10.32
N GLU C 596 43.85 -28.51 9.98
CA GLU C 596 42.87 -28.66 8.92
C GLU C 596 41.50 -28.20 9.33
N GLY C 597 41.14 -28.41 10.58
CA GLY C 597 39.84 -27.92 11.05
C GLY C 597 39.75 -26.40 11.04
N LEU C 598 40.80 -25.72 11.50
CA LEU C 598 40.78 -24.26 11.52
C LEU C 598 40.89 -23.69 10.12
N TYR C 599 41.70 -24.30 9.26
CA TYR C 599 41.88 -23.78 7.91
C TYR C 599 40.57 -23.81 7.13
N ALA C 600 39.72 -24.79 7.38
CA ALA C 600 38.41 -24.82 6.72
C ALA C 600 37.55 -23.64 7.13
N ILE C 601 37.58 -23.27 8.41
CA ILE C 601 36.83 -22.12 8.87
C ILE C 601 37.39 -20.84 8.25
N ALA C 602 38.71 -20.72 8.20
CA ALA C 602 39.33 -19.51 7.69
C ALA C 602 38.98 -19.28 6.22
N VAL C 603 38.98 -20.35 5.42
CA VAL C 603 38.64 -20.23 4.00
C VAL C 603 37.21 -19.73 3.83
N VAL C 604 36.28 -20.26 4.63
CA VAL C 604 34.89 -19.79 4.56
C VAL C 604 34.81 -18.31 4.95
N LEU C 605 35.52 -17.92 6.01
CA LEU C 605 35.50 -16.52 6.44
C LEU C 605 36.20 -15.60 5.46
N SER C 606 37.27 -16.08 4.81
CA SER C 606 38.01 -15.21 3.89
C SER C 606 37.17 -14.81 2.69
N PHE C 607 36.21 -15.64 2.29
CA PHE C 607 35.30 -15.30 1.21
C PHE C 607 34.37 -14.14 1.56
N SER C 608 34.30 -13.74 2.82
CA SER C 608 33.43 -12.65 3.24
C SER C 608 34.06 -11.28 3.05
N ARG C 609 35.30 -11.22 2.56
CA ARG C 609 35.92 -9.94 2.26
C ARG C 609 35.41 -9.34 0.95
N ILE C 610 34.51 -10.03 0.24
CA ILE C 610 33.87 -9.43 -0.92
C ILE C 610 33.00 -8.24 -0.53
N ALA C 611 32.61 -8.15 0.75
CA ALA C 611 31.81 -7.02 1.21
C ALA C 611 32.56 -5.70 1.12
N TYR C 612 33.88 -5.74 0.95
CA TYR C 612 34.65 -4.52 0.72
C TYR C 612 34.74 -4.14 -0.75
N ILE C 613 34.29 -5.01 -1.66
CA ILE C 613 34.36 -4.75 -3.08
C ILE C 613 32.97 -4.61 -3.69
N LEU C 614 31.97 -5.29 -3.15
CA LEU C 614 30.62 -5.22 -3.71
C LEU C 614 30.01 -3.82 -3.74
N PRO C 615 30.16 -2.97 -2.71
CA PRO C 615 29.49 -1.65 -2.77
C PRO C 615 29.89 -0.80 -3.96
N ALA C 616 31.07 -1.03 -4.56
CA ALA C 616 31.48 -0.25 -5.72
C ALA C 616 30.54 -0.45 -6.90
N ASN C 617 30.14 -1.70 -7.17
CA ASN C 617 29.29 -1.98 -8.31
C ASN C 617 27.87 -1.45 -8.06
N GLU C 618 27.25 -0.92 -9.11
CA GLU C 618 25.93 -0.32 -8.97
C GLU C 618 24.80 -1.34 -8.98
N SER C 619 25.08 -2.57 -9.41
CA SER C 619 24.07 -3.63 -9.39
C SER C 619 24.21 -4.55 -8.18
N PHE C 620 25.42 -4.70 -7.64
CA PHE C 620 25.63 -5.52 -6.47
C PHE C 620 25.59 -4.73 -5.17
N GLY C 621 25.83 -3.43 -5.22
CA GLY C 621 25.81 -2.58 -4.05
C GLY C 621 24.47 -2.54 -3.35
N PRO C 622 23.38 -2.29 -4.09
CA PRO C 622 22.05 -2.31 -3.46
C PRO C 622 21.70 -3.65 -2.83
N LEU C 623 22.15 -4.76 -3.43
CA LEU C 623 21.84 -6.07 -2.87
C LEU C 623 22.52 -6.27 -1.52
N GLN C 624 23.77 -5.83 -1.39
CA GLN C 624 24.45 -5.92 -0.10
C GLN C 624 23.77 -5.04 0.95
N ILE C 625 23.35 -3.84 0.57
CA ILE C 625 22.66 -2.95 1.52
C ILE C 625 21.36 -3.57 1.97
N SER C 626 20.60 -4.15 1.04
CA SER C 626 19.35 -4.82 1.40
C SER C 626 19.62 -6.04 2.28
N LEU C 627 20.69 -6.79 1.99
CA LEU C 627 21.00 -7.97 2.78
C LEU C 627 21.35 -7.60 4.21
N GLY C 628 22.07 -6.49 4.39
CA GLY C 628 22.42 -6.05 5.73
C GLY C 628 21.19 -5.71 6.57
N ARG C 629 20.20 -5.07 5.95
CA ARG C 629 18.97 -4.76 6.66
C ARG C 629 18.24 -6.02 7.08
N THR C 630 18.22 -7.03 6.21
CA THR C 630 17.54 -8.29 6.55
C THR C 630 18.20 -8.95 7.74
N VAL C 631 19.54 -8.98 7.79
CA VAL C 631 20.24 -9.62 8.90
C VAL C 631 19.95 -8.91 10.20
N LYS C 632 19.95 -7.58 10.19
CA LYS C 632 19.68 -6.82 11.41
C LYS C 632 18.27 -7.10 11.93
N ASP C 633 17.29 -7.18 11.04
CA ASP C 633 15.93 -7.50 11.46
C ASP C 633 15.84 -8.90 12.04
N ILE C 634 16.49 -9.88 11.40
CA ILE C 634 16.46 -11.25 11.90
C ILE C 634 17.09 -11.33 13.28
N PHE C 635 18.16 -10.57 13.51
CA PHE C 635 18.81 -10.56 14.82
C PHE C 635 17.87 -10.05 15.90
N LYS C 636 16.97 -9.13 15.55
CA LYS C 636 15.99 -8.65 16.51
C LYS C 636 15.06 -9.77 16.98
N PHE C 637 14.61 -10.61 16.05
CA PHE C 637 13.71 -11.70 16.37
C PHE C 637 14.42 -12.92 16.95
N MET C 638 15.75 -12.94 16.94
CA MET C 638 16.48 -14.08 17.49
C MET C 638 16.35 -14.17 19.00
N VAL C 639 15.97 -13.10 19.68
CA VAL C 639 15.81 -13.13 21.13
C VAL C 639 14.66 -14.05 21.52
N ILE C 640 13.50 -13.87 20.87
CA ILE C 640 12.37 -14.75 21.13
C ILE C 640 12.67 -16.16 20.67
N PHE C 641 13.34 -16.29 19.52
CA PHE C 641 13.68 -17.61 19.01
C PHE C 641 14.61 -18.35 19.97
N ILE C 642 15.58 -17.64 20.56
CA ILE C 642 16.48 -18.27 21.53
C ILE C 642 15.72 -18.73 22.76
N MET C 643 14.81 -17.88 23.27
CA MET C 643 14.07 -18.22 24.48
C MET C 643 13.24 -19.49 24.30
N VAL C 644 12.57 -19.63 23.15
CA VAL C 644 11.81 -20.84 22.88
C VAL C 644 12.74 -22.03 22.69
N PHE C 645 13.87 -21.80 22.01
CA PHE C 645 14.80 -22.89 21.75
C PHE C 645 15.37 -23.46 23.04
N VAL C 646 15.82 -22.59 23.95
CA VAL C 646 16.39 -23.05 25.21
C VAL C 646 15.32 -23.70 26.08
N ALA C 647 14.07 -23.25 25.98
CA ALA C 647 13.00 -23.81 26.79
C ALA C 647 12.81 -25.30 26.50
N PHE C 648 12.68 -25.65 25.21
CA PHE C 648 12.49 -27.05 24.86
C PHE C 648 13.78 -27.85 24.98
N MET C 649 14.93 -27.22 24.75
CA MET C 649 16.20 -27.94 24.83
C MET C 649 16.42 -28.49 26.22
N ILE C 650 16.17 -27.69 27.26
CA ILE C 650 16.29 -28.17 28.63
C ILE C 650 15.15 -29.13 28.96
N GLY C 651 13.94 -28.84 28.49
CA GLY C 651 12.82 -29.72 28.77
C GLY C 651 12.98 -31.10 28.16
N MET C 652 13.37 -31.15 26.87
CA MET C 652 13.57 -32.43 26.22
C MET C 652 14.74 -33.19 26.85
N PHE C 653 15.82 -32.48 27.19
CA PHE C 653 16.97 -33.14 27.80
C PHE C 653 16.62 -33.74 29.15
N ASN C 654 15.82 -33.03 29.95
CA ASN C 654 15.40 -33.59 31.24
C ASN C 654 14.55 -34.83 31.06
N LEU C 655 13.81 -34.92 29.96
CA LEU C 655 12.93 -36.07 29.74
C LEU C 655 13.74 -37.30 29.35
N TYR C 656 14.73 -37.14 28.46
CA TYR C 656 15.44 -38.26 27.87
C TYR C 656 16.85 -38.45 28.40
N SER C 657 17.24 -37.73 29.46
CA SER C 657 18.59 -37.89 29.99
C SER C 657 18.80 -39.27 30.59
N TYR C 658 17.76 -39.86 31.18
CA TYR C 658 17.91 -41.16 31.83
C TYR C 658 17.96 -42.30 30.83
N TYR C 659 17.30 -42.18 29.68
CA TYR C 659 17.31 -43.22 28.66
C TYR C 659 18.44 -42.97 27.65
N ILE C 660 19.67 -42.97 28.17
CA ILE C 660 20.82 -42.67 27.34
C ILE C 660 21.06 -43.78 26.31
N GLY C 661 20.95 -45.04 26.74
CA GLY C 661 21.17 -46.15 25.83
C GLY C 661 19.89 -46.79 25.33
N ALA C 662 18.74 -46.37 25.87
CA ALA C 662 17.47 -46.97 25.51
C ALA C 662 16.97 -46.50 24.15
N LYS C 663 17.24 -45.25 23.77
CA LYS C 663 16.66 -44.67 22.57
C LYS C 663 17.25 -45.29 21.32
N GLN C 664 16.49 -45.22 20.22
CA GLN C 664 16.96 -45.74 18.94
C GLN C 664 18.17 -44.99 18.44
N ASN C 665 18.15 -43.66 18.54
CA ASN C 665 19.28 -42.82 18.15
C ASN C 665 19.54 -41.81 19.25
N GLU C 666 20.81 -41.46 19.44
CA GLU C 666 21.19 -40.49 20.46
C GLU C 666 20.64 -39.12 20.08
N ALA C 667 19.61 -38.68 20.78
CA ALA C 667 18.99 -37.38 20.55
C ALA C 667 18.22 -37.00 21.80
N PHE C 668 18.42 -35.78 22.26
CA PHE C 668 17.92 -35.28 23.55
C PHE C 668 18.53 -36.02 24.73
N THR C 669 19.59 -36.79 24.50
CA THR C 669 20.24 -37.54 25.59
C THR C 669 21.16 -36.64 26.40
N THR C 670 22.03 -35.89 25.74
CA THR C 670 22.88 -34.90 26.39
C THR C 670 22.47 -33.51 25.94
N VAL C 671 22.99 -32.50 26.65
CA VAL C 671 22.67 -31.12 26.31
C VAL C 671 23.18 -30.78 24.91
N GLU C 672 24.41 -31.20 24.60
CA GLU C 672 24.93 -30.99 23.25
C GLU C 672 24.08 -31.73 22.22
N GLU C 673 23.68 -32.97 22.52
CA GLU C 673 22.88 -33.73 21.58
C GLU C 673 21.46 -33.17 21.47
N SER C 674 20.91 -32.67 22.56
CA SER C 674 19.59 -32.06 22.51
C SER C 674 19.61 -30.77 21.71
N PHE C 675 20.67 -29.96 21.86
CA PHE C 675 20.80 -28.75 21.06
C PHE C 675 20.92 -29.10 19.58
N LYS C 676 21.73 -30.11 19.25
CA LYS C 676 21.92 -30.48 17.86
C LYS C 676 20.62 -30.98 17.23
N THR C 677 19.85 -31.79 17.96
CA THR C 677 18.60 -32.31 17.41
C THR C 677 17.58 -31.20 17.19
N LEU C 678 17.44 -30.30 18.16
CA LEU C 678 16.44 -29.24 18.02
C LEU C 678 16.84 -28.21 16.97
N PHE C 679 18.13 -27.93 16.82
CA PHE C 679 18.56 -27.00 15.79
C PHE C 679 18.26 -27.52 14.40
N TRP C 680 18.63 -28.78 14.14
CA TRP C 680 18.37 -29.34 12.82
C TRP C 680 16.90 -29.61 12.57
N ALA C 681 16.09 -29.69 13.63
CA ALA C 681 14.65 -29.82 13.46
C ALA C 681 14.05 -28.59 12.79
N ILE C 682 14.74 -27.45 12.85
CA ILE C 682 14.26 -26.24 12.18
C ILE C 682 14.20 -26.45 10.69
N PHE C 683 15.23 -27.07 10.11
CA PHE C 683 15.31 -27.29 8.68
C PHE C 683 14.72 -28.63 8.27
N GLY C 684 13.90 -29.24 9.13
CA GLY C 684 13.28 -30.50 8.79
C GLY C 684 14.22 -31.66 8.65
N LEU C 685 15.45 -31.53 9.16
CA LEU C 685 16.48 -32.55 9.00
C LEU C 685 16.58 -33.47 10.21
N SER C 686 15.66 -33.36 11.17
CA SER C 686 15.62 -34.24 12.32
C SER C 686 14.40 -35.16 12.21
N GLU C 687 14.64 -36.46 12.33
CA GLU C 687 13.57 -37.44 12.19
C GLU C 687 12.66 -37.42 13.42
N VAL C 688 11.49 -38.03 13.28
CA VAL C 688 10.57 -38.18 14.40
C VAL C 688 10.97 -39.35 15.29
N LYS C 689 11.77 -40.29 14.77
CA LYS C 689 12.17 -41.44 15.57
C LYS C 689 13.15 -41.08 16.68
N SER C 690 13.66 -39.84 16.70
CA SER C 690 14.46 -39.37 17.83
C SER C 690 13.66 -39.27 19.11
N VAL C 691 12.33 -39.35 19.02
CA VAL C 691 11.47 -39.36 20.20
C VAL C 691 11.24 -40.79 20.72
N VAL C 692 11.35 -41.80 19.85
CA VAL C 692 10.97 -43.15 20.21
C VAL C 692 12.01 -43.79 21.12
N ILE C 693 11.54 -44.57 22.09
CA ILE C 693 12.37 -45.31 23.02
C ILE C 693 12.14 -46.80 22.80
N ASN C 694 13.17 -47.61 23.07
CA ASN C 694 13.04 -49.06 22.92
C ASN C 694 12.27 -49.68 24.08
N TYR C 695 12.26 -49.06 25.25
CA TYR C 695 11.63 -49.64 26.43
C TYR C 695 10.10 -49.61 26.29
N ASN C 696 9.43 -50.19 27.29
CA ASN C 696 7.98 -50.24 27.33
C ASN C 696 7.35 -48.98 27.87
N HIS C 697 8.15 -48.02 28.35
CA HIS C 697 7.64 -46.81 28.99
C HIS C 697 7.07 -45.89 27.93
N LYS C 698 5.83 -46.17 27.53
CA LYS C 698 5.16 -45.36 26.53
C LYS C 698 4.66 -44.03 27.07
N PHE C 699 4.62 -43.86 28.39
CA PHE C 699 4.26 -42.56 28.96
C PHE C 699 5.29 -41.50 28.61
N ILE C 700 6.57 -41.80 28.82
CA ILE C 700 7.62 -40.83 28.53
C ILE C 700 7.75 -40.62 27.03
N GLU C 701 7.57 -41.67 26.23
CA GLU C 701 7.62 -41.52 24.78
C GLU C 701 6.51 -40.60 24.29
N ASN C 702 5.30 -40.74 24.85
CA ASN C 702 4.19 -39.87 24.45
C ASN C 702 4.41 -38.44 24.91
N ILE C 703 5.06 -38.25 26.06
CA ILE C 703 5.44 -36.90 26.47
C ILE C 703 6.42 -36.31 25.47
N GLY C 704 7.37 -37.12 24.99
CA GLY C 704 8.31 -36.64 23.99
C GLY C 704 7.65 -36.26 22.68
N TYR C 705 6.64 -37.04 22.26
CA TYR C 705 5.93 -36.71 21.03
C TYR C 705 5.21 -35.38 21.15
N VAL C 706 4.57 -35.12 22.29
CA VAL C 706 3.86 -33.87 22.48
C VAL C 706 4.83 -32.70 22.50
N LEU C 707 5.89 -32.80 23.30
CA LEU C 707 6.84 -31.68 23.41
C LEU C 707 7.54 -31.43 22.09
N TYR C 708 7.93 -32.48 21.38
CA TYR C 708 8.53 -32.29 20.07
C TYR C 708 7.54 -31.71 19.07
N GLY C 709 6.29 -32.17 19.12
CA GLY C 709 5.26 -31.60 18.26
C GLY C 709 4.94 -30.16 18.59
N VAL C 710 4.87 -29.85 19.89
CA VAL C 710 4.61 -28.47 20.31
C VAL C 710 5.78 -27.58 19.91
N TYR C 711 6.99 -28.10 19.96
CA TYR C 711 8.16 -27.33 19.55
C TYR C 711 8.07 -26.91 18.09
N ASN C 712 7.67 -27.83 17.21
CA ASN C 712 7.58 -27.48 15.79
C ASN C 712 6.47 -26.48 15.53
N VAL C 713 5.32 -26.65 16.20
CA VAL C 713 4.23 -25.69 16.05
C VAL C 713 4.66 -24.31 16.53
N THR C 714 5.34 -24.26 17.68
CA THR C 714 5.82 -22.98 18.20
C THR C 714 6.84 -22.35 17.27
N MET C 715 7.74 -23.16 16.70
CA MET C 715 8.77 -22.61 15.83
C MET C 715 8.17 -22.08 14.53
N VAL C 716 7.23 -22.80 13.92
CA VAL C 716 6.63 -22.30 12.69
C VAL C 716 5.77 -21.07 12.97
N ILE C 717 5.23 -20.95 14.18
CA ILE C 717 4.51 -19.74 14.55
C ILE C 717 5.48 -18.57 14.70
N VAL C 718 6.61 -18.79 15.37
CA VAL C 718 7.60 -17.73 15.54
C VAL C 718 8.22 -17.34 14.21
N LEU C 719 8.52 -18.32 13.36
CA LEU C 719 9.06 -18.00 12.04
C LEU C 719 8.02 -17.29 11.18
N LEU C 720 6.75 -17.66 11.30
CA LEU C 720 5.69 -16.96 10.58
C LEU C 720 5.57 -15.53 11.04
N ASN C 721 5.65 -15.30 12.36
CA ASN C 721 5.58 -13.94 12.89
C ASN C 721 6.77 -13.10 12.41
N MET C 722 7.97 -13.68 12.39
CA MET C 722 9.14 -12.97 11.89
C MET C 722 8.98 -12.62 10.41
N LEU C 723 8.49 -13.57 9.61
CA LEU C 723 8.35 -13.33 8.18
C LEU C 723 7.37 -12.19 7.89
N ILE C 724 6.23 -12.19 8.56
CA ILE C 724 5.22 -11.15 8.32
C ILE C 724 5.73 -9.79 8.79
N ALA C 725 6.38 -9.75 9.95
CA ALA C 725 6.87 -8.47 10.47
C ALA C 725 7.99 -7.90 9.60
N MET C 726 8.81 -8.76 8.99
CA MET C 726 9.86 -8.26 8.11
C MET C 726 9.29 -7.75 6.80
N ILE C 727 8.19 -8.34 6.31
CA ILE C 727 7.53 -7.81 5.14
C ILE C 727 6.98 -6.42 5.42
N ASN C 728 6.39 -6.22 6.60
CA ASN C 728 5.93 -4.89 6.98
C ASN C 728 7.08 -3.89 7.03
N SER C 729 8.20 -4.30 7.64
CA SER C 729 9.35 -3.39 7.78
C SER C 729 9.84 -2.92 6.41
N SER C 730 9.78 -3.79 5.40
CA SER C 730 10.21 -3.40 4.06
C SER C 730 9.28 -2.35 3.47
N PHE C 731 7.97 -2.51 3.67
CA PHE C 731 7.00 -1.57 3.10
C PHE C 731 6.90 -0.26 3.88
N GLN C 732 7.24 -0.26 5.16
CA GLN C 732 7.17 0.97 5.96
C GLN C 732 8.39 1.83 5.71
N ASP C 737 14.14 4.66 -0.29
CA ASP C 737 15.36 5.35 0.10
C ASP C 737 16.58 4.46 -0.15
N ALA C 738 16.34 3.29 -0.75
CA ALA C 738 17.42 2.33 -0.96
C ALA C 738 18.48 2.89 -1.89
N ASP C 739 18.07 3.63 -2.92
CA ASP C 739 19.03 4.21 -3.85
C ASP C 739 19.93 5.21 -3.13
N VAL C 740 19.38 6.01 -2.24
CA VAL C 740 20.19 6.97 -1.48
C VAL C 740 21.10 6.22 -0.50
N GLU C 741 20.61 5.13 0.10
CA GLU C 741 21.43 4.40 1.06
C GLU C 741 22.64 3.78 0.41
N TRP C 742 22.47 3.19 -0.78
CA TRP C 742 23.62 2.59 -1.47
C TRP C 742 24.62 3.64 -1.91
N LYS C 743 24.15 4.76 -2.48
CA LYS C 743 25.07 5.77 -2.98
C LYS C 743 25.89 6.38 -1.86
N PHE C 744 25.34 6.45 -0.65
CA PHE C 744 26.14 6.90 0.49
C PHE C 744 27.18 5.86 0.86
N ALA C 745 26.84 4.58 0.80
CA ALA C 745 27.80 3.52 1.08
C ALA C 745 28.91 3.50 0.04
N ARG C 746 28.55 3.68 -1.23
CA ARG C 746 29.57 3.75 -2.28
C ARG C 746 30.47 4.96 -2.08
N ALA C 747 29.89 6.09 -1.71
CA ALA C 747 30.68 7.30 -1.48
C ALA C 747 31.63 7.13 -0.30
N LYS C 748 31.19 6.46 0.76
CA LYS C 748 32.08 6.14 1.87
C LYS C 748 33.20 5.21 1.41
N LEU C 749 32.89 4.29 0.49
CA LEU C 749 33.92 3.44 -0.08
C LEU C 749 34.95 4.26 -0.85
N TRP C 750 34.49 5.24 -1.64
CA TRP C 750 35.40 6.06 -2.43
C TRP C 750 36.37 6.83 -1.55
N PHE C 751 35.86 7.44 -0.48
CA PHE C 751 36.72 8.26 0.37
C PHE C 751 37.79 7.44 1.08
N SER C 752 37.64 6.12 1.13
CA SER C 752 38.71 5.28 1.66
C SER C 752 39.95 5.36 0.78
N TYR C 753 39.76 5.36 -0.54
CA TYR C 753 40.86 5.39 -1.49
C TYR C 753 41.30 6.81 -1.86
N PHE C 754 40.56 7.83 -1.45
CA PHE C 754 40.94 9.20 -1.80
C PHE C 754 42.25 9.60 -1.14
N GLU C 755 42.47 9.16 0.10
CA GLU C 755 43.71 9.47 0.79
C GLU C 755 44.90 8.90 0.04
N GLU C 756 46.06 9.56 0.18
CA GLU C 756 47.26 9.07 -0.47
C GLU C 756 47.62 7.67 0.02
N GLY C 757 47.55 7.45 1.33
CA GLY C 757 47.59 6.14 1.95
C GLY C 757 48.54 5.11 1.36
N ARG C 758 48.00 3.95 1.01
CA ARG C 758 48.78 2.83 0.51
C ARG C 758 48.39 2.55 -0.95
N THR C 759 49.40 2.40 -1.80
CA THR C 759 49.18 2.11 -3.21
C THR C 759 49.37 0.64 -3.55
N LEU C 760 50.34 -0.02 -2.92
CA LEU C 760 50.57 -1.43 -3.27
C LEU C 760 49.68 -2.34 -2.44
N PRO C 761 49.19 -3.42 -3.05
CA PRO C 761 48.21 -4.29 -2.39
C PRO C 761 48.77 -5.15 -1.26
N VAL C 762 47.94 -6.07 -0.77
CA VAL C 762 48.27 -6.82 0.44
C VAL C 762 49.60 -7.57 0.34
N PRO C 763 49.87 -8.36 -0.70
CA PRO C 763 51.13 -9.13 -0.71
C PRO C 763 52.37 -8.26 -0.73
N PHE C 764 52.28 -7.04 -1.28
CA PHE C 764 53.46 -6.23 -1.54
C PHE C 764 53.63 -5.06 -0.56
N ASN C 765 52.73 -4.88 0.40
CA ASN C 765 52.93 -3.82 1.37
C ASN C 765 53.88 -4.23 2.50
N LEU C 766 54.30 -5.50 2.53
CA LEU C 766 55.29 -5.92 3.52
C LEU C 766 56.66 -5.36 3.20
N VAL C 767 57.07 -5.43 1.95
CA VAL C 767 58.43 -5.02 1.57
C VAL C 767 58.51 -3.49 1.56
N PRO C 768 59.52 -2.89 2.21
CA PRO C 768 59.72 -1.43 2.22
C PRO C 768 60.48 -0.95 0.97
N ARG C 853 36.11 37.78 -2.91
CA ARG C 853 34.89 37.45 -2.19
C ARG C 853 33.84 36.84 -3.12
N GLN C 854 34.30 36.02 -4.07
CA GLN C 854 33.37 35.35 -4.97
C GLN C 854 32.49 34.37 -4.22
N TYR C 855 32.98 33.79 -3.13
CA TYR C 855 32.16 32.86 -2.36
C TYR C 855 30.98 33.56 -1.70
N GLN C 856 31.20 34.76 -1.15
CA GLN C 856 30.10 35.51 -0.55
C GLN C 856 29.10 35.92 -1.62
N LYS C 857 29.57 36.27 -2.81
CA LYS C 857 28.67 36.64 -3.89
C LYS C 857 27.82 35.44 -4.34
N ILE C 858 28.43 34.27 -4.44
CA ILE C 858 27.69 33.08 -4.88
C ILE C 858 26.70 32.64 -3.82
N MET C 859 27.09 32.72 -2.54
CA MET C 859 26.16 32.34 -1.48
C MET C 859 24.94 33.25 -1.46
N LYS C 860 25.15 34.57 -1.63
CA LYS C 860 24.02 35.48 -1.72
C LYS C 860 23.14 35.15 -2.92
N ARG C 861 23.75 34.81 -4.05
CA ARG C 861 22.98 34.43 -5.23
C ARG C 861 22.14 33.18 -4.97
N LEU C 862 22.74 32.18 -4.32
CA LEU C 862 22.02 30.93 -4.07
C LEU C 862 21.01 31.05 -2.95
N ILE C 863 21.29 31.88 -1.93
CA ILE C 863 20.32 32.07 -0.85
C ILE C 863 19.06 32.73 -1.39
N LYS C 864 19.24 33.77 -2.21
CA LYS C 864 18.07 34.44 -2.80
C LYS C 864 17.28 33.48 -3.68
N ARG C 865 17.99 32.68 -4.47
CA ARG C 865 17.32 31.68 -5.30
C ARG C 865 16.59 30.64 -4.46
N TYR C 866 17.13 30.32 -3.27
CA TYR C 866 16.44 29.40 -2.39
C TYR C 866 15.16 30.00 -1.83
N VAL C 867 15.21 31.28 -1.45
CA VAL C 867 14.04 31.95 -0.89
C VAL C 867 12.92 32.02 -1.93
N LEU C 868 13.26 32.38 -3.17
CA LEU C 868 12.25 32.45 -4.22
C LEU C 868 11.65 31.08 -4.49
N GLN C 869 12.47 30.04 -4.57
CA GLN C 869 11.95 28.70 -4.83
C GLN C 869 11.14 28.18 -3.64
N ALA C 870 11.57 28.52 -2.42
CA ALA C 870 10.81 28.10 -1.25
C ALA C 870 9.42 28.72 -1.24
N GLN C 871 9.31 30.00 -1.62
CA GLN C 871 8.02 30.64 -1.69
C GLN C 871 7.16 30.08 -2.82
N ILE C 872 7.78 29.70 -3.94
CA ILE C 872 7.05 29.07 -5.03
C ILE C 872 6.45 27.74 -4.57
N ASP C 873 7.23 26.94 -3.85
CA ASP C 873 6.74 25.66 -3.35
C ASP C 873 5.63 25.84 -2.34
N LYS C 874 5.71 26.88 -1.51
CA LYS C 874 4.62 27.18 -0.59
C LYS C 874 3.37 27.58 -1.35
N GLU C 875 3.52 28.34 -2.44
CA GLU C 875 2.40 28.65 -3.30
C GLU C 875 1.87 27.42 -4.03
N SER C 876 2.64 26.34 -4.10
CA SER C 876 2.12 25.15 -4.77
C SER C 876 1.26 24.27 -3.87
N ASP C 877 1.12 24.66 -2.61
CA ASP C 877 0.32 23.92 -1.66
C ASP C 877 -1.18 24.12 -1.91
N GLU C 878 -1.97 23.10 -1.63
CA GLU C 878 -3.42 23.17 -1.84
C GLU C 878 -4.08 24.18 -0.91
N VAL C 879 -5.10 24.86 -1.43
CA VAL C 879 -5.83 25.87 -0.65
C VAL C 879 -6.69 25.19 0.41
N ASN C 880 -6.76 25.79 1.59
CA ASN C 880 -7.53 25.25 2.68
C ASN C 880 -8.75 26.12 2.98
N GLU C 881 -9.48 25.78 4.03
CA GLU C 881 -10.69 26.48 4.41
C GLU C 881 -10.42 27.85 5.04
N GLY C 882 -9.26 27.98 5.66
CA GLY C 882 -8.84 29.19 6.34
C GLY C 882 -8.44 30.26 5.35
N GLU C 883 -7.73 29.87 4.31
CA GLU C 883 -7.32 30.79 3.26
C GLU C 883 -8.48 31.30 2.44
N LEU C 884 -9.46 30.45 2.18
CA LEU C 884 -10.59 30.85 1.37
C LEU C 884 -11.49 31.78 2.14
N LYS C 885 -11.49 31.64 3.45
CA LYS C 885 -12.24 32.51 4.33
C LYS C 885 -11.63 33.89 4.40
N GLU C 886 -10.31 33.98 4.35
CA GLU C 886 -9.66 35.27 4.37
C GLU C 886 -10.02 35.97 3.08
N ILE C 887 -10.21 35.21 2.02
CA ILE C 887 -10.65 35.82 0.76
C ILE C 887 -12.10 36.25 0.81
N LYS C 888 -12.92 35.46 1.48
CA LYS C 888 -14.33 35.74 1.68
C LYS C 888 -14.53 36.97 2.52
N GLN C 889 -13.66 37.17 3.50
CA GLN C 889 -13.72 38.33 4.39
C GLN C 889 -13.32 39.58 3.67
N ASP C 890 -12.49 39.46 2.65
CA ASP C 890 -12.08 40.57 1.83
C ASP C 890 -13.28 41.09 1.08
N ILE C 891 -14.07 40.19 0.50
CA ILE C 891 -15.27 40.57 -0.23
C ILE C 891 -16.28 41.21 0.70
N SER C 892 -16.38 40.68 1.90
CA SER C 892 -17.26 41.19 2.92
C SER C 892 -16.91 42.60 3.36
N SER C 893 -15.64 42.92 3.43
CA SER C 893 -15.26 44.25 3.87
C SER C 893 -15.41 45.21 2.74
N LEU C 894 -15.12 44.76 1.52
CA LEU C 894 -15.29 45.59 0.33
C LEU C 894 -16.75 45.99 0.16
N ARG C 895 -17.68 45.08 0.48
CA ARG C 895 -19.09 45.40 0.38
C ARG C 895 -19.47 46.53 1.34
N TYR C 896 -18.99 46.47 2.57
CA TYR C 896 -19.30 47.54 3.53
C TYR C 896 -18.69 48.86 3.12
N GLU C 897 -17.45 48.83 2.59
CA GLU C 897 -16.80 50.06 2.17
C GLU C 897 -17.53 50.71 1.00
N LEU C 898 -17.93 49.92 0.01
CA LEU C 898 -18.53 50.49 -1.19
C LEU C 898 -19.97 50.97 -0.93
N LEU C 899 -20.74 50.20 -0.17
CA LEU C 899 -22.12 50.59 0.10
C LEU C 899 -22.19 51.86 0.93
N GLU C 900 -21.36 51.97 1.96
CA GLU C 900 -21.29 53.22 2.72
C GLU C 900 -20.76 54.36 1.87
N GLU C 901 -19.76 54.08 1.02
CA GLU C 901 -19.17 55.13 0.20
C GLU C 901 -20.21 55.77 -0.71
N LYS C 902 -20.94 54.95 -1.47
CA LYS C 902 -21.93 55.50 -2.40
C LYS C 902 -23.09 56.15 -1.64
N SER C 903 -23.48 55.57 -0.50
CA SER C 903 -24.52 56.18 0.32
C SER C 903 -24.07 57.54 0.84
N GLN C 904 -22.82 57.65 1.28
CA GLN C 904 -22.28 58.94 1.70
C GLN C 904 -22.19 59.91 0.53
N ASN C 905 -21.86 59.40 -0.66
CA ASN C 905 -21.72 60.27 -1.83
C ASN C 905 -23.04 60.97 -2.15
N THR C 906 -24.15 60.24 -2.08
CA THR C 906 -25.44 60.84 -2.38
C THR C 906 -25.97 61.71 -1.25
N GLU C 907 -25.67 61.35 0.00
CA GLU C 907 -26.16 62.14 1.13
C GLU C 907 -25.56 63.54 1.12
N ASP C 908 -24.24 63.64 0.93
CA ASP C 908 -23.60 64.93 0.80
C ASP C 908 -24.09 65.66 -0.44
N LEU C 909 -24.28 64.92 -1.54
CA LEU C 909 -24.73 65.51 -2.79
C LEU C 909 -26.15 66.06 -2.66
N ALA C 910 -27.08 65.24 -2.16
CA ALA C 910 -28.47 65.67 -2.04
C ALA C 910 -28.62 66.83 -1.07
N GLU C 911 -27.75 66.90 -0.06
CA GLU C 911 -27.75 68.05 0.83
C GLU C 911 -27.37 69.32 0.07
N LEU C 912 -26.40 69.24 -0.82
CA LEU C 912 -26.01 70.39 -1.63
C LEU C 912 -27.14 70.81 -2.56
N ILE C 913 -27.82 69.83 -3.17
CA ILE C 913 -28.96 70.15 -4.03
C ILE C 913 -30.11 70.72 -3.18
N ARG C 914 -30.27 70.22 -1.96
CA ARG C 914 -31.29 70.78 -1.06
C ARG C 914 -30.99 72.25 -0.77
N GLU C 915 -29.72 72.59 -0.56
CA GLU C 915 -29.35 73.99 -0.42
C GLU C 915 -29.63 74.76 -1.71
N LEU C 916 -29.38 74.14 -2.86
CA LEU C 916 -29.70 74.78 -4.14
C LEU C 916 -31.20 75.01 -4.27
N GLY C 917 -32.01 74.04 -3.86
CA GLY C 917 -33.46 74.22 -3.91
C GLY C 917 -33.93 75.33 -2.97
N GLU C 918 -33.32 75.44 -1.81
CA GLU C 918 -33.66 76.52 -0.89
C GLU C 918 -33.30 77.88 -1.49
N LYS C 919 -32.15 77.97 -2.17
CA LYS C 919 -31.77 79.22 -2.82
C LYS C 919 -32.73 79.56 -3.95
N LEU C 920 -33.17 78.55 -4.71
CA LEU C 920 -34.10 78.73 -5.83
C LEU C 920 -33.57 79.74 -6.85
N LEU D 95 -6.21 38.11 -37.52
CA LEU D 95 -7.51 38.69 -37.18
C LEU D 95 -7.58 40.16 -37.56
N SER D 96 -8.56 40.86 -36.98
CA SER D 96 -8.73 42.29 -37.19
C SER D 96 -8.76 42.99 -35.84
N ILE D 97 -8.40 44.27 -35.84
CA ILE D 97 -8.36 45.03 -34.60
C ILE D 97 -9.74 45.09 -33.96
N GLU D 98 -10.76 45.40 -34.76
CA GLU D 98 -12.12 45.45 -34.25
C GLU D 98 -12.56 44.07 -33.75
N GLU D 99 -12.32 43.03 -34.55
CA GLU D 99 -12.72 41.68 -34.16
C GLU D 99 -11.93 41.19 -32.97
N GLU D 100 -10.63 41.50 -32.91
CA GLU D 100 -9.82 41.08 -31.77
C GLU D 100 -10.29 41.77 -30.49
N ARG D 101 -10.62 43.07 -30.57
CA ARG D 101 -11.16 43.76 -29.41
C ARG D 101 -12.49 43.18 -28.98
N PHE D 102 -13.35 42.84 -29.96
CA PHE D 102 -14.64 42.25 -29.64
C PHE D 102 -14.49 40.91 -28.95
N LEU D 103 -13.60 40.05 -29.46
CA LEU D 103 -13.38 38.74 -28.84
C LEU D 103 -12.77 38.89 -27.45
N ASP D 104 -11.83 39.80 -27.29
CA ASP D 104 -11.24 40.01 -25.97
C ASP D 104 -12.27 40.50 -24.97
N ALA D 105 -13.15 41.42 -25.39
CA ALA D 105 -14.17 41.93 -24.50
C ALA D 105 -15.20 40.85 -24.16
N ALA D 106 -15.58 40.03 -25.14
CA ALA D 106 -16.54 38.97 -24.88
C ALA D 106 -15.95 37.86 -24.01
N GLU D 107 -14.65 37.63 -24.10
CA GLU D 107 -14.03 36.58 -23.29
C GLU D 107 -13.93 36.98 -21.82
N TYR D 108 -13.56 38.24 -21.55
CA TYR D 108 -13.24 38.69 -20.21
C TYR D 108 -14.37 39.48 -19.56
N GLY D 109 -15.61 39.24 -19.97
CA GLY D 109 -16.74 39.82 -19.27
C GLY D 109 -16.89 41.31 -19.40
N ASN D 110 -16.30 41.93 -20.43
CA ASN D 110 -16.42 43.37 -20.65
C ASN D 110 -17.78 43.64 -21.27
N ILE D 111 -18.82 43.57 -20.44
CA ILE D 111 -20.19 43.72 -20.93
C ILE D 111 -20.44 45.07 -21.60
N PRO D 112 -20.05 46.21 -21.04
CA PRO D 112 -20.33 47.49 -21.71
C PRO D 112 -19.73 47.58 -23.11
N VAL D 113 -18.51 47.08 -23.29
CA VAL D 113 -17.84 47.21 -24.58
C VAL D 113 -18.51 46.32 -25.62
N VAL D 114 -18.86 45.08 -25.24
CA VAL D 114 -19.53 44.21 -26.20
C VAL D 114 -20.91 44.74 -26.54
N ARG D 115 -21.61 45.31 -25.56
CA ARG D 115 -22.92 45.91 -25.86
C ARG D 115 -22.78 47.08 -26.81
N LYS D 116 -21.81 47.96 -26.57
CA LYS D 116 -21.60 49.10 -27.46
C LYS D 116 -21.24 48.65 -28.86
N MET D 117 -20.37 47.63 -28.98
CA MET D 117 -19.97 47.16 -30.30
C MET D 117 -21.13 46.49 -31.03
N LEU D 118 -21.97 45.73 -30.30
CA LEU D 118 -23.14 45.14 -30.93
C LEU D 118 -24.11 46.21 -31.41
N GLU D 119 -24.22 47.32 -30.69
CA GLU D 119 -25.19 48.34 -31.03
C GLU D 119 -24.63 49.45 -31.92
N GLU D 120 -23.34 49.45 -32.24
CA GLU D 120 -22.77 50.61 -32.94
C GLU D 120 -21.83 50.31 -34.09
N CYS D 121 -21.45 49.06 -34.35
CA CYS D 121 -20.44 48.81 -35.37
C CYS D 121 -21.02 48.63 -36.77
N HIS D 122 -21.98 47.71 -36.92
CA HIS D 122 -22.68 47.41 -38.17
C HIS D 122 -21.77 46.78 -39.21
N SER D 123 -20.48 46.63 -38.93
CA SER D 123 -19.54 45.96 -39.82
C SER D 123 -18.87 44.76 -39.17
N LEU D 124 -18.63 44.80 -37.86
CA LEU D 124 -18.11 43.65 -37.15
C LEU D 124 -19.11 42.50 -37.22
N ASN D 125 -18.63 41.32 -37.62
CA ASN D 125 -19.47 40.13 -37.67
C ASN D 125 -19.36 39.38 -36.34
N VAL D 126 -20.51 38.98 -35.81
CA VAL D 126 -20.53 38.31 -34.51
C VAL D 126 -19.85 36.95 -34.56
N ASN D 127 -19.68 36.38 -35.74
CA ASN D 127 -19.17 35.02 -35.90
C ASN D 127 -17.66 34.96 -36.03
N CYS D 128 -16.95 36.07 -35.81
CA CYS D 128 -15.50 36.04 -35.86
C CYS D 128 -14.94 35.14 -34.76
N VAL D 129 -13.91 34.39 -35.09
CA VAL D 129 -13.35 33.39 -34.17
C VAL D 129 -11.91 33.75 -33.83
N ASP D 130 -11.46 33.26 -32.70
CA ASP D 130 -10.11 33.52 -32.21
C ASP D 130 -9.16 32.42 -32.70
N TYR D 131 -7.96 32.34 -32.09
CA TYR D 131 -6.96 31.38 -32.53
C TYR D 131 -7.44 29.94 -32.43
N MET D 132 -8.43 29.68 -31.56
CA MET D 132 -8.94 28.33 -31.35
C MET D 132 -10.27 28.11 -32.05
N GLY D 133 -10.69 29.03 -32.91
CA GLY D 133 -11.96 28.89 -33.60
C GLY D 133 -13.18 28.98 -32.71
N GLN D 134 -13.14 29.85 -31.69
CA GLN D 134 -14.26 30.06 -30.78
C GLN D 134 -14.75 31.49 -30.96
N ASN D 135 -16.01 31.64 -31.35
CA ASN D 135 -16.56 32.97 -31.58
C ASN D 135 -16.93 33.61 -30.25
N ALA D 136 -17.64 34.74 -30.29
CA ALA D 136 -17.98 35.46 -29.08
C ALA D 136 -18.86 34.63 -28.15
N LEU D 137 -19.84 33.92 -28.72
CA LEU D 137 -20.77 33.15 -27.89
C LEU D 137 -20.07 32.03 -27.15
N GLN D 138 -19.18 31.31 -27.83
CA GLN D 138 -18.48 30.20 -27.18
C GLN D 138 -17.53 30.70 -26.10
N LEU D 139 -16.87 31.83 -26.33
CA LEU D 139 -16.02 32.43 -25.30
C LEU D 139 -16.84 32.87 -24.10
N ALA D 140 -17.99 33.52 -24.34
CA ALA D 140 -18.83 33.98 -23.24
C ALA D 140 -19.35 32.81 -22.43
N VAL D 141 -19.77 31.74 -23.10
CA VAL D 141 -20.27 30.56 -22.38
C VAL D 141 -19.15 29.87 -21.62
N ALA D 142 -17.96 29.79 -22.22
CA ALA D 142 -16.86 29.07 -21.58
C ALA D 142 -16.43 29.74 -20.27
N ASN D 143 -16.51 31.06 -20.20
CA ASN D 143 -16.13 31.80 -19.01
C ASN D 143 -17.30 32.11 -18.09
N GLU D 144 -18.50 31.63 -18.43
CA GLU D 144 -19.71 31.83 -17.63
C GLU D 144 -20.01 33.32 -17.49
N HIS D 145 -20.23 33.97 -18.63
CA HIS D 145 -20.63 35.37 -18.69
C HIS D 145 -22.09 35.39 -19.13
N LEU D 146 -23.00 35.30 -18.15
CA LEU D 146 -24.42 35.23 -18.46
C LEU D 146 -24.92 36.52 -19.12
N GLU D 147 -24.46 37.66 -18.63
CA GLU D 147 -24.92 38.94 -19.18
C GLU D 147 -24.49 39.11 -20.63
N ILE D 148 -23.25 38.75 -20.95
CA ILE D 148 -22.80 38.78 -22.34
C ILE D 148 -23.53 37.72 -23.15
N THR D 149 -23.78 36.55 -22.56
CA THR D 149 -24.45 35.47 -23.28
C THR D 149 -25.83 35.89 -23.74
N GLU D 150 -26.60 36.55 -22.87
CA GLU D 150 -27.94 36.97 -23.25
C GLU D 150 -27.90 38.04 -24.34
N LEU D 151 -26.97 39.00 -24.24
CA LEU D 151 -26.82 40.01 -25.27
C LEU D 151 -26.50 39.39 -26.61
N LEU D 152 -25.58 38.42 -26.63
CA LEU D 152 -25.26 37.74 -27.89
C LEU D 152 -26.45 36.94 -28.40
N LEU D 153 -27.18 36.26 -27.51
CA LEU D 153 -28.31 35.45 -27.94
C LEU D 153 -29.42 36.28 -28.55
N LYS D 154 -29.54 37.55 -28.14
CA LYS D 154 -30.52 38.41 -28.78
C LYS D 154 -30.18 38.71 -30.24
N LYS D 155 -28.95 38.46 -30.67
CA LYS D 155 -28.61 38.59 -32.09
C LYS D 155 -29.22 37.46 -32.90
N GLU D 156 -29.51 37.75 -34.17
CA GLU D 156 -30.21 36.81 -35.04
C GLU D 156 -29.28 35.87 -35.78
N ASN D 157 -28.17 36.38 -36.30
CA ASN D 157 -27.24 35.59 -37.12
C ASN D 157 -26.12 34.97 -36.29
N LEU D 158 -26.37 34.68 -35.02
CA LEU D 158 -25.35 34.13 -34.14
C LEU D 158 -25.21 32.63 -34.40
N SER D 159 -24.02 32.22 -34.84
CA SER D 159 -23.74 30.81 -35.10
C SER D 159 -23.24 30.12 -33.84
N ARG D 160 -23.09 28.80 -33.93
CA ARG D 160 -22.57 27.98 -32.84
C ARG D 160 -23.45 28.07 -31.59
N VAL D 161 -24.75 28.27 -31.78
CA VAL D 161 -25.65 28.36 -30.63
C VAL D 161 -25.89 26.97 -30.03
N GLY D 162 -26.09 25.96 -30.86
CA GLY D 162 -26.25 24.61 -30.33
C GLY D 162 -25.00 24.10 -29.65
N ASP D 163 -23.83 24.35 -30.25
CA ASP D 163 -22.58 24.01 -29.58
C ASP D 163 -22.40 24.78 -28.30
N ALA D 164 -22.87 26.04 -28.26
CA ALA D 164 -22.82 26.80 -27.03
C ALA D 164 -23.68 26.16 -25.95
N LEU D 165 -24.87 25.66 -26.32
CA LEU D 165 -25.68 24.94 -25.36
C LEU D 165 -24.96 23.70 -24.86
N LEU D 166 -24.32 22.95 -25.75
CA LEU D 166 -23.61 21.74 -25.34
C LEU D 166 -22.46 22.08 -24.39
N LEU D 167 -21.70 23.13 -24.71
CA LEU D 167 -20.60 23.55 -23.84
C LEU D 167 -21.10 24.02 -22.48
N ALA D 168 -22.20 24.78 -22.47
CA ALA D 168 -22.77 25.24 -21.21
C ALA D 168 -23.25 24.05 -20.37
N ILE D 169 -23.86 23.06 -21.00
CA ILE D 169 -24.30 21.87 -20.28
C ILE D 169 -23.12 21.12 -19.69
N SER D 170 -22.04 20.96 -20.46
CA SER D 170 -20.90 20.18 -19.99
C SER D 170 -20.18 20.83 -18.83
N LYS D 171 -20.30 22.14 -18.65
CA LYS D 171 -19.63 22.86 -17.58
C LYS D 171 -20.53 23.16 -16.39
N GLY D 172 -21.78 22.71 -16.42
CA GLY D 172 -22.76 23.11 -15.41
C GLY D 172 -23.55 24.33 -15.87
N TYR D 173 -23.28 25.49 -15.26
CA TYR D 173 -23.75 26.79 -15.73
C TYR D 173 -25.27 26.76 -16.01
N VAL D 174 -26.04 26.55 -14.95
CA VAL D 174 -27.47 26.36 -15.09
C VAL D 174 -28.13 27.59 -15.72
N ARG D 175 -27.76 28.78 -15.25
CA ARG D 175 -28.38 30.00 -15.75
C ARG D 175 -28.12 30.19 -17.24
N ILE D 176 -26.88 29.96 -17.67
CA ILE D 176 -26.56 30.09 -19.08
C ILE D 176 -27.26 29.01 -19.90
N VAL D 177 -27.38 27.81 -19.35
CA VAL D 177 -28.08 26.74 -20.06
C VAL D 177 -29.55 27.13 -20.29
N GLU D 178 -30.20 27.66 -19.26
CA GLU D 178 -31.58 28.10 -19.42
C GLU D 178 -31.69 29.25 -20.41
N ALA D 179 -30.73 30.19 -20.35
CA ALA D 179 -30.75 31.31 -21.29
C ALA D 179 -30.62 30.84 -22.73
N ILE D 180 -29.74 29.86 -22.98
CA ILE D 180 -29.58 29.33 -24.33
C ILE D 180 -30.81 28.54 -24.74
N LEU D 181 -31.42 27.81 -23.81
CA LEU D 181 -32.67 27.11 -24.11
C LEU D 181 -33.78 28.07 -24.48
N SER D 182 -33.70 29.32 -23.99
CA SER D 182 -34.65 30.34 -24.39
C SER D 182 -34.52 30.75 -25.85
N HIS D 183 -33.43 30.34 -26.53
CA HIS D 183 -33.23 30.69 -27.92
C HIS D 183 -34.32 30.06 -28.80
N PRO D 184 -34.74 30.74 -29.86
CA PRO D 184 -35.81 30.17 -30.72
C PRO D 184 -35.44 28.87 -31.40
N ALA D 185 -34.15 28.56 -31.55
CA ALA D 185 -33.76 27.31 -32.18
C ALA D 185 -34.16 26.09 -31.35
N PHE D 186 -34.32 26.26 -30.04
CA PHE D 186 -34.72 25.18 -29.16
C PHE D 186 -36.20 25.24 -28.78
N ALA D 187 -37.01 25.91 -29.60
CA ALA D 187 -38.45 25.95 -29.34
C ALA D 187 -39.05 24.56 -29.48
N GLU D 188 -39.69 24.09 -28.42
CA GLU D 188 -40.40 22.80 -28.37
C GLU D 188 -39.45 21.61 -28.36
N GLY D 189 -38.15 21.85 -28.54
CA GLY D 189 -37.21 20.76 -28.46
C GLY D 189 -36.28 20.58 -29.66
N LYS D 190 -34.98 20.45 -29.36
CA LYS D 190 -33.95 20.06 -30.30
C LYS D 190 -33.03 19.01 -29.67
N ARG D 191 -33.53 18.29 -28.66
CA ARG D 191 -32.73 17.42 -27.82
C ARG D 191 -32.92 15.94 -28.13
N LEU D 192 -33.61 15.60 -29.21
CA LEU D 192 -33.85 14.21 -29.57
C LEU D 192 -32.55 13.51 -29.95
N ASP D 204 -28.66 18.01 -38.03
CA ASP D 204 -27.39 17.97 -38.75
C ASP D 204 -26.60 19.26 -38.55
N ASP D 205 -25.32 19.13 -38.18
CA ASP D 205 -24.35 20.22 -38.11
C ASP D 205 -24.78 21.32 -37.14
N PHE D 206 -25.90 21.11 -36.44
CA PHE D 206 -26.39 22.12 -35.50
C PHE D 206 -25.47 22.23 -34.29
N TYR D 207 -24.82 21.14 -33.90
CA TYR D 207 -23.94 21.12 -32.74
C TYR D 207 -22.46 21.16 -33.12
N ALA D 208 -22.15 21.55 -34.34
CA ALA D 208 -20.76 21.67 -34.76
C ALA D 208 -20.12 22.90 -34.11
N TYR D 209 -18.92 22.73 -33.57
CA TYR D 209 -18.21 23.82 -32.92
C TYR D 209 -17.18 24.49 -33.81
N ASP D 210 -17.02 24.02 -35.05
CA ASP D 210 -16.17 24.66 -36.03
C ASP D 210 -16.68 24.25 -37.41
N GLU D 211 -15.89 24.53 -38.44
CA GLU D 211 -16.31 24.19 -39.80
C GLU D 211 -16.39 22.67 -39.97
N ASP D 212 -15.44 21.94 -39.42
CA ASP D 212 -15.37 20.48 -39.55
C ASP D 212 -15.26 19.87 -38.17
N GLY D 213 -16.36 19.26 -37.70
CA GLY D 213 -16.36 18.51 -36.46
C GLY D 213 -17.29 19.12 -35.42
N THR D 214 -17.53 18.33 -34.38
CA THR D 214 -18.32 18.72 -33.23
C THR D 214 -17.50 18.53 -31.96
N ARG D 215 -17.83 19.31 -30.93
CA ARG D 215 -17.04 19.29 -29.71
C ARG D 215 -17.08 17.92 -29.04
N PHE D 216 -18.27 17.32 -28.95
CA PHE D 216 -18.46 16.01 -28.36
C PHE D 216 -18.79 15.00 -29.46
N SER D 217 -18.97 13.75 -29.05
CA SER D 217 -19.36 12.72 -30.01
C SER D 217 -20.68 13.11 -30.65
N HIS D 218 -20.79 12.88 -31.96
CA HIS D 218 -21.93 13.37 -32.72
C HIS D 218 -23.25 12.82 -32.21
N ASP D 219 -23.23 11.65 -31.56
CA ASP D 219 -24.45 11.05 -31.04
C ASP D 219 -24.86 11.61 -29.68
N VAL D 220 -24.01 12.41 -29.04
CA VAL D 220 -24.29 12.93 -27.69
C VAL D 220 -25.18 14.15 -27.84
N THR D 221 -26.45 13.98 -27.55
CA THR D 221 -27.43 15.07 -27.55
C THR D 221 -27.39 15.79 -26.21
N PRO D 222 -28.06 16.95 -26.08
CA PRO D 222 -28.03 17.65 -24.79
C PRO D 222 -28.50 16.80 -23.61
N ILE D 223 -29.51 15.96 -23.79
CA ILE D 223 -29.99 15.15 -22.67
C ILE D 223 -28.96 14.11 -22.28
N ILE D 224 -28.28 13.52 -23.28
CA ILE D 224 -27.24 12.54 -22.97
C ILE D 224 -26.06 13.21 -22.29
N LEU D 225 -25.66 14.39 -22.77
CA LEU D 225 -24.54 15.10 -22.16
C LEU D 225 -24.86 15.52 -20.73
N ALA D 226 -26.08 16.01 -20.50
CA ALA D 226 -26.48 16.40 -19.14
C ALA D 226 -26.51 15.20 -18.21
N ALA D 227 -26.94 14.04 -18.71
CA ALA D 227 -26.91 12.82 -17.91
C ALA D 227 -25.47 12.39 -17.60
N HIS D 228 -24.57 12.53 -18.56
CA HIS D 228 -23.18 12.15 -18.34
C HIS D 228 -22.55 12.94 -17.21
N CYS D 229 -22.78 14.26 -17.18
CA CYS D 229 -22.25 15.12 -16.14
C CYS D 229 -23.09 15.09 -14.87
N GLN D 230 -24.18 14.32 -14.87
CA GLN D 230 -25.15 14.26 -13.77
C GLN D 230 -25.42 15.63 -13.18
N GLU D 231 -25.87 16.53 -14.04
CA GLU D 231 -26.36 17.85 -13.63
C GLU D 231 -27.85 17.69 -13.37
N TYR D 232 -28.23 17.59 -12.10
CA TYR D 232 -29.63 17.29 -11.76
C TYR D 232 -30.56 18.41 -12.19
N GLU D 233 -30.10 19.67 -12.08
CA GLU D 233 -30.94 20.78 -12.50
C GLU D 233 -31.15 20.79 -14.01
N ILE D 234 -30.09 20.56 -14.78
CA ILE D 234 -30.21 20.58 -16.23
C ILE D 234 -30.98 19.36 -16.72
N VAL D 235 -30.72 18.19 -16.14
CA VAL D 235 -31.45 16.98 -16.54
C VAL D 235 -32.94 17.16 -16.27
N HIS D 236 -33.30 17.72 -15.11
CA HIS D 236 -34.69 17.97 -14.80
C HIS D 236 -35.32 18.94 -15.81
N THR D 237 -34.57 19.96 -16.22
CA THR D 237 -35.09 20.90 -17.20
C THR D 237 -35.31 20.24 -18.55
N LEU D 238 -34.32 19.47 -19.02
CA LEU D 238 -34.44 18.83 -20.32
C LEU D 238 -35.52 17.76 -20.33
N LEU D 239 -35.63 16.98 -19.24
CA LEU D 239 -36.68 15.98 -19.15
C LEU D 239 -38.06 16.63 -19.19
N ARG D 240 -38.21 17.78 -18.54
CA ARG D 240 -39.48 18.49 -18.55
C ARG D 240 -39.89 18.94 -19.94
N LYS D 241 -38.93 19.13 -20.84
CA LYS D 241 -39.21 19.54 -22.20
C LYS D 241 -39.32 18.37 -23.17
N GLY D 242 -39.24 17.13 -22.68
CA GLY D 242 -39.43 15.96 -23.51
C GLY D 242 -38.17 15.26 -23.95
N ALA D 243 -37.01 15.71 -23.50
CA ALA D 243 -35.76 15.05 -23.88
C ALA D 243 -35.68 13.67 -23.24
N ARG D 244 -35.36 12.66 -24.04
CA ARG D 244 -35.23 11.28 -23.56
C ARG D 244 -34.05 10.61 -24.23
N ILE D 245 -33.41 9.70 -23.51
CA ILE D 245 -32.35 8.88 -24.06
C ILE D 245 -32.98 7.67 -24.73
N GLU D 246 -32.42 7.27 -25.87
CA GLU D 246 -33.15 6.49 -26.87
C GLU D 246 -33.19 4.99 -26.61
N ARG D 247 -32.53 4.48 -25.56
CA ARG D 247 -32.60 3.05 -25.24
C ARG D 247 -32.12 2.21 -26.42
N PRO D 248 -30.82 2.15 -26.68
CA PRO D 248 -30.34 1.51 -27.91
C PRO D 248 -30.76 0.05 -28.02
N HIS D 249 -30.92 -0.41 -29.26
CA HIS D 249 -31.44 -1.73 -29.55
C HIS D 249 -30.46 -2.81 -29.09
N ASP D 250 -30.85 -4.07 -29.31
CA ASP D 250 -30.02 -5.20 -28.93
C ASP D 250 -28.72 -5.21 -29.72
N TYR D 251 -27.70 -5.84 -29.13
CA TYR D 251 -26.40 -5.91 -29.79
C TYR D 251 -26.48 -6.68 -31.11
N PHE D 252 -27.24 -7.77 -31.14
CA PHE D 252 -27.40 -8.58 -32.33
C PHE D 252 -28.64 -8.22 -33.13
N CYS D 253 -29.13 -6.99 -32.99
CA CYS D 253 -30.29 -6.55 -33.76
C CYS D 253 -29.92 -6.45 -35.23
N LYS D 254 -30.74 -7.04 -36.09
CA LYS D 254 -30.46 -7.13 -37.53
C LYS D 254 -31.38 -6.24 -38.36
N CYS D 255 -32.00 -5.24 -37.75
CA CYS D 255 -32.90 -4.36 -38.49
C CYS D 255 -32.10 -3.46 -39.42
N ASN D 256 -32.84 -2.75 -40.29
CA ASN D 256 -32.20 -1.93 -41.31
C ASN D 256 -31.40 -0.77 -40.72
N ASP D 257 -31.98 -0.08 -39.73
CA ASP D 257 -31.32 1.10 -39.18
C ASP D 257 -30.00 0.74 -38.50
N CYS D 258 -29.99 -0.33 -37.70
CA CYS D 258 -28.75 -0.78 -37.10
C CYS D 258 -27.75 -1.24 -38.16
N ASN D 259 -28.23 -1.97 -39.16
CA ASN D 259 -27.35 -2.50 -40.21
C ASN D 259 -26.67 -1.37 -40.96
N GLN D 260 -27.40 -0.29 -41.24
CA GLN D 260 -26.81 0.85 -41.93
C GLN D 260 -25.69 1.48 -41.10
N LYS D 261 -25.89 1.58 -39.79
CA LYS D 261 -24.86 2.15 -38.92
C LYS D 261 -23.63 1.26 -38.85
N GLN D 262 -23.83 -0.07 -38.87
CA GLN D 262 -22.69 -0.98 -38.84
C GLN D 262 -21.83 -0.83 -40.10
N LYS D 263 -22.47 -0.70 -41.27
CA LYS D 263 -21.71 -0.59 -42.50
C LYS D 263 -21.03 0.77 -42.63
N HIS D 264 -21.72 1.84 -42.25
CA HIS D 264 -21.14 3.17 -42.37
C HIS D 264 -19.90 3.32 -41.50
N ASP D 265 -20.03 2.99 -40.21
CA ASP D 265 -18.89 3.05 -39.29
C ASP D 265 -19.23 2.19 -38.09
N SER D 266 -18.54 1.05 -37.95
CA SER D 266 -18.75 0.22 -36.76
C SER D 266 -18.09 0.81 -35.53
N PHE D 267 -16.98 1.53 -35.70
CA PHE D 267 -16.30 2.14 -34.57
C PHE D 267 -17.15 3.22 -33.92
N SER D 268 -17.82 4.06 -34.72
CA SER D 268 -18.67 5.09 -34.17
C SER D 268 -19.98 4.54 -33.65
N HIS D 269 -20.50 3.48 -34.27
CA HIS D 269 -21.76 2.90 -33.80
C HIS D 269 -21.61 2.28 -32.41
N SER D 270 -20.50 1.59 -32.17
CA SER D 270 -20.28 1.01 -30.85
C SER D 270 -20.05 2.10 -29.80
N ARG D 271 -19.36 3.17 -30.18
CA ARG D 271 -19.17 4.29 -29.26
C ARG D 271 -20.47 5.03 -29.00
N SER D 272 -21.39 5.03 -29.97
CA SER D 272 -22.70 5.63 -29.73
C SER D 272 -23.53 4.80 -28.78
N ARG D 273 -23.38 3.47 -28.83
CA ARG D 273 -24.11 2.60 -27.90
C ARG D 273 -23.63 2.79 -26.47
N ILE D 274 -22.32 2.87 -26.27
CA ILE D 274 -21.81 3.02 -24.91
C ILE D 274 -22.12 4.41 -24.36
N ASN D 275 -22.18 5.43 -25.23
CA ASN D 275 -22.56 6.76 -24.78
C ASN D 275 -24.00 6.79 -24.29
N ALA D 276 -24.90 6.12 -25.00
CA ALA D 276 -26.30 6.10 -24.58
C ALA D 276 -26.45 5.37 -23.24
N TYR D 277 -25.73 4.26 -23.06
CA TYR D 277 -25.83 3.54 -21.80
C TYR D 277 -25.18 4.31 -20.66
N LYS D 278 -24.12 5.06 -20.93
CA LYS D 278 -23.54 5.91 -19.90
C LYS D 278 -24.50 7.01 -19.46
N GLY D 279 -25.44 7.40 -20.31
CA GLY D 279 -26.46 8.36 -19.95
C GLY D 279 -27.61 7.72 -19.18
N LEU D 280 -28.08 6.56 -19.65
CA LEU D 280 -29.17 5.87 -18.95
C LEU D 280 -28.74 5.44 -17.56
N ALA D 281 -27.51 4.96 -17.41
CA ALA D 281 -27.04 4.41 -16.14
C ALA D 281 -26.67 5.48 -15.12
N SER D 282 -26.64 6.75 -15.50
CA SER D 282 -26.26 7.79 -14.55
C SER D 282 -27.35 7.97 -13.51
N PRO D 283 -26.99 8.24 -12.25
CA PRO D 283 -28.01 8.43 -11.22
C PRO D 283 -28.95 9.60 -11.50
N ALA D 284 -28.45 10.65 -12.15
CA ALA D 284 -29.29 11.81 -12.43
C ALA D 284 -30.45 11.45 -13.34
N TYR D 285 -30.20 10.65 -14.37
CA TYR D 285 -31.27 10.24 -15.27
C TYR D 285 -32.16 9.18 -14.66
N LEU D 286 -31.57 8.26 -13.88
CA LEU D 286 -32.35 7.18 -13.30
C LEU D 286 -33.41 7.69 -12.34
N SER D 287 -33.04 8.64 -11.48
CA SER D 287 -33.97 9.10 -10.44
C SER D 287 -35.04 10.03 -10.98
N LEU D 288 -34.75 10.77 -12.06
CA LEU D 288 -35.66 11.80 -12.52
C LEU D 288 -36.54 11.38 -13.69
N SER D 289 -36.22 10.29 -14.38
CA SER D 289 -36.95 9.92 -15.58
C SER D 289 -38.05 8.89 -15.34
N SER D 290 -37.87 7.98 -14.40
CA SER D 290 -38.79 6.87 -14.19
C SER D 290 -39.46 6.97 -12.84
N GLU D 291 -40.67 6.41 -12.74
CA GLU D 291 -41.41 6.43 -11.49
C GLU D 291 -40.82 5.47 -10.46
N ASP D 292 -40.15 4.42 -10.90
CA ASP D 292 -39.61 3.38 -10.02
C ASP D 292 -38.13 3.25 -10.32
N PRO D 293 -37.31 4.19 -9.83
CA PRO D 293 -35.87 4.12 -10.13
C PRO D 293 -35.20 2.87 -9.58
N VAL D 294 -35.66 2.35 -8.45
CA VAL D 294 -35.06 1.14 -7.90
C VAL D 294 -35.34 -0.06 -8.81
N MET D 295 -36.55 -0.14 -9.35
CA MET D 295 -36.85 -1.22 -10.29
C MET D 295 -36.07 -1.04 -11.60
N THR D 296 -35.99 0.20 -12.10
CA THR D 296 -35.26 0.43 -13.35
C THR D 296 -33.77 0.19 -13.17
N ALA D 297 -33.20 0.60 -12.04
CA ALA D 297 -31.77 0.43 -11.82
C ALA D 297 -31.39 -1.05 -11.77
N LEU D 298 -32.23 -1.87 -11.14
CA LEU D 298 -31.97 -3.30 -11.09
C LEU D 298 -31.97 -3.91 -12.49
N GLU D 299 -32.99 -3.60 -13.28
CA GLU D 299 -33.11 -4.17 -14.61
C GLU D 299 -32.01 -3.68 -15.54
N LEU D 300 -31.67 -2.38 -15.47
CA LEU D 300 -30.58 -1.86 -16.28
C LEU D 300 -29.23 -2.42 -15.81
N SER D 301 -29.07 -2.64 -14.51
CA SER D 301 -27.84 -3.26 -14.01
C SER D 301 -27.65 -4.65 -14.59
N ASN D 302 -28.73 -5.43 -14.66
CA ASN D 302 -28.65 -6.75 -15.27
C ASN D 302 -28.34 -6.66 -16.76
N GLU D 303 -28.99 -5.73 -17.46
CA GLU D 303 -28.78 -5.62 -18.90
C GLU D 303 -27.34 -5.25 -19.23
N LEU D 304 -26.76 -4.31 -18.47
CA LEU D 304 -25.37 -3.93 -18.70
C LEU D 304 -24.41 -5.06 -18.32
N ALA D 305 -24.76 -5.84 -17.30
CA ALA D 305 -23.94 -6.99 -16.95
C ALA D 305 -23.94 -8.02 -18.06
N VAL D 306 -25.09 -8.23 -18.71
CA VAL D 306 -25.16 -9.15 -19.84
C VAL D 306 -24.32 -8.63 -21.00
N LEU D 307 -24.43 -7.34 -21.31
CA LEU D 307 -23.71 -6.76 -22.43
C LEU D 307 -22.20 -6.74 -22.20
N ALA D 308 -21.76 -6.77 -20.95
CA ALA D 308 -20.32 -6.85 -20.68
C ALA D 308 -19.75 -8.17 -21.19
N ASN D 309 -20.51 -9.26 -21.05
CA ASN D 309 -20.06 -10.55 -21.57
C ASN D 309 -20.16 -10.61 -23.08
N ILE D 310 -21.22 -10.04 -23.65
CA ILE D 310 -21.41 -10.10 -25.09
C ILE D 310 -20.39 -9.22 -25.81
N GLU D 311 -20.17 -8.00 -25.31
CA GLU D 311 -19.20 -7.07 -25.90
C GLU D 311 -17.90 -7.18 -25.12
N LYS D 312 -16.95 -7.94 -25.68
CA LYS D 312 -15.64 -8.06 -25.04
C LYS D 312 -14.84 -6.76 -25.14
N GLU D 313 -15.02 -6.01 -26.23
CA GLU D 313 -14.27 -4.77 -26.40
C GLU D 313 -14.64 -3.74 -25.34
N PHE D 314 -15.93 -3.61 -25.04
CA PHE D 314 -16.42 -2.66 -24.05
C PHE D 314 -16.81 -3.34 -22.74
N LYS D 315 -16.16 -4.45 -22.40
CA LYS D 315 -16.49 -5.16 -21.17
C LYS D 315 -16.24 -4.31 -19.94
N ASN D 316 -15.12 -3.60 -19.91
CA ASN D 316 -14.81 -2.76 -18.76
C ASN D 316 -15.82 -1.61 -18.62
N ASP D 317 -16.23 -1.03 -19.75
CA ASP D 317 -17.20 0.06 -19.71
C ASP D 317 -18.55 -0.42 -19.18
N TYR D 318 -19.06 -1.53 -19.72
CA TYR D 318 -20.37 -2.02 -19.31
C TYR D 318 -20.35 -2.54 -17.88
N LYS D 319 -19.25 -3.14 -17.43
CA LYS D 319 -19.15 -3.51 -16.02
C LYS D 319 -19.13 -2.27 -15.14
N LYS D 320 -18.48 -1.19 -15.61
CA LYS D 320 -18.47 0.04 -14.84
C LYS D 320 -19.86 0.66 -14.76
N LEU D 321 -20.62 0.60 -15.86
CA LEU D 321 -21.96 1.18 -15.86
C LEU D 321 -22.94 0.37 -15.03
N SER D 322 -22.86 -0.96 -15.10
CA SER D 322 -23.72 -1.78 -14.26
C SER D 322 -23.40 -1.61 -12.79
N MET D 323 -22.15 -1.29 -12.46
CA MET D 323 -21.80 -0.96 -11.09
C MET D 323 -22.42 0.36 -10.65
N GLN D 324 -22.58 1.31 -11.58
CA GLN D 324 -23.26 2.56 -11.24
C GLN D 324 -24.71 2.31 -10.85
N CYS D 325 -25.41 1.45 -11.59
CA CYS D 325 -26.79 1.14 -11.25
C CYS D 325 -26.89 0.44 -9.91
N LYS D 326 -25.95 -0.45 -9.61
CA LYS D 326 -25.91 -1.06 -8.29
C LYS D 326 -25.63 -0.02 -7.21
N ASP D 327 -24.72 0.92 -7.49
CA ASP D 327 -24.41 1.96 -6.51
C ASP D 327 -25.61 2.86 -6.26
N PHE D 328 -26.37 3.18 -7.31
CA PHE D 328 -27.55 4.02 -7.15
C PHE D 328 -28.59 3.34 -6.26
N VAL D 329 -28.87 2.06 -6.51
CA VAL D 329 -29.89 1.36 -5.74
C VAL D 329 -29.47 1.20 -4.28
N VAL D 330 -28.18 0.93 -4.05
CA VAL D 330 -27.69 0.85 -2.67
C VAL D 330 -27.78 2.20 -1.98
N GLY D 331 -27.35 3.27 -2.68
CA GLY D 331 -27.45 4.60 -2.11
C GLY D 331 -28.87 5.03 -1.85
N LEU D 332 -29.80 4.61 -2.71
CA LEU D 332 -31.21 4.89 -2.48
C LEU D 332 -31.72 4.18 -1.23
N LEU D 333 -31.27 2.95 -1.00
CA LEU D 333 -31.65 2.23 0.21
C LEU D 333 -30.99 2.81 1.45
N ASP D 334 -29.82 3.43 1.29
CA ASP D 334 -29.10 3.96 2.44
C ASP D 334 -29.78 5.19 3.05
N LEU D 335 -30.68 5.84 2.32
CA LEU D 335 -31.34 7.05 2.80
C LEU D 335 -32.60 6.78 3.59
N CYS D 336 -33.06 5.53 3.65
CA CYS D 336 -34.30 5.22 4.34
C CYS D 336 -34.15 5.43 5.85
N ARG D 337 -35.20 5.98 6.46
CA ARG D 337 -35.16 6.37 7.86
C ARG D 337 -36.14 5.61 8.76
N ASN D 338 -37.17 5.00 8.19
CA ASN D 338 -38.15 4.26 8.98
C ASN D 338 -38.55 2.99 8.22
N THR D 339 -39.22 2.10 8.93
CA THR D 339 -39.51 0.78 8.35
C THR D 339 -40.40 0.87 7.12
N GLU D 340 -41.24 1.91 7.02
CA GLU D 340 -42.10 2.05 5.85
C GLU D 340 -41.28 2.36 4.60
N GLU D 341 -40.29 3.24 4.71
CA GLU D 341 -39.44 3.55 3.57
C GLU D 341 -38.52 2.37 3.24
N VAL D 342 -38.06 1.65 4.26
CA VAL D 342 -37.21 0.48 4.02
C VAL D 342 -37.96 -0.58 3.24
N GLU D 343 -39.22 -0.82 3.61
CA GLU D 343 -40.03 -1.80 2.87
C GLU D 343 -40.32 -1.35 1.45
N ALA D 344 -40.47 -0.05 1.23
CA ALA D 344 -40.72 0.46 -0.12
C ALA D 344 -39.52 0.21 -1.04
N ILE D 345 -38.31 0.27 -0.50
CA ILE D 345 -37.13 0.00 -1.32
C ILE D 345 -36.87 -1.50 -1.44
N LEU D 346 -36.99 -2.22 -0.32
CA LEU D 346 -36.64 -3.64 -0.33
C LEU D 346 -37.73 -4.47 -1.01
N ASN D 347 -38.98 -4.32 -0.57
CA ASN D 347 -40.06 -5.18 -1.06
C ASN D 347 -40.71 -4.64 -2.32
N GLY D 348 -40.94 -3.32 -2.37
CA GLY D 348 -41.61 -2.72 -3.50
C GLY D 348 -42.95 -2.13 -3.11
N ASP D 349 -43.93 -2.20 -4.02
CA ASP D 349 -45.26 -1.66 -3.77
C ASP D 349 -46.09 -2.73 -3.06
N VAL D 350 -46.04 -2.73 -1.72
CA VAL D 350 -46.66 -3.78 -0.93
C VAL D 350 -48.16 -3.84 -1.17
N GLU D 351 -48.77 -2.72 -1.56
CA GLU D 351 -50.21 -2.72 -1.82
C GLU D 351 -50.55 -3.60 -3.02
N THR D 352 -49.80 -3.50 -4.10
CA THR D 352 -50.06 -4.30 -5.29
C THR D 352 -49.27 -5.60 -5.33
N LEU D 353 -48.31 -5.79 -4.42
CA LEU D 353 -47.65 -7.09 -4.31
C LEU D 353 -48.63 -8.13 -3.81
N GLN D 354 -48.37 -9.39 -4.15
CA GLN D 354 -49.33 -10.44 -3.80
C GLN D 354 -49.35 -10.65 -2.29
N SER D 355 -48.27 -11.22 -1.76
CA SER D 355 -47.91 -11.22 -0.34
C SER D 355 -46.67 -12.09 -0.22
N GLY D 356 -46.07 -12.08 0.97
CA GLY D 356 -45.11 -13.09 1.33
C GLY D 356 -45.79 -14.26 2.01
N ASP D 357 -45.21 -15.43 1.88
CA ASP D 357 -45.85 -16.64 2.40
C ASP D 357 -45.81 -16.62 3.93
N HIS D 358 -46.97 -16.86 4.55
CA HIS D 358 -47.12 -16.93 6.00
C HIS D 358 -46.65 -15.62 6.67
N GLY D 359 -47.12 -14.50 6.13
CA GLY D 359 -46.90 -13.21 6.76
C GLY D 359 -45.54 -12.58 6.53
N ARG D 360 -44.75 -13.08 5.58
CA ARG D 360 -43.45 -12.52 5.30
C ARG D 360 -43.56 -11.36 4.30
N PRO D 361 -42.54 -10.50 4.21
CA PRO D 361 -42.66 -9.27 3.40
C PRO D 361 -42.25 -9.45 1.94
N ASN D 362 -42.89 -10.41 1.26
CA ASN D 362 -42.92 -10.48 -0.21
C ASN D 362 -41.54 -10.27 -0.84
N LEU D 363 -40.67 -11.26 -0.66
CA LEU D 363 -39.25 -11.14 -0.97
C LEU D 363 -38.95 -11.19 -2.46
N SER D 364 -39.96 -10.96 -3.30
CA SER D 364 -39.77 -11.08 -4.75
C SER D 364 -38.69 -10.13 -5.26
N ARG D 365 -38.68 -8.87 -4.79
CA ARG D 365 -37.65 -7.94 -5.25
C ARG D 365 -36.29 -8.30 -4.69
N LEU D 366 -36.24 -8.81 -3.45
CA LEU D 366 -34.97 -9.24 -2.89
C LEU D 366 -34.42 -10.46 -3.61
N LYS D 367 -35.31 -11.36 -4.06
CA LYS D 367 -34.86 -12.49 -4.86
C LYS D 367 -34.29 -12.03 -6.20
N LEU D 368 -34.91 -11.02 -6.81
CA LEU D 368 -34.37 -10.48 -8.06
C LEU D 368 -33.01 -9.84 -7.83
N ALA D 369 -32.84 -9.15 -6.71
CA ALA D 369 -31.54 -8.53 -6.41
C ALA D 369 -30.45 -9.57 -6.18
N ILE D 370 -30.82 -10.71 -5.58
CA ILE D 370 -29.84 -11.78 -5.38
C ILE D 370 -29.43 -12.38 -6.71
N LYS D 371 -30.40 -12.55 -7.62
CA LYS D 371 -30.07 -13.09 -8.94
C LYS D 371 -29.12 -12.18 -9.70
N TYR D 372 -29.32 -10.87 -9.59
CA TYR D 372 -28.51 -9.89 -10.30
C TYR D 372 -27.22 -9.55 -9.57
N GLU D 373 -26.95 -10.18 -8.43
CA GLU D 373 -25.68 -10.03 -7.72
C GLU D 373 -25.36 -8.58 -7.39
N VAL D 374 -26.34 -7.89 -6.80
CA VAL D 374 -26.11 -6.50 -6.40
C VAL D 374 -25.08 -6.45 -5.28
N LYS D 375 -25.14 -7.41 -4.34
CA LYS D 375 -24.06 -7.73 -3.41
C LYS D 375 -23.86 -6.66 -2.34
N LYS D 376 -24.51 -5.51 -2.49
CA LYS D 376 -24.33 -4.42 -1.54
C LYS D 376 -25.70 -3.92 -1.11
N PHE D 377 -26.68 -4.09 -2.01
CA PHE D 377 -28.07 -3.86 -1.64
C PHE D 377 -28.57 -4.96 -0.72
N VAL D 378 -28.21 -6.20 -1.01
CA VAL D 378 -28.57 -7.32 -0.15
C VAL D 378 -27.77 -7.30 1.14
N ALA D 379 -26.49 -6.94 1.06
CA ALA D 379 -25.62 -6.92 2.23
C ALA D 379 -25.80 -5.67 3.08
N HIS D 380 -26.67 -4.76 2.70
CA HIS D 380 -26.86 -3.52 3.45
C HIS D 380 -27.50 -3.82 4.81
N PRO D 381 -27.13 -3.07 5.86
CA PRO D 381 -27.74 -3.30 7.18
C PRO D 381 -29.25 -3.17 7.18
N ASN D 382 -29.82 -2.27 6.38
CA ASN D 382 -31.28 -2.17 6.31
C ASN D 382 -31.89 -3.43 5.74
N CYS D 383 -31.25 -4.02 4.72
CA CYS D 383 -31.74 -5.26 4.13
C CYS D 383 -31.46 -6.45 5.02
N GLN D 384 -30.29 -6.48 5.67
CA GLN D 384 -29.95 -7.59 6.56
C GLN D 384 -30.91 -7.66 7.73
N GLN D 385 -31.41 -6.52 8.20
CA GLN D 385 -32.35 -6.52 9.32
C GLN D 385 -33.65 -7.22 8.95
N GLN D 386 -34.17 -6.98 7.74
CA GLN D 386 -35.42 -7.62 7.33
C GLN D 386 -35.25 -9.12 7.17
N LEU D 387 -34.13 -9.56 6.60
CA LEU D 387 -33.91 -10.98 6.39
C LEU D 387 -33.67 -11.70 7.71
N LEU D 388 -33.00 -11.04 8.66
CA LEU D 388 -32.79 -11.65 9.97
C LEU D 388 -34.11 -11.88 10.70
N SER D 389 -35.04 -10.93 10.59
CA SER D 389 -36.36 -11.11 11.19
C SER D 389 -37.09 -12.29 10.55
N ILE D 390 -36.92 -12.48 9.24
CA ILE D 390 -37.49 -13.63 8.56
C ILE D 390 -36.77 -14.91 8.98
N TRP D 391 -35.45 -14.83 9.12
CA TRP D 391 -34.65 -15.99 9.50
C TRP D 391 -35.11 -16.57 10.84
N TYR D 392 -35.00 -15.77 11.90
CA TYR D 392 -35.55 -16.16 13.22
C TYR D 392 -37.03 -15.81 13.25
N GLU D 393 -37.80 -16.57 12.46
CA GLU D 393 -39.20 -16.23 12.23
C GLU D 393 -40.02 -16.33 13.51
N ASN D 394 -40.07 -17.51 14.11
CA ASN D 394 -40.83 -17.73 15.33
C ASN D 394 -39.94 -17.97 16.54
N LEU D 395 -38.64 -17.76 16.42
CA LEU D 395 -37.69 -17.93 17.52
C LEU D 395 -37.11 -16.57 17.86
N SER D 396 -37.84 -15.83 18.69
CA SER D 396 -37.38 -14.50 19.09
C SER D 396 -36.24 -14.58 20.08
N GLY D 397 -36.33 -15.49 21.05
CA GLY D 397 -35.32 -15.56 22.10
C GLY D 397 -33.98 -16.09 21.63
N LEU D 398 -33.98 -16.91 20.58
CA LEU D 398 -32.74 -17.53 20.13
C LEU D 398 -31.84 -16.59 19.35
N ARG D 399 -32.36 -15.44 18.90
CA ARG D 399 -31.51 -14.49 18.20
C ARG D 399 -30.43 -13.92 19.11
N GLN D 400 -30.81 -13.58 20.35
CA GLN D 400 -29.87 -12.92 21.26
C GLN D 400 -28.88 -13.88 21.91
N GLN D 401 -29.14 -15.18 21.86
CA GLN D 401 -28.26 -16.15 22.51
C GLN D 401 -26.91 -16.21 21.80
N THR D 402 -25.87 -16.48 22.58
CA THR D 402 -24.52 -16.56 22.03
C THR D 402 -24.36 -17.82 21.18
N MET D 403 -23.21 -17.90 20.50
CA MET D 403 -22.97 -19.02 19.59
C MET D 403 -22.87 -20.35 20.35
N ALA D 404 -22.37 -20.32 21.59
CA ALA D 404 -22.28 -21.55 22.37
C ALA D 404 -23.66 -22.14 22.63
N VAL D 405 -24.64 -21.29 22.94
CA VAL D 405 -26.01 -21.77 23.14
C VAL D 405 -26.56 -22.38 21.86
N LYS D 406 -26.31 -21.72 20.73
CA LYS D 406 -26.79 -22.24 19.45
C LYS D 406 -26.14 -23.58 19.11
N PHE D 407 -24.87 -23.74 19.47
CA PHE D 407 -24.21 -25.04 19.28
C PHE D 407 -24.88 -26.12 20.12
N LEU D 408 -25.25 -25.80 21.36
CA LEU D 408 -25.96 -26.74 22.21
C LEU D 408 -27.36 -27.04 21.67
N VAL D 409 -28.00 -26.04 21.07
CA VAL D 409 -29.31 -26.27 20.45
C VAL D 409 -29.20 -27.29 19.32
N VAL D 410 -28.14 -27.17 18.50
CA VAL D 410 -27.95 -28.13 17.42
C VAL D 410 -27.74 -29.54 17.97
N LEU D 411 -26.93 -29.66 19.03
CA LEU D 411 -26.74 -30.97 19.66
C LEU D 411 -28.03 -31.48 20.28
N ALA D 412 -28.80 -30.59 20.93
CA ALA D 412 -30.07 -31.00 21.51
C ALA D 412 -31.05 -31.45 20.44
N VAL D 413 -31.09 -30.72 19.31
CA VAL D 413 -31.94 -31.13 18.20
C VAL D 413 -31.45 -32.45 17.61
N ALA D 414 -30.12 -32.65 17.56
CA ALA D 414 -29.59 -33.88 17.02
C ALA D 414 -30.02 -35.09 17.85
N ILE D 415 -29.98 -34.97 19.18
CA ILE D 415 -30.41 -36.06 20.04
C ILE D 415 -31.90 -36.28 19.93
N GLY D 416 -32.68 -35.21 19.92
CA GLY D 416 -34.12 -35.31 19.86
C GLY D 416 -34.69 -35.26 18.46
N LEU D 417 -33.84 -35.52 17.46
CA LEU D 417 -34.27 -35.45 16.07
C LEU D 417 -35.41 -36.43 15.75
N PRO D 418 -35.38 -37.70 16.17
CA PRO D 418 -36.56 -38.56 15.92
C PRO D 418 -37.83 -38.02 16.55
N PHE D 419 -37.74 -37.42 17.73
CA PHE D 419 -38.93 -36.87 18.38
C PHE D 419 -39.51 -35.70 17.59
N LEU D 420 -38.65 -34.83 17.06
CA LEU D 420 -39.12 -33.71 16.26
C LEU D 420 -39.80 -34.19 14.98
N ALA D 421 -39.23 -35.23 14.34
CA ALA D 421 -39.87 -35.81 13.17
C ALA D 421 -41.22 -36.41 13.52
N LEU D 422 -41.30 -37.06 14.69
CA LEU D 422 -42.57 -37.63 15.13
C LEU D 422 -43.61 -36.55 15.36
N ILE D 423 -43.19 -35.41 15.94
CA ILE D 423 -44.10 -34.30 16.17
C ILE D 423 -44.63 -33.76 14.85
N TYR D 424 -43.75 -33.65 13.84
CA TYR D 424 -44.16 -33.06 12.57
C TYR D 424 -45.23 -33.92 11.88
N TRP D 425 -45.09 -35.23 11.93
CA TRP D 425 -46.10 -36.10 11.33
C TRP D 425 -47.43 -36.00 12.06
N PHE D 426 -47.40 -36.13 13.39
CA PHE D 426 -48.65 -36.18 14.15
C PHE D 426 -49.33 -34.82 14.20
N ALA D 427 -48.58 -33.77 14.49
CA ALA D 427 -49.14 -32.43 14.69
C ALA D 427 -48.41 -31.42 13.82
N PRO D 428 -48.74 -31.37 12.53
CA PRO D 428 -48.11 -30.33 11.68
C PRO D 428 -48.55 -28.93 12.05
N CYS D 429 -49.84 -28.73 12.33
CA CYS D 429 -50.35 -27.43 12.77
C CYS D 429 -50.36 -27.41 14.29
N SER D 430 -49.26 -26.95 14.88
CA SER D 430 -49.09 -26.95 16.32
C SER D 430 -48.05 -25.91 16.69
N LYS D 431 -47.79 -25.79 18.00
CA LYS D 431 -46.74 -24.89 18.46
C LYS D 431 -45.38 -25.33 17.96
N MET D 432 -45.07 -26.62 18.08
CA MET D 432 -43.78 -27.11 17.59
C MET D 432 -43.74 -27.16 16.06
N GLY D 433 -44.87 -27.52 15.44
CA GLY D 433 -44.91 -27.53 13.98
C GLY D 433 -44.68 -26.16 13.38
N LYS D 434 -45.25 -25.13 14.01
CA LYS D 434 -45.01 -23.77 13.55
C LYS D 434 -43.55 -23.37 13.73
N ILE D 435 -42.95 -23.75 14.86
CA ILE D 435 -41.55 -23.40 15.11
C ILE D 435 -40.63 -24.15 14.15
N MET D 436 -40.89 -25.43 13.93
CA MET D 436 -40.01 -26.23 13.07
C MET D 436 -39.99 -25.72 11.63
N ARG D 437 -41.12 -25.20 11.15
CA ARG D 437 -41.18 -24.69 9.78
C ARG D 437 -40.42 -23.39 9.61
N GLY D 438 -39.98 -22.75 10.69
CA GLY D 438 -39.18 -21.56 10.61
C GLY D 438 -37.87 -21.82 9.90
N PRO D 439 -37.40 -20.84 9.11
CA PRO D 439 -36.16 -21.07 8.33
C PRO D 439 -34.95 -21.42 9.18
N PHE D 440 -34.83 -20.83 10.37
CA PHE D 440 -33.68 -21.15 11.22
C PHE D 440 -33.78 -22.55 11.78
N MET D 441 -34.99 -23.00 12.10
CA MET D 441 -35.15 -24.37 12.61
C MET D 441 -34.89 -25.42 11.54
N LYS D 442 -35.23 -25.12 10.28
CA LYS D 442 -34.84 -26.02 9.19
C LYS D 442 -33.32 -26.12 9.10
N PHE D 443 -32.62 -24.99 9.24
CA PHE D 443 -31.16 -25.02 9.21
C PHE D 443 -30.59 -25.84 10.35
N VAL D 444 -31.15 -25.67 11.56
CA VAL D 444 -30.68 -26.46 12.70
C VAL D 444 -31.00 -27.93 12.50
N ALA D 445 -32.18 -28.24 11.99
CA ALA D 445 -32.56 -29.64 11.78
C ALA D 445 -31.66 -30.32 10.76
N HIS D 446 -31.34 -29.64 9.67
CA HIS D 446 -30.46 -30.23 8.66
C HIS D 446 -29.01 -30.25 9.11
N ALA D 447 -28.57 -29.23 9.85
CA ALA D 447 -27.23 -29.27 10.42
C ALA D 447 -27.10 -30.35 11.47
N ALA D 448 -28.16 -30.58 12.26
CA ALA D 448 -28.15 -31.65 13.24
C ALA D 448 -28.16 -33.02 12.58
N SER D 449 -28.85 -33.15 11.44
CA SER D 449 -28.80 -34.41 10.70
C SER D 449 -27.39 -34.67 10.17
N PHE D 450 -26.72 -33.62 9.69
CA PHE D 450 -25.37 -33.79 9.17
C PHE D 450 -24.40 -34.21 10.27
N THR D 451 -24.55 -33.64 11.48
CA THR D 451 -23.64 -34.00 12.55
C THR D 451 -23.85 -35.44 13.02
N ILE D 452 -25.06 -35.96 12.87
CA ILE D 452 -25.31 -37.37 13.19
C ILE D 452 -24.64 -38.27 12.16
N PHE D 453 -24.71 -37.89 10.88
CA PHE D 453 -24.06 -38.69 9.85
C PHE D 453 -22.55 -38.72 10.03
N LEU D 454 -21.96 -37.58 10.40
CA LEU D 454 -20.54 -37.58 10.73
C LEU D 454 -20.27 -38.44 11.95
N GLY D 455 -21.14 -38.38 12.96
CA GLY D 455 -20.97 -39.22 14.13
C GLY D 455 -21.06 -40.70 13.80
N LEU D 456 -21.98 -41.08 12.91
CA LEU D 456 -22.09 -42.46 12.50
C LEU D 456 -20.84 -42.94 11.79
N LEU D 457 -20.27 -42.09 10.93
CA LEU D 457 -19.06 -42.47 10.21
C LEU D 457 -17.89 -42.66 11.16
N VAL D 458 -17.76 -41.80 12.17
CA VAL D 458 -16.70 -41.96 13.15
C VAL D 458 -16.91 -43.23 13.96
N MET D 459 -18.11 -43.41 14.51
CA MET D 459 -18.39 -44.53 15.39
C MET D 459 -18.53 -45.86 14.65
N ASN D 460 -18.58 -45.84 13.32
CA ASN D 460 -18.63 -47.09 12.57
C ASN D 460 -17.35 -47.90 12.76
N ALA D 461 -16.21 -47.22 12.80
CA ALA D 461 -14.92 -47.85 13.03
C ALA D 461 -14.47 -47.75 14.47
N ALA D 462 -15.41 -47.65 15.41
CA ALA D 462 -15.05 -47.49 16.81
C ALA D 462 -14.43 -48.75 17.40
N ASP D 463 -14.74 -49.91 16.82
CA ASP D 463 -14.20 -51.16 17.34
C ASP D 463 -12.68 -51.21 17.21
N ARG D 464 -12.14 -50.71 16.11
CA ARG D 464 -10.70 -50.75 15.84
C ARG D 464 -10.02 -49.41 16.08
N PHE D 465 -10.61 -48.54 16.92
CA PHE D 465 -9.98 -47.27 17.24
C PHE D 465 -8.62 -47.48 17.91
N GLU D 466 -8.59 -48.30 18.97
CA GLU D 466 -7.33 -48.61 19.64
C GLU D 466 -6.51 -49.58 18.82
N GLY D 467 -7.17 -50.52 18.15
CA GLY D 467 -6.49 -51.52 17.34
C GLY D 467 -7.43 -52.64 16.94
N THR D 468 -7.05 -53.45 15.96
CA THR D 468 -7.91 -54.52 15.48
C THR D 468 -7.89 -55.70 16.45
N LEU D 483 -17.90 -70.21 7.50
CA LEU D 483 -16.86 -69.63 6.65
C LEU D 483 -16.37 -68.30 7.21
N PHE D 484 -15.09 -68.02 7.00
CA PHE D 484 -14.50 -66.79 7.53
C PHE D 484 -15.11 -65.54 6.89
N ARG D 485 -15.27 -65.54 5.57
CA ARG D 485 -15.79 -64.36 4.89
C ARG D 485 -17.27 -64.14 5.14
N MET D 486 -17.99 -65.14 5.65
CA MET D 486 -19.39 -64.93 6.01
C MET D 486 -19.53 -63.92 7.14
N LYS D 487 -18.66 -63.99 8.14
CA LYS D 487 -18.72 -63.06 9.26
C LYS D 487 -18.42 -61.63 8.81
N THR D 488 -17.42 -61.46 7.94
CA THR D 488 -16.99 -60.11 7.54
C THR D 488 -18.03 -59.42 6.66
N SER D 489 -18.82 -60.19 5.91
CA SER D 489 -19.70 -59.59 4.91
C SER D 489 -20.92 -58.90 5.51
N CYS D 490 -21.36 -59.33 6.69
CA CYS D 490 -22.62 -58.85 7.25
C CYS D 490 -22.53 -57.37 7.63
N PHE D 491 -23.69 -56.72 7.65
CA PHE D 491 -23.80 -55.31 8.00
C PHE D 491 -24.18 -55.16 9.47
N SER D 492 -23.45 -54.31 10.18
CA SER D 492 -23.79 -54.02 11.56
C SER D 492 -24.91 -52.99 11.63
N TRP D 493 -25.40 -52.74 12.85
CA TRP D 493 -26.46 -51.75 13.01
C TRP D 493 -25.97 -50.34 12.70
N MET D 494 -24.70 -50.06 12.97
CA MET D 494 -24.10 -48.80 12.53
C MET D 494 -24.10 -48.70 11.01
N GLU D 495 -23.77 -49.81 10.33
CA GLU D 495 -23.77 -49.81 8.87
C GLU D 495 -25.18 -49.62 8.32
N MET D 496 -26.18 -50.18 8.99
CA MET D 496 -27.57 -50.03 8.53
C MET D 496 -28.00 -48.57 8.56
N LEU D 497 -27.66 -47.85 9.62
CA LEU D 497 -28.01 -46.43 9.71
C LEU D 497 -27.29 -45.62 8.65
N ILE D 498 -26.02 -45.94 8.39
CA ILE D 498 -25.26 -45.21 7.37
C ILE D 498 -25.88 -45.42 5.99
N ILE D 499 -26.31 -46.64 5.69
CA ILE D 499 -26.97 -46.91 4.41
C ILE D 499 -28.27 -46.12 4.31
N SER D 500 -29.04 -46.07 5.40
CA SER D 500 -30.29 -45.31 5.40
C SER D 500 -30.02 -43.82 5.17
N TRP D 501 -28.98 -43.27 5.80
CA TRP D 501 -28.63 -41.87 5.59
C TRP D 501 -28.24 -41.61 4.14
N VAL D 502 -27.45 -42.51 3.55
CA VAL D 502 -27.01 -42.32 2.16
C VAL D 502 -28.20 -42.37 1.22
N ILE D 503 -29.13 -43.29 1.46
CA ILE D 503 -30.33 -43.36 0.62
C ILE D 503 -31.13 -42.06 0.73
N GLY D 504 -31.27 -41.53 1.95
CA GLY D 504 -31.94 -40.25 2.11
C GLY D 504 -31.22 -39.12 1.39
N MET D 505 -29.89 -39.14 1.42
CA MET D 505 -29.13 -38.13 0.69
C MET D 505 -29.33 -38.26 -0.81
N ILE D 506 -29.39 -39.48 -1.31
CA ILE D 506 -29.60 -39.68 -2.75
C ILE D 506 -30.98 -39.18 -3.16
N TRP D 507 -32.00 -39.47 -2.35
CA TRP D 507 -33.34 -38.98 -2.66
C TRP D 507 -33.40 -37.46 -2.58
N ALA D 508 -32.70 -36.86 -1.62
CA ALA D 508 -32.65 -35.41 -1.54
C ALA D 508 -31.99 -34.80 -2.78
N GLU D 509 -30.93 -35.44 -3.28
CA GLU D 509 -30.31 -34.98 -4.52
C GLU D 509 -31.25 -35.15 -5.70
N CYS D 510 -32.00 -36.26 -5.74
CA CYS D 510 -32.94 -36.46 -6.85
C CYS D 510 -34.03 -35.41 -6.85
N LYS D 511 -34.57 -35.06 -5.69
CA LYS D 511 -35.56 -33.99 -5.62
C LYS D 511 -34.94 -32.66 -6.01
N GLU D 512 -33.69 -32.41 -5.60
CA GLU D 512 -33.00 -31.20 -6.00
C GLU D 512 -32.83 -31.14 -7.52
N ILE D 513 -32.43 -32.25 -8.13
CA ILE D 513 -32.23 -32.27 -9.58
C ILE D 513 -33.58 -32.19 -10.29
N TRP D 514 -34.66 -32.65 -9.65
CA TRP D 514 -35.96 -32.63 -10.29
C TRP D 514 -36.54 -31.22 -10.34
N THR D 515 -36.42 -30.47 -9.25
CA THR D 515 -36.96 -29.11 -9.19
C THR D 515 -36.02 -28.07 -9.77
N GLN D 516 -34.72 -28.17 -9.49
CA GLN D 516 -33.77 -27.21 -10.02
C GLN D 516 -33.59 -27.36 -11.53
N GLY D 517 -33.75 -28.57 -12.05
CA GLY D 517 -33.53 -28.85 -13.44
C GLY D 517 -32.13 -29.34 -13.70
N PRO D 518 -31.97 -30.29 -14.62
CA PRO D 518 -30.64 -30.85 -14.87
C PRO D 518 -29.61 -29.81 -15.31
N LYS D 519 -30.02 -28.82 -16.11
CA LYS D 519 -29.08 -27.80 -16.56
C LYS D 519 -28.62 -26.92 -15.40
N GLU D 520 -29.55 -26.41 -14.62
CA GLU D 520 -29.20 -25.52 -13.51
C GLU D 520 -28.40 -26.27 -12.44
N TYR D 521 -28.79 -27.50 -12.13
CA TYR D 521 -28.08 -28.29 -11.13
C TYR D 521 -26.66 -28.60 -11.57
N LEU D 522 -26.49 -28.97 -12.85
CA LEU D 522 -25.16 -29.35 -13.34
C LEU D 522 -24.22 -28.17 -13.43
N PHE D 523 -24.75 -26.95 -13.59
CA PHE D 523 -23.90 -25.79 -13.76
C PHE D 523 -23.07 -25.51 -12.52
N GLU D 524 -23.64 -25.70 -11.34
CA GLU D 524 -22.91 -25.48 -10.10
C GLU D 524 -21.92 -26.62 -9.89
N LEU D 525 -20.63 -26.27 -9.76
CA LEU D 525 -19.60 -27.30 -9.69
C LEU D 525 -19.59 -28.02 -8.35
N TRP D 526 -19.99 -27.34 -7.28
CA TRP D 526 -19.97 -27.99 -5.97
C TRP D 526 -21.03 -29.10 -5.87
N ASN D 527 -22.12 -28.97 -6.62
CA ASN D 527 -23.12 -30.04 -6.65
C ASN D 527 -22.57 -31.30 -7.30
N MET D 528 -21.63 -31.15 -8.23
CA MET D 528 -20.97 -32.33 -8.80
C MET D 528 -20.13 -33.05 -7.76
N LEU D 529 -19.45 -32.30 -6.90
CA LEU D 529 -18.71 -32.92 -5.80
C LEU D 529 -19.66 -33.64 -4.84
N ASP D 530 -20.81 -33.02 -4.55
CA ASP D 530 -21.78 -33.65 -3.66
C ASP D 530 -22.46 -34.84 -4.32
N PHE D 531 -22.63 -34.80 -5.64
CA PHE D 531 -23.15 -35.96 -6.35
C PHE D 531 -22.12 -37.09 -6.41
N GLY D 532 -20.84 -36.74 -6.52
CA GLY D 532 -19.81 -37.76 -6.58
C GLY D 532 -19.67 -38.56 -5.30
N MET D 533 -19.74 -37.88 -4.15
CA MET D 533 -19.58 -38.58 -2.87
C MET D 533 -20.73 -39.53 -2.60
N LEU D 534 -21.93 -39.18 -3.04
CA LEU D 534 -23.06 -40.10 -2.87
C LEU D 534 -22.97 -41.27 -3.85
N ALA D 535 -22.43 -41.04 -5.04
CA ALA D 535 -22.21 -42.14 -5.97
C ALA D 535 -21.17 -43.12 -5.44
N ILE D 536 -20.09 -42.62 -4.83
CA ILE D 536 -19.07 -43.48 -4.26
C ILE D 536 -19.61 -44.22 -3.05
N PHE D 537 -20.43 -43.56 -2.23
CA PHE D 537 -21.04 -44.23 -1.09
C PHE D 537 -21.97 -45.36 -1.54
N ALA D 538 -22.73 -45.12 -2.61
CA ALA D 538 -23.52 -46.20 -3.19
C ALA D 538 -22.62 -47.26 -3.82
N ALA D 539 -21.52 -46.83 -4.43
CA ALA D 539 -20.58 -47.78 -5.03
C ALA D 539 -19.97 -48.69 -3.97
N SER D 540 -19.62 -48.13 -2.81
CA SER D 540 -19.02 -48.94 -1.76
C SER D 540 -19.99 -50.00 -1.23
N PHE D 541 -21.25 -49.63 -1.06
CA PHE D 541 -22.21 -50.55 -0.45
C PHE D 541 -22.67 -51.64 -1.41
N ILE D 542 -22.74 -51.36 -2.71
CA ILE D 542 -23.08 -52.40 -3.67
C ILE D 542 -21.95 -53.42 -3.77
N ALA D 543 -20.70 -52.93 -3.78
CA ALA D 543 -19.56 -53.85 -3.77
C ALA D 543 -19.55 -54.68 -2.49
N ARG D 544 -19.89 -54.08 -1.36
CA ARG D 544 -20.00 -54.84 -0.12
C ARG D 544 -21.10 -55.88 -0.20
N PHE D 545 -22.24 -55.53 -0.81
CA PHE D 545 -23.32 -56.49 -0.95
C PHE D 545 -22.96 -57.63 -1.90
N MET D 546 -22.18 -57.34 -2.95
CA MET D 546 -21.74 -58.41 -3.85
C MET D 546 -20.88 -59.42 -3.11
N ALA D 547 -19.97 -58.94 -2.26
CA ALA D 547 -19.19 -59.84 -1.42
C ALA D 547 -20.08 -60.59 -0.44
N PHE D 548 -21.13 -59.94 0.05
CA PHE D 548 -22.06 -60.61 0.96
C PHE D 548 -22.83 -61.72 0.25
N TRP D 549 -23.29 -61.46 -0.98
CA TRP D 549 -24.07 -62.46 -1.70
C TRP D 549 -23.19 -63.63 -2.14
N HIS D 550 -21.96 -63.34 -2.57
CA HIS D 550 -21.06 -64.43 -2.97
C HIS D 550 -20.74 -65.34 -1.79
N ALA D 551 -20.49 -64.77 -0.62
CA ALA D 551 -20.30 -65.58 0.57
C ALA D 551 -21.59 -66.27 0.98
N SER D 552 -22.74 -65.65 0.70
CA SER D 552 -24.02 -66.29 1.00
C SER D 552 -24.22 -67.57 0.21
N LYS D 553 -23.84 -67.56 -1.08
CA LYS D 553 -23.92 -68.78 -1.87
C LYS D 553 -22.96 -69.85 -1.34
N ALA D 554 -21.75 -69.43 -0.95
CA ALA D 554 -20.77 -70.40 -0.44
C ALA D 554 -21.25 -71.05 0.85
N GLN D 555 -21.82 -70.25 1.76
CA GLN D 555 -22.33 -70.82 3.01
C GLN D 555 -23.56 -71.66 2.79
N SER D 556 -24.41 -71.28 1.84
CA SER D 556 -25.62 -72.06 1.56
C SER D 556 -25.28 -73.44 1.00
N ILE D 557 -24.16 -73.58 0.30
CA ILE D 557 -23.74 -74.88 -0.21
C ILE D 557 -23.43 -75.83 0.94
N ILE D 558 -22.71 -75.35 1.95
CA ILE D 558 -22.34 -76.17 3.09
C ILE D 558 -23.34 -75.96 4.23
N ASP D 574 -12.62 -76.88 -4.61
CA ASP D 574 -14.06 -76.66 -4.66
C ASP D 574 -14.38 -75.18 -4.72
N ASN D 575 -15.65 -74.87 -5.06
CA ASN D 575 -16.06 -73.48 -5.19
C ASN D 575 -16.11 -72.79 -3.82
N VAL D 576 -16.46 -73.53 -2.77
CA VAL D 576 -16.55 -72.95 -1.43
C VAL D 576 -15.18 -72.68 -0.82
N LYS D 577 -14.12 -73.19 -1.43
CA LYS D 577 -12.78 -73.07 -0.84
C LYS D 577 -12.32 -71.63 -0.73
N TYR D 578 -12.64 -70.82 -1.74
CA TYR D 578 -12.11 -69.45 -1.79
C TYR D 578 -12.58 -68.62 -0.61
N TYR D 579 -13.84 -68.78 -0.21
CA TYR D 579 -14.45 -67.91 0.79
C TYR D 579 -14.11 -68.30 2.22
N ASN D 580 -13.30 -69.35 2.42
CA ASN D 580 -12.77 -69.66 3.74
C ASN D 580 -11.40 -69.05 3.99
N LEU D 581 -10.78 -68.46 2.96
CA LEU D 581 -9.42 -67.97 3.06
C LEU D 581 -9.35 -66.72 3.93
N ALA D 582 -8.15 -66.49 4.49
CA ALA D 582 -7.89 -65.29 5.27
C ALA D 582 -7.58 -64.12 4.34
N ARG D 583 -7.38 -62.94 4.94
CA ARG D 583 -7.24 -61.72 4.15
C ARG D 583 -5.99 -61.73 3.29
N ILE D 584 -4.95 -62.47 3.69
CA ILE D 584 -3.70 -62.46 2.94
C ILE D 584 -3.90 -63.06 1.55
N LYS D 585 -4.84 -63.99 1.40
CA LYS D 585 -5.02 -64.72 0.16
C LYS D 585 -6.18 -64.19 -0.69
N TRP D 586 -6.73 -63.03 -0.35
CA TRP D 586 -7.84 -62.48 -1.11
C TRP D 586 -7.39 -62.07 -2.51
N ASP D 587 -8.33 -62.13 -3.45
CA ASP D 587 -8.06 -61.68 -4.81
C ASP D 587 -7.87 -60.16 -4.81
N PRO D 588 -6.95 -59.64 -5.63
CA PRO D 588 -6.75 -58.18 -5.67
C PRO D 588 -8.01 -57.41 -6.04
N SER D 589 -8.91 -58.00 -6.83
CA SER D 589 -10.16 -57.36 -7.22
C SER D 589 -11.35 -57.89 -6.43
N ASP D 590 -11.12 -58.30 -5.18
CA ASP D 590 -12.21 -58.76 -4.33
C ASP D 590 -13.19 -57.62 -4.09
N PRO D 591 -14.50 -57.85 -4.22
CA PRO D 591 -15.47 -56.78 -3.90
C PRO D 591 -15.33 -56.24 -2.49
N GLN D 592 -14.91 -57.06 -1.54
CA GLN D 592 -14.64 -56.55 -0.20
C GLN D 592 -13.53 -55.51 -0.22
N ILE D 593 -12.46 -55.75 -0.96
CA ILE D 593 -11.37 -54.80 -1.07
C ILE D 593 -11.83 -53.52 -1.76
N ILE D 594 -12.61 -53.66 -2.84
CA ILE D 594 -13.13 -52.49 -3.54
C ILE D 594 -14.06 -51.70 -2.64
N SER D 595 -14.86 -52.38 -1.83
CA SER D 595 -15.76 -51.71 -0.92
C SER D 595 -15.00 -50.86 0.10
N GLU D 596 -13.94 -51.38 0.67
CA GLU D 596 -13.19 -50.62 1.65
C GLU D 596 -12.41 -49.50 1.02
N GLY D 597 -11.89 -49.70 -0.17
CA GLY D 597 -11.19 -48.61 -0.83
C GLY D 597 -12.09 -47.45 -1.19
N LEU D 598 -13.29 -47.74 -1.71
CA LEU D 598 -14.22 -46.67 -2.07
C LEU D 598 -14.79 -46.00 -0.83
N TYR D 599 -15.10 -46.77 0.21
CA TYR D 599 -15.68 -46.19 1.42
C TYR D 599 -14.73 -45.19 2.07
N ALA D 600 -13.43 -45.41 1.98
CA ALA D 600 -12.48 -44.44 2.52
C ALA D 600 -12.56 -43.11 1.77
N ILE D 601 -12.70 -43.16 0.45
CA ILE D 601 -12.84 -41.94 -0.33
C ILE D 601 -14.15 -41.23 0.02
N ALA D 602 -15.23 -41.99 0.16
CA ALA D 602 -16.54 -41.39 0.44
C ALA D 602 -16.55 -40.67 1.78
N VAL D 603 -15.91 -41.25 2.80
CA VAL D 603 -15.86 -40.61 4.11
C VAL D 603 -15.11 -39.29 4.03
N VAL D 604 -13.99 -39.26 3.31
CA VAL D 604 -13.25 -38.01 3.14
C VAL D 604 -14.11 -36.97 2.42
N LEU D 605 -14.82 -37.38 1.37
CA LEU D 605 -15.66 -36.45 0.63
C LEU D 605 -16.88 -36.01 1.43
N SER D 606 -17.43 -36.90 2.26
CA SER D 606 -18.63 -36.54 3.01
C SER D 606 -18.36 -35.42 4.01
N PHE D 607 -17.13 -35.31 4.50
CA PHE D 607 -16.76 -34.23 5.40
C PHE D 607 -16.77 -32.87 4.72
N SER D 608 -16.86 -32.83 3.38
CA SER D 608 -16.87 -31.57 2.65
C SER D 608 -18.25 -30.93 2.58
N ARG D 609 -19.27 -31.57 3.15
CA ARG D 609 -20.60 -30.98 3.20
C ARG D 609 -20.72 -29.91 4.28
N ILE D 610 -19.65 -29.66 5.05
CA ILE D 610 -19.65 -28.55 5.98
C ILE D 610 -19.72 -27.21 5.25
N ALA D 611 -19.38 -27.19 3.96
CA ALA D 611 -19.46 -25.96 3.18
C ALA D 611 -20.89 -25.46 3.03
N TYR D 612 -21.88 -26.30 3.32
CA TYR D 612 -23.28 -25.86 3.33
C TYR D 612 -23.72 -25.31 4.68
N ILE D 613 -22.90 -25.45 5.71
CA ILE D 613 -23.24 -24.96 7.04
C ILE D 613 -22.33 -23.82 7.49
N LEU D 614 -21.08 -23.79 7.02
CA LEU D 614 -20.15 -22.74 7.44
C LEU D 614 -20.59 -21.33 7.08
N PRO D 615 -21.17 -21.03 5.92
CA PRO D 615 -21.52 -19.63 5.61
C PRO D 615 -22.48 -19.00 6.61
N ALA D 616 -23.27 -19.79 7.33
CA ALA D 616 -24.19 -19.22 8.31
C ALA D 616 -23.45 -18.49 9.43
N ASN D 617 -22.37 -19.07 9.94
CA ASN D 617 -21.64 -18.46 11.04
C ASN D 617 -20.88 -17.23 10.56
N GLU D 618 -20.84 -16.19 11.39
CA GLU D 618 -20.23 -14.93 11.01
C GLU D 618 -18.71 -14.95 11.14
N SER D 619 -18.15 -15.92 11.87
CA SER D 619 -16.70 -16.04 12.01
C SER D 619 -16.11 -17.08 11.07
N PHE D 620 -16.88 -18.09 10.68
CA PHE D 620 -16.41 -19.11 9.74
C PHE D 620 -16.78 -18.79 8.31
N GLY D 621 -17.82 -18.00 8.08
CA GLY D 621 -18.25 -17.63 6.75
C GLY D 621 -17.19 -16.89 5.94
N PRO D 622 -16.59 -15.84 6.51
CA PRO D 622 -15.51 -15.15 5.78
C PRO D 622 -14.33 -16.04 5.46
N LEU D 623 -14.00 -16.99 6.32
CA LEU D 623 -12.88 -17.88 6.07
C LEU D 623 -13.14 -18.77 4.86
N GLN D 624 -14.36 -19.29 4.73
CA GLN D 624 -14.71 -20.09 3.56
C GLN D 624 -14.67 -19.26 2.28
N ILE D 625 -15.17 -18.03 2.35
CA ILE D 625 -15.14 -17.15 1.17
C ILE D 625 -13.71 -16.86 0.75
N SER D 626 -12.83 -16.58 1.73
CA SER D 626 -11.43 -16.34 1.43
C SER D 626 -10.76 -17.61 0.88
N LEU D 627 -11.11 -18.77 1.42
CA LEU D 627 -10.52 -20.01 0.96
C LEU D 627 -10.91 -20.30 -0.48
N GLY D 628 -12.15 -20.00 -0.85
CA GLY D 628 -12.58 -20.22 -2.24
C GLY D 628 -11.80 -19.37 -3.22
N ARG D 629 -11.52 -18.12 -2.85
CA ARG D 629 -10.73 -17.26 -3.72
C ARG D 629 -9.32 -17.80 -3.91
N THR D 630 -8.73 -18.33 -2.83
CA THR D 630 -7.37 -18.88 -2.92
C THR D 630 -7.33 -20.07 -3.88
N VAL D 631 -8.33 -20.96 -3.80
CA VAL D 631 -8.35 -22.13 -4.66
C VAL D 631 -8.48 -21.73 -6.12
N LYS D 632 -9.34 -20.76 -6.41
CA LYS D 632 -9.52 -20.32 -7.80
C LYS D 632 -8.22 -19.73 -8.36
N ASP D 633 -7.51 -18.94 -7.55
CA ASP D 633 -6.23 -18.39 -8.00
C ASP D 633 -5.21 -19.49 -8.25
N ILE D 634 -5.13 -20.47 -7.35
CA ILE D 634 -4.17 -21.56 -7.52
C ILE D 634 -4.48 -22.35 -8.79
N PHE D 635 -5.76 -22.54 -9.09
CA PHE D 635 -6.14 -23.26 -10.31
C PHE D 635 -5.67 -22.52 -11.56
N LYS D 636 -5.61 -21.19 -11.50
CA LYS D 636 -5.10 -20.42 -12.64
C LYS D 636 -3.63 -20.75 -12.90
N PHE D 637 -2.83 -20.85 -11.85
CA PHE D 637 -1.41 -21.15 -12.00
C PHE D 637 -1.11 -22.62 -12.22
N MET D 638 -2.10 -23.50 -12.08
CA MET D 638 -1.88 -24.92 -12.29
C MET D 638 -1.59 -25.26 -13.74
N VAL D 639 -1.95 -24.38 -14.69
CA VAL D 639 -1.67 -24.64 -16.10
C VAL D 639 -0.17 -24.65 -16.35
N ILE D 640 0.53 -23.62 -15.87
CA ILE D 640 1.98 -23.58 -16.02
C ILE D 640 2.63 -24.70 -15.22
N PHE D 641 2.11 -24.98 -14.03
CA PHE D 641 2.65 -26.04 -13.19
C PHE D 641 2.51 -27.40 -13.86
N ILE D 642 1.38 -27.64 -14.53
CA ILE D 642 1.18 -28.91 -15.23
C ILE D 642 2.16 -29.02 -16.40
N MET D 643 2.35 -27.94 -17.15
CA MET D 643 3.23 -27.99 -18.32
C MET D 643 4.67 -28.34 -17.93
N VAL D 644 5.16 -27.74 -16.84
CA VAL D 644 6.51 -28.05 -16.37
C VAL D 644 6.55 -29.48 -15.82
N PHE D 645 5.48 -29.90 -15.12
CA PHE D 645 5.46 -31.23 -14.53
C PHE D 645 5.51 -32.31 -15.61
N VAL D 646 4.69 -32.17 -16.65
CA VAL D 646 4.66 -33.17 -17.72
C VAL D 646 5.96 -33.15 -18.51
N ALA D 647 6.61 -31.98 -18.61
CA ALA D 647 7.86 -31.90 -19.37
C ALA D 647 8.94 -32.78 -18.75
N PHE D 648 9.15 -32.66 -17.44
CA PHE D 648 10.17 -33.48 -16.79
C PHE D 648 9.72 -34.92 -16.60
N MET D 649 8.42 -35.15 -16.44
CA MET D 649 7.93 -36.51 -16.24
C MET D 649 8.23 -37.39 -17.44
N ILE D 650 8.00 -36.87 -18.65
CA ILE D 650 8.34 -37.61 -19.86
C ILE D 650 9.85 -37.66 -20.06
N GLY D 651 10.54 -36.55 -19.77
CA GLY D 651 11.99 -36.53 -19.94
C GLY D 651 12.71 -37.49 -19.01
N MET D 652 12.32 -37.49 -17.73
CA MET D 652 12.95 -38.41 -16.77
C MET D 652 12.60 -39.85 -17.10
N PHE D 653 11.36 -40.11 -17.52
CA PHE D 653 10.96 -41.47 -17.86
C PHE D 653 11.74 -41.99 -19.05
N ASN D 654 11.95 -41.15 -20.06
CA ASN D 654 12.74 -41.57 -21.22
C ASN D 654 14.18 -41.90 -20.83
N LEU D 655 14.70 -41.21 -19.82
CA LEU D 655 16.09 -41.44 -19.41
C LEU D 655 16.24 -42.77 -18.67
N TYR D 656 15.31 -43.09 -17.77
CA TYR D 656 15.45 -44.23 -16.87
C TYR D 656 14.55 -45.40 -17.22
N SER D 657 13.88 -45.37 -18.38
CA SER D 657 13.00 -46.48 -18.74
C SER D 657 13.78 -47.76 -18.99
N TYR D 658 15.01 -47.65 -19.51
CA TYR D 658 15.79 -48.84 -19.82
C TYR D 658 16.40 -49.48 -18.59
N TYR D 659 16.72 -48.70 -17.56
CA TYR D 659 17.30 -49.22 -16.32
C TYR D 659 16.19 -49.53 -15.32
N ILE D 660 15.30 -50.45 -15.72
CA ILE D 660 14.17 -50.79 -14.88
C ILE D 660 14.63 -51.52 -13.61
N GLY D 661 15.55 -52.46 -13.74
CA GLY D 661 16.03 -53.20 -12.59
C GLY D 661 17.37 -52.71 -12.06
N ALA D 662 18.01 -51.79 -12.78
CA ALA D 662 19.33 -51.32 -12.40
C ALA D 662 19.29 -50.35 -11.23
N LYS D 663 18.25 -49.53 -11.14
CA LYS D 663 18.21 -48.45 -10.15
C LYS D 663 18.05 -49.00 -8.74
N GLN D 664 18.49 -48.20 -7.77
CA GLN D 664 18.37 -48.59 -6.36
C GLN D 664 16.91 -48.71 -5.95
N ASN D 665 16.07 -47.76 -6.35
CA ASN D 665 14.65 -47.79 -6.07
C ASN D 665 13.88 -47.47 -7.35
N GLU D 666 12.71 -48.08 -7.50
CA GLU D 666 11.89 -47.86 -8.69
C GLU D 666 11.39 -46.42 -8.68
N ALA D 667 11.95 -45.60 -9.55
CA ALA D 667 11.55 -44.20 -9.66
C ALA D 667 12.00 -43.70 -11.03
N PHE D 668 11.10 -43.05 -11.76
CA PHE D 668 11.26 -42.66 -13.16
C PHE D 668 11.38 -43.87 -14.08
N THR D 669 11.05 -45.07 -13.59
CA THR D 669 11.14 -46.27 -14.42
C THR D 669 9.94 -46.41 -15.33
N THR D 670 8.73 -46.27 -14.79
CA THR D 670 7.50 -46.25 -15.57
C THR D 670 6.88 -44.86 -15.49
N VAL D 671 5.89 -44.63 -16.37
CA VAL D 671 5.21 -43.34 -16.38
C VAL D 671 4.48 -43.10 -15.07
N GLU D 672 3.80 -44.14 -14.55
CA GLU D 672 3.16 -44.01 -13.25
C GLU D 672 4.18 -43.76 -12.15
N GLU D 673 5.31 -44.47 -12.20
CA GLU D 673 6.34 -44.30 -11.18
C GLU D 673 7.04 -42.95 -11.31
N SER D 674 7.23 -42.48 -12.55
CA SER D 674 7.83 -41.16 -12.75
C SER D 674 6.91 -40.05 -12.26
N PHE D 675 5.60 -40.19 -12.51
CA PHE D 675 4.65 -39.21 -12.00
C PHE D 675 4.65 -39.19 -10.48
N LYS D 676 4.66 -40.38 -9.86
CA LYS D 676 4.64 -40.45 -8.40
C LYS D 676 5.90 -39.83 -7.79
N THR D 677 7.07 -40.09 -8.38
CA THR D 677 8.30 -39.53 -7.84
C THR D 677 8.33 -38.02 -7.96
N LEU D 678 7.94 -37.48 -9.12
CA LEU D 678 8.00 -36.04 -9.32
C LEU D 678 6.95 -35.31 -8.51
N PHE D 679 5.77 -35.92 -8.31
CA PHE D 679 4.75 -35.27 -7.50
C PHE D 679 5.20 -35.13 -6.05
N TRP D 680 5.71 -36.22 -5.47
CA TRP D 680 6.15 -36.17 -4.09
C TRP D 680 7.43 -35.35 -3.91
N ALA D 681 8.18 -35.13 -4.98
CA ALA D 681 9.34 -34.26 -4.91
C ALA D 681 8.95 -32.82 -4.60
N ILE D 682 7.69 -32.45 -4.86
CA ILE D 682 7.21 -31.11 -4.54
C ILE D 682 7.26 -30.88 -3.04
N PHE D 683 6.83 -31.86 -2.26
CA PHE D 683 6.79 -31.75 -0.80
C PHE D 683 8.07 -32.25 -0.15
N GLY D 684 9.16 -32.35 -0.91
CA GLY D 684 10.42 -32.79 -0.35
C GLY D 684 10.44 -34.21 0.13
N LEU D 685 9.47 -35.03 -0.28
CA LEU D 685 9.34 -36.40 0.19
C LEU D 685 9.96 -37.41 -0.76
N SER D 686 10.67 -36.96 -1.79
CA SER D 686 11.37 -37.84 -2.71
C SER D 686 12.86 -37.69 -2.50
N GLU D 687 13.55 -38.82 -2.29
CA GLU D 687 14.98 -38.81 -2.03
C GLU D 687 15.76 -38.49 -3.30
N VAL D 688 17.03 -38.14 -3.11
CA VAL D 688 17.92 -37.92 -4.26
C VAL D 688 18.45 -39.23 -4.82
N LYS D 689 18.40 -40.31 -4.03
CA LYS D 689 18.92 -41.59 -4.50
C LYS D 689 18.03 -42.22 -5.57
N SER D 690 16.85 -41.65 -5.83
CA SER D 690 16.04 -42.08 -6.97
C SER D 690 16.69 -41.78 -8.31
N VAL D 691 17.74 -40.97 -8.32
CA VAL D 691 18.51 -40.69 -9.53
C VAL D 691 19.64 -41.71 -9.73
N VAL D 692 20.14 -42.30 -8.64
CA VAL D 692 21.33 -43.13 -8.69
C VAL D 692 21.03 -44.47 -9.36
N ILE D 693 21.99 -44.95 -10.15
CA ILE D 693 21.91 -46.25 -10.81
C ILE D 693 23.03 -47.13 -10.28
N ASN D 694 22.80 -48.44 -10.26
CA ASN D 694 23.82 -49.38 -9.80
C ASN D 694 24.91 -49.61 -10.84
N TYR D 695 24.60 -49.41 -12.12
CA TYR D 695 25.57 -49.70 -13.18
C TYR D 695 26.69 -48.66 -13.18
N ASN D 696 27.66 -48.87 -14.08
CA ASN D 696 28.80 -47.99 -14.23
C ASN D 696 28.51 -46.79 -15.11
N HIS D 697 27.32 -46.72 -15.71
CA HIS D 697 26.97 -45.66 -16.66
C HIS D 697 26.72 -44.37 -15.90
N LYS D 698 27.81 -43.69 -15.54
CA LYS D 698 27.71 -42.42 -14.82
C LYS D 698 27.28 -41.26 -15.70
N PHE D 699 27.31 -41.42 -17.02
CA PHE D 699 26.80 -40.38 -17.91
C PHE D 699 25.29 -40.18 -17.72
N ILE D 700 24.54 -41.28 -17.74
CA ILE D 700 23.09 -41.19 -17.59
C ILE D 700 22.72 -40.77 -16.18
N GLU D 701 23.47 -41.25 -15.18
CA GLU D 701 23.21 -40.83 -13.80
C GLU D 701 23.42 -39.33 -13.63
N ASN D 702 24.47 -38.78 -14.24
CA ASN D 702 24.72 -37.34 -14.15
C ASN D 702 23.67 -36.54 -14.92
N ILE D 703 23.15 -37.09 -16.02
CA ILE D 703 22.02 -36.45 -16.69
C ILE D 703 20.81 -36.43 -15.77
N GLY D 704 20.58 -37.51 -15.04
CA GLY D 704 19.47 -37.55 -14.10
C GLY D 704 19.61 -36.54 -12.98
N TYR D 705 20.84 -36.36 -12.47
CA TYR D 705 21.06 -35.38 -11.42
C TYR D 705 20.75 -33.96 -11.91
N VAL D 706 21.17 -33.63 -13.12
CA VAL D 706 20.92 -32.29 -13.66
C VAL D 706 19.43 -32.07 -13.87
N LEU D 707 18.75 -33.03 -14.52
CA LEU D 707 17.33 -32.85 -14.80
C LEU D 707 16.51 -32.81 -13.52
N TYR D 708 16.83 -33.66 -12.55
CA TYR D 708 16.14 -33.62 -11.27
C TYR D 708 16.43 -32.33 -10.53
N GLY D 709 17.68 -31.86 -10.58
CA GLY D 709 18.01 -30.59 -9.96
C GLY D 709 17.36 -29.40 -10.66
N VAL D 710 17.33 -29.42 -11.99
CA VAL D 710 16.67 -28.36 -12.74
C VAL D 710 15.17 -28.37 -12.45
N TYR D 711 14.59 -29.56 -12.26
CA TYR D 711 13.17 -29.65 -11.96
C TYR D 711 12.84 -28.95 -10.65
N ASN D 712 13.66 -29.15 -9.62
CA ASN D 712 13.39 -28.52 -8.33
C ASN D 712 13.56 -27.02 -8.40
N VAL D 713 14.60 -26.55 -9.11
CA VAL D 713 14.79 -25.11 -9.27
C VAL D 713 13.62 -24.50 -10.03
N THR D 714 13.17 -25.17 -11.09
CA THR D 714 12.02 -24.67 -11.85
C THR D 714 10.76 -24.65 -11.00
N MET D 715 10.55 -25.69 -10.18
CA MET D 715 9.34 -25.76 -9.37
C MET D 715 9.33 -24.68 -8.30
N VAL D 716 10.46 -24.46 -7.63
CA VAL D 716 10.49 -23.42 -6.59
C VAL D 716 10.37 -22.04 -7.22
N ILE D 717 10.81 -21.88 -8.47
CA ILE D 717 10.60 -20.62 -9.17
C ILE D 717 9.12 -20.42 -9.50
N VAL D 718 8.47 -21.48 -10.00
CA VAL D 718 7.05 -21.39 -10.33
C VAL D 718 6.21 -21.19 -9.07
N LEU D 719 6.54 -21.90 -7.99
CA LEU D 719 5.81 -21.72 -6.75
C LEU D 719 6.07 -20.34 -6.16
N LEU D 720 7.28 -19.81 -6.30
CA LEU D 720 7.57 -18.45 -5.85
C LEU D 720 6.77 -17.44 -6.65
N ASN D 721 6.68 -17.63 -7.96
CA ASN D 721 5.89 -16.72 -8.79
C ASN D 721 4.41 -16.76 -8.44
N MET D 722 3.88 -17.96 -8.17
CA MET D 722 2.49 -18.08 -7.75
C MET D 722 2.25 -17.38 -6.41
N LEU D 723 3.17 -17.57 -5.46
CA LEU D 723 3.00 -16.98 -4.14
C LEU D 723 2.98 -15.45 -4.20
N ILE D 724 3.90 -14.86 -4.96
CA ILE D 724 3.97 -13.41 -5.04
C ILE D 724 2.75 -12.85 -5.77
N ALA D 725 2.33 -13.51 -6.85
CA ALA D 725 1.17 -13.02 -7.60
C ALA D 725 -0.11 -13.13 -6.80
N MET D 726 -0.23 -14.14 -5.95
CA MET D 726 -1.43 -14.25 -5.11
C MET D 726 -1.44 -13.20 -4.00
N ILE D 727 -0.27 -12.82 -3.50
CA ILE D 727 -0.21 -11.73 -2.53
C ILE D 727 -0.68 -10.43 -3.17
N ASN D 728 -0.25 -10.18 -4.41
CA ASN D 728 -0.73 -9.00 -5.14
C ASN D 728 -2.24 -9.03 -5.31
N SER D 729 -2.79 -10.19 -5.70
CA SER D 729 -4.22 -10.30 -5.95
C SER D 729 -5.02 -9.97 -4.70
N SER D 730 -4.50 -10.33 -3.52
CA SER D 730 -5.19 -10.01 -2.27
C SER D 730 -5.22 -8.51 -2.02
N PHE D 731 -4.10 -7.82 -2.29
CA PHE D 731 -4.02 -6.38 -2.04
C PHE D 731 -4.73 -5.55 -3.10
N GLN D 732 -4.87 -6.06 -4.33
CA GLN D 732 -5.54 -5.31 -5.38
C GLN D 732 -7.06 -5.41 -5.23
N ASP D 737 -13.76 -5.69 0.43
CA ASP D 737 -15.09 -6.06 0.00
C ASP D 737 -15.47 -7.44 0.55
N ALA D 738 -14.58 -8.00 1.38
CA ALA D 738 -14.79 -9.35 1.89
C ALA D 738 -16.04 -9.42 2.77
N ASP D 739 -16.29 -8.37 3.55
CA ASP D 739 -17.48 -8.36 4.40
C ASP D 739 -18.75 -8.38 3.56
N VAL D 740 -18.77 -7.64 2.46
CA VAL D 740 -19.93 -7.65 1.57
C VAL D 740 -20.06 -9.00 0.87
N GLU D 741 -18.93 -9.62 0.50
CA GLU D 741 -18.99 -10.90 -0.19
C GLU D 741 -19.57 -11.99 0.69
N TRP D 742 -19.16 -12.03 1.96
CA TRP D 742 -19.70 -13.05 2.86
C TRP D 742 -21.18 -12.83 3.13
N LYS D 743 -21.59 -11.59 3.39
CA LYS D 743 -22.99 -11.32 3.72
C LYS D 743 -23.91 -11.67 2.56
N PHE D 744 -23.43 -11.55 1.33
CA PHE D 744 -24.23 -12.00 0.20
C PHE D 744 -24.32 -13.51 0.16
N ALA D 745 -23.23 -14.21 0.47
CA ALA D 745 -23.25 -15.67 0.53
C ALA D 745 -24.17 -16.16 1.65
N ARG D 746 -24.12 -15.50 2.81
CA ARG D 746 -25.03 -15.87 3.89
C ARG D 746 -26.48 -15.62 3.51
N ALA D 747 -26.74 -14.50 2.82
CA ALA D 747 -28.10 -14.20 2.39
C ALA D 747 -28.61 -15.20 1.37
N LYS D 748 -27.74 -15.65 0.46
CA LYS D 748 -28.13 -16.71 -0.46
C LYS D 748 -28.41 -18.01 0.29
N LEU D 749 -27.66 -18.26 1.37
CA LEU D 749 -27.94 -19.42 2.21
C LEU D 749 -29.32 -19.31 2.86
N TRP D 750 -29.66 -18.12 3.35
CA TRP D 750 -30.96 -17.92 4.02
C TRP D 750 -32.11 -18.19 3.07
N PHE D 751 -32.04 -17.67 1.84
CA PHE D 751 -33.14 -17.82 0.91
C PHE D 751 -33.36 -19.27 0.50
N SER D 752 -32.39 -20.15 0.74
CA SER D 752 -32.60 -21.57 0.52
C SER D 752 -33.67 -22.11 1.46
N TYR D 753 -33.65 -21.69 2.72
CA TYR D 753 -34.58 -22.16 3.73
C TYR D 753 -35.86 -21.34 3.80
N PHE D 754 -35.93 -20.20 3.09
CA PHE D 754 -37.13 -19.37 3.16
C PHE D 754 -38.32 -20.07 2.54
N GLU D 755 -38.10 -20.82 1.46
CA GLU D 755 -39.19 -21.56 0.82
C GLU D 755 -39.78 -22.57 1.79
N GLU D 756 -41.07 -22.87 1.59
CA GLU D 756 -41.73 -23.86 2.44
C GLU D 756 -41.04 -25.22 2.33
N GLY D 757 -40.74 -25.64 1.09
CA GLY D 757 -39.87 -26.76 0.80
C GLY D 757 -39.98 -27.98 1.69
N ARG D 758 -38.85 -28.40 2.24
CA ARG D 758 -38.75 -29.60 3.07
C ARG D 758 -38.41 -29.22 4.49
N THR D 759 -39.14 -29.78 5.45
CA THR D 759 -38.92 -29.53 6.87
C THR D 759 -38.14 -30.66 7.55
N LEU D 760 -38.38 -31.91 7.17
CA LEU D 760 -37.69 -32.99 7.86
C LEU D 760 -36.34 -33.27 7.19
N PRO D 761 -35.33 -33.60 7.99
CA PRO D 761 -33.97 -33.74 7.46
C PRO D 761 -33.75 -34.99 6.62
N VAL D 762 -32.48 -35.24 6.28
CA VAL D 762 -32.14 -36.29 5.31
C VAL D 762 -32.66 -37.66 5.69
N PRO D 763 -32.45 -38.17 6.91
CA PRO D 763 -32.91 -39.54 7.20
C PRO D 763 -34.42 -39.70 7.13
N PHE D 764 -35.18 -38.63 7.37
CA PHE D 764 -36.62 -38.74 7.53
C PHE D 764 -37.42 -38.23 6.33
N ASN D 765 -36.77 -37.74 5.28
CA ASN D 765 -37.53 -37.32 4.11
C ASN D 765 -37.88 -38.49 3.19
N LEU D 766 -37.38 -39.69 3.50
CA LEU D 766 -37.77 -40.87 2.72
C LEU D 766 -39.20 -41.28 3.01
N VAL D 767 -39.57 -41.31 4.29
CA VAL D 767 -40.91 -41.80 4.66
C VAL D 767 -41.96 -40.74 4.33
N PRO D 768 -43.05 -41.10 3.66
CA PRO D 768 -44.14 -40.18 3.34
C PRO D 768 -45.14 -40.02 4.49
N ARG D 853 -52.05 4.79 -2.76
CA ARG D 853 -50.85 5.18 -3.49
C ARG D 853 -49.74 5.62 -2.55
N GLN D 854 -49.64 4.95 -1.39
CA GLN D 854 -48.58 5.27 -0.45
C GLN D 854 -47.20 4.96 -1.02
N TYR D 855 -47.11 3.97 -1.90
CA TYR D 855 -45.81 3.64 -2.51
C TYR D 855 -45.33 4.76 -3.42
N GLN D 856 -46.22 5.36 -4.20
CA GLN D 856 -45.82 6.49 -5.04
C GLN D 856 -45.41 7.68 -4.20
N LYS D 857 -46.11 7.90 -3.08
CA LYS D 857 -45.76 9.00 -2.18
C LYS D 857 -44.37 8.78 -1.56
N ILE D 858 -44.08 7.55 -1.13
CA ILE D 858 -42.80 7.28 -0.50
C ILE D 858 -41.67 7.35 -1.52
N MET D 859 -41.90 6.86 -2.74
CA MET D 859 -40.86 6.94 -3.76
C MET D 859 -40.54 8.39 -4.10
N LYS D 860 -41.56 9.25 -4.21
CA LYS D 860 -41.30 10.66 -4.43
C LYS D 860 -40.52 11.27 -3.27
N ARG D 861 -40.86 10.89 -2.04
CA ARG D 861 -40.13 11.38 -0.88
C ARG D 861 -38.67 10.95 -0.90
N LEU D 862 -38.41 9.69 -1.26
CA LEU D 862 -37.04 9.19 -1.27
C LEU D 862 -36.25 9.67 -2.48
N ILE D 863 -36.92 9.86 -3.63
CA ILE D 863 -36.21 10.37 -4.80
C ILE D 863 -35.73 11.79 -4.55
N LYS D 864 -36.61 12.63 -3.98
CA LYS D 864 -36.21 14.00 -3.66
C LYS D 864 -35.06 14.01 -2.66
N ARG D 865 -35.14 13.17 -1.64
CA ARG D 865 -34.07 13.06 -0.67
C ARG D 865 -32.77 12.58 -1.31
N TYR D 866 -32.87 11.73 -2.34
CA TYR D 866 -31.67 11.30 -3.04
C TYR D 866 -31.05 12.44 -3.83
N VAL D 867 -31.89 13.24 -4.49
CA VAL D 867 -31.38 14.36 -5.27
C VAL D 867 -30.66 15.37 -4.39
N LEU D 868 -31.26 15.70 -3.24
CA LEU D 868 -30.63 16.64 -2.33
C LEU D 868 -29.30 16.11 -1.80
N GLN D 869 -29.27 14.83 -1.42
CA GLN D 869 -28.04 14.26 -0.90
C GLN D 869 -26.99 14.13 -1.99
N ALA D 870 -27.42 13.81 -3.23
CA ALA D 870 -26.47 13.73 -4.33
C ALA D 870 -25.82 15.08 -4.60
N GLN D 871 -26.60 16.16 -4.53
CA GLN D 871 -26.04 17.49 -4.73
C GLN D 871 -25.12 17.90 -3.58
N ILE D 872 -25.45 17.48 -2.35
CA ILE D 872 -24.57 17.74 -1.22
C ILE D 872 -23.23 17.06 -1.40
N ASP D 873 -23.24 15.80 -1.85
CA ASP D 873 -22.00 15.07 -2.07
C ASP D 873 -21.18 15.69 -3.19
N LYS D 874 -21.84 16.20 -4.24
CA LYS D 874 -21.13 16.91 -5.29
C LYS D 874 -20.50 18.19 -4.75
N GLU D 875 -21.21 18.89 -3.86
CA GLU D 875 -20.63 20.04 -3.18
C GLU D 875 -19.50 19.65 -2.24
N SER D 876 -19.38 18.39 -1.87
CA SER D 876 -18.29 18.01 -0.99
C SER D 876 -16.98 17.72 -1.73
N ASP D 877 -17.03 17.81 -3.05
CA ASP D 877 -15.85 17.57 -3.88
C ASP D 877 -14.88 18.74 -3.80
N GLU D 878 -13.59 18.45 -3.90
CA GLU D 878 -12.55 19.48 -3.85
C GLU D 878 -12.62 20.43 -5.04
N VAL D 879 -12.34 21.70 -4.78
CA VAL D 879 -12.37 22.73 -5.82
C VAL D 879 -11.19 22.55 -6.77
N ASN D 880 -11.42 22.76 -8.07
CA ASN D 880 -10.39 22.61 -9.07
C ASN D 880 -10.00 23.96 -9.66
N GLU D 881 -9.14 23.95 -10.66
CA GLU D 881 -8.65 25.17 -11.30
C GLU D 881 -9.68 25.83 -12.20
N GLY D 882 -10.59 25.04 -12.74
CA GLY D 882 -11.63 25.48 -13.62
C GLY D 882 -12.71 26.23 -12.88
N GLU D 883 -13.09 25.73 -11.73
CA GLU D 883 -14.08 26.37 -10.89
C GLU D 883 -13.60 27.68 -10.31
N LEU D 884 -12.34 27.75 -9.93
CA LEU D 884 -11.81 28.97 -9.34
C LEU D 884 -11.66 30.04 -10.38
N LYS D 885 -11.46 29.64 -11.62
CA LYS D 885 -11.37 30.56 -12.74
C LYS D 885 -12.73 31.15 -13.06
N GLU D 886 -13.78 30.37 -12.94
CA GLU D 886 -15.12 30.89 -13.18
C GLU D 886 -15.40 31.93 -12.14
N ILE D 887 -14.87 31.74 -10.94
CA ILE D 887 -15.03 32.76 -9.89
C ILE D 887 -14.20 34.00 -10.18
N LYS D 888 -13.01 33.80 -10.71
CA LYS D 888 -12.11 34.87 -11.10
C LYS D 888 -12.68 35.70 -12.22
N GLN D 889 -13.39 35.06 -13.13
CA GLN D 889 -14.01 35.73 -14.27
C GLN D 889 -15.19 36.55 -13.83
N ASP D 890 -15.82 36.16 -12.73
CA ASP D 890 -16.93 36.90 -12.15
C ASP D 890 -16.42 38.22 -11.65
N ILE D 891 -15.29 38.21 -10.95
CA ILE D 891 -14.68 39.43 -10.44
C ILE D 891 -14.25 40.33 -11.57
N SER D 892 -13.73 39.73 -12.63
CA SER D 892 -13.29 40.45 -13.81
C SER D 892 -14.44 41.14 -14.52
N SER D 893 -15.61 40.54 -14.56
CA SER D 893 -16.72 41.15 -15.26
C SER D 893 -17.32 42.21 -14.39
N LEU D 894 -17.36 41.97 -13.09
CA LEU D 894 -17.86 42.96 -12.15
C LEU D 894 -17.03 44.23 -12.19
N ARG D 895 -15.72 44.10 -12.37
CA ARG D 895 -14.86 45.27 -12.48
C ARG D 895 -15.22 46.12 -13.69
N TYR D 896 -15.44 45.49 -14.84
CA TYR D 896 -15.81 46.24 -16.04
C TYR D 896 -17.17 46.90 -15.88
N GLU D 897 -18.13 46.20 -15.27
CA GLU D 897 -19.45 46.77 -15.08
C GLU D 897 -19.42 47.99 -14.16
N LEU D 898 -18.69 47.89 -13.05
CA LEU D 898 -18.71 48.97 -12.07
C LEU D 898 -17.91 50.19 -12.56
N LEU D 899 -16.76 49.95 -13.18
CA LEU D 899 -15.94 51.07 -13.65
C LEU D 899 -16.64 51.85 -14.76
N GLU D 900 -17.26 51.15 -15.71
CA GLU D 900 -18.05 51.84 -16.73
C GLU D 900 -19.25 52.52 -16.11
N GLU D 901 -19.91 51.87 -15.15
CA GLU D 901 -21.11 52.44 -14.54
C GLU D 901 -20.81 53.78 -13.90
N LYS D 902 -19.80 53.85 -13.03
CA LYS D 902 -19.47 55.09 -12.36
C LYS D 902 -18.95 56.14 -13.33
N SER D 903 -18.18 55.71 -14.34
CA SER D 903 -17.72 56.64 -15.36
C SER D 903 -18.90 57.22 -16.15
N GLN D 904 -19.88 56.38 -16.48
CA GLN D 904 -21.08 56.88 -17.14
C GLN D 904 -21.88 57.79 -16.22
N ASN D 905 -21.91 57.48 -14.92
CA ASN D 905 -22.68 58.29 -13.98
C ASN D 905 -22.16 59.73 -13.94
N THR D 906 -20.83 59.90 -13.94
CA THR D 906 -20.27 61.24 -13.89
C THR D 906 -20.33 61.95 -15.23
N GLU D 907 -20.22 61.21 -16.34
CA GLU D 907 -20.26 61.85 -17.67
C GLU D 907 -21.62 62.48 -17.92
N ASP D 908 -22.70 61.74 -17.65
CA ASP D 908 -24.04 62.30 -17.77
C ASP D 908 -24.24 63.43 -16.77
N LEU D 909 -23.71 63.26 -15.55
CA LEU D 909 -23.86 64.27 -14.51
C LEU D 909 -23.12 65.56 -14.88
N ALA D 910 -21.85 65.45 -15.26
CA ALA D 910 -21.06 66.64 -15.60
C ALA D 910 -21.62 67.35 -16.82
N GLU D 911 -22.24 66.61 -17.74
CA GLU D 911 -22.90 67.24 -18.87
C GLU D 911 -24.07 68.09 -18.39
N LEU D 912 -24.84 67.60 -17.42
CA LEU D 912 -25.94 68.38 -16.87
C LEU D 912 -25.44 69.63 -16.16
N ILE D 913 -24.35 69.51 -15.40
CA ILE D 913 -23.76 70.67 -14.75
C ILE D 913 -23.19 71.62 -15.80
N ARG D 914 -22.63 71.10 -16.88
CA ARG D 914 -22.16 71.95 -17.97
C ARG D 914 -23.30 72.75 -18.57
N GLU D 915 -24.46 72.13 -18.73
CA GLU D 915 -25.65 72.88 -19.16
C GLU D 915 -26.04 73.91 -18.12
N LEU D 916 -25.92 73.57 -16.83
CA LEU D 916 -26.20 74.53 -15.77
C LEU D 916 -25.23 75.71 -15.82
N GLY D 917 -23.95 75.43 -16.07
CA GLY D 917 -22.98 76.50 -16.19
C GLY D 917 -23.25 77.40 -17.38
N GLU D 918 -23.69 76.82 -18.50
CA GLU D 918 -24.05 77.62 -19.66
C GLU D 918 -25.26 78.52 -19.36
N LYS D 919 -26.24 77.99 -18.62
CA LYS D 919 -27.39 78.80 -18.25
C LYS D 919 -26.97 79.94 -17.31
N LEU D 920 -26.07 79.66 -16.38
CA LEU D 920 -25.57 80.64 -15.41
C LEU D 920 -26.70 81.27 -14.62
ZN ZN E . 27.61 21.03 -31.76
CA CA F . -5.52 41.15 -12.14
CAA Y01 G . 2.14 -34.12 -23.82
CBA Y01 G . 0.86 -33.30 -23.95
CAB Y01 G . 0.22 -33.53 -25.31
CAN Y01 G . 1.12 -31.82 -23.69
CAJ Y01 G . -0.12 -31.10 -23.18
CAO Y01 G . -0.25 -29.73 -23.84
CBB Y01 G . 0.06 -29.91 -25.32
CAC Y01 G . -1.03 -30.71 -26.03
CBE Y01 G . 0.38 -28.61 -26.05
CAP Y01 G . 0.66 -28.96 -27.52
CAQ Y01 G . -0.21 -28.04 -28.37
CBG Y01 G . -0.54 -26.91 -27.42
CBI Y01 G . -0.68 -27.51 -26.06
CAE Y01 G . -2.09 -28.07 -25.91
CAU Y01 G . -0.51 -26.37 -25.08
CAS Y01 G . -1.59 -25.31 -25.34
CBF Y01 G . -1.75 -24.90 -26.82
CBD Y01 G . -1.79 -26.12 -27.72
CAK Y01 G . -1.83 -25.69 -29.16
CAI Y01 G . -3.10 -24.92 -29.35
CAZ Y01 G . -3.53 -24.07 -28.42
CAV Y01 G . -4.67 -23.15 -28.78
CBH Y01 G . -2.97 -24.01 -27.01
CAD Y01 G . -4.07 -24.45 -26.05
CAT Y01 G . -2.61 -22.55 -26.76
CAR Y01 G . -3.81 -21.65 -26.99
CBC Y01 G . -4.29 -21.73 -28.43
OAW Y01 G . -5.45 -20.94 -28.60
CAY Y01 G . -5.26 -19.56 -28.22
OAG Y01 G . -5.12 -19.29 -27.04
CAM Y01 G . -5.21 -18.47 -29.26
CAL Y01 G . -6.50 -17.67 -29.21
CAX Y01 G . -6.56 -16.85 -30.47
OAH Y01 G . -6.97 -15.58 -30.44
OAF Y01 G . -6.24 -17.33 -31.54
N HOR H . 10.12 -20.67 -34.17
C HOR H . 8.83 -20.62 -33.46
O HOR H . 7.14 -19.28 -34.54
C1 HOR H . 7.61 -20.62 -34.40
C10 HOR H . 5.28 -21.59 -33.90
C11 HOR H . 6.52 -22.91 -31.68
C12 HOR H . 4.56 -22.41 -33.04
C13 HOR H . 5.16 -23.06 -31.95
C14 HOR H . 6.61 -18.81 -35.71
C15 HOR H . 6.54 -17.35 -35.94
C16 HOR H . 6.13 -19.67 -36.68
C17 HOR H . 5.99 -16.88 -37.12
C18 HOR H . 5.58 -19.15 -37.86
C19 HOR H . 5.51 -17.77 -38.07
C2 HOR H . 8.72 -21.77 -32.44
C20 HOR H . 5.02 -17.32 -39.16
C3 HOR H . 11.16 -20.21 -33.24
C4 HOR H . 10.09 -19.81 -35.36
C5 HOR H . 12.54 -20.23 -33.87
C6 HOR H . 11.44 -19.84 -36.07
C7 HOR H . 6.63 -21.43 -33.65
C8 HOR H . 12.54 -19.38 -35.12
C9 HOR H . 7.26 -22.10 -32.52
N1 HOR H . 13.52 -19.69 -32.91
N2 HOR H . 4.56 -16.91 -40.14
CL HOR H . 7.16 -16.23 -34.68
CA CA I . -3.41 24.53 -10.04
CAA Y01 J . 23.48 -23.40 -27.66
CBA Y01 J . 24.72 -24.02 -27.02
CAB Y01 J . 25.51 -22.98 -26.24
CAN Y01 J . 25.61 -24.73 -28.04
CAJ Y01 J . 24.87 -25.84 -28.79
CAO Y01 J . 24.33 -26.93 -27.87
CBB Y01 J . 25.41 -27.68 -27.10
CAC Y01 J . 25.26 -27.37 -25.62
CBE Y01 J . 25.33 -29.18 -27.43
CAP Y01 J . 25.47 -29.40 -28.94
CAQ Y01 J . 26.30 -30.68 -29.14
CBG Y01 J . 26.33 -31.30 -27.75
CBI Y01 J . 26.36 -30.12 -26.81
CAE Y01 J . 27.74 -29.47 -26.83
CAU Y01 J . 26.02 -30.68 -25.43
CAS Y01 J . 27.07 -31.72 -25.01
CBF Y01 J . 27.29 -32.83 -26.04
CBD Y01 J . 27.44 -32.29 -27.45
CAK Y01 J . 27.42 -33.44 -28.46
CAI Y01 J . 28.27 -34.59 -27.96
CAZ Y01 J . 28.88 -34.61 -26.77
CAV Y01 J . 29.97 -35.62 -26.53
CBH Y01 J . 28.52 -33.65 -25.67
CAD Y01 J . 29.71 -32.73 -25.43
CAT Y01 J . 28.25 -34.48 -24.42
CAR Y01 J . 29.47 -35.35 -24.09
CBC Y01 J . 29.76 -36.35 -25.21
OAW Y01 J . 30.95 -37.08 -24.90
CAY Y01 J . 30.80 -37.87 -23.68
OAG Y01 J . 29.94 -38.74 -23.64
CAM Y01 J . 31.71 -37.60 -22.50
CAL Y01 J . 32.48 -38.87 -22.13
CAX Y01 J . 31.71 -39.66 -21.09
OAH Y01 J . 32.19 -39.79 -19.86
OAF Y01 J . 30.64 -40.19 -21.37
N POV K . 33.45 -37.88 -12.59
P POV K . 31.52 -33.77 -13.73
C1 POV K . 31.82 -31.30 -12.87
C2 POV K . 32.40 -30.48 -11.72
C3 POV K . 33.76 -31.04 -11.32
C210 POV K . 25.49 -23.47 -8.08
C310 POV K . 34.81 -22.12 -8.89
C11 POV K . 31.83 -36.39 -13.76
O11 POV K . 31.85 -32.70 -12.56
C211 POV K . 24.45 -23.08 -7.05
C311 POV K . 34.95 -21.16 -10.07
C12 POV K . 32.02 -37.61 -12.86
O12 POV K . 31.72 -35.19 -12.99
C212 POV K . 23.18 -22.63 -7.76
C312 POV K . 34.16 -19.87 -9.83
C13 POV K . 34.01 -36.87 -11.67
O13 POV K . 30.07 -33.63 -14.10
C213 POV K . 22.02 -22.52 -6.78
C313 POV K . 32.67 -20.14 -9.74
C14 POV K . 33.58 -39.21 -11.99
O14 POV K . 32.58 -33.64 -14.80
C214 POV K . 20.69 -22.33 -7.50
C15 POV K . 34.22 -37.85 -13.85
C215 POV K . 19.54 -22.25 -6.51
C21 POV K . 30.60 -29.37 -10.62
O21 POV K . 31.54 -30.48 -10.59
C22 POV K . 30.57 -28.35 -9.51
O22 POV K . 29.83 -29.27 -11.56
C23 POV K . 31.71 -27.37 -9.67
C24 POV K . 31.40 -26.02 -9.01
C25 POV K . 30.22 -25.33 -9.70
C26 POV K . 30.24 -23.82 -9.46
C27 POV K . 29.21 -23.41 -8.41
C28 POV K . 27.80 -23.83 -8.84
C29 POV K . 26.79 -23.44 -7.79
C31 POV K . 36.16 -30.43 -11.57
O31 POV K . 34.78 -30.33 -12.01
C32 POV K . 37.20 -29.46 -12.09
O32 POV K . 36.45 -31.29 -10.75
C33 POV K . 38.15 -29.11 -10.95
C34 POV K . 37.43 -28.31 -9.88
C35 POV K . 37.12 -26.90 -10.35
C36 POV K . 36.99 -25.92 -9.20
C37 POV K . 35.58 -25.89 -8.63
C38 POV K . 35.23 -24.50 -8.12
C39 POV K . 35.44 -23.47 -9.23
CAA Y01 L . 23.08 -28.68 -36.98
CBA Y01 L . 22.96 -28.23 -35.52
CAB Y01 L . 22.36 -26.83 -35.45
CAN Y01 L . 24.31 -28.30 -34.80
CAJ Y01 L . 24.51 -29.70 -34.24
CAO Y01 L . 25.98 -30.04 -33.97
CBB Y01 L . 26.13 -31.56 -33.91
CAC Y01 L . 25.50 -32.16 -35.18
CBE Y01 L . 27.57 -32.03 -33.71
CAP Y01 L . 28.36 -31.13 -32.76
CAQ Y01 L . 29.19 -32.03 -31.84
CBG Y01 L . 29.04 -33.43 -32.43
CBI Y01 L . 27.67 -33.41 -33.05
CAE Y01 L . 26.59 -33.47 -31.98
CAU Y01 L . 27.58 -34.62 -33.97
CAS Y01 L . 27.70 -35.89 -33.12
CBF Y01 L . 28.94 -35.94 -32.23
CBD Y01 L . 29.21 -34.63 -31.50
CAK Y01 L . 30.59 -34.69 -30.88
CAI Y01 L . 30.73 -35.96 -30.07
CAZ Y01 L . 29.92 -37.04 -30.21
CAV Y01 L . 30.13 -38.23 -29.30
CBH Y01 L . 28.80 -37.07 -31.22
CAD Y01 L . 27.48 -36.92 -30.48
CAT Y01 L . 28.83 -38.41 -31.94
CAR Y01 L . 28.78 -39.54 -30.93
CBC Y01 L . 30.03 -39.54 -30.08
OAW Y01 L . 29.98 -40.64 -29.18
CAY Y01 L . 31.30 -41.03 -28.67
OAG Y01 L . 31.81 -40.38 -27.77
CAM Y01 L . 32.01 -42.22 -29.25
CAL Y01 L . 32.38 -43.19 -28.14
CAX Y01 L . 32.95 -44.46 -28.72
OAH Y01 L . 33.10 -44.59 -30.04
OAF Y01 L . 33.27 -45.38 -28.00
C1 98R M . 25.97 -34.25 -10.45
C2 98R M . 25.50 -32.92 -9.86
C3 98R M . 25.96 -31.78 -10.76
C11 98R M . 26.83 -31.63 -13.08
C12 98R M . 27.45 -30.27 -12.81
C13 98R M . 26.47 -29.14 -13.07
C14 98R M . 26.96 -27.87 -12.38
C15 98R M . 26.62 -26.62 -13.17
C16 98R M . 25.19 -26.14 -12.91
C17 98R M . 25.14 -25.19 -11.74
C18 98R M . 25.85 -23.87 -12.05
C19 98R M . 25.02 -23.01 -12.99
C31 98R M . 23.48 -31.72 -9.29
C32 98R M . 23.52 -30.47 -10.11
C33 98R M . 22.15 -29.85 -10.22
C34 98R M . 22.24 -28.72 -11.24
C35 98R M . 21.15 -27.69 -11.01
C36 98R M . 21.35 -26.51 -11.92
C37 98R M . 20.27 -25.45 -11.71
C38 98R M . 20.58 -24.25 -12.59
C39 98R M . 19.43 -23.25 -12.62
C40 98R M . 18.28 -23.81 -13.41
C41 98R M . 17.28 -23.02 -13.76
C42 98R M . 16.13 -23.58 -14.56
C43 98R M . 15.47 -22.46 -15.33
C44 98R M . 14.85 -21.44 -14.37
C45 98R M . 13.37 -21.70 -14.19
C46 98R M . 12.59 -21.37 -15.46
C47 98R M . 11.10 -21.45 -15.20
C48 98R M . 10.32 -21.40 -16.49
O11 98R M . 27.09 -32.24 -14.09
O2 98R M . 24.08 -32.94 -9.79
O3 98R M . 25.90 -32.21 -12.12
O31 98R M . 22.95 -31.73 -8.21
O3P 98R M . 27.17 -34.08 -11.21
C20 98R M . 23.99 -22.25 -12.20
C21 98R M . 23.17 -21.39 -12.80
C22 98R M . 23.27 -21.16 -14.28
C23 98R M . 22.45 -19.93 -14.65
C24 98R M . 21.01 -20.29 -14.99
CAA Y01 N . 32.58 -13.60 13.00
CBA Y01 N . 33.57 -14.12 14.04
CAB Y01 N . 34.06 -13.01 14.95
CAN Y01 N . 34.75 -14.84 13.38
CAJ Y01 N . 35.35 -15.86 14.34
CAO Y01 N . 34.41 -17.04 14.51
CBB Y01 N . 34.73 -17.82 15.78
CAC Y01 N . 34.50 -16.94 17.00
CBE Y01 N . 33.91 -19.11 15.89
CAP Y01 N . 33.24 -19.52 14.58
CAQ Y01 N . 33.28 -21.05 14.53
CBG Y01 N . 33.80 -21.45 15.91
CBI Y01 N . 34.73 -20.32 16.30
CAE Y01 N . 36.01 -20.35 15.47
CAU Y01 N . 35.07 -20.46 17.77
CAS Y01 N . 35.75 -21.81 18.01
CBF Y01 N . 34.92 -22.99 17.50
CBD Y01 N . 34.47 -22.80 16.05
CAK Y01 N . 33.54 -23.92 15.59
CAI Y01 N . 33.69 -25.16 16.46
CAZ Y01 N . 34.83 -25.42 17.14
CAV Y01 N . 35.22 -26.85 17.41
CBH Y01 N . 35.70 -24.30 17.62
CAD Y01 N . 36.96 -24.23 16.75
CAT Y01 N . 36.09 -24.56 19.07
CAR Y01 N . 36.71 -25.94 19.18
CBC Y01 N . 35.71 -27.04 18.84
OAW Y01 N . 36.34 -28.30 18.95
CAY Y01 N . 35.47 -29.31 19.54
OAG Y01 N . 34.30 -29.36 19.19
CAM Y01 N . 36.02 -30.30 20.53
CAL Y01 N . 35.89 -31.71 19.95
CAX Y01 N . 36.16 -32.73 21.03
OAH Y01 N . 36.86 -33.84 20.76
OAF Y01 N . 35.75 -32.56 22.17
C1 98R O . 27.72 -29.91 17.12
C2 98R O . 26.55 -28.95 16.99
C3 98R O . 26.90 -27.65 17.68
C11 98R O . 28.98 -26.61 18.53
C12 98R O . 28.22 -25.69 19.45
C13 98R O . 27.82 -24.38 18.76
C14 98R O . 26.70 -23.72 19.54
C15 98R O . 26.79 -22.20 19.49
C16 98R O . 26.19 -21.62 18.22
C17 98R O . 24.71 -21.32 18.40
C18 98R O . 24.48 -20.19 19.40
C19 98R O . 24.83 -18.84 18.78
C31 98R O . 25.27 -27.77 15.30
C32 98R O . 25.43 -26.32 15.62
C33 98R O . 25.09 -25.46 14.42
C34 98R O . 25.49 -24.04 14.75
C35 98R O . 24.70 -23.04 13.94
C36 98R O . 25.01 -21.63 14.41
C37 98R O . 24.22 -20.60 13.61
C38 98R O . 24.49 -19.21 14.17
C39 98R O . 23.94 -18.11 13.29
C40 98R O . 24.75 -18.00 12.03
C41 98R O . 24.58 -16.95 11.24
C42 98R O . 25.40 -16.84 9.97
C43 98R O . 25.49 -15.39 9.57
C44 98R O . 24.12 -14.82 9.23
C45 98R O . 23.90 -14.83 7.73
C46 98R O . 24.78 -13.81 7.04
C47 98R O . 24.41 -13.70 5.57
C48 98R O . 25.44 -12.90 4.80
O11 98R O . 30.18 -26.72 18.62
O2 98R O . 26.32 -28.71 15.60
O3 98R O . 28.28 -27.37 17.51
O31 98R O . 24.25 -28.18 14.81
O3P 98R O . 28.46 -29.67 18.31
C20 98R O . 23.67 -18.35 17.96
C21 98R O . 23.71 -17.17 17.36
C22 98R O . 24.93 -16.29 17.48
C23 98R O . 24.62 -14.90 16.97
C24 98R O . 24.90 -14.77 15.48
ZN ZN P . -37.26 4.76 28.32
CA CA Q . -23.47 36.29 1.82
CAA Y01 R . 18.39 -20.71 31.13
CBA Y01 R . 18.81 -19.26 30.95
CAB Y01 R . 19.33 -18.70 32.27
CAN Y01 R . 17.68 -18.41 30.39
CAJ Y01 R . 18.19 -17.20 29.61
CAO Y01 R . 17.36 -15.96 29.93
CBB Y01 R . 17.11 -15.95 31.43
CAC Y01 R . 18.40 -15.68 32.21
CBE Y01 R . 15.97 -15.05 31.87
CAP Y01 R . 15.86 -15.14 33.39
CAQ Y01 R . 15.85 -13.71 33.93
CBG Y01 R . 15.44 -12.90 32.73
CBI Y01 R . 16.06 -13.57 31.53
CAE Y01 R . 17.50 -13.10 31.40
CAU Y01 R . 15.27 -13.08 30.34
CAS Y01 R . 15.39 -11.55 30.26
CBF Y01 R . 15.12 -10.80 31.57
CBD Y01 R . 15.86 -11.45 32.72
CAK Y01 R . 15.49 -10.79 34.03
CAI Y01 R . 15.94 -9.36 33.91
CAZ Y01 R . 15.79 -8.68 32.78
CAV Y01 R . 16.03 -7.20 32.83
CBH Y01 R . 15.45 -9.32 31.46
CAD Y01 R . 16.65 -9.15 30.54
CAT Y01 R . 14.26 -8.56 30.91
CAR Y01 R . 14.56 -7.07 30.82
CBC Y01 R . 14.85 -6.48 32.19
OAW Y01 R . 15.20 -5.11 32.08
CAY Y01 R . 14.19 -4.33 31.40
OAG Y01 R . 14.02 -4.49 30.20
CAM Y01 R . 13.37 -3.33 32.17
CAL Y01 R . 13.83 -1.92 31.83
CAX Y01 R . 13.24 -0.99 32.84
OAH Y01 R . 12.73 0.19 32.50
OAF Y01 R . 13.21 -1.31 34.01
N HOR S . 2.75 -13.71 38.76
C HOR S . 3.76 -13.00 37.95
O HOR S . 4.08 -10.68 38.53
C1 HOR S . 4.60 -11.99 38.74
C10 HOR S . 7.04 -11.30 38.29
C11 HOR S . 7.15 -13.59 36.54
C12 HOR S . 8.19 -11.64 37.58
C13 HOR S . 8.24 -12.75 36.73
C14 HOR S . 4.08 -9.72 39.52
C15 HOR S . 3.16 -8.57 39.40
C16 HOR S . 4.92 -9.82 40.61
C17 HOR S . 3.17 -7.60 40.38
C18 HOR S . 4.89 -8.82 41.58
C19 HOR S . 4.03 -7.73 41.47
C2 HOR S . 4.68 -14.00 37.22
C20 HOR S . 4.01 -6.82 42.37
C3 HOR S . 1.75 -14.26 37.83
C4 HOR S . 2.11 -12.78 39.71
C5 HOR S . 0.66 -15.02 38.57
C6 HOR S . 1.05 -13.51 40.52
C7 HOR S . 5.93 -12.12 38.13
C8 HOR S . 0.00 -14.11 39.59
C9 HOR S . 5.99 -13.28 37.24
N1 HOR S . -0.35 -15.49 37.59
N2 HOR S . 4.01 -6.00 43.20
CL HOR S . 2.08 -8.45 37.97
CA CA T . -14.13 22.35 3.79
CAA Y01 U . -5.04 -25.83 34.22
CBA Y01 U . -5.53 -27.24 33.85
CAB Y01 U . -6.74 -27.17 32.93
CAN Y01 U . -5.83 -28.08 35.08
CAJ Y01 U . -4.62 -28.25 36.01
CAO Y01 U . -3.42 -28.89 35.31
CBB Y01 U . -3.69 -30.33 34.83
CAC Y01 U . -3.65 -30.33 33.31
CBE Y01 U . -2.69 -31.28 35.49
CAP Y01 U . -2.78 -31.19 37.01
CAQ Y01 U . -2.60 -32.60 37.57
CBG Y01 U . -2.11 -33.39 36.38
CBI Y01 U . -2.80 -32.76 35.19
CAE Y01 U . -4.28 -33.19 35.18
CAU Y01 U . -2.08 -33.28 33.96
CAS Y01 U . -2.17 -34.81 33.88
CBF Y01 U . -1.70 -35.53 35.15
CBD Y01 U . -2.28 -34.90 36.41
CAK Y01 U . -1.61 -35.49 37.64
CAI Y01 U . -1.46 -36.99 37.52
CAZ Y01 U . -1.82 -37.68 36.41
CAV Y01 U . -1.97 -39.17 36.51
CBH Y01 U . -2.07 -37.00 35.09
CAD Y01 U . -3.54 -37.16 34.74
CAT Y01 U . -1.21 -37.72 34.05
CAR Y01 U . -1.55 -39.21 34.04
CBC Y01 U . -1.22 -39.87 35.37
OAW Y01 U . -1.62 -41.24 35.34
CAY Y01 U . -0.90 -42.00 34.33
OAG Y01 U . 0.32 -42.08 34.42
CAM Y01 U . -1.65 -42.67 33.21
CAL Y01 U . -1.39 -44.17 33.20
CAX Y01 U . -0.20 -44.48 32.31
OAH Y01 U . -0.37 -45.18 31.19
OAF Y01 U . 0.92 -44.11 32.61
N POV V . -1.94 -46.27 23.81
P POV V . -3.24 -41.78 23.81
C1 POV V . -4.98 -40.38 22.42
C2 POV V . -5.86 -40.41 21.18
C3 POV V . -6.48 -41.80 21.03
C210 POV V . -4.84 -31.69 15.43
C310 POV V . -12.84 -36.55 16.71
C11 POV V . -1.78 -43.87 24.47
O11 POV V . -4.08 -41.48 22.45
C211 POV V . -4.21 -30.97 14.26
C311 POV V . -13.67 -35.67 17.64
C12 POV V . -1.06 -45.09 23.89
O12 POV V . -2.40 -43.12 23.43
C212 POV V . -3.60 -29.67 14.74
C312 POV V . -13.89 -34.28 17.05
C13 POV V . -2.93 -46.12 22.74
O13 POV V . -2.25 -40.66 24.00
C213 POV V . -2.72 -29.05 13.65
C313 POV V . -12.58 -33.53 16.89
C14 POV V . -1.13 -47.46 23.54
O14 POV V . -4.22 -42.14 24.89
C214 POV V . -1.89 -27.89 14.20
C15 POV V . -2.65 -46.46 25.09
C215 POV V . -0.97 -27.32 13.12
C21 POV V . -5.11 -38.70 19.69
O21 POV V . -5.10 -40.12 20.00
C22 POV V . -5.65 -38.19 18.38
O22 POV V . -4.67 -37.91 20.51
C23 POV V . -7.18 -38.18 18.40
C24 POV V . -7.74 -37.14 17.43
C25 POV V . -7.36 -35.73 17.85
C26 POV V . -8.32 -34.70 17.26
C27 POV V . -7.72 -33.97 16.06
C28 POV V . -6.42 -33.28 16.45
C29 POV V . -5.82 -32.57 15.25
C31 POV V . -8.73 -42.85 21.33
O31 POV V . -7.78 -41.78 21.62
C32 POV V . -10.18 -42.70 21.71
O32 POV V . -8.33 -43.85 20.77
C33 POV V . -11.04 -43.31 20.61
C34 POV V . -10.91 -42.51 19.32
C35 POV V . -11.63 -41.18 19.44
C36 POV V . -12.07 -40.65 18.07
C37 POV V . -10.96 -39.84 17.40
C38 POV V . -11.56 -38.72 16.55
C39 POV V . -12.48 -37.86 17.41
CAA Y01 W . -2.14 -27.27 44.43
CBA Y01 W . -2.21 -27.19 42.91
CAB Y01 W . -2.66 -25.80 42.46
CAN Y01 W . -3.12 -28.28 42.34
CAJ Y01 W . -2.32 -29.57 42.14
CAO Y01 W . -3.19 -30.82 42.08
CBB Y01 W . -2.32 -32.03 42.40
CAC Y01 W . -1.57 -31.77 43.70
CBE Y01 W . -3.09 -33.36 42.43
CAP Y01 W . -4.19 -33.43 41.36
CAQ Y01 W . -4.16 -34.84 40.76
CBG Y01 W . -3.18 -35.62 41.64
CBI Y01 W . -2.22 -34.57 42.12
CAE Y01 W . -1.26 -34.17 40.99
CAU Y01 W . -1.44 -35.19 43.28
CAS Y01 W . -0.64 -36.38 42.76
CBF Y01 W . -1.48 -37.43 42.02
CBD Y01 W . -2.46 -36.82 41.03
CAK Y01 W . -3.41 -37.90 40.56
CAI Y01 W . -2.62 -39.10 40.08
CAZ Y01 W . -1.33 -39.32 40.39
CAV Y01 W . -0.64 -40.54 39.81
CBH Y01 W . -0.54 -38.39 41.28
CAD Y01 W . 0.43 -37.60 40.42
CAT Y01 W . 0.24 -39.21 42.29
CAR Y01 W . 1.09 -40.24 41.57
CBC Y01 W . 0.22 -41.25 40.85
OAW Y01 W . 1.05 -42.23 40.23
CAY Y01 W . 0.34 -43.47 39.93
OAG Y01 W . -0.39 -43.54 38.96
CAM Y01 W . 0.52 -44.67 40.85
CAL Y01 W . 0.97 -45.86 40.01
CAX Y01 W . 1.30 -47.02 40.92
OAH Y01 W . 1.16 -46.90 42.24
OAF Y01 W . 1.72 -48.07 40.46
C1 98R X . 1.56 -39.29 20.26
C2 98R X . 1.11 -38.16 19.34
C3 98R X . -0.05 -37.43 19.99
C11 98R X . -1.01 -37.33 22.27
C12 98R X . -2.33 -36.82 21.75
C13 98R X . -2.35 -35.29 21.67
C14 98R X . -3.48 -34.86 20.75
C15 98R X . -4.10 -33.54 21.19
C16 98R X . -3.31 -32.34 20.71
C17 98R X . -3.78 -31.86 19.34
C18 98R X . -5.19 -31.30 19.40
C19 98R X . -5.21 -29.92 20.05
C31 98R X . 1.91 -36.11 18.34
C32 98R X . 1.01 -35.04 18.84
C33 98R X . 1.63 -33.67 18.69
C34 98R X . 0.75 -32.68 19.42
C35 98R X . 0.93 -31.28 18.87
C36 98R X . -0.07 -30.33 19.51
C37 98R X . 0.09 -28.92 18.96
C38 98R X . -1.00 -28.05 19.56
C39 98R X . -0.78 -26.58 19.26
C40 98R X . 0.38 -26.05 20.06
C41 98R X . 0.60 -24.74 20.13
C42 98R X . 1.76 -24.23 20.93
C43 98R X . 1.48 -22.80 21.36
C44 98R X . 1.37 -21.89 20.15
C45 98R X . 2.67 -21.15 19.91
C46 98R X . 2.94 -20.12 21.00
C47 98R X . 4.15 -19.28 20.64
C48 98R X . 4.60 -18.44 21.81
O11 98R X . -0.89 -37.72 23.42
O2 98R X . 2.21 -37.27 19.15
O3 98R X . 0.15 -37.38 21.41
O31 98R X . 2.42 -36.02 17.24
O3P 98R X . 0.48 -39.78 21.05
C20 98R X . -4.85 -28.89 19.02
C21 98R X . -4.83 -27.59 19.33
C22 98R X . -5.19 -27.14 20.72
C23 98R X . -5.39 -25.63 20.72
C24 98R X . -4.10 -24.88 21.02
CAA Y01 Y . -14.78 -33.95 -6.66
CBA Y01 Y . -15.10 -35.21 -7.46
CAB Y01 Y . -16.11 -34.92 -8.57
CAN Y01 Y . -15.59 -36.34 -6.55
CAJ Y01 Y . -15.30 -37.69 -7.20
CAO Y01 Y . -13.81 -37.98 -7.17
CBB Y01 Y . -13.44 -39.06 -8.19
CAC Y01 Y . -13.72 -38.55 -9.60
CBE Y01 Y . -11.97 -39.48 -8.08
CAP Y01 Y . -11.31 -39.05 -6.77
CAQ Y01 Y . -10.35 -40.18 -6.37
CBG Y01 Y . -10.37 -41.12 -7.56
CBI Y01 Y . -11.77 -40.99 -8.13
CAE Y01 Y . -12.80 -41.64 -7.20
CAU Y01 Y . -11.81 -41.65 -9.50
CAS Y01 Y . -11.44 -43.11 -9.35
CBF Y01 Y . -10.09 -43.33 -8.65
CBD Y01 Y . -10.00 -42.57 -7.34
CAK Y01 Y . -8.60 -42.68 -6.71
CAI Y01 Y . -7.84 -43.88 -7.26
CAZ Y01 Y . -8.48 -44.96 -7.76
CAV Y01 Y . -7.83 -46.31 -7.64
CBH Y01 Y . -9.83 -44.81 -8.41
CAD Y01 Y . -10.89 -45.38 -7.47
CAT Y01 Y . -9.83 -45.58 -9.71
CAR Y01 Y . -9.40 -47.02 -9.46
CBC Y01 Y . -7.96 -47.08 -8.95
OAW Y01 Y . -7.61 -48.45 -8.72
CAY Y01 Y . -6.24 -48.76 -9.12
OAG Y01 Y . -5.35 -47.95 -8.89
CAM Y01 Y . -5.94 -50.06 -9.81
CAL Y01 Y . -4.97 -50.86 -8.95
CAX Y01 Y . -4.43 -52.03 -9.73
OAH Y01 Y . -4.26 -53.22 -9.15
OAF Y01 Y . -4.12 -51.90 -10.91
C1 98R Z . -0.19 -43.62 -7.31
C2 98R Z . 0.07 -42.13 -7.51
C3 98R Z . -0.99 -41.57 -8.45
C11 98R Z . -3.16 -42.36 -9.33
C12 98R Z . -3.10 -41.40 -10.51
C13 98R Z . -3.70 -40.04 -10.17
C14 98R Z . -3.22 -39.01 -11.18
C15 98R Z . -4.27 -37.96 -11.46
C16 98R Z . -4.30 -36.85 -10.43
C17 98R Z . -3.35 -35.72 -10.80
C18 98R Z . -3.82 -34.98 -12.03
C19 98R Z . -5.02 -34.08 -11.72
C31 98R Z . 0.13 -40.06 -6.26
C32 98R Z . -0.91 -39.19 -6.89
C33 98R Z . -1.30 -38.06 -5.96
C34 98R Z . -2.50 -37.36 -6.57
C35 98R Z . -2.62 -35.94 -6.08
C36 98R Z . -3.72 -35.22 -6.82
C37 98R Z . -3.86 -33.78 -6.36
C38 98R Z . -4.91 -33.08 -7.20
C39 98R Z . -5.28 -31.71 -6.64
C40 98R Z . -6.08 -31.86 -5.39
C41 98R Z . -6.70 -30.81 -4.86
C42 98R Z . -7.50 -30.97 -3.60
C43 98R Z . -8.55 -29.88 -3.53
C44 98R Z . -7.90 -28.51 -3.45
C45 98R Z . -7.86 -28.02 -2.02
C46 98R Z . -9.25 -27.69 -1.51
C47 98R Z . -9.16 -27.03 -0.14
C48 98R Z . -10.52 -26.94 0.51
O11 98R Z . -4.00 -43.24 -9.29
O2 98R Z . -0.03 -41.49 -6.24
O3 98R Z . -2.23 -42.23 -8.23
O31 98R Z . 1.12 -39.58 -5.77
O3P 98R Z . -0.81 -44.19 -8.47
C20 98R Z . -4.52 -32.79 -11.14
C21 98R Z . -5.37 -31.82 -10.83
C22 98R Z . -6.85 -32.00 -11.05
C23 98R Z . -7.56 -30.66 -10.89
C24 98R Z . -7.99 -30.41 -9.46
CAA Y01 AA . -1.49 -24.26 28.72
CBA Y01 AA . -2.07 -25.39 29.57
CAB Y01 AA . -3.31 -24.95 30.32
CAN Y01 AA . -1.01 -25.94 30.53
CAJ Y01 AA . -1.33 -27.38 30.90
CAO Y01 AA . -1.07 -28.29 29.71
CBB Y01 AA . -1.81 -29.63 29.87
CAC Y01 AA . -3.32 -29.38 29.87
CBE Y01 AA . -1.43 -30.62 28.77
CAP Y01 AA . -0.17 -30.24 28.01
CAQ Y01 AA . 0.56 -31.55 27.68
CBG Y01 AA . -0.41 -32.63 28.12
CBI Y01 AA . -1.15 -32.02 29.29
CAE Y01 AA . -0.24 -31.91 30.51
CAU Y01 AA . -2.35 -32.89 29.60
CAS Y01 AA . -1.88 -34.30 29.96
CBF Y01 AA . -1.00 -34.92 28.88
CBD Y01 AA . 0.15 -34.00 28.46
CAK Y01 AA . 0.94 -34.58 27.29
CAI Y01 AA . 0.73 -36.07 27.16
CAZ Y01 AA . 0.40 -36.83 28.21
CAV Y01 AA . 0.85 -38.27 28.27
CBH Y01 AA . -0.42 -36.26 29.33
CAD Y01 AA . 0.46 -36.06 30.56
CAT Y01 AA . -1.54 -37.24 29.66
CAR Y01 AA . -0.96 -38.61 29.96
CBC Y01 AA . -0.28 -39.19 28.73
OAW Y01 AA . 0.26 -40.47 29.04
CAY Y01 AA . 0.09 -41.43 27.97
OAG Y01 AA . 0.27 -41.08 26.82
CAM Y01 AA . -0.28 -42.87 28.28
CAL Y01 AA . 0.84 -43.78 27.81
CAX Y01 AA . 0.37 -45.22 27.86
OAH Y01 AA . 1.20 -46.19 28.28
OAF Y01 AA . -0.75 -45.51 27.53
ZN ZN BA . 22.08 27.37 31.25
CA CA CA . -8.31 42.26 4.03
CAA Y01 DA . 36.62 -18.86 -6.23
CBA Y01 DA . 36.22 -17.84 -7.28
CAB Y01 DA . 37.45 -17.28 -7.98
CAN Y01 DA . 35.36 -16.73 -6.68
CAJ Y01 DA . 34.43 -16.10 -7.71
CAO Y01 DA . 34.39 -14.58 -7.53
CBB Y01 DA . 35.81 -14.12 -7.29
CAC Y01 DA . 36.67 -14.28 -8.55
CBE Y01 DA . 35.92 -12.72 -6.69
CAP Y01 DA . 37.41 -12.40 -6.53
CAQ Y01 DA . 37.66 -11.03 -7.18
CBG Y01 DA . 36.27 -10.43 -7.21
CBI Y01 DA . 35.31 -11.56 -7.47
CAE Y01 DA . 35.26 -11.82 -8.96
CAU Y01 DA . 33.96 -11.05 -7.02
CAS Y01 DA . 33.59 -9.80 -7.82
CBF Y01 DA . 34.68 -8.74 -7.91
CBD Y01 DA . 36.02 -9.37 -8.25
CAK Y01 DA . 37.12 -8.33 -8.21
CAI Y01 DA . 36.78 -7.31 -9.26
CAZ Y01 DA . 35.51 -6.92 -9.47
CAV Y01 DA . 35.30 -5.73 -10.37
CBH Y01 DA . 34.31 -7.63 -8.89
CAD Y01 DA . 33.53 -8.24 -10.05
CAT Y01 DA . 33.48 -6.57 -8.19
CAR Y01 DA . 33.14 -5.45 -9.16
CBC Y01 DA . 34.39 -4.74 -9.66
OAW Y01 DA . 34.05 -3.75 -10.61
CAY Y01 DA . 33.11 -2.77 -10.10
OAG Y01 DA . 31.97 -3.12 -9.89
CAM Y01 DA . 33.56 -1.36 -9.82
CAL Y01 DA . 33.00 -0.43 -10.88
CAX Y01 DA . 33.74 0.87 -10.77
OAH Y01 DA . 33.10 2.03 -10.87
OAF Y01 DA . 34.95 0.87 -10.58
N HOR EA . 40.76 -4.05 4.51
C HOR EA . 39.95 -4.08 3.27
O HOR EA . 40.09 -2.08 1.93
C1 HOR EA . 40.63 -3.39 2.07
C10 HOR EA . 40.34 -3.99 -0.41
C11 HOR EA . 39.10 -6.42 0.52
C12 HOR EA . 39.85 -4.96 -1.29
C13 HOR EA . 39.25 -6.15 -0.83
C14 HOR EA . 40.86 -1.03 1.50
C15 HOR EA . 40.40 0.36 1.76
C16 HOR EA . 42.05 -1.22 0.81
C17 HOR EA . 41.17 1.41 1.32
C18 HOR EA . 42.79 -0.13 0.39
C19 HOR EA . 42.35 1.18 0.64
C2 HOR EA . 39.54 -5.52 2.91
C20 HOR EA . 43.05 2.18 0.24
C3 HOR EA . 39.84 -4.29 5.63
C4 HOR EA . 41.42 -2.74 4.66
C5 HOR EA . 40.58 -4.30 6.97
C6 HOR EA . 42.22 -2.71 5.96
C7 HOR EA . 40.20 -4.24 0.94
C8 HOR EA . 41.30 -2.97 7.15
C9 HOR EA . 39.58 -5.48 1.41
N1 HOR EA . 39.61 -4.47 8.05
N2 HOR EA . 43.69 3.08 -0.11
CL HOR EA . 38.86 0.61 2.65
CA CA FA . -2.49 26.51 2.24
CAA Y01 GA . 37.83 -12.09 16.96
CBA Y01 GA . 37.68 -13.17 18.03
CAB Y01 GA . 36.62 -12.77 19.06
CAN Y01 GA . 39.01 -13.48 18.70
CAJ Y01 GA . 40.08 -13.94 17.73
CAO Y01 GA . 39.69 -15.20 16.96
CBB Y01 GA . 39.48 -16.42 17.85
CAC Y01 GA . 38.00 -16.81 17.80
CBE Y01 GA . 40.42 -17.54 17.41
CAP Y01 GA . 41.88 -17.07 17.48
CAQ Y01 GA . 42.73 -18.24 17.98
CBG Y01 GA . 41.77 -19.43 17.90
CBI Y01 GA . 40.41 -18.85 18.20
CAE Y01 GA . 40.30 -18.56 19.70
CAU Y01 GA . 39.41 -19.91 17.78
CAS Y01 GA . 39.62 -21.21 18.56
CBF Y01 GA . 41.06 -21.74 18.50
CBD Y01 GA . 42.09 -20.65 18.75
CAK Y01 GA . 43.48 -21.17 18.45
CAI Y01 GA . 43.68 -22.56 19.00
CAZ Y01 GA . 42.70 -23.25 19.61
CAV Y01 GA . 43.07 -24.45 20.45
CBH Y01 GA . 41.25 -22.86 19.50
CAD Y01 GA . 40.77 -22.41 20.88
CAT Y01 GA . 40.48 -24.11 19.07
CAR Y01 GA . 40.73 -25.24 20.05
CBC Y01 GA . 42.20 -25.66 20.09
OAW Y01 GA . 42.40 -26.67 21.07
CAY Y01 GA . 41.66 -27.88 20.78
OAG Y01 GA . 41.90 -28.47 19.74
CAM Y01 GA . 40.60 -28.38 21.73
CAL Y01 GA . 40.92 -29.79 22.19
CAX Y01 GA . 40.27 -30.80 21.28
OAH Y01 GA . 39.29 -31.59 21.73
OAF Y01 GA . 40.62 -30.92 20.11
N POV HA . 32.15 -33.55 23.52
P POV HA . 31.09 -29.10 22.58
C1 POV HA . 29.26 -27.43 23.46
C2 POV HA . 27.94 -27.35 24.23
C3 POV HA . 28.00 -28.30 25.43
C210 POV HA . 20.74 -21.61 19.21
C310 POV HA . 21.99 -21.92 28.57
C11 POV HA . 32.32 -31.40 22.28
O11 POV HA . 29.62 -28.77 23.17
C211 POV HA . 19.53 -21.54 18.30
C311 POV HA . 22.61 -20.58 28.90
C12 POV HA . 32.09 -32.91 22.19
O12 POV HA . 31.10 -30.70 22.46
C212 POV HA . 19.81 -20.58 17.15
C312 POV HA . 21.74 -19.42 28.44
C13 POV HA . 30.95 -33.22 24.31
O13 POV HA . 31.18 -28.51 21.20
C213 POV HA . 18.74 -20.70 16.07
C313 POV HA . 21.59 -19.40 26.92
C14 POV HA . 32.22 -35.01 23.33
O14 POV HA . 32.11 -28.70 23.63
C214 POV HA . 19.14 -19.94 14.81
C15 POV HA . 33.35 -33.10 24.25
C215 POV HA . 18.08 -20.10 13.72
C21 POV HA . 26.25 -26.55 22.75
O21 POV HA . 26.84 -27.71 23.40
C22 POV HA . 24.80 -26.18 22.97
O22 POV HA . 26.94 -25.87 22.01
C23 POV HA . 24.65 -25.47 24.32
C24 POV HA . 23.43 -24.56 24.34
C25 POV HA . 23.59 -23.41 23.34
C26 POV HA . 22.70 -22.23 23.71
C27 POV HA . 21.46 -22.15 22.82
C28 POV HA . 21.85 -22.04 21.35
C29 POV HA . 20.62 -21.98 20.48
C31 POV HA . 28.23 -28.13 27.90
O31 POV HA . 28.41 -27.56 26.58
C32 POV HA . 28.40 -27.26 29.12
O32 POV HA . 27.93 -29.31 28.00
C33 POV HA . 27.34 -27.67 30.15
C34 POV HA . 25.94 -27.34 29.65
C35 POV HA . 25.71 -25.84 29.67
C36 POV HA . 24.22 -25.49 29.80
C37 POV HA . 23.53 -25.45 28.44
C38 POV HA . 22.42 -24.42 28.43
C39 POV HA . 22.96 -23.06 28.86
CAA Y01 IA . 48.38 -12.25 15.20
CBA Y01 IA . 46.88 -12.50 15.21
CAB Y01 IA . 46.12 -11.21 14.95
CAN Y01 IA . 46.45 -13.17 16.51
CAJ Y01 IA . 46.59 -14.68 16.40
CAO Y01 IA . 46.69 -15.39 17.75
CBB Y01 IA . 47.34 -16.76 17.54
CAC Y01 IA . 48.64 -16.56 16.78
CBE Y01 IA . 47.53 -17.55 18.84
CAP Y01 IA . 46.38 -17.37 19.83
CAQ Y01 IA . 46.08 -18.74 20.45
CBG Y01 IA . 47.20 -19.64 19.96
CBI Y01 IA . 47.59 -19.06 18.61
CAE Y01 IA . 46.52 -19.40 17.57
CAU Y01 IA . 48.93 -19.67 18.24
CAS Y01 IA . 48.76 -21.18 18.07
CBF Y01 IA . 48.14 -21.88 19.28
CBD Y01 IA . 46.93 -21.14 19.85
CAK Y01 IA . 46.59 -21.77 21.20
CAI Y01 IA . 46.45 -23.27 21.05
CAZ Y01 IA . 46.96 -23.96 20.02
CAV Y01 IA . 46.71 -25.46 19.96
CBH Y01 IA . 47.74 -23.30 18.90
CAD Y01 IA . 46.84 -23.25 17.66
CAT Y01 IA . 48.98 -24.12 18.59
CAR Y01 IA . 48.58 -25.56 18.30
CBC Y01 IA . 47.97 -26.22 19.54
OAW Y01 IA . 47.66 -27.58 19.25
CAY Y01 IA . 47.54 -28.40 20.44
OAG Y01 IA . 46.52 -28.36 21.10
CAM Y01 IA . 48.68 -29.29 20.86
CAL Y01 IA . 48.16 -30.73 21.00
CAX Y01 IA . 49.32 -31.66 21.24
OAH Y01 IA . 50.57 -31.19 21.35
OAF Y01 IA . 49.13 -32.87 21.36
CAA Y01 JA . 19.30 -23.29 -22.37
CBA Y01 JA . 20.54 -23.94 -22.99
CAB Y01 JA . 21.25 -22.98 -23.93
CAN Y01 JA . 20.17 -25.23 -23.72
CAJ Y01 JA . 21.38 -26.16 -23.76
CAO Y01 JA . 21.67 -26.73 -22.38
CBB Y01 JA . 23.10 -27.25 -22.28
CAC Y01 JA . 24.09 -26.10 -22.46
CBE Y01 JA . 23.37 -27.96 -20.97
CAP Y01 JA . 22.10 -28.33 -20.19
CAQ Y01 JA . 22.37 -29.68 -19.51
CBG Y01 JA . 23.84 -29.94 -19.78
CBI Y01 JA . 24.10 -29.29 -21.11
CAE Y01 JA . 23.46 -30.08 -22.24
CAU Y01 JA . 25.60 -29.21 -21.33
CAS Y01 JA . 26.18 -30.62 -21.30
CBF Y01 JA . 25.83 -31.40 -20.03
CBD Y01 JA . 24.33 -31.38 -19.74
CAK Y01 JA . 24.00 -32.03 -18.40
CAI Y01 JA . 25.10 -32.96 -17.96
CAZ Y01 JA . 25.95 -33.54 -18.83
CAV Y01 JA . 26.54 -34.89 -18.50
CBH Y01 JA . 26.30 -32.84 -20.12
CAD Y01 JA . 25.60 -33.56 -21.27
CAT Y01 JA . 27.80 -32.91 -20.31
CAR Y01 JA . 28.28 -34.35 -20.23
CBC Y01 JA . 28.03 -34.93 -18.85
OAW Y01 JA . 28.48 -36.28 -18.81
CAY Y01 JA . 29.13 -36.64 -17.56
OAG Y01 JA . 28.67 -36.23 -16.50
CAM Y01 JA . 30.37 -37.50 -17.57
CAL Y01 JA . 30.08 -38.79 -16.81
CAX Y01 JA . 31.36 -39.55 -16.57
OAH Y01 JA . 31.40 -40.87 -16.67
OAF Y01 JA . 32.38 -38.95 -16.27
ZN ZN KA . -31.73 -1.58 -34.69
CA CA LA . -20.69 35.18 -14.35
CAA Y01 MA . -16.10 -35.96 13.54
CBA Y01 MA . -16.54 -34.72 14.28
CAB Y01 MA . -17.89 -34.95 14.94
CAN Y01 MA . -16.55 -33.49 13.37
CAJ Y01 MA . -16.35 -32.20 14.14
CAO Y01 MA . -17.28 -31.11 13.62
CBB Y01 MA . -18.64 -31.74 13.41
CAC Y01 MA . -19.30 -32.12 14.74
CBE Y01 MA . -19.57 -30.94 12.51
CAP Y01 MA . -20.91 -31.70 12.41
CAQ Y01 MA . -22.03 -30.72 12.74
CBG Y01 MA . -21.37 -29.37 12.52
CBI Y01 MA . -19.93 -29.52 12.94
CAE Y01 MA . -19.84 -29.34 14.45
CAU Y01 MA . -19.19 -28.38 12.27
CAS Y01 MA . -19.79 -27.04 12.74
CBF Y01 MA . -21.32 -26.96 12.67
CBD Y01 MA . -21.96 -28.21 13.26
CAK Y01 MA . -23.46 -28.17 13.08
CAI Y01 MA . -23.95 -26.97 13.84
CAZ Y01 MA . -23.25 -25.82 13.84
CAV Y01 MA . -23.93 -24.62 14.42
CBH Y01 MA . -21.84 -25.70 13.34
CAD Y01 MA . -20.95 -25.37 14.52
CAT Y01 MA . -21.84 -24.54 12.34
CAR Y01 MA . -22.38 -23.28 12.98
CBC Y01 MA . -23.83 -23.46 13.43
OAW Y01 MA . -24.30 -22.30 14.09
CAY Y01 MA . -24.17 -21.11 13.28
OAG Y01 MA . -23.07 -20.66 13.05
CAM Y01 MA . -25.40 -20.44 12.73
CAL Y01 MA . -25.67 -19.16 13.49
CAX Y01 MA . -27.07 -18.70 13.15
OAH Y01 MA . -27.34 -17.43 12.93
OAF Y01 MA . -27.96 -19.52 13.06
N HOR NA . -27.88 -30.34 0.08
C HOR NA . -27.36 -29.55 1.21
O HOR NA . -28.87 -27.89 2.07
C1 HOR NA . -28.42 -29.22 2.28
C10 HOR NA . -28.02 -28.89 4.79
C11 HOR NA . -25.44 -30.07 4.34
C12 HOR NA . -27.10 -29.09 5.83
C13 HOR NA . -25.85 -29.66 5.61
C14 HOR NA . -30.17 -27.51 2.30
C15 HOR NA . -30.70 -26.27 1.69
C16 HOR NA . -31.00 -28.27 3.12
C17 HOR NA . -32.00 -25.90 1.94
C18 HOR NA . -32.32 -27.85 3.34
C19 HOR NA . -32.81 -26.67 2.76
C2 HOR NA . -26.15 -30.26 1.85
C20 HOR NA . -34.02 -26.32 2.97
C3 HOR NA . -26.93 -30.18 -1.04
C4 HOR NA . -29.21 -29.85 -0.32
C5 HOR NA . -27.38 -30.97 -2.26
C6 HOR NA . -29.74 -30.64 -1.50
C7 HOR NA . -27.64 -29.31 3.53
C8 HOR NA . -28.77 -30.51 -2.68
C9 HOR NA . -26.33 -29.90 3.31
N1 HOR NA . -26.44 -30.72 -3.37
N2 HOR NA . -35.11 -25.99 3.16
CL HOR NA . -29.61 -25.30 0.63
CA CA OA . -15.07 20.37 -8.48
CAA Y01 PA . -19.39 -37.15 -10.40
CBA Y01 PA . -18.49 -38.09 -11.20
CAB Y01 PA . -17.85 -37.36 -12.38
CAN Y01 PA . -19.23 -39.33 -11.67
CAJ Y01 PA . -19.84 -40.14 -10.52
CAO Y01 PA . -18.78 -40.62 -9.52
CBB Y01 PA . -17.76 -41.58 -10.12
CAC Y01 PA . -16.39 -40.89 -10.10
CBE Y01 PA . -17.79 -42.91 -9.35
CAP Y01 PA . -19.20 -43.52 -9.39
CAQ Y01 PA . -19.04 -45.04 -9.54
CBG Y01 PA . -17.55 -45.26 -9.26
CBI Y01 PA . -16.87 -44.03 -9.82
CAE Y01 PA . -16.85 -44.10 -11.35
CAU Y01 PA . -15.46 -44.05 -9.24
CAS Y01 PA . -14.72 -45.32 -9.69
CBF Y01 PA . -15.47 -46.61 -9.38
CBD Y01 PA . -16.93 -46.55 -9.78
CAK Y01 PA . -17.68 -47.76 -9.25
CAI Y01 PA . -16.87 -49.02 -9.46
CAZ Y01 PA . -15.63 -49.04 -9.97
CAV Y01 PA . -15.07 -50.35 -10.47
CBH Y01 PA . -14.79 -47.79 -10.08
CAD Y01 PA . -14.61 -47.47 -11.56
CAT Y01 PA . -13.44 -48.09 -9.44
CAR Y01 PA . -12.82 -49.31 -10.11
CBC Y01 PA . -13.66 -50.56 -9.92
OAW Y01 PA . -13.08 -51.66 -10.63
CAY Y01 PA . -11.75 -52.00 -10.12
OAG Y01 PA . -11.64 -52.35 -8.97
CAM Y01 PA . -10.54 -51.90 -11.03
CAL Y01 PA . -9.83 -53.24 -11.12
CAX Y01 PA . -8.76 -53.34 -10.06
OAH Y01 PA . -7.48 -53.38 -10.40
OAF Y01 PA . -9.05 -53.38 -8.87
N POV QA . -0.64 -50.60 -12.30
P POV QA . -2.80 -46.45 -12.51
C1 POV QA . -2.42 -44.26 -13.89
C2 POV QA . -1.40 -43.54 -14.77
C3 POV QA . -0.73 -44.54 -15.71
C210 POV QA . -0.09 -33.55 -11.85
C310 POV QA . -0.02 -36.74 -20.74
C11 POV QA . -2.27 -48.87 -11.58
O11 POV QA . -1.84 -45.41 -13.28
C211 POV QA . 0.70 -32.50 -11.09
C311 POV QA . -1.33 -36.24 -21.33
C12 POV QA . -1.12 -49.79 -11.17
O12 POV QA . -1.78 -47.60 -12.02
C212 POV QA . -0.23 -31.72 -10.17
C312 POV QA . -1.46 -34.73 -21.23
C13 POV QA . 0.11 -49.77 -13.24
O13 POV QA . -3.37 -45.77 -11.29
C213 POV QA . 0.57 -30.87 -9.20
C313 POV QA . -1.50 -34.27 -19.77
C14 POV QA . 0.23 -51.67 -11.78
O14 POV QA . -3.74 -47.07 -13.53
C214 POV QA . -0.33 -30.29 -8.11
C15 POV QA . -1.78 -51.22 -13.00
C215 POV QA . 0.48 -29.46 -7.11
C21 POV QA . -0.77 -41.52 -13.68
O21 POV QA . -0.40 -42.89 -13.99
C22 POV QA . 0.12 -40.37 -14.10
O22 POV QA . -1.79 -41.30 -13.05
C23 POV QA . -0.11 -40.07 -15.58
C24 POV QA . 0.22 -38.61 -15.91
C25 POV QA . -0.73 -37.65 -15.20
C26 POV QA . -0.79 -36.30 -15.91
C27 POV QA . 0.03 -35.24 -15.17
C28 POV QA . -0.48 -35.07 -13.74
C29 POV QA . 0.35 -34.03 -13.01
C31 POV QA . -0.80 -45.14 -18.13
O31 POV QA . -1.42 -44.54 -16.96
C32 POV QA . -1.38 -44.90 -19.50
O32 POV QA . 0.20 -45.83 -17.99
C33 POV QA . -0.23 -44.75 -20.49
C34 POV QA . 0.58 -43.48 -20.21
C35 POV QA . -0.21 -42.24 -20.60
C36 POV QA . 0.70 -41.07 -20.92
C37 POV QA . 1.07 -40.28 -19.68
C38 POV QA . 1.25 -38.80 -20.01
C39 POV QA . 0.00 -38.27 -20.69
CAA Y01 RA . -27.43 -43.70 -7.75
CBA Y01 RA . -26.13 -42.91 -7.83
CAB Y01 RA . -26.41 -41.42 -7.94
CAN Y01 RA . -25.26 -43.42 -8.97
CAJ Y01 RA . -24.40 -44.58 -8.50
CAO Y01 RA . -23.90 -45.47 -9.63
CBB Y01 RA . -23.53 -46.84 -9.06
CAC Y01 RA . -24.71 -47.36 -8.26
CBE Y01 RA . -23.05 -47.84 -10.11
CAP Y01 RA . -22.21 -47.19 -11.22
CAQ Y01 RA . -21.04 -48.13 -11.53
CBG Y01 RA . -21.35 -49.40 -10.76
CBI Y01 RA . -22.13 -48.92 -9.55
CAE Y01 RA . -21.19 -48.24 -8.56
CAU Y01 RA . -22.78 -50.15 -8.94
CAS Y01 RA . -21.70 -51.09 -8.44
CBF Y01 RA . -20.67 -51.49 -9.50
CBD Y01 RA . -20.19 -50.30 -10.33
CAK Y01 RA . -19.41 -50.83 -11.52
CAI Y01 RA . -18.34 -51.80 -11.04
CAZ Y01 RA . -18.37 -52.40 -9.84
CAV Y01 RA . -17.22 -53.31 -9.46
CBH Y01 RA . -19.49 -52.16 -8.83
CAD Y01 RA . -18.94 -51.27 -7.71
CAT Y01 RA . -19.91 -53.50 -8.25
CAR Y01 RA . -18.70 -54.22 -7.66
CBC Y01 RA . -17.72 -54.58 -8.77
OAW Y01 RA . -16.63 -55.31 -8.20
CAY Y01 RA . -15.90 -56.10 -9.17
OAG Y01 RA . -15.09 -55.56 -9.91
CAM Y01 RA . -16.16 -57.59 -9.27
CAL Y01 RA . -14.82 -58.33 -9.12
CAX Y01 RA . -15.07 -59.81 -9.05
OAH Y01 RA . -16.31 -60.30 -9.15
OAF Y01 RA . -14.14 -60.58 -8.90
#